data_4WJV
#
_entry.id   4WJV
#
_cell.length_a   198.578
_cell.length_b   96.493
_cell.length_c   196.445
_cell.angle_alpha   90.00
_cell.angle_beta   115.45
_cell.angle_gamma   90.00
#
_symmetry.space_group_name_H-M   'C 1 2 1'
#
loop_
_entity.id
_entity.type
_entity.pdbx_description
1 polymer 'Ribosome assembly protein 4'
2 polymer 'Maltose-binding periplasmic protein'
3 polymer 'Ribosome biogenesis protein NSA2'
4 branched alpha-D-glucopyranose-(1-4)-alpha-D-glucopyranose
5 non-polymer 'SULFATE ION'
#
loop_
_entity_poly.entity_id
_entity_poly.type
_entity_poly.pdbx_seq_one_letter_code
_entity_poly.pdbx_strand_id
1 'polypeptide(L)'
;MGSAIAGHGSTILCSAFAPHTSSRMVTGAGDNTARIWDCDTQTPMHTLKGHYNWVLCVSWSPDGEVIATGSMDNTIRLWD
PKSGQCLGDALRGHSKWITSLSWEPIHLVKPGSKPRLASSSKDGTIKIWDTVSRVCQYTMSGHTNSVSCVKWGGQGLLYS
GSHDRTVRVWDINSQGRCINILKSHAHWVNHLSLSTDYALRIGAFDHTGKKPSTPEEAQKKALENYEKICKKNGNSEEMM
VTASDDYTMFLWNPLKSTKPIARMTGHQKLVNHVAFSPDGRYIVSASFDNSIKLWDGRDGKFISTFRGHVASVYQVAWSS
DCRLLVSCSKDTTLKVWDVRTRKLSVDLPGHKDEVYTVDWSVDGKRVCSGGKDKMVRLWTH
;
A,B,C,D
2 'polypeptide(L)'
;MKHHHHHHPMKIEEGKLVIWINGDKGYNGLAEVGKKFEKDTGIKVTVEHPDKLEEKFPQVAATGDGPDIIFWAHDRFGGY
AQSGLLAEITPAAAFQDKLYPFTWDAVRYNGKLIAYPIAVEALSLIYNKDLLPNPPKTWEEIPALDKELKAKGKSALMFN
LQEPYFTWPLIAADGGYAFKYENGKYDIKDVGVDNAGAKAGLTFLVDLIKNKHMNADTDYSIAEAAFNKGETAMTINGPW
AWSNIDTSAVNYGVTVLPTFKGQPSKPFVGVLSAGINAASPNKELAKEFLENYLLTDEGLEAVNKDKPLGAVALKSYEEE
LAKDPRIAATMENAQKGEIMPNIPQMSAFWYAVRTAVINAASGRQTVDAALAAAQTNAAAA
;
E,F,G,H
3 'polypeptide(L)' MDTDGDALPTYLLDREQNNTAK I,J,K,L
#
loop_
_chem_comp.id
_chem_comp.type
_chem_comp.name
_chem_comp.formula
GLC D-saccharide, alpha linking alpha-D-glucopyranose 'C6 H12 O6'
SO4 non-polymer 'SULFATE ION' 'O4 S -2'
#
# COMPACT_ATOMS: atom_id res chain seq x y z
N ALA A 4 -1.75 1.41 32.98
CA ALA A 4 -2.67 0.29 32.80
C ALA A 4 -3.51 0.47 31.54
N ILE A 5 -3.12 -0.24 30.48
CA ILE A 5 -3.84 -0.17 29.22
C ILE A 5 -4.27 -1.55 28.74
N ALA A 6 -5.50 -1.66 28.26
CA ALA A 6 -6.01 -2.92 27.75
C ALA A 6 -5.69 -3.07 26.27
N GLY A 7 -6.35 -4.01 25.61
CA GLY A 7 -6.14 -4.24 24.19
C GLY A 7 -5.65 -5.65 23.86
N HIS A 8 -5.53 -6.49 24.88
CA HIS A 8 -5.17 -7.90 24.68
C HIS A 8 -6.28 -8.82 25.18
N GLY A 9 -6.68 -9.76 24.33
CA GLY A 9 -7.80 -10.63 24.64
C GLY A 9 -7.44 -11.82 25.50
N SER A 10 -6.15 -12.06 25.66
CA SER A 10 -5.69 -13.19 26.47
C SER A 10 -4.52 -12.76 27.36
N THR A 11 -4.04 -13.69 28.18
CA THR A 11 -2.98 -13.41 29.13
C THR A 11 -1.68 -13.09 28.41
N ILE A 12 -0.98 -12.07 28.90
CA ILE A 12 0.25 -11.62 28.28
C ILE A 12 1.41 -12.53 28.69
N LEU A 13 2.29 -12.83 27.73
CA LEU A 13 3.34 -13.82 27.96
C LEU A 13 4.75 -13.25 27.85
N CYS A 14 4.89 -12.12 27.16
CA CYS A 14 6.21 -11.53 26.97
C CYS A 14 6.14 -10.08 26.53
N SER A 15 7.25 -9.37 26.66
CA SER A 15 7.33 -7.97 26.27
C SER A 15 8.78 -7.54 26.10
N ALA A 16 8.97 -6.46 25.36
CA ALA A 16 10.30 -5.92 25.09
C ALA A 16 10.21 -4.49 24.60
N PHE A 17 11.04 -3.63 25.15
CA PHE A 17 11.13 -2.25 24.68
C PHE A 17 11.98 -2.18 23.43
N ALA A 18 11.84 -1.09 22.67
CA ALA A 18 12.67 -0.87 21.50
C ALA A 18 14.08 -0.50 21.95
N PRO A 19 15.10 -1.01 21.24
CA PRO A 19 16.50 -0.75 21.60
C PRO A 19 16.91 0.70 21.32
N HIS A 20 16.06 1.48 20.67
CA HIS A 20 16.40 2.83 20.29
C HIS A 20 15.56 3.91 20.96
N THR A 21 14.41 3.52 21.53
CA THR A 21 13.56 4.48 22.21
C THR A 21 12.71 3.83 23.30
N SER A 22 12.34 4.63 24.29
CA SER A 22 11.52 4.16 25.40
C SER A 22 10.04 4.42 25.14
N SER A 23 9.71 4.80 23.90
CA SER A 23 8.34 5.09 23.53
C SER A 23 7.69 3.90 22.81
N ARG A 24 8.53 2.98 22.34
CA ARG A 24 8.03 1.81 21.62
C ARG A 24 8.24 0.51 22.40
N MET A 25 7.22 -0.33 22.39
CA MET A 25 7.26 -1.61 23.07
C MET A 25 6.43 -2.64 22.33
N VAL A 26 6.98 -3.84 22.13
CA VAL A 26 6.22 -4.92 21.55
C VAL A 26 5.84 -5.91 22.67
N THR A 27 4.82 -6.71 22.45
CA THR A 27 4.35 -7.66 23.46
C THR A 27 3.63 -8.84 22.83
N GLY A 28 3.56 -9.95 23.56
CA GLY A 28 2.92 -11.16 23.05
C GLY A 28 2.02 -11.84 24.07
N ALA A 29 0.88 -12.32 23.60
CA ALA A 29 -0.10 -12.95 24.49
C ALA A 29 -0.62 -14.26 23.93
N GLY A 30 -1.61 -14.84 24.61
CA GLY A 30 -2.18 -16.12 24.21
C GLY A 30 -3.37 -15.97 23.30
N ASP A 31 -3.58 -14.76 22.80
CA ASP A 31 -4.65 -14.49 21.84
C ASP A 31 -4.13 -14.59 20.42
N ASN A 32 -3.00 -15.28 20.29
CA ASN A 32 -2.35 -15.54 19.00
C ASN A 32 -1.86 -14.28 18.28
N THR A 33 -1.95 -13.15 18.95
CA THR A 33 -1.53 -11.88 18.35
C THR A 33 -0.42 -11.20 19.15
N ALA A 34 0.20 -10.21 18.52
CA ALA A 34 1.19 -9.38 19.18
C ALA A 34 0.85 -7.91 18.94
N ARG A 35 1.30 -7.04 19.83
CA ARG A 35 0.97 -5.62 19.70
C ARG A 35 2.14 -4.71 20.01
N ILE A 36 2.28 -3.66 19.19
CA ILE A 36 3.26 -2.62 19.41
C ILE A 36 2.57 -1.42 20.06
N TRP A 37 3.25 -0.77 21.00
CA TRP A 37 2.62 0.28 21.79
C TRP A 37 3.36 1.60 21.75
N ASP A 38 2.62 2.68 22.00
CA ASP A 38 3.20 4.00 22.20
C ASP A 38 3.22 4.34 23.68
N CYS A 39 4.42 4.32 24.26
CA CYS A 39 4.57 4.54 25.69
C CYS A 39 4.42 6.01 26.04
N ASP A 40 4.41 6.87 25.03
CA ASP A 40 4.22 8.29 25.25
C ASP A 40 2.76 8.63 25.52
N THR A 41 1.86 7.86 24.90
CA THR A 41 0.42 8.11 25.03
C THR A 41 -0.32 6.95 25.69
N GLN A 42 0.41 5.89 26.02
CA GLN A 42 -0.16 4.69 26.64
C GLN A 42 -1.32 4.13 25.83
N THR A 43 -1.09 3.94 24.52
CA THR A 43 -2.14 3.48 23.61
C THR A 43 -1.58 2.52 22.57
N PRO A 44 -2.43 1.61 22.06
CA PRO A 44 -2.01 0.66 21.03
C PRO A 44 -1.63 1.33 19.71
N MET A 45 -0.79 0.67 18.92
CA MET A 45 -0.26 1.24 17.68
C MET A 45 -0.50 0.32 16.49
N HIS A 46 -0.08 -0.94 16.64
CA HIS A 46 -0.25 -1.94 15.60
C HIS A 46 -0.62 -3.29 16.20
N THR A 47 -1.31 -4.11 15.41
CA THR A 47 -1.61 -5.47 15.84
C THR A 47 -1.04 -6.47 14.84
N LEU A 48 -0.23 -7.40 15.35
CA LEU A 48 0.47 -8.33 14.50
C LEU A 48 -0.27 -9.66 14.48
N LYS A 49 -0.83 -10.02 13.33
CA LYS A 49 -1.63 -11.23 13.22
C LYS A 49 -1.10 -12.17 12.14
N GLY A 50 -1.31 -13.46 12.34
CA GLY A 50 -0.85 -14.48 11.41
C GLY A 50 -0.32 -15.71 12.12
N HIS A 51 -0.53 -15.77 13.44
CA HIS A 51 -0.13 -16.93 14.22
C HIS A 51 -1.35 -17.74 14.64
N TYR A 52 -1.23 -19.05 14.58
CA TYR A 52 -2.35 -19.95 14.87
C TYR A 52 -2.42 -20.31 16.35
N ASN A 53 -1.43 -19.87 17.12
CA ASN A 53 -1.37 -20.20 18.54
C ASN A 53 -0.73 -19.09 19.35
N TRP A 54 -0.54 -19.33 20.65
CA TRP A 54 -0.01 -18.34 21.56
C TRP A 54 1.33 -17.76 21.10
N VAL A 55 1.49 -16.45 21.28
CA VAL A 55 2.79 -15.83 21.05
C VAL A 55 3.61 -15.90 22.34
N LEU A 56 4.64 -16.73 22.33
CA LEU A 56 5.38 -17.04 23.54
C LEU A 56 6.52 -16.07 23.83
N CYS A 57 7.25 -15.66 22.79
CA CYS A 57 8.41 -14.81 23.00
C CYS A 57 8.64 -13.82 21.86
N VAL A 58 8.97 -12.59 22.22
CA VAL A 58 9.27 -11.55 21.26
C VAL A 58 10.70 -11.03 21.44
N SER A 59 11.34 -10.67 20.33
CA SER A 59 12.71 -10.19 20.38
C SER A 59 13.00 -9.19 19.27
N TRP A 60 13.36 -7.97 19.65
CA TRP A 60 13.71 -6.93 18.69
C TRP A 60 15.02 -7.23 17.98
N SER A 61 15.25 -6.53 16.88
CA SER A 61 16.54 -6.59 16.19
C SER A 61 17.42 -5.48 16.72
N PRO A 62 18.71 -5.77 16.95
CA PRO A 62 19.64 -4.80 17.53
C PRO A 62 19.84 -3.54 16.68
N ASP A 63 19.26 -3.53 15.48
CA ASP A 63 19.26 -2.33 14.65
C ASP A 63 17.92 -1.61 14.71
N GLY A 64 16.89 -2.31 15.17
CA GLY A 64 15.57 -1.73 15.33
C GLY A 64 14.69 -1.81 14.10
N GLU A 65 15.16 -2.51 13.07
CA GLU A 65 14.44 -2.56 11.80
C GLU A 65 13.43 -3.69 11.74
N VAL A 66 13.70 -4.78 12.46
CA VAL A 66 12.85 -5.96 12.37
C VAL A 66 12.41 -6.45 13.76
N ILE A 67 11.17 -6.92 13.85
CA ILE A 67 10.70 -7.58 15.06
C ILE A 67 10.42 -9.06 14.79
N ALA A 68 11.15 -9.91 15.48
CA ALA A 68 10.92 -11.36 15.39
C ALA A 68 9.93 -11.79 16.46
N THR A 69 9.21 -12.87 16.18
CA THR A 69 8.28 -13.41 17.16
C THR A 69 8.22 -14.93 17.11
N GLY A 70 8.19 -15.55 18.28
CA GLY A 70 8.12 -16.99 18.39
C GLY A 70 6.77 -17.36 18.97
N SER A 71 6.28 -18.56 18.65
CA SER A 71 4.94 -18.94 19.04
C SER A 71 4.78 -20.43 19.35
N MET A 72 3.62 -20.77 19.89
CA MET A 72 3.26 -22.14 20.23
C MET A 72 2.99 -22.96 18.97
N ASP A 73 2.80 -22.26 17.85
CA ASP A 73 2.51 -22.91 16.57
C ASP A 73 3.76 -23.33 15.81
N ASN A 74 4.88 -23.43 16.54
CA ASN A 74 6.14 -23.94 16.01
C ASN A 74 6.74 -23.10 14.89
N THR A 75 6.27 -21.88 14.71
CA THR A 75 6.76 -21.03 13.64
C THR A 75 7.31 -19.71 14.16
N ILE A 76 8.04 -19.02 13.31
CA ILE A 76 8.58 -17.70 13.63
C ILE A 76 8.21 -16.71 12.54
N ARG A 77 7.84 -15.49 12.94
CA ARG A 77 7.47 -14.46 11.97
C ARG A 77 8.25 -13.18 12.18
N LEU A 78 8.70 -12.58 11.09
CA LEU A 78 9.41 -11.31 11.14
C LEU A 78 8.47 -10.18 10.76
N TRP A 79 8.64 -9.02 11.39
CA TRP A 79 7.71 -7.91 11.18
C TRP A 79 8.41 -6.56 11.08
N ASP A 80 7.72 -5.61 10.45
CA ASP A 80 8.21 -4.23 10.39
C ASP A 80 7.48 -3.40 11.44
N PRO A 81 8.21 -2.94 12.47
CA PRO A 81 7.69 -2.24 13.65
C PRO A 81 6.92 -0.95 13.37
N LYS A 82 7.09 -0.37 12.18
CA LYS A 82 6.39 0.86 11.86
C LYS A 82 5.09 0.60 11.11
N SER A 83 5.14 -0.34 10.17
CA SER A 83 3.99 -0.63 9.33
C SER A 83 3.04 -1.63 9.97
N GLY A 84 3.60 -2.68 10.57
CA GLY A 84 2.77 -3.68 11.21
C GLY A 84 2.46 -4.81 10.25
N GLN A 85 3.34 -4.98 9.27
CA GLN A 85 3.13 -5.99 8.23
C GLN A 85 4.07 -7.17 8.38
N CYS A 86 3.56 -8.37 8.09
CA CYS A 86 4.40 -9.55 8.07
C CYS A 86 5.31 -9.47 6.85
N LEU A 87 6.60 -9.69 7.05
CA LEU A 87 7.55 -9.54 5.95
C LEU A 87 7.64 -10.80 5.10
N GLY A 88 6.50 -11.41 4.82
CA GLY A 88 6.47 -12.63 4.02
C GLY A 88 5.77 -13.77 4.72
N ASP A 89 6.15 -15.00 4.36
CA ASP A 89 5.55 -16.18 4.96
C ASP A 89 6.32 -16.61 6.20
N ALA A 90 5.70 -17.46 7.02
CA ALA A 90 6.29 -17.92 8.27
C ALA A 90 7.56 -18.75 8.06
N LEU A 91 8.35 -18.86 9.12
CA LEU A 91 9.60 -19.63 9.10
C LEU A 91 9.38 -21.02 9.67
N ARG A 92 9.22 -22.00 8.80
CA ARG A 92 8.85 -23.35 9.22
C ARG A 92 10.06 -24.27 9.32
N GLY A 93 9.90 -25.38 10.05
CA GLY A 93 10.96 -26.33 10.26
C GLY A 93 11.14 -26.75 11.70
N HIS A 94 10.32 -26.19 12.59
CA HIS A 94 10.30 -26.60 13.98
C HIS A 94 9.09 -27.49 14.25
N SER A 95 9.28 -28.55 15.02
CA SER A 95 8.22 -29.52 15.26
C SER A 95 7.48 -29.26 16.57
N LYS A 96 8.08 -28.48 17.46
CA LYS A 96 7.41 -28.07 18.69
C LYS A 96 7.54 -26.57 18.92
N TRP A 97 7.01 -26.07 20.03
CA TRP A 97 6.89 -24.63 20.25
C TRP A 97 8.23 -23.93 20.43
N ILE A 98 8.27 -22.65 20.07
CA ILE A 98 9.46 -21.83 20.20
C ILE A 98 9.65 -21.39 21.66
N THR A 99 10.90 -21.46 22.14
CA THR A 99 11.20 -21.13 23.52
C THR A 99 12.03 -19.85 23.65
N SER A 100 12.83 -19.53 22.64
CA SER A 100 13.70 -18.36 22.72
C SER A 100 14.13 -17.83 21.36
N LEU A 101 14.42 -16.54 21.33
CA LEU A 101 14.94 -15.88 20.13
C LEU A 101 16.22 -15.15 20.46
N SER A 102 17.22 -15.25 19.59
CA SER A 102 18.48 -14.56 19.81
C SER A 102 19.05 -14.00 18.52
N TRP A 103 19.23 -12.70 18.47
CA TRP A 103 19.75 -12.02 17.28
C TRP A 103 21.27 -11.94 17.26
N GLU A 104 21.84 -12.01 16.06
CA GLU A 104 23.26 -11.77 15.87
C GLU A 104 23.56 -10.29 16.09
N PRO A 105 24.59 -9.99 16.91
CA PRO A 105 24.95 -8.60 17.23
C PRO A 105 25.56 -7.87 16.05
N ILE A 106 25.31 -6.57 15.98
CA ILE A 106 25.71 -5.75 14.83
C ILE A 106 27.21 -5.75 14.56
N HIS A 107 28.02 -5.81 15.61
CA HIS A 107 29.47 -5.73 15.46
C HIS A 107 30.06 -6.92 14.71
N LEU A 108 29.37 -8.06 14.75
CA LEU A 108 29.79 -9.23 14.00
C LEU A 108 29.00 -9.31 12.69
N VAL A 109 28.30 -8.22 12.39
CA VAL A 109 27.49 -8.11 11.18
C VAL A 109 28.06 -7.07 10.24
N LYS A 110 28.22 -7.46 8.97
CA LYS A 110 28.76 -6.58 7.93
C LYS A 110 27.90 -5.32 7.79
N PRO A 111 28.55 -4.16 7.56
CA PRO A 111 27.79 -2.92 7.42
C PRO A 111 26.90 -2.94 6.17
N GLY A 112 25.72 -2.31 6.26
CA GLY A 112 24.79 -2.30 5.15
C GLY A 112 24.04 -3.62 4.99
N SER A 113 24.39 -4.60 5.83
CA SER A 113 23.75 -5.91 5.80
C SER A 113 22.99 -6.17 7.09
N LYS A 114 21.97 -7.03 7.02
CA LYS A 114 21.12 -7.29 8.19
C LYS A 114 21.56 -8.53 8.96
N PRO A 115 21.44 -8.48 10.30
CA PRO A 115 21.81 -9.54 11.23
C PRO A 115 20.91 -10.77 11.16
N ARG A 116 21.50 -11.94 11.32
CA ARG A 116 20.75 -13.19 11.29
C ARG A 116 19.90 -13.35 12.55
N LEU A 117 19.17 -14.45 12.63
CA LEU A 117 18.31 -14.74 13.78
C LEU A 117 18.42 -16.19 14.23
N ALA A 118 18.53 -16.39 15.54
CA ALA A 118 18.58 -17.72 16.12
C ALA A 118 17.33 -18.00 16.94
N SER A 119 16.80 -19.22 16.81
CA SER A 119 15.62 -19.61 17.57
C SER A 119 15.75 -21.01 18.13
N SER A 120 15.31 -21.19 19.37
CA SER A 120 15.33 -22.50 20.01
C SER A 120 13.91 -23.01 20.20
N SER A 121 13.75 -24.33 20.30
CA SER A 121 12.44 -24.93 20.42
C SER A 121 12.43 -26.14 21.34
N LYS A 122 11.24 -26.67 21.58
CA LYS A 122 11.07 -27.85 22.42
C LYS A 122 11.53 -29.11 21.67
N ASP A 123 11.87 -28.94 20.40
CA ASP A 123 12.32 -30.06 19.56
C ASP A 123 13.81 -30.34 19.76
N GLY A 124 14.43 -29.62 20.69
CA GLY A 124 15.83 -29.84 21.02
C GLY A 124 16.80 -29.28 20.00
N THR A 125 16.31 -28.45 19.09
CA THR A 125 17.15 -27.87 18.07
C THR A 125 17.20 -26.34 18.12
N ILE A 126 18.17 -25.76 17.42
CA ILE A 126 18.29 -24.33 17.28
C ILE A 126 18.57 -23.99 15.81
N LYS A 127 17.68 -23.21 15.21
CA LYS A 127 17.82 -22.88 13.79
C LYS A 127 18.29 -21.45 13.56
N ILE A 128 19.29 -21.31 12.70
CA ILE A 128 19.76 -20.00 12.28
C ILE A 128 19.06 -19.59 10.99
N TRP A 129 18.43 -18.43 11.01
CA TRP A 129 17.65 -17.97 9.86
C TRP A 129 18.30 -16.76 9.21
N ASP A 130 18.16 -16.66 7.89
CA ASP A 130 18.55 -15.46 7.16
C ASP A 130 17.32 -14.56 7.05
N THR A 131 17.32 -13.46 7.80
CA THR A 131 16.14 -12.60 7.88
C THR A 131 15.78 -11.97 6.55
N VAL A 132 16.78 -11.67 5.74
CA VAL A 132 16.55 -11.08 4.42
C VAL A 132 16.03 -12.13 3.44
N SER A 133 16.84 -13.16 3.22
CA SER A 133 16.53 -14.18 2.21
C SER A 133 15.49 -15.18 2.69
N ARG A 134 15.16 -15.16 3.99
CA ARG A 134 14.12 -16.03 4.55
C ARG A 134 14.44 -17.50 4.36
N VAL A 135 15.45 -18.01 5.07
CA VAL A 135 15.85 -19.41 4.90
C VAL A 135 16.59 -19.96 6.13
N CYS A 136 16.46 -21.26 6.36
CA CYS A 136 17.17 -21.91 7.47
C CYS A 136 18.61 -22.15 7.09
N GLN A 137 19.48 -21.25 7.50
CA GLN A 137 20.91 -21.34 7.18
C GLN A 137 21.57 -22.49 7.93
N TYR A 138 21.32 -22.57 9.23
CA TYR A 138 21.85 -23.67 10.04
C TYR A 138 20.75 -24.28 10.89
N THR A 139 20.94 -25.53 11.27
CA THR A 139 20.04 -26.18 12.21
C THR A 139 20.85 -26.93 13.27
N MET A 140 21.06 -26.28 14.41
CA MET A 140 21.90 -26.86 15.45
C MET A 140 21.12 -27.85 16.31
N SER A 141 21.46 -29.13 16.17
CA SER A 141 20.80 -30.19 16.92
C SER A 141 21.82 -30.98 17.70
N GLY A 142 21.35 -31.73 18.70
CA GLY A 142 22.23 -32.54 19.54
C GLY A 142 21.77 -32.62 20.97
N HIS A 143 20.90 -31.70 21.37
CA HIS A 143 20.31 -31.73 22.70
C HIS A 143 19.30 -32.88 22.76
N THR A 144 19.29 -33.60 23.88
CA THR A 144 18.42 -34.76 24.00
C THR A 144 17.14 -34.42 24.79
N ASN A 145 16.90 -33.13 24.96
CA ASN A 145 15.63 -32.66 25.52
C ASN A 145 15.35 -31.22 25.12
N SER A 146 14.25 -30.67 25.60
CA SER A 146 13.81 -29.33 25.21
C SER A 146 14.87 -28.28 25.49
N VAL A 147 15.11 -27.40 24.53
CA VAL A 147 16.05 -26.30 24.70
C VAL A 147 15.36 -25.09 25.31
N SER A 148 15.87 -24.64 26.45
CA SER A 148 15.21 -23.61 27.24
C SER A 148 15.53 -22.20 26.77
N CYS A 149 16.80 -21.96 26.43
CA CYS A 149 17.24 -20.62 26.09
C CYS A 149 18.47 -20.63 25.20
N VAL A 150 18.50 -19.73 24.23
CA VAL A 150 19.66 -19.58 23.37
C VAL A 150 20.13 -18.13 23.34
N LYS A 151 21.44 -17.93 23.35
CA LYS A 151 22.01 -16.59 23.30
C LYS A 151 23.15 -16.49 22.30
N TRP A 152 23.02 -15.53 21.39
CA TRP A 152 24.05 -15.28 20.39
C TRP A 152 25.14 -14.40 21.00
N GLY A 153 26.26 -15.01 21.38
CA GLY A 153 27.34 -14.28 22.00
C GLY A 153 27.98 -13.30 21.03
N GLY A 154 28.61 -12.27 21.57
CA GLY A 154 29.25 -11.26 20.76
C GLY A 154 30.63 -11.69 20.28
N GLN A 155 30.92 -12.98 20.43
CA GLN A 155 32.21 -13.53 20.03
C GLN A 155 32.03 -14.69 19.07
N GLY A 156 30.94 -14.67 18.32
CA GLY A 156 30.68 -15.67 17.31
C GLY A 156 30.27 -17.02 17.86
N LEU A 157 29.90 -17.05 19.14
CA LEU A 157 29.47 -18.30 19.77
C LEU A 157 28.02 -18.22 20.26
N LEU A 158 27.29 -19.31 20.09
CA LEU A 158 25.93 -19.39 20.60
C LEU A 158 25.86 -20.41 21.75
N TYR A 159 25.23 -20.00 22.85
CA TYR A 159 25.09 -20.87 24.00
C TYR A 159 23.64 -21.26 24.23
N SER A 160 23.38 -22.56 24.32
CA SER A 160 22.02 -23.03 24.55
C SER A 160 21.91 -23.87 25.81
N GLY A 161 20.87 -23.63 26.59
CA GLY A 161 20.62 -24.42 27.78
C GLY A 161 19.36 -25.23 27.57
N SER A 162 19.30 -26.42 28.15
CA SER A 162 18.21 -27.33 27.88
C SER A 162 17.80 -28.18 29.08
N HIS A 163 16.67 -28.86 28.94
CA HIS A 163 16.14 -29.72 29.98
C HIS A 163 16.97 -30.99 30.18
N ASP A 164 18.02 -31.15 29.37
CA ASP A 164 18.87 -32.33 29.48
C ASP A 164 20.07 -32.06 30.38
N ARG A 165 19.94 -31.03 31.22
CA ARG A 165 20.95 -30.68 32.21
C ARG A 165 22.28 -30.28 31.57
N THR A 166 22.21 -29.82 30.32
CA THR A 166 23.41 -29.57 29.52
C THR A 166 23.36 -28.19 28.84
N VAL A 167 24.50 -27.49 28.86
CA VAL A 167 24.64 -26.25 28.10
C VAL A 167 25.64 -26.43 26.96
N ARG A 168 25.17 -26.22 25.73
CA ARG A 168 26.01 -26.44 24.55
C ARG A 168 26.49 -25.14 23.91
N VAL A 169 27.74 -25.12 23.48
CA VAL A 169 28.32 -23.96 22.81
C VAL A 169 28.42 -24.20 21.29
N TRP A 170 27.94 -23.25 20.51
CA TRP A 170 27.92 -23.38 19.06
C TRP A 170 28.75 -22.30 18.38
N ASP A 171 29.51 -22.68 17.36
CA ASP A 171 30.35 -21.75 16.61
C ASP A 171 29.70 -21.30 15.30
N ILE A 172 29.42 -20.01 15.17
CA ILE A 172 28.83 -19.47 13.96
C ILE A 172 29.90 -19.22 12.90
N ASN A 173 31.16 -19.18 13.33
CA ASN A 173 32.28 -18.99 12.41
C ASN A 173 32.80 -20.33 11.88
N SER A 174 32.18 -21.42 12.32
CA SER A 174 32.50 -22.74 11.80
C SER A 174 31.25 -23.36 11.20
N GLN A 175 30.31 -22.50 10.85
CA GLN A 175 29.04 -22.90 10.22
C GLN A 175 28.29 -23.97 11.02
N GLY A 176 27.95 -23.62 12.27
CA GLY A 176 27.09 -24.44 13.08
C GLY A 176 27.77 -25.57 13.85
N ARG A 177 29.10 -25.61 13.80
CA ARG A 177 29.84 -26.63 14.54
C ARG A 177 29.76 -26.39 16.04
N CYS A 178 29.62 -27.48 16.80
CA CYS A 178 29.63 -27.40 18.27
C CYS A 178 31.04 -27.59 18.81
N ILE A 179 31.54 -26.58 19.54
CA ILE A 179 32.92 -26.62 20.01
C ILE A 179 33.07 -27.06 21.46
N ASN A 180 31.98 -26.98 22.23
CA ASN A 180 32.02 -27.35 23.64
C ASN A 180 30.67 -27.75 24.19
N ILE A 181 30.67 -28.67 25.14
CA ILE A 181 29.45 -29.16 25.76
C ILE A 181 29.60 -29.22 27.29
N LEU A 182 28.89 -28.32 27.96
CA LEU A 182 29.02 -28.09 29.39
C LEU A 182 28.03 -28.91 30.21
N LYS A 183 28.55 -29.71 31.15
CA LYS A 183 27.74 -30.75 31.79
C LYS A 183 27.62 -30.62 33.31
N SER A 184 27.88 -29.42 33.85
CA SER A 184 27.97 -29.25 35.29
C SER A 184 26.64 -29.34 36.05
N HIS A 185 25.55 -28.92 35.42
CA HIS A 185 24.26 -28.89 36.11
C HIS A 185 23.69 -30.29 36.35
N ALA A 186 22.75 -30.38 37.28
CA ALA A 186 22.19 -31.67 37.68
C ALA A 186 20.67 -31.70 37.51
N HIS A 187 20.12 -30.66 36.89
CA HIS A 187 18.69 -30.61 36.57
C HIS A 187 18.42 -29.66 35.40
N TRP A 188 17.14 -29.44 35.11
CA TRP A 188 16.74 -28.60 33.98
C TRP A 188 17.40 -27.23 33.97
N VAL A 189 18.26 -26.96 32.98
CA VAL A 189 18.77 -25.62 32.81
C VAL A 189 17.62 -24.74 32.34
N ASN A 190 17.28 -23.74 33.15
CA ASN A 190 16.08 -22.96 32.92
C ASN A 190 16.32 -21.68 32.14
N HIS A 191 17.47 -21.05 32.36
CA HIS A 191 17.76 -19.78 31.70
C HIS A 191 19.27 -19.57 31.59
N LEU A 192 19.64 -18.48 30.92
CA LEU A 192 21.03 -18.25 30.57
C LEU A 192 21.24 -16.78 30.24
N SER A 193 22.26 -16.18 30.84
CA SER A 193 22.54 -14.76 30.60
C SER A 193 24.03 -14.51 30.38
N LEU A 194 24.33 -13.64 29.42
CA LEU A 194 25.70 -13.26 29.13
C LEU A 194 26.03 -11.94 29.80
N SER A 195 27.31 -11.70 30.06
CA SER A 195 27.73 -10.47 30.69
C SER A 195 27.57 -9.27 29.76
N THR A 196 27.38 -9.55 28.46
CA THR A 196 27.39 -8.50 27.45
C THR A 196 26.06 -8.30 26.73
N ASP A 197 25.06 -9.11 27.06
CA ASP A 197 23.82 -9.14 26.29
C ASP A 197 22.95 -7.90 26.48
N TYR A 198 23.49 -6.87 27.13
CA TYR A 198 22.85 -5.55 27.10
C TYR A 198 23.39 -4.81 25.89
N ALA A 199 24.71 -4.87 25.70
CA ALA A 199 25.35 -4.28 24.54
C ALA A 199 24.92 -4.98 23.26
N LEU A 200 24.78 -6.31 23.34
CA LEU A 200 24.34 -7.11 22.21
C LEU A 200 22.93 -6.72 21.80
N ARG A 201 22.13 -6.35 22.79
CA ARG A 201 20.73 -6.04 22.56
C ARG A 201 20.55 -4.66 21.93
N ILE A 202 21.41 -3.71 22.30
CA ILE A 202 21.26 -2.33 21.84
C ILE A 202 22.16 -2.01 20.66
N GLY A 203 23.10 -2.91 20.36
CA GLY A 203 23.99 -2.76 19.23
C GLY A 203 24.77 -1.45 19.17
N ALA A 204 24.35 -0.55 18.29
CA ALA A 204 25.06 0.69 18.06
C ALA A 204 24.42 1.89 18.78
N PHE A 205 23.23 1.67 19.33
CA PHE A 205 22.53 2.73 20.05
C PHE A 205 23.15 2.95 21.43
N ASP A 206 22.67 3.97 22.14
CA ASP A 206 23.18 4.24 23.48
C ASP A 206 22.07 4.73 24.42
N HIS A 207 22.49 5.30 25.55
CA HIS A 207 21.56 5.69 26.62
C HIS A 207 20.73 6.91 26.23
N THR A 208 21.18 7.65 25.23
CA THR A 208 20.49 8.85 24.78
C THR A 208 19.58 8.54 23.59
N GLY A 209 19.85 7.43 22.91
CA GLY A 209 19.06 7.02 21.78
C GLY A 209 19.66 7.48 20.45
N LYS A 210 20.89 7.97 20.51
CA LYS A 210 21.59 8.46 19.33
C LYS A 210 21.80 7.36 18.29
N LYS A 211 21.25 7.58 17.11
CA LYS A 211 21.35 6.63 16.01
C LYS A 211 22.59 6.90 15.15
N PRO A 212 23.15 5.84 14.55
CA PRO A 212 24.24 6.04 13.59
C PRO A 212 23.73 6.72 12.34
N SER A 213 24.60 7.45 11.64
CA SER A 213 24.19 8.19 10.45
C SER A 213 24.42 7.36 9.19
N THR A 214 25.22 6.31 9.30
CA THR A 214 25.62 5.51 8.16
C THR A 214 25.99 4.11 8.65
N PRO A 215 25.61 3.06 7.88
CA PRO A 215 25.94 1.66 8.15
C PRO A 215 27.39 1.42 8.60
N GLU A 216 28.31 2.29 8.22
CA GLU A 216 29.69 2.20 8.70
C GLU A 216 29.75 2.60 10.17
N GLU A 217 29.04 3.66 10.51
CA GLU A 217 29.00 4.14 11.89
C GLU A 217 28.35 3.11 12.79
N ALA A 218 27.35 2.41 12.25
CA ALA A 218 26.66 1.36 12.98
C ALA A 218 27.60 0.18 13.26
N GLN A 219 28.54 -0.05 12.36
CA GLN A 219 29.53 -1.11 12.53
C GLN A 219 30.56 -0.68 13.59
N LYS A 220 30.76 0.62 13.68
CA LYS A 220 31.74 1.18 14.62
C LYS A 220 31.21 1.10 16.04
N LYS A 221 30.11 1.79 16.29
CA LYS A 221 29.54 1.88 17.63
C LYS A 221 29.13 0.52 18.19
N ALA A 222 28.80 -0.42 17.31
CA ALA A 222 28.45 -1.77 17.73
C ALA A 222 29.63 -2.44 18.42
N LEU A 223 30.80 -2.33 17.81
CA LEU A 223 32.01 -2.88 18.39
C LEU A 223 32.48 -2.00 19.54
N GLU A 224 32.18 -0.71 19.45
CA GLU A 224 32.55 0.24 20.49
C GLU A 224 31.81 -0.05 21.79
N ASN A 225 30.49 -0.17 21.71
CA ASN A 225 29.69 -0.43 22.90
C ASN A 225 29.97 -1.81 23.49
N TYR A 226 30.32 -2.76 22.62
CA TYR A 226 30.61 -4.12 23.06
C TYR A 226 31.96 -4.21 23.77
N GLU A 227 32.96 -3.51 23.23
CA GLU A 227 34.29 -3.51 23.83
C GLU A 227 34.30 -2.67 25.11
N LYS A 228 33.36 -1.74 25.22
CA LYS A 228 33.22 -0.90 26.39
C LYS A 228 33.00 -1.71 27.65
N ILE A 229 32.32 -2.83 27.50
CA ILE A 229 31.87 -3.62 28.64
C ILE A 229 32.63 -4.92 28.82
N CYS A 230 32.85 -5.66 27.74
CA CYS A 230 33.48 -6.97 27.82
C CYS A 230 34.98 -6.88 28.08
N LYS A 231 35.53 -5.68 27.99
CA LYS A 231 36.94 -5.46 28.31
C LYS A 231 37.08 -4.73 29.63
N LYS A 232 37.72 -5.38 30.59
CA LYS A 232 37.94 -4.79 31.91
C LYS A 232 39.38 -5.03 32.37
N ASN A 233 40.10 -5.83 31.60
CA ASN A 233 41.48 -6.17 31.92
C ASN A 233 42.45 -5.84 30.79
N GLY A 234 41.92 -5.68 29.59
CA GLY A 234 42.75 -5.39 28.42
C GLY A 234 42.37 -6.20 27.21
N ASN A 235 41.61 -7.27 27.42
CA ASN A 235 41.11 -8.09 26.32
C ASN A 235 39.64 -8.46 26.51
N SER A 236 38.98 -8.85 25.43
CA SER A 236 37.54 -9.13 25.46
C SER A 236 37.24 -10.42 26.20
N GLU A 237 36.42 -10.31 27.25
CA GLU A 237 36.03 -11.47 28.03
C GLU A 237 34.54 -11.39 28.39
N GLU A 238 33.75 -12.33 27.91
CA GLU A 238 32.33 -12.37 28.26
C GLU A 238 32.00 -13.58 29.12
N MET A 239 31.21 -13.34 30.17
CA MET A 239 30.86 -14.38 31.13
C MET A 239 29.45 -14.91 30.89
N MET A 240 29.14 -16.08 31.45
CA MET A 240 27.82 -16.67 31.30
C MET A 240 27.34 -17.31 32.60
N VAL A 241 26.09 -17.04 32.96
CA VAL A 241 25.48 -17.70 34.10
C VAL A 241 24.31 -18.58 33.65
N THR A 242 24.18 -19.74 34.27
CA THR A 242 23.09 -20.64 33.97
C THR A 242 22.28 -20.90 35.23
N ALA A 243 20.97 -21.08 35.08
CA ALA A 243 20.11 -21.39 36.21
C ALA A 243 19.40 -22.71 35.96
N SER A 244 19.21 -23.49 37.02
CA SER A 244 18.57 -24.78 36.86
C SER A 244 17.67 -25.17 38.03
N ASP A 245 17.04 -26.33 37.89
CA ASP A 245 16.12 -26.83 38.90
C ASP A 245 16.83 -27.54 40.03
N ASP A 246 18.16 -27.52 40.01
CA ASP A 246 18.93 -28.10 41.10
C ASP A 246 19.29 -27.02 42.12
N TYR A 247 18.52 -25.92 42.07
CA TYR A 247 18.60 -24.82 43.03
C TYR A 247 19.88 -24.00 42.90
N THR A 248 20.72 -24.33 41.92
CA THR A 248 22.03 -23.70 41.82
C THR A 248 22.25 -22.95 40.51
N MET A 249 23.40 -22.29 40.43
CA MET A 249 23.83 -21.61 39.22
C MET A 249 25.31 -21.85 39.01
N PHE A 250 25.76 -21.67 37.77
CA PHE A 250 27.17 -21.81 37.45
C PHE A 250 27.67 -20.62 36.64
N LEU A 251 28.83 -20.10 37.02
CA LEU A 251 29.46 -19.03 36.27
C LEU A 251 30.50 -19.61 35.34
N TRP A 252 30.53 -19.13 34.10
CA TRP A 252 31.42 -19.70 33.11
C TRP A 252 32.28 -18.66 32.41
N ASN A 253 33.40 -19.12 31.87
CA ASN A 253 34.10 -18.44 30.80
C ASN A 253 34.38 -19.49 29.74
N PRO A 254 33.34 -19.90 29.01
CA PRO A 254 33.29 -21.11 28.17
C PRO A 254 34.40 -21.23 27.14
N LEU A 255 34.67 -20.16 26.41
CA LEU A 255 35.72 -20.18 25.40
C LEU A 255 37.08 -20.34 26.08
N LYS A 256 37.25 -19.64 27.21
CA LYS A 256 38.51 -19.68 27.94
C LYS A 256 38.69 -21.01 28.67
N SER A 257 37.61 -21.49 29.29
CA SER A 257 37.65 -22.76 30.00
C SER A 257 36.29 -23.48 29.96
N THR A 258 36.33 -24.80 29.87
CA THR A 258 35.11 -25.60 29.82
C THR A 258 34.65 -25.93 31.24
N LYS A 259 35.34 -25.38 32.22
CA LYS A 259 35.05 -25.67 33.62
C LYS A 259 34.54 -24.41 34.31
N PRO A 260 33.52 -24.56 35.17
CA PRO A 260 32.88 -23.42 35.83
C PRO A 260 33.83 -22.61 36.72
N ILE A 261 33.67 -21.29 36.67
CA ILE A 261 34.44 -20.41 37.54
C ILE A 261 33.97 -20.59 38.98
N ALA A 262 32.66 -20.68 39.15
CA ALA A 262 32.08 -20.84 40.48
C ALA A 262 30.74 -21.57 40.45
N ARG A 263 30.45 -22.28 41.52
CA ARG A 263 29.13 -22.87 41.72
C ARG A 263 28.41 -22.05 42.78
N MET A 264 27.61 -21.09 42.33
CA MET A 264 26.94 -20.19 43.26
C MET A 264 25.62 -20.79 43.74
N THR A 265 25.58 -21.08 45.04
CA THR A 265 24.47 -21.80 45.63
C THR A 265 23.88 -21.00 46.78
N GLY A 266 22.68 -21.38 47.20
CA GLY A 266 22.03 -20.75 48.34
C GLY A 266 20.53 -20.65 48.19
N HIS A 267 20.04 -20.71 46.96
CA HIS A 267 18.59 -20.71 46.75
C HIS A 267 18.00 -21.99 47.28
N GLN A 268 16.80 -21.91 47.83
CA GLN A 268 16.16 -23.07 48.46
C GLN A 268 15.25 -23.83 47.49
N LYS A 269 14.94 -23.21 46.36
CA LYS A 269 14.16 -23.85 45.32
C LYS A 269 14.75 -23.50 43.96
N LEU A 270 14.08 -23.93 42.89
CA LEU A 270 14.64 -23.77 41.55
C LEU A 270 14.84 -22.31 41.18
N VAL A 271 15.92 -22.03 40.46
CA VAL A 271 16.16 -20.70 39.93
C VAL A 271 15.58 -20.60 38.52
N ASN A 272 14.56 -19.76 38.36
CA ASN A 272 13.84 -19.70 37.11
C ASN A 272 14.41 -18.66 36.14
N HIS A 273 15.07 -17.64 36.68
CA HIS A 273 15.58 -16.57 35.85
C HIS A 273 16.84 -15.95 36.43
N VAL A 274 17.73 -15.51 35.54
CA VAL A 274 18.98 -14.88 35.95
C VAL A 274 19.33 -13.78 34.93
N ALA A 275 19.94 -12.70 35.41
CA ALA A 275 20.28 -11.59 34.53
C ALA A 275 21.51 -10.83 35.00
N PHE A 276 22.52 -10.78 34.13
CA PHE A 276 23.69 -9.94 34.37
C PHE A 276 23.29 -8.48 34.38
N SER A 277 24.07 -7.67 35.07
CA SER A 277 23.91 -6.22 35.00
C SER A 277 24.22 -5.76 33.58
N PRO A 278 23.74 -4.57 33.21
CA PRO A 278 24.11 -4.00 31.91
C PRO A 278 25.61 -3.83 31.75
N ASP A 279 26.34 -3.76 32.86
CA ASP A 279 27.80 -3.64 32.80
C ASP A 279 28.50 -4.91 33.30
N GLY A 280 27.73 -5.96 33.57
CA GLY A 280 28.30 -7.22 33.99
C GLY A 280 28.90 -7.20 35.38
N ARG A 281 28.61 -6.14 36.14
CA ARG A 281 29.18 -5.99 37.47
C ARG A 281 28.46 -6.87 38.48
N TYR A 282 27.14 -6.91 38.42
CA TYR A 282 26.35 -7.71 39.35
C TYR A 282 25.69 -8.86 38.61
N ILE A 283 25.31 -9.88 39.37
CA ILE A 283 24.45 -10.94 38.86
C ILE A 283 23.24 -11.06 39.79
N VAL A 284 22.05 -11.15 39.20
CA VAL A 284 20.84 -11.23 40.00
C VAL A 284 20.01 -12.42 39.54
N SER A 285 19.45 -13.14 40.51
CA SER A 285 18.72 -14.36 40.21
C SER A 285 17.36 -14.40 40.91
N ALA A 286 16.33 -14.76 40.16
CA ALA A 286 14.99 -14.90 40.70
C ALA A 286 14.63 -16.38 40.85
N SER A 287 14.06 -16.74 42.00
CA SER A 287 13.77 -18.14 42.27
C SER A 287 12.36 -18.36 42.81
N PHE A 288 11.95 -19.62 42.84
CA PHE A 288 10.62 -19.99 43.29
C PHE A 288 10.52 -20.05 44.81
N ASP A 289 11.61 -19.75 45.50
CA ASP A 289 11.59 -19.67 46.95
C ASP A 289 11.30 -18.25 47.39
N ASN A 290 10.64 -17.50 46.50
CA ASN A 290 10.19 -16.13 46.75
C ASN A 290 11.32 -15.13 46.95
N SER A 291 12.55 -15.55 46.68
CA SER A 291 13.69 -14.69 46.92
C SER A 291 14.39 -14.23 45.64
N ILE A 292 15.17 -13.18 45.76
CA ILE A 292 16.09 -12.73 44.72
C ILE A 292 17.45 -12.51 45.34
N LYS A 293 18.46 -13.20 44.83
CA LYS A 293 19.79 -13.09 45.41
C LYS A 293 20.72 -12.31 44.50
N LEU A 294 21.62 -11.58 45.12
CA LEU A 294 22.55 -10.71 44.39
C LEU A 294 23.96 -11.26 44.51
N TRP A 295 24.64 -11.36 43.37
CA TRP A 295 25.97 -11.96 43.34
C TRP A 295 26.93 -11.03 42.62
N ASP A 296 28.22 -11.24 42.83
CA ASP A 296 29.24 -10.45 42.16
C ASP A 296 29.44 -10.96 40.74
N GLY A 297 29.35 -10.06 39.77
CA GLY A 297 29.44 -10.44 38.38
C GLY A 297 30.82 -10.91 37.94
N ARG A 298 31.82 -10.61 38.76
CA ARG A 298 33.20 -10.93 38.41
C ARG A 298 33.60 -12.33 38.86
N ASP A 299 33.33 -12.66 40.13
CA ASP A 299 33.77 -13.94 40.68
C ASP A 299 32.62 -14.81 41.16
N GLY A 300 31.42 -14.23 41.24
CA GLY A 300 30.23 -14.99 41.56
C GLY A 300 29.97 -15.20 43.04
N LYS A 301 30.57 -14.35 43.87
CA LYS A 301 30.37 -14.44 45.31
C LYS A 301 29.03 -13.84 45.72
N PHE A 302 28.39 -14.47 46.70
CA PHE A 302 27.11 -14.00 47.21
C PHE A 302 27.26 -12.63 47.88
N ILE A 303 26.32 -11.74 47.61
CA ILE A 303 26.38 -10.39 48.17
C ILE A 303 25.24 -10.15 49.16
N SER A 304 24.00 -10.21 48.67
CA SER A 304 22.84 -9.92 49.49
C SER A 304 21.60 -10.64 48.98
N THR A 305 20.58 -10.72 49.82
CA THR A 305 19.30 -11.31 49.43
C THR A 305 18.18 -10.28 49.45
N PHE A 306 17.37 -10.27 48.40
CA PHE A 306 16.23 -9.36 48.30
C PHE A 306 14.95 -10.03 48.75
N ARG A 307 14.38 -9.53 49.85
CA ARG A 307 13.22 -10.17 50.46
C ARG A 307 12.00 -9.27 50.44
N GLY A 308 10.82 -9.87 50.32
CA GLY A 308 9.57 -9.13 50.34
C GLY A 308 8.47 -9.76 49.50
N HIS A 309 8.85 -10.64 48.58
CA HIS A 309 7.88 -11.37 47.77
C HIS A 309 7.24 -12.50 48.58
N VAL A 310 5.95 -12.70 48.36
CA VAL A 310 5.21 -13.68 49.15
C VAL A 310 5.04 -14.97 48.35
N ALA A 311 5.26 -14.88 47.04
CA ALA A 311 5.18 -16.05 46.18
C ALA A 311 6.40 -16.16 45.28
N SER A 312 6.41 -17.20 44.44
CA SER A 312 7.53 -17.47 43.55
C SER A 312 7.83 -16.30 42.62
N VAL A 313 9.11 -15.95 42.50
CA VAL A 313 9.52 -14.89 41.60
C VAL A 313 9.74 -15.46 40.21
N TYR A 314 9.18 -14.80 39.20
CA TYR A 314 9.21 -15.33 37.85
C TYR A 314 10.31 -14.75 36.98
N GLN A 315 10.58 -13.46 37.10
CA GLN A 315 11.51 -12.81 36.20
C GLN A 315 12.04 -11.49 36.74
N VAL A 316 13.27 -11.15 36.37
CA VAL A 316 13.89 -9.89 36.78
C VAL A 316 14.46 -9.11 35.60
N ALA A 317 14.39 -7.79 35.68
CA ALA A 317 14.91 -6.92 34.62
C ALA A 317 15.76 -5.80 35.21
N TRP A 318 16.94 -5.63 34.65
CA TRP A 318 17.88 -4.61 35.13
C TRP A 318 17.57 -3.24 34.54
N SER A 319 17.71 -2.21 35.36
CA SER A 319 17.68 -0.84 34.86
C SER A 319 19.05 -0.53 34.26
N SER A 320 19.11 0.47 33.39
CA SER A 320 20.35 0.80 32.70
C SER A 320 21.41 1.37 33.63
N ASP A 321 20.97 1.93 34.76
CA ASP A 321 21.88 2.63 35.66
C ASP A 321 22.57 1.67 36.62
N CYS A 322 22.25 0.38 36.48
CA CYS A 322 22.90 -0.68 37.25
C CYS A 322 22.78 -0.49 38.76
N ARG A 323 21.78 0.26 39.19
CA ARG A 323 21.55 0.47 40.62
C ARG A 323 20.23 -0.16 41.02
N LEU A 324 19.25 -0.07 40.13
CA LEU A 324 17.93 -0.61 40.40
C LEU A 324 17.59 -1.76 39.46
N LEU A 325 16.55 -2.50 39.82
CA LEU A 325 16.10 -3.64 39.02
C LEU A 325 14.68 -4.00 39.43
N VAL A 326 13.88 -4.47 38.49
CA VAL A 326 12.49 -4.77 38.76
C VAL A 326 12.22 -6.27 38.67
N SER A 327 11.29 -6.74 39.51
CA SER A 327 10.90 -8.15 39.50
C SER A 327 9.39 -8.35 39.52
N CYS A 328 8.94 -9.42 38.89
CA CYS A 328 7.55 -9.83 38.93
C CYS A 328 7.43 -11.21 39.57
N SER A 329 6.30 -11.48 40.18
CA SER A 329 6.13 -12.75 40.90
C SER A 329 4.70 -13.25 40.83
N LYS A 330 4.49 -14.47 41.32
CA LYS A 330 3.18 -15.08 41.35
C LYS A 330 2.21 -14.30 42.23
N ASP A 331 2.73 -13.54 43.18
CA ASP A 331 1.91 -12.79 44.11
C ASP A 331 1.43 -11.45 43.54
N THR A 332 1.32 -11.38 42.22
CA THR A 332 0.70 -10.27 41.50
C THR A 332 1.40 -8.92 41.62
N THR A 333 2.50 -8.85 42.36
CA THR A 333 3.14 -7.57 42.62
C THR A 333 4.44 -7.36 41.85
N LEU A 334 4.76 -6.10 41.62
CA LEU A 334 6.06 -5.71 41.05
C LEU A 334 6.87 -5.01 42.12
N LYS A 335 8.17 -5.32 42.18
CA LYS A 335 9.05 -4.65 43.11
C LYS A 335 10.36 -4.25 42.44
N VAL A 336 10.76 -3.00 42.63
CA VAL A 336 12.06 -2.56 42.14
C VAL A 336 13.03 -2.37 43.31
N TRP A 337 14.17 -3.03 43.23
CA TRP A 337 15.12 -3.08 44.34
C TRP A 337 16.31 -2.16 44.12
N ASP A 338 16.98 -1.79 45.21
CA ASP A 338 18.15 -0.94 45.13
C ASP A 338 19.39 -1.76 45.54
N VAL A 339 20.35 -1.84 44.64
CA VAL A 339 21.54 -2.67 44.87
C VAL A 339 22.46 -2.07 45.92
N ARG A 340 22.43 -0.75 46.06
CA ARG A 340 23.28 -0.07 47.02
C ARG A 340 22.79 -0.21 48.46
N THR A 341 21.47 -0.10 48.65
CA THR A 341 20.91 -0.24 49.98
C THR A 341 20.67 -1.71 50.26
N ARG A 342 20.80 -2.51 49.20
CA ARG A 342 20.62 -3.96 49.27
C ARG A 342 19.24 -4.32 49.81
N LYS A 343 18.27 -3.46 49.55
CA LYS A 343 16.89 -3.68 49.96
C LYS A 343 15.93 -2.94 49.03
N LEU A 344 14.64 -3.08 49.29
CA LEU A 344 13.59 -2.55 48.42
C LEU A 344 13.66 -1.04 48.26
N SER A 345 13.44 -0.57 47.03
CA SER A 345 13.38 0.86 46.73
C SER A 345 11.95 1.37 46.88
N VAL A 346 11.07 0.94 45.98
CA VAL A 346 9.65 1.27 46.09
C VAL A 346 8.78 0.10 45.63
N ASP A 347 7.63 -0.07 46.27
CA ASP A 347 6.69 -1.12 45.94
C ASP A 347 5.64 -0.58 44.97
N LEU A 348 5.26 -1.40 43.98
CA LEU A 348 4.43 -0.92 42.89
C LEU A 348 3.00 -1.46 42.98
N PRO A 349 2.01 -0.72 42.41
CA PRO A 349 0.59 -1.03 42.63
C PRO A 349 0.11 -2.31 41.98
N GLY A 350 1.02 -3.11 41.40
CA GLY A 350 0.75 -4.37 40.74
C GLY A 350 -0.62 -4.72 40.16
N HIS A 351 -0.78 -5.99 39.81
CA HIS A 351 -1.95 -6.43 39.06
C HIS A 351 -2.95 -7.14 39.99
N LYS A 352 -3.99 -7.72 39.40
CA LYS A 352 -4.96 -8.48 40.17
C LYS A 352 -4.67 -9.97 40.07
N ASP A 353 -3.79 -10.35 39.15
CA ASP A 353 -3.42 -11.75 38.97
C ASP A 353 -1.93 -11.89 38.72
N GLU A 354 -1.50 -13.10 38.38
CA GLU A 354 -0.08 -13.39 38.21
C GLU A 354 0.54 -12.52 37.12
N VAL A 355 1.74 -12.01 37.40
CA VAL A 355 2.47 -11.21 36.42
C VAL A 355 3.55 -12.07 35.75
N TYR A 356 3.43 -12.22 34.44
CA TYR A 356 4.28 -13.16 33.71
C TYR A 356 5.53 -12.55 33.08
N THR A 357 5.54 -11.23 32.90
CA THR A 357 6.64 -10.59 32.17
C THR A 357 6.90 -9.14 32.59
N VAL A 358 8.17 -8.74 32.57
CA VAL A 358 8.57 -7.37 32.85
C VAL A 358 9.70 -6.89 31.94
N ASP A 359 9.95 -5.59 31.94
CA ASP A 359 11.08 -5.01 31.20
C ASP A 359 11.36 -3.56 31.57
N TRP A 360 12.65 -3.22 31.64
CA TRP A 360 13.09 -1.85 31.80
C TRP A 360 13.37 -1.25 30.41
N SER A 361 12.99 0.01 30.21
CA SER A 361 13.37 0.70 28.98
C SER A 361 14.88 0.85 28.95
N VAL A 362 15.46 0.96 27.77
CA VAL A 362 16.90 1.02 27.63
C VAL A 362 17.48 2.30 28.26
N ASP A 363 16.74 3.39 28.17
CA ASP A 363 17.19 4.66 28.74
C ASP A 363 16.88 4.72 30.23
N GLY A 364 16.11 3.74 30.71
CA GLY A 364 15.78 3.66 32.11
C GLY A 364 14.69 4.63 32.52
N LYS A 365 13.81 4.96 31.57
CA LYS A 365 12.71 5.88 31.85
C LYS A 365 11.44 5.16 32.28
N ARG A 366 11.08 4.10 31.55
CA ARG A 366 9.81 3.45 31.80
C ARG A 366 9.97 1.96 32.13
N VAL A 367 8.97 1.41 32.81
CA VAL A 367 8.93 -0.02 33.12
C VAL A 367 7.59 -0.61 32.72
N CYS A 368 7.61 -1.72 31.98
CA CYS A 368 6.39 -2.37 31.53
C CYS A 368 6.18 -3.73 32.17
N SER A 369 4.92 -4.16 32.21
CA SER A 369 4.57 -5.46 32.79
C SER A 369 3.24 -5.94 32.24
N GLY A 370 2.99 -7.24 32.36
CA GLY A 370 1.76 -7.84 31.88
C GLY A 370 1.63 -9.25 32.39
N GLY A 371 0.40 -9.77 32.46
CA GLY A 371 0.19 -11.10 32.98
C GLY A 371 -1.18 -11.69 32.75
N LYS A 372 -1.69 -12.36 33.79
CA LYS A 372 -2.89 -13.17 33.68
C LYS A 372 -4.19 -12.36 33.62
N ASP A 373 -4.12 -11.09 33.99
CA ASP A 373 -5.30 -10.23 33.92
C ASP A 373 -5.40 -9.54 32.57
N LYS A 374 -4.62 -10.02 31.61
CA LYS A 374 -4.67 -9.55 30.22
C LYS A 374 -4.41 -8.06 30.05
N MET A 375 -3.82 -7.43 31.06
CA MET A 375 -3.63 -5.98 31.03
C MET A 375 -2.16 -5.57 31.06
N VAL A 376 -1.78 -4.69 30.13
CA VAL A 376 -0.45 -4.11 30.12
C VAL A 376 -0.39 -2.94 31.08
N ARG A 377 0.67 -2.85 31.87
CA ARG A 377 0.87 -1.71 32.74
C ARG A 377 2.22 -1.07 32.48
N LEU A 378 2.24 0.26 32.49
CA LEU A 378 3.47 1.01 32.28
C LEU A 378 3.79 1.84 33.52
N TRP A 379 5.02 1.73 33.99
CA TRP A 379 5.49 2.56 35.09
C TRP A 379 6.63 3.44 34.62
N THR A 380 6.65 4.68 35.10
CA THR A 380 7.68 5.64 34.71
C THR A 380 8.47 6.12 35.93
N HIS A 381 9.78 5.99 35.86
CA HIS A 381 10.65 6.36 36.97
C HIS A 381 10.66 7.86 37.19
N ALA B 4 34.15 32.72 -33.93
CA ALA B 4 32.73 32.38 -33.91
C ALA B 4 32.33 31.61 -35.17
N ILE B 5 32.19 30.30 -35.03
CA ILE B 5 31.79 29.47 -36.16
C ILE B 5 30.60 28.60 -35.78
N ALA B 6 29.63 28.51 -36.69
CA ALA B 6 28.43 27.71 -36.43
C ALA B 6 28.64 26.26 -36.83
N GLY B 7 27.55 25.50 -36.93
CA GLY B 7 27.61 24.10 -37.30
C GLY B 7 27.06 23.14 -36.26
N HIS B 8 26.55 23.68 -35.16
CA HIS B 8 25.92 22.84 -34.14
C HIS B 8 24.44 23.19 -33.95
N GLY B 9 23.60 22.18 -33.98
CA GLY B 9 22.16 22.37 -33.91
C GLY B 9 21.65 22.51 -32.49
N SER B 10 22.49 22.17 -31.52
CA SER B 10 22.11 22.25 -30.11
C SER B 10 23.21 22.85 -29.27
N THR B 11 22.93 23.02 -27.99
CA THR B 11 23.87 23.66 -27.05
C THR B 11 25.10 22.81 -26.80
N ILE B 12 26.27 23.47 -26.78
CA ILE B 12 27.54 22.79 -26.59
C ILE B 12 27.79 22.48 -25.12
N LEU B 13 28.32 21.30 -24.85
CA LEU B 13 28.45 20.83 -23.47
C LEU B 13 29.90 20.57 -23.05
N CYS B 14 30.78 20.37 -24.02
CA CYS B 14 32.17 20.06 -23.72
C CYS B 14 33.08 20.29 -24.92
N SER B 15 34.38 20.38 -24.66
CA SER B 15 35.37 20.62 -25.71
C SER B 15 36.77 20.23 -25.27
N ALA B 16 37.65 20.02 -26.24
CA ALA B 16 39.03 19.66 -25.95
C ALA B 16 39.93 19.88 -27.16
N PHE B 17 41.08 20.50 -26.94
CA PHE B 17 42.07 20.65 -28.00
C PHE B 17 42.88 19.37 -28.14
N ALA B 18 43.53 19.20 -29.29
CA ALA B 18 44.42 18.07 -29.49
C ALA B 18 45.70 18.28 -28.70
N PRO B 19 46.23 17.20 -28.11
CA PRO B 19 47.45 17.29 -27.31
C PRO B 19 48.70 17.53 -28.16
N HIS B 20 48.55 17.49 -29.48
CA HIS B 20 49.72 17.62 -30.36
C HIS B 20 49.67 18.88 -31.23
N THR B 21 48.49 19.47 -31.38
CA THR B 21 48.36 20.68 -32.18
C THR B 21 47.21 21.57 -31.74
N SER B 22 47.36 22.87 -32.00
CA SER B 22 46.31 23.83 -31.68
C SER B 22 45.42 24.07 -32.90
N SER B 23 45.56 23.22 -33.91
CA SER B 23 44.78 23.37 -35.14
C SER B 23 43.57 22.46 -35.14
N ARG B 24 43.58 21.43 -34.31
CA ARG B 24 42.47 20.50 -34.23
C ARG B 24 41.77 20.60 -32.88
N MET B 25 40.44 20.57 -32.92
CA MET B 25 39.65 20.65 -31.70
C MET B 25 38.37 19.83 -31.85
N VAL B 26 38.07 19.03 -30.83
CA VAL B 26 36.82 18.29 -30.80
C VAL B 26 35.85 18.94 -29.83
N THR B 27 34.56 18.67 -29.99
CA THR B 27 33.53 19.25 -29.15
C THR B 27 32.32 18.35 -29.12
N GLY B 28 31.49 18.50 -28.09
CA GLY B 28 30.30 17.67 -27.95
C GLY B 28 29.11 18.52 -27.54
N ALA B 29 27.95 18.24 -28.13
CA ALA B 29 26.77 19.04 -27.87
C ALA B 29 25.54 18.18 -27.61
N GLY B 30 24.38 18.82 -27.49
CA GLY B 30 23.15 18.14 -27.19
C GLY B 30 22.37 17.71 -28.42
N ASP B 31 23.01 17.80 -29.58
CA ASP B 31 22.40 17.34 -30.82
C ASP B 31 22.81 15.89 -31.09
N ASN B 32 23.26 15.22 -30.03
CA ASN B 32 23.68 13.82 -30.06
C ASN B 32 24.90 13.59 -30.93
N THR B 33 25.51 14.67 -31.41
CA THR B 33 26.67 14.56 -32.28
C THR B 33 27.90 15.26 -31.67
N ALA B 34 29.05 14.97 -32.25
CA ALA B 34 30.29 15.64 -31.88
C ALA B 34 30.97 16.14 -33.14
N ARG B 35 31.81 17.16 -33.02
CA ARG B 35 32.45 17.73 -34.19
C ARG B 35 33.93 18.03 -33.97
N ILE B 36 34.73 17.71 -34.98
CA ILE B 36 36.14 18.06 -35.00
C ILE B 36 36.30 19.32 -35.85
N TRP B 37 37.16 20.24 -35.42
CA TRP B 37 37.26 21.54 -36.07
C TRP B 37 38.68 21.86 -36.53
N ASP B 38 38.77 22.73 -37.53
CA ASP B 38 40.05 23.29 -37.94
C ASP B 38 40.16 24.71 -37.41
N CYS B 39 41.00 24.89 -36.39
CA CYS B 39 41.11 26.17 -35.72
C CYS B 39 41.91 27.18 -36.54
N ASP B 40 42.59 26.71 -37.58
CA ASP B 40 43.34 27.59 -38.46
C ASP B 40 42.43 28.29 -39.46
N THR B 41 41.35 27.61 -39.85
CA THR B 41 40.45 28.17 -40.85
C THR B 41 39.07 28.46 -40.26
N GLN B 42 38.92 28.14 -38.97
CA GLN B 42 37.66 28.37 -38.25
C GLN B 42 36.48 27.74 -38.97
N THR B 43 36.62 26.47 -39.33
CA THR B 43 35.61 25.77 -40.11
C THR B 43 35.49 24.33 -39.65
N PRO B 44 34.30 23.71 -39.83
CA PRO B 44 34.11 22.31 -39.44
C PRO B 44 34.97 21.35 -40.29
N MET B 45 35.24 20.18 -39.74
CA MET B 45 36.12 19.21 -40.37
C MET B 45 35.42 17.87 -40.49
N HIS B 46 34.89 17.39 -39.37
CA HIS B 46 34.17 16.12 -39.33
C HIS B 46 32.99 16.23 -38.38
N THR B 47 31.97 15.41 -38.62
CA THR B 47 30.84 15.33 -37.70
C THR B 47 30.69 13.89 -37.23
N LEU B 48 30.67 13.71 -35.92
CA LEU B 48 30.66 12.38 -35.32
C LEU B 48 29.24 11.95 -34.93
N LYS B 49 28.73 10.92 -35.59
CA LYS B 49 27.36 10.48 -35.37
C LYS B 49 27.29 9.03 -34.92
N GLY B 50 26.28 8.72 -34.13
CA GLY B 50 26.09 7.37 -33.62
C GLY B 50 25.65 7.33 -32.18
N HIS B 51 25.32 8.49 -31.62
CA HIS B 51 24.85 8.57 -30.23
C HIS B 51 23.36 8.86 -30.17
N TYR B 52 22.66 8.22 -29.24
CA TYR B 52 21.21 8.35 -29.14
C TYR B 52 20.81 9.51 -28.24
N ASN B 53 21.79 10.11 -27.57
CA ASN B 53 21.52 11.19 -26.64
C ASN B 53 22.68 12.18 -26.53
N TRP B 54 22.55 13.14 -25.62
CA TRP B 54 23.54 14.20 -25.46
C TRP B 54 24.96 13.68 -25.26
N VAL B 55 25.92 14.35 -25.90
CA VAL B 55 27.33 14.08 -25.66
C VAL B 55 27.86 14.93 -24.50
N LEU B 56 28.16 14.27 -23.39
CA LEU B 56 28.48 15.00 -22.16
C LEU B 56 29.96 15.35 -22.03
N CYS B 57 30.85 14.46 -22.44
CA CYS B 57 32.28 14.72 -22.28
C CYS B 57 33.11 14.12 -23.41
N VAL B 58 34.10 14.88 -23.87
CA VAL B 58 35.01 14.43 -24.92
C VAL B 58 36.44 14.42 -24.38
N SER B 59 37.23 13.45 -24.83
CA SER B 59 38.60 13.31 -24.35
C SER B 59 39.54 12.71 -25.39
N TRP B 60 40.55 13.48 -25.76
CA TRP B 60 41.58 13.01 -26.68
C TRP B 60 42.45 11.96 -26.00
N SER B 61 43.19 11.19 -26.80
CA SER B 61 44.16 10.26 -26.25
C SER B 61 45.51 10.96 -26.21
N PRO B 62 46.28 10.75 -25.13
CA PRO B 62 47.57 11.42 -24.93
C PRO B 62 48.60 11.14 -26.02
N ASP B 63 48.28 10.26 -26.96
CA ASP B 63 49.12 10.04 -28.13
C ASP B 63 48.54 10.77 -29.33
N GLY B 64 47.27 11.17 -29.21
CA GLY B 64 46.62 11.94 -30.26
C GLY B 64 45.96 11.06 -31.30
N GLU B 65 45.98 9.76 -31.07
CA GLU B 65 45.52 8.79 -32.06
C GLU B 65 44.03 8.49 -31.95
N VAL B 66 43.47 8.61 -30.75
CA VAL B 66 42.07 8.26 -30.53
C VAL B 66 41.31 9.36 -29.80
N ILE B 67 40.04 9.57 -30.19
CA ILE B 67 39.15 10.46 -29.45
C ILE B 67 38.03 9.67 -28.78
N ALA B 68 37.99 9.72 -27.46
CA ALA B 68 36.90 9.09 -26.73
C ALA B 68 35.79 10.09 -26.48
N THR B 69 34.55 9.59 -26.37
CA THR B 69 33.43 10.45 -26.06
C THR B 69 32.41 9.73 -25.18
N GLY B 70 31.91 10.43 -24.17
CA GLY B 70 30.93 9.86 -23.27
C GLY B 70 29.60 10.55 -23.50
N SER B 71 28.51 9.86 -23.20
CA SER B 71 27.20 10.40 -23.55
C SER B 71 26.10 10.09 -22.54
N MET B 72 24.96 10.72 -22.77
CA MET B 72 23.77 10.56 -21.94
C MET B 72 23.14 9.18 -22.16
N ASP B 73 23.55 8.53 -23.24
CA ASP B 73 23.03 7.20 -23.58
C ASP B 73 23.81 6.08 -22.88
N ASN B 74 24.55 6.47 -21.82
CA ASN B 74 25.27 5.52 -20.98
C ASN B 74 26.39 4.77 -21.70
N THR B 75 26.79 5.25 -22.86
CA THR B 75 27.81 4.57 -23.66
C THR B 75 29.01 5.46 -23.96
N ILE B 76 30.09 4.82 -24.42
CA ILE B 76 31.31 5.50 -24.84
C ILE B 76 31.70 5.04 -26.23
N ARG B 77 32.15 5.98 -27.06
CA ARG B 77 32.57 5.65 -28.41
C ARG B 77 33.98 6.16 -28.69
N LEU B 78 34.78 5.34 -29.38
CA LEU B 78 36.12 5.74 -29.77
C LEU B 78 36.12 6.15 -31.23
N TRP B 79 36.95 7.14 -31.56
CA TRP B 79 36.94 7.72 -32.91
C TRP B 79 38.34 7.97 -33.45
N ASP B 80 38.43 8.06 -34.77
CA ASP B 80 39.67 8.44 -35.44
C ASP B 80 39.60 9.91 -35.83
N PRO B 81 40.44 10.74 -35.20
CA PRO B 81 40.45 12.20 -35.33
C PRO B 81 40.67 12.71 -36.76
N LYS B 82 41.17 11.85 -37.63
CA LYS B 82 41.40 12.23 -39.02
C LYS B 82 40.24 11.87 -39.92
N SER B 83 39.69 10.67 -39.75
CA SER B 83 38.62 10.19 -40.62
C SER B 83 37.25 10.64 -40.14
N GLY B 84 37.02 10.54 -38.83
CA GLY B 84 35.76 10.95 -38.23
C GLY B 84 34.79 9.79 -38.17
N GLN B 85 35.33 8.58 -38.17
CA GLN B 85 34.52 7.37 -38.14
C GLN B 85 34.65 6.65 -36.80
N CYS B 86 33.56 6.04 -36.34
CA CYS B 86 33.58 5.25 -35.13
C CYS B 86 34.38 3.97 -35.31
N LEU B 87 35.26 3.68 -34.36
CA LEU B 87 36.17 2.55 -34.48
C LEU B 87 35.51 1.24 -34.04
N GLY B 88 34.27 1.03 -34.45
CA GLY B 88 33.55 -0.19 -34.09
C GLY B 88 32.24 0.13 -33.40
N ASP B 89 31.78 -0.78 -32.55
CA ASP B 89 30.54 -0.58 -31.83
C ASP B 89 30.80 0.14 -30.51
N ALA B 90 29.74 0.68 -29.91
CA ALA B 90 29.84 1.45 -28.68
C ALA B 90 30.30 0.60 -27.49
N LEU B 91 30.80 1.28 -26.46
CA LEU B 91 31.26 0.61 -25.25
C LEU B 91 30.18 0.63 -24.18
N ARG B 92 29.44 -0.47 -24.07
CA ARG B 92 28.29 -0.53 -23.19
C ARG B 92 28.60 -1.22 -21.86
N GLY B 93 27.74 -1.02 -20.86
CA GLY B 93 27.94 -1.58 -19.54
C GLY B 93 27.72 -0.61 -18.40
N HIS B 94 27.39 0.63 -18.73
CA HIS B 94 27.00 1.61 -17.71
C HIS B 94 25.50 1.73 -17.70
N SER B 95 24.91 1.85 -16.51
CA SER B 95 23.45 1.87 -16.40
C SER B 95 22.90 3.30 -16.38
N LYS B 96 23.76 4.26 -16.11
CA LYS B 96 23.38 5.67 -16.22
C LYS B 96 24.42 6.44 -17.03
N TRP B 97 24.21 7.74 -17.17
CA TRP B 97 25.02 8.55 -18.08
C TRP B 97 26.48 8.68 -17.66
N ILE B 98 27.35 8.91 -18.64
CA ILE B 98 28.78 9.09 -18.42
C ILE B 98 29.10 10.47 -17.85
N THR B 99 30.00 10.52 -16.87
CA THR B 99 30.33 11.78 -16.21
C THR B 99 31.73 12.28 -16.54
N SER B 100 32.67 11.38 -16.79
CA SER B 100 34.04 11.77 -17.05
C SER B 100 34.84 10.73 -17.81
N LEU B 101 35.87 11.19 -18.52
CA LEU B 101 36.79 10.29 -19.22
C LEU B 101 38.23 10.62 -18.82
N SER B 102 39.01 9.57 -18.57
CA SER B 102 40.41 9.75 -18.19
C SER B 102 41.29 8.68 -18.80
N TRP B 103 42.29 9.11 -19.58
CA TRP B 103 43.20 8.18 -20.25
C TRP B 103 44.42 7.82 -19.41
N GLU B 104 44.91 6.59 -19.61
CA GLU B 104 46.15 6.15 -19.00
C GLU B 104 47.31 6.92 -19.64
N PRO B 105 48.20 7.46 -18.81
CA PRO B 105 49.32 8.27 -19.34
C PRO B 105 50.32 7.42 -20.10
N ILE B 106 50.92 8.00 -21.14
CA ILE B 106 51.80 7.26 -22.03
C ILE B 106 53.01 6.65 -21.32
N HIS B 107 53.54 7.35 -20.34
CA HIS B 107 54.74 6.88 -19.66
C HIS B 107 54.51 5.59 -18.87
N LEU B 108 53.26 5.35 -18.48
CA LEU B 108 52.93 4.11 -17.78
C LEU B 108 52.40 3.04 -18.72
N VAL B 109 52.54 3.29 -20.01
CA VAL B 109 52.10 2.33 -21.01
C VAL B 109 53.32 1.80 -21.74
N LYS B 110 53.47 0.47 -21.76
CA LYS B 110 54.60 -0.15 -22.45
C LYS B 110 54.53 0.19 -23.94
N PRO B 111 55.70 0.40 -24.57
CA PRO B 111 55.73 0.75 -25.99
C PRO B 111 55.17 -0.37 -26.87
N GLY B 112 54.55 0.02 -27.97
CA GLY B 112 53.89 -0.94 -28.86
C GLY B 112 52.51 -1.32 -28.34
N SER B 113 52.17 -0.81 -27.16
CA SER B 113 50.86 -1.04 -26.58
C SER B 113 50.12 0.30 -26.48
N LYS B 114 48.80 0.25 -26.55
CA LYS B 114 48.01 1.47 -26.51
C LYS B 114 47.43 1.73 -25.12
N PRO B 115 47.32 3.01 -24.74
CA PRO B 115 46.83 3.36 -23.40
C PRO B 115 45.36 3.02 -23.22
N ARG B 116 45.02 2.52 -22.03
CA ARG B 116 43.65 2.17 -21.70
C ARG B 116 42.79 3.41 -21.50
N LEU B 117 41.52 3.20 -21.17
CA LEU B 117 40.61 4.32 -20.93
C LEU B 117 39.77 4.07 -19.70
N ALA B 118 39.65 5.09 -18.86
CA ALA B 118 38.81 5.01 -17.67
C ALA B 118 37.62 5.95 -17.80
N SER B 119 36.45 5.48 -17.39
CA SER B 119 35.24 6.28 -17.46
C SER B 119 34.41 6.16 -16.19
N SER B 120 33.87 7.27 -15.72
CA SER B 120 33.02 7.27 -14.54
C SER B 120 31.59 7.60 -14.92
N SER B 121 30.64 7.18 -14.10
CA SER B 121 29.24 7.37 -14.44
C SER B 121 28.36 7.68 -13.25
N LYS B 122 27.09 7.97 -13.52
CA LYS B 122 26.11 8.26 -12.49
C LYS B 122 25.70 6.99 -11.74
N ASP B 123 26.16 5.85 -12.24
CA ASP B 123 25.84 4.56 -11.62
C ASP B 123 26.80 4.25 -10.48
N GLY B 124 27.66 5.20 -10.16
CA GLY B 124 28.57 5.07 -9.04
C GLY B 124 29.77 4.17 -9.31
N THR B 125 29.97 3.81 -10.57
CA THR B 125 31.08 2.94 -10.93
C THR B 125 32.08 3.60 -11.89
N ILE B 126 33.24 2.95 -12.03
CA ILE B 126 34.24 3.40 -12.97
C ILE B 126 34.76 2.19 -13.73
N LYS B 127 34.60 2.20 -15.05
CA LYS B 127 34.99 1.06 -15.85
C LYS B 127 36.27 1.33 -16.63
N ILE B 128 37.20 0.37 -16.55
CA ILE B 128 38.43 0.43 -17.33
C ILE B 128 38.27 -0.31 -18.64
N TRP B 129 38.52 0.39 -19.74
CA TRP B 129 38.33 -0.19 -21.06
C TRP B 129 39.64 -0.45 -21.78
N ASP B 130 39.67 -1.50 -22.58
CA ASP B 130 40.76 -1.77 -23.49
C ASP B 130 40.41 -1.18 -24.85
N THR B 131 41.06 -0.10 -25.24
CA THR B 131 40.71 0.62 -26.45
C THR B 131 40.94 -0.22 -27.70
N VAL B 132 41.95 -1.09 -27.65
CA VAL B 132 42.26 -1.97 -28.76
C VAL B 132 41.28 -3.13 -28.88
N SER B 133 41.22 -3.96 -27.83
CA SER B 133 40.44 -5.19 -27.85
C SER B 133 38.95 -4.96 -27.63
N ARG B 134 38.60 -3.73 -27.26
CA ARG B 134 37.21 -3.32 -27.06
C ARG B 134 36.51 -4.17 -26.00
N VAL B 135 36.92 -4.01 -24.75
CA VAL B 135 36.33 -4.76 -23.65
C VAL B 135 36.58 -4.05 -22.33
N CYS B 136 35.66 -4.23 -21.38
CA CYS B 136 35.78 -3.66 -20.05
C CYS B 136 36.71 -4.50 -19.18
N GLN B 137 37.96 -4.06 -19.06
CA GLN B 137 38.96 -4.82 -18.31
C GLN B 137 38.64 -4.86 -16.82
N TYR B 138 38.33 -3.71 -16.24
CA TYR B 138 37.95 -3.65 -14.83
C TYR B 138 36.68 -2.85 -14.64
N THR B 139 35.96 -3.13 -13.57
CA THR B 139 34.80 -2.33 -13.18
C THR B 139 34.87 -2.02 -11.70
N MET B 140 35.44 -0.86 -11.38
CA MET B 140 35.65 -0.47 -9.99
C MET B 140 34.41 0.16 -9.39
N SER B 141 33.80 -0.56 -8.43
CA SER B 141 32.58 -0.10 -7.78
C SER B 141 32.79 -0.01 -6.28
N GLY B 142 31.88 0.69 -5.59
CA GLY B 142 31.95 0.86 -4.16
C GLY B 142 31.42 2.19 -3.66
N HIS B 143 31.28 3.15 -4.56
CA HIS B 143 30.65 4.42 -4.23
C HIS B 143 29.15 4.20 -4.06
N THR B 144 28.56 4.86 -3.06
CA THR B 144 27.14 4.67 -2.80
C THR B 144 26.32 5.79 -3.43
N ASN B 145 26.94 6.54 -4.32
CA ASN B 145 26.25 7.52 -5.14
C ASN B 145 27.04 7.84 -6.40
N SER B 146 26.51 8.75 -7.21
CA SER B 146 27.09 9.07 -8.52
C SER B 146 28.54 9.54 -8.45
N VAL B 147 29.38 9.01 -9.33
CA VAL B 147 30.78 9.43 -9.43
C VAL B 147 30.92 10.62 -10.37
N SER B 148 31.46 11.72 -9.86
CA SER B 148 31.51 12.97 -10.60
C SER B 148 32.69 13.07 -11.55
N CYS B 149 33.86 12.60 -11.08
CA CYS B 149 35.08 12.76 -11.86
C CYS B 149 36.11 11.69 -11.54
N VAL B 150 36.81 11.23 -12.57
CA VAL B 150 37.88 10.25 -12.40
C VAL B 150 39.15 10.74 -13.09
N LYS B 151 40.29 10.50 -12.45
CA LYS B 151 41.58 10.91 -13.00
C LYS B 151 42.60 9.78 -12.92
N TRP B 152 43.19 9.43 -14.05
CA TRP B 152 44.22 8.38 -14.09
C TRP B 152 45.57 8.98 -13.76
N GLY B 153 46.02 8.78 -12.53
CA GLY B 153 47.27 9.32 -12.06
C GLY B 153 48.49 8.71 -12.73
N GLY B 154 49.58 9.45 -12.74
CA GLY B 154 50.82 9.00 -13.34
C GLY B 154 51.63 8.08 -12.45
N GLN B 155 51.02 7.60 -11.39
CA GLN B 155 51.70 6.71 -10.46
C GLN B 155 50.94 5.40 -10.27
N GLY B 156 50.18 5.01 -11.29
CA GLY B 156 49.45 3.76 -11.25
C GLY B 156 48.25 3.80 -10.34
N LEU B 157 47.83 5.00 -9.95
CA LEU B 157 46.66 5.16 -9.12
C LEU B 157 45.57 5.97 -9.81
N LEU B 158 44.33 5.56 -9.62
CA LEU B 158 43.19 6.32 -10.13
C LEU B 158 42.40 6.90 -8.96
N TYR B 159 42.07 8.18 -9.06
CA TYR B 159 41.30 8.84 -8.00
C TYR B 159 39.92 9.23 -8.50
N SER B 160 38.90 8.81 -7.77
CA SER B 160 37.53 9.10 -8.12
C SER B 160 36.80 9.86 -7.02
N GLY B 161 36.04 10.88 -7.40
CA GLY B 161 35.24 11.63 -6.45
C GLY B 161 33.76 11.40 -6.73
N SER B 162 32.94 11.43 -5.70
CA SER B 162 31.53 11.09 -5.88
C SER B 162 30.62 11.89 -4.97
N HIS B 163 29.32 11.78 -5.25
CA HIS B 163 28.29 12.48 -4.49
C HIS B 163 28.10 11.90 -3.08
N ASP B 164 28.85 10.86 -2.77
CA ASP B 164 28.75 10.24 -1.45
C ASP B 164 29.76 10.88 -0.51
N ARG B 165 30.21 12.08 -0.86
CA ARG B 165 31.12 12.87 -0.05
C ARG B 165 32.46 12.16 0.14
N THR B 166 32.79 11.30 -0.82
CA THR B 166 33.95 10.43 -0.70
C THR B 166 34.83 10.44 -1.93
N VAL B 167 36.15 10.47 -1.71
CA VAL B 167 37.11 10.30 -2.80
C VAL B 167 37.86 8.99 -2.64
N ARG B 168 37.72 8.11 -3.62
CA ARG B 168 38.32 6.77 -3.54
C ARG B 168 39.56 6.63 -4.41
N VAL B 169 40.58 5.96 -3.87
CA VAL B 169 41.81 5.70 -4.59
C VAL B 169 41.85 4.26 -5.07
N TRP B 170 42.15 4.07 -6.35
CA TRP B 170 42.17 2.74 -6.95
C TRP B 170 43.56 2.40 -7.47
N ASP B 171 43.99 1.17 -7.23
CA ASP B 171 45.30 0.72 -7.72
C ASP B 171 45.12 -0.06 -9.00
N ILE B 172 45.64 0.48 -10.10
CA ILE B 172 45.53 -0.18 -11.40
C ILE B 172 46.63 -1.21 -11.54
N ASN B 173 47.65 -1.12 -10.69
CA ASN B 173 48.73 -2.09 -10.70
C ASN B 173 48.43 -3.26 -9.79
N SER B 174 47.26 -3.23 -9.16
CA SER B 174 46.78 -4.33 -8.34
C SER B 174 45.44 -4.80 -8.87
N GLN B 175 45.22 -4.57 -10.16
CA GLN B 175 44.01 -4.97 -10.86
C GLN B 175 42.72 -4.45 -10.23
N GLY B 176 42.60 -3.13 -10.13
CA GLY B 176 41.35 -2.51 -9.74
C GLY B 176 41.08 -2.43 -8.25
N ARG B 177 42.05 -2.77 -7.42
CA ARG B 177 41.85 -2.72 -5.97
C ARG B 177 41.64 -1.31 -5.47
N CYS B 178 40.74 -1.15 -4.52
CA CYS B 178 40.57 0.13 -3.85
C CYS B 178 41.47 0.15 -2.62
N ILE B 179 42.43 1.06 -2.59
CA ILE B 179 43.42 1.09 -1.52
C ILE B 179 43.11 2.12 -0.44
N ASN B 180 42.28 3.09 -0.76
CA ASN B 180 41.98 4.16 0.19
C ASN B 180 40.64 4.84 -0.05
N ILE B 181 40.06 5.33 1.03
CA ILE B 181 38.77 6.01 0.98
C ILE B 181 38.85 7.32 1.75
N LEU B 182 38.82 8.43 1.03
CA LEU B 182 39.01 9.74 1.64
C LEU B 182 37.66 10.35 1.98
N LYS B 183 37.45 10.67 3.25
CA LYS B 183 36.13 11.01 3.74
C LYS B 183 36.04 12.41 4.34
N SER B 184 36.98 13.28 4.00
CA SER B 184 37.08 14.59 4.64
C SER B 184 35.95 15.55 4.27
N HIS B 185 35.45 15.45 3.04
CA HIS B 185 34.43 16.38 2.56
C HIS B 185 33.09 16.13 3.23
N ALA B 186 32.20 17.12 3.17
CA ALA B 186 30.92 17.03 3.87
C ALA B 186 29.72 17.21 2.93
N HIS B 187 29.98 17.23 1.63
CA HIS B 187 28.92 17.27 0.62
C HIS B 187 29.41 16.72 -0.73
N TRP B 188 28.59 16.86 -1.76
CA TRP B 188 28.90 16.32 -3.09
C TRP B 188 30.29 16.72 -3.59
N VAL B 189 31.19 15.76 -3.74
CA VAL B 189 32.46 16.06 -4.39
C VAL B 189 32.19 16.30 -5.87
N ASN B 190 32.51 17.50 -6.33
CA ASN B 190 32.12 17.93 -7.67
C ASN B 190 33.18 17.73 -8.75
N HIS B 191 34.44 17.90 -8.37
CA HIS B 191 35.53 17.81 -9.34
C HIS B 191 36.81 17.39 -8.63
N LEU B 192 37.88 17.18 -9.41
CA LEU B 192 39.10 16.60 -8.88
C LEU B 192 40.23 16.92 -9.84
N SER B 193 41.33 17.44 -9.31
CA SER B 193 42.46 17.79 -10.16
C SER B 193 43.79 17.37 -9.55
N LEU B 194 44.66 16.84 -10.40
CA LEU B 194 46.00 16.44 -9.99
C LEU B 194 47.02 17.51 -10.38
N SER B 195 48.14 17.56 -9.65
CA SER B 195 49.18 18.54 -9.94
C SER B 195 49.87 18.22 -11.26
N THR B 196 49.63 17.03 -11.78
CA THR B 196 50.39 16.55 -12.93
C THR B 196 49.54 16.33 -14.19
N ASP B 197 48.23 16.54 -14.10
CA ASP B 197 47.34 16.16 -15.19
C ASP B 197 47.44 17.05 -16.43
N TYR B 198 48.44 17.92 -16.47
CA TYR B 198 48.80 18.58 -17.72
C TYR B 198 49.80 17.72 -18.48
N ALA B 199 50.80 17.22 -17.75
CA ALA B 199 51.79 16.31 -18.31
C ALA B 199 51.11 15.02 -18.74
N LEU B 200 50.13 14.60 -17.95
CA LEU B 200 49.36 13.39 -18.25
C LEU B 200 48.59 13.55 -19.56
N ARG B 201 48.18 14.77 -19.87
CA ARG B 201 47.39 15.03 -21.06
C ARG B 201 48.19 14.98 -22.36
N ILE B 202 49.43 15.44 -22.32
CA ILE B 202 50.21 15.59 -23.54
C ILE B 202 51.19 14.44 -23.77
N GLY B 203 51.39 13.61 -22.76
CA GLY B 203 52.26 12.45 -22.89
C GLY B 203 53.65 12.79 -23.35
N ALA B 204 53.92 12.52 -24.62
CA ALA B 204 55.26 12.68 -25.18
C ALA B 204 55.43 13.97 -25.97
N PHE B 205 54.33 14.68 -26.21
CA PHE B 205 54.40 15.93 -26.95
C PHE B 205 54.94 17.05 -26.07
N ASP B 206 55.18 18.22 -26.66
CA ASP B 206 55.67 19.37 -25.90
C ASP B 206 55.06 20.67 -26.39
N HIS B 207 55.67 21.79 -25.98
CA HIS B 207 55.13 23.12 -26.26
C HIS B 207 55.26 23.49 -27.74
N THR B 208 56.15 22.80 -28.44
CA THR B 208 56.38 23.08 -29.86
C THR B 208 55.55 22.16 -30.75
N GLY B 209 55.12 21.04 -30.19
CA GLY B 209 54.30 20.10 -30.94
C GLY B 209 55.13 19.00 -31.58
N LYS B 210 56.40 18.92 -31.19
CA LYS B 210 57.32 17.91 -31.73
C LYS B 210 56.86 16.49 -31.40
N LYS B 211 56.64 15.70 -32.44
CA LYS B 211 56.20 14.32 -32.28
C LYS B 211 57.38 13.38 -32.14
N PRO B 212 57.21 12.28 -31.39
CA PRO B 212 58.25 11.26 -31.30
C PRO B 212 58.41 10.54 -32.64
N SER B 213 59.61 10.01 -32.88
CA SER B 213 59.88 9.35 -34.15
C SER B 213 59.63 7.84 -34.07
N THR B 214 59.52 7.34 -32.84
CA THR B 214 59.39 5.91 -32.61
C THR B 214 58.73 5.69 -31.25
N PRO B 215 57.81 4.72 -31.16
CA PRO B 215 57.14 4.32 -29.91
C PRO B 215 58.05 4.22 -28.68
N GLU B 216 59.34 3.97 -28.88
CA GLU B 216 60.30 3.99 -27.79
C GLU B 216 60.57 5.42 -27.31
N GLU B 217 60.71 6.34 -28.26
CA GLU B 217 60.90 7.75 -27.92
C GLU B 217 59.68 8.30 -27.22
N ALA B 218 58.50 7.82 -27.64
CA ALA B 218 57.24 8.24 -27.03
C ALA B 218 57.17 7.77 -25.58
N GLN B 219 57.80 6.64 -25.30
CA GLN B 219 57.85 6.11 -23.94
C GLN B 219 58.80 6.92 -23.08
N LYS B 220 59.82 7.49 -23.71
CA LYS B 220 60.84 8.26 -23.02
C LYS B 220 60.34 9.65 -22.61
N LYS B 221 60.00 10.46 -23.61
CA LYS B 221 59.60 11.84 -23.37
C LYS B 221 58.36 11.92 -22.48
N ALA B 222 57.53 10.89 -22.52
CA ALA B 222 56.37 10.80 -21.64
C ALA B 222 56.82 10.77 -20.18
N LEU B 223 57.83 9.96 -19.90
CA LEU B 223 58.39 9.88 -18.56
C LEU B 223 59.24 11.12 -18.27
N GLU B 224 59.81 11.67 -19.32
CA GLU B 224 60.61 12.89 -19.20
C GLU B 224 59.74 14.06 -18.77
N ASN B 225 58.64 14.26 -19.50
CA ASN B 225 57.72 15.36 -19.20
C ASN B 225 57.02 15.19 -17.86
N TYR B 226 56.78 13.95 -17.46
CA TYR B 226 56.09 13.67 -16.20
C TYR B 226 57.01 13.88 -15.00
N GLU B 227 58.27 13.45 -15.11
CA GLU B 227 59.23 13.61 -14.04
C GLU B 227 59.68 15.06 -13.93
N LYS B 228 59.54 15.78 -15.04
CA LYS B 228 59.89 17.20 -15.12
C LYS B 228 59.11 18.04 -14.10
N ILE B 229 57.88 17.63 -13.82
CA ILE B 229 56.98 18.42 -13.01
C ILE B 229 56.73 17.84 -11.61
N CYS B 230 56.51 16.54 -11.54
CA CYS B 230 56.17 15.88 -10.28
C CYS B 230 57.38 15.77 -9.35
N LYS B 231 58.56 16.07 -9.87
CA LYS B 231 59.76 16.08 -9.06
C LYS B 231 60.21 17.51 -8.78
N LYS B 232 60.21 17.89 -7.51
CA LYS B 232 60.62 19.23 -7.11
C LYS B 232 61.57 19.17 -5.91
N ASN B 233 61.71 17.98 -5.35
CA ASN B 233 62.56 17.76 -4.18
C ASN B 233 63.60 16.68 -4.41
N GLY B 234 63.36 15.84 -5.42
CA GLY B 234 64.26 14.74 -5.73
C GLY B 234 63.52 13.44 -5.99
N ASN B 235 62.26 13.39 -5.59
CA ASN B 235 61.42 12.22 -5.86
C ASN B 235 60.02 12.62 -6.34
N SER B 236 59.34 11.69 -6.99
CA SER B 236 58.04 11.97 -7.60
C SER B 236 56.93 12.15 -6.58
N GLU B 237 56.29 13.31 -6.62
CA GLU B 237 55.16 13.62 -5.75
C GLU B 237 54.06 14.36 -6.51
N GLU B 238 52.88 13.74 -6.63
CA GLU B 238 51.76 14.40 -7.29
C GLU B 238 50.66 14.72 -6.28
N MET B 239 50.14 15.93 -6.36
CA MET B 239 49.16 16.43 -5.42
C MET B 239 47.75 16.34 -6.00
N MET B 240 46.73 16.44 -5.14
CA MET B 240 45.35 16.39 -5.61
C MET B 240 44.49 17.41 -4.88
N VAL B 241 43.66 18.11 -5.64
CA VAL B 241 42.67 19.01 -5.05
C VAL B 241 41.25 18.53 -5.35
N THR B 242 40.37 18.63 -4.37
CA THR B 242 38.98 18.24 -4.53
C THR B 242 38.07 19.42 -4.26
N ALA B 243 36.94 19.46 -4.96
CA ALA B 243 35.95 20.51 -4.75
C ALA B 243 34.61 19.90 -4.41
N SER B 244 33.87 20.54 -3.52
CA SER B 244 32.57 20.02 -3.12
C SER B 244 31.53 21.10 -2.84
N ASP B 245 30.32 20.66 -2.52
CA ASP B 245 29.21 21.58 -2.26
C ASP B 245 29.20 22.12 -0.83
N ASP B 246 30.23 21.77 -0.07
CA ASP B 246 30.37 22.29 1.28
C ASP B 246 31.22 23.56 1.26
N TYR B 247 31.33 24.15 0.08
CA TYR B 247 32.01 25.42 -0.16
C TYR B 247 33.52 25.34 0.03
N THR B 248 34.05 24.15 0.28
CA THR B 248 35.47 24.02 0.62
C THR B 248 36.23 23.14 -0.37
N MET B 249 37.55 23.08 -0.18
CA MET B 249 38.42 22.22 -0.97
C MET B 249 39.48 21.59 -0.08
N PHE B 250 40.07 20.50 -0.55
CA PHE B 250 41.14 19.83 0.19
C PHE B 250 42.34 19.51 -0.68
N LEU B 251 43.53 19.79 -0.17
CA LEU B 251 44.76 19.44 -0.86
C LEU B 251 45.29 18.14 -0.30
N TRP B 252 45.71 17.23 -1.18
CA TRP B 252 46.13 15.90 -0.77
C TRP B 252 47.49 15.49 -1.30
N ASN B 253 48.09 14.52 -0.61
CA ASN B 253 49.14 13.69 -1.20
C ASN B 253 48.77 12.26 -0.88
N PRO B 254 47.78 11.72 -1.61
CA PRO B 254 47.05 10.49 -1.31
C PRO B 254 47.94 9.26 -1.09
N LEU B 255 48.90 9.05 -1.97
CA LEU B 255 49.81 7.93 -1.82
C LEU B 255 50.68 8.11 -0.58
N LYS B 256 51.14 9.33 -0.37
CA LYS B 256 52.02 9.64 0.76
C LYS B 256 51.27 9.63 2.10
N SER B 257 50.09 10.25 2.12
CA SER B 257 49.29 10.31 3.32
C SER B 257 47.80 10.33 3.03
N THR B 258 47.02 9.68 3.89
CA THR B 258 45.57 9.60 3.72
C THR B 258 44.86 10.78 4.37
N LYS B 259 45.62 11.73 4.88
CA LYS B 259 45.07 12.89 5.58
C LYS B 259 45.39 14.17 4.80
N PRO B 260 44.42 15.10 4.73
CA PRO B 260 44.58 16.32 3.91
C PRO B 260 45.77 17.16 4.33
N ILE B 261 46.50 17.69 3.35
CA ILE B 261 47.59 18.60 3.62
C ILE B 261 47.03 19.92 4.14
N ALA B 262 45.95 20.39 3.51
CA ALA B 262 45.34 21.65 3.90
C ALA B 262 43.85 21.68 3.58
N ARG B 263 43.08 22.40 4.40
CA ARG B 263 41.68 22.65 4.13
C ARG B 263 41.47 24.10 3.68
N MET B 264 41.43 24.33 2.38
CA MET B 264 41.30 25.68 1.85
C MET B 264 39.84 26.13 1.73
N THR B 265 39.48 27.15 2.50
CA THR B 265 38.11 27.61 2.60
C THR B 265 38.01 29.09 2.26
N GLY B 266 36.80 29.56 2.00
CA GLY B 266 36.58 30.98 1.74
C GLY B 266 35.49 31.30 0.73
N HIS B 267 35.16 30.33 -0.13
CA HIS B 267 34.09 30.52 -1.09
C HIS B 267 32.74 30.61 -0.38
N GLN B 268 31.84 31.43 -0.91
CA GLN B 268 30.54 31.66 -0.29
C GLN B 268 29.48 30.70 -0.81
N LYS B 269 29.80 30.03 -1.91
CA LYS B 269 28.93 28.99 -2.46
C LYS B 269 29.78 27.82 -2.93
N LEU B 270 29.13 26.85 -3.56
CA LEU B 270 29.80 25.60 -3.93
C LEU B 270 30.93 25.83 -4.93
N VAL B 271 31.99 25.05 -4.79
CA VAL B 271 33.09 25.09 -5.75
C VAL B 271 32.82 24.05 -6.84
N ASN B 272 32.61 24.53 -8.05
CA ASN B 272 32.20 23.66 -9.15
C ASN B 272 33.35 23.06 -9.94
N HIS B 273 34.47 23.77 -9.98
CA HIS B 273 35.60 23.32 -10.78
C HIS B 273 36.92 23.77 -10.17
N VAL B 274 37.94 22.95 -10.32
CA VAL B 274 39.27 23.27 -9.80
C VAL B 274 40.35 22.72 -10.75
N ALA B 275 41.46 23.43 -10.85
CA ALA B 275 42.52 23.03 -11.78
C ALA B 275 43.90 23.47 -11.33
N PHE B 276 44.81 22.50 -11.18
CA PHE B 276 46.22 22.78 -10.94
C PHE B 276 46.85 23.49 -12.12
N SER B 277 47.92 24.23 -11.86
CA SER B 277 48.75 24.82 -12.91
C SER B 277 49.44 23.73 -13.73
N PRO B 278 49.84 24.07 -14.97
CA PRO B 278 50.64 23.13 -15.78
C PRO B 278 51.94 22.72 -15.11
N ASP B 279 52.45 23.54 -14.20
CA ASP B 279 53.65 23.18 -13.46
C ASP B 279 53.31 22.87 -12.01
N GLY B 280 52.02 22.85 -11.70
CA GLY B 280 51.56 22.52 -10.36
C GLY B 280 51.88 23.57 -9.31
N ARG B 281 52.27 24.76 -9.76
CA ARG B 281 52.65 25.83 -8.83
C ARG B 281 51.43 26.50 -8.21
N TYR B 282 50.42 26.77 -9.03
CA TYR B 282 49.22 27.44 -8.54
C TYR B 282 48.02 26.50 -8.53
N ILE B 283 47.00 26.84 -7.74
CA ILE B 283 45.71 26.18 -7.79
C ILE B 283 44.62 27.22 -8.00
N VAL B 284 43.69 26.96 -8.90
CA VAL B 284 42.62 27.92 -9.20
C VAL B 284 41.27 27.22 -9.12
N SER B 285 40.28 27.91 -8.54
CA SER B 285 38.97 27.30 -8.29
C SER B 285 37.82 28.19 -8.74
N ALA B 286 36.84 27.59 -9.43
CA ALA B 286 35.66 28.32 -9.88
C ALA B 286 34.45 27.95 -9.03
N SER B 287 33.69 28.94 -8.61
CA SER B 287 32.54 28.71 -7.73
C SER B 287 31.31 29.46 -8.20
N PHE B 288 30.17 29.12 -7.62
CA PHE B 288 28.89 29.73 -7.99
C PHE B 288 28.69 31.08 -7.32
N ASP B 289 29.67 31.52 -6.53
CA ASP B 289 29.60 32.83 -5.90
C ASP B 289 30.26 33.89 -6.78
N ASN B 290 30.31 33.59 -8.08
CA ASN B 290 30.81 34.50 -9.11
C ASN B 290 32.29 34.83 -8.97
N SER B 291 32.97 34.11 -8.10
CA SER B 291 34.37 34.39 -7.82
C SER B 291 35.29 33.28 -8.33
N ILE B 292 36.56 33.62 -8.50
CA ILE B 292 37.61 32.65 -8.77
C ILE B 292 38.74 32.90 -7.79
N LYS B 293 39.09 31.90 -7.01
CA LYS B 293 40.11 32.10 -6.00
C LYS B 293 41.41 31.38 -6.35
N LEU B 294 42.51 32.01 -5.97
CA LEU B 294 43.85 31.53 -6.31
C LEU B 294 44.58 31.04 -5.08
N TRP B 295 45.15 29.84 -5.16
CA TRP B 295 45.79 29.22 -4.02
C TRP B 295 47.19 28.73 -4.37
N ASP B 296 48.02 28.49 -3.37
CA ASP B 296 49.37 27.96 -3.58
C ASP B 296 49.33 26.44 -3.75
N GLY B 297 49.95 25.95 -4.82
CA GLY B 297 49.89 24.53 -5.14
C GLY B 297 50.66 23.62 -4.21
N ARG B 298 51.58 24.19 -3.43
CA ARG B 298 52.42 23.39 -2.55
C ARG B 298 51.82 23.19 -1.16
N ASP B 299 51.35 24.26 -0.54
CA ASP B 299 50.87 24.20 0.84
C ASP B 299 49.40 24.59 0.98
N GLY B 300 48.84 25.16 -0.08
CA GLY B 300 47.41 25.43 -0.11
C GLY B 300 46.96 26.72 0.55
N LYS B 301 47.87 27.68 0.68
CA LYS B 301 47.53 28.96 1.28
C LYS B 301 46.81 29.86 0.27
N PHE B 302 45.83 30.62 0.76
CA PHE B 302 45.08 31.55 -0.08
C PHE B 302 45.95 32.69 -0.60
N ILE B 303 45.79 33.04 -1.86
CA ILE B 303 46.58 34.11 -2.47
C ILE B 303 45.74 35.33 -2.84
N SER B 304 44.81 35.14 -3.77
CA SER B 304 44.01 36.26 -4.25
C SER B 304 42.67 35.79 -4.82
N THR B 305 41.74 36.73 -4.97
CA THR B 305 40.44 36.44 -5.57
C THR B 305 40.28 37.18 -6.89
N PHE B 306 39.81 36.47 -7.91
CA PHE B 306 39.57 37.08 -9.21
C PHE B 306 38.11 37.48 -9.33
N ARG B 307 37.86 38.77 -9.41
CA ARG B 307 36.49 39.28 -9.40
C ARG B 307 36.13 39.99 -10.70
N GLY B 308 34.86 39.90 -11.08
CA GLY B 308 34.38 40.57 -12.27
C GLY B 308 33.22 39.84 -12.94
N HIS B 309 33.05 38.57 -12.60
CA HIS B 309 31.93 37.80 -13.12
C HIS B 309 30.66 38.19 -12.39
N VAL B 310 29.56 38.27 -13.12
CA VAL B 310 28.29 38.76 -12.56
C VAL B 310 27.40 37.58 -12.18
N ALA B 311 27.73 36.41 -12.71
CA ALA B 311 26.98 35.20 -12.41
C ALA B 311 27.92 34.07 -12.02
N SER B 312 27.35 32.91 -11.74
CA SER B 312 28.13 31.75 -11.29
C SER B 312 29.20 31.36 -12.30
N VAL B 313 30.42 31.13 -11.81
CA VAL B 313 31.51 30.69 -12.66
C VAL B 313 31.46 29.17 -12.81
N TYR B 314 31.52 28.69 -14.04
CA TYR B 314 31.34 27.27 -14.32
C TYR B 314 32.66 26.52 -14.48
N GLN B 315 33.65 27.15 -15.11
CA GLN B 315 34.87 26.42 -15.44
C GLN B 315 36.07 27.33 -15.69
N VAL B 316 37.25 26.83 -15.38
CA VAL B 316 38.50 27.54 -15.60
C VAL B 316 39.53 26.69 -16.34
N ALA B 317 40.32 27.32 -17.20
CA ALA B 317 41.34 26.61 -17.96
C ALA B 317 42.67 27.36 -17.96
N TRP B 318 43.76 26.66 -17.66
CA TRP B 318 45.08 27.25 -17.62
C TRP B 318 45.73 27.32 -18.99
N SER B 319 46.44 28.42 -19.25
CA SER B 319 47.32 28.48 -20.40
C SER B 319 48.60 27.74 -20.03
N SER B 320 49.35 27.31 -21.03
CA SER B 320 50.55 26.50 -20.77
C SER B 320 51.66 27.29 -20.07
N ASP B 321 51.61 28.61 -20.17
CA ASP B 321 52.67 29.46 -19.66
C ASP B 321 52.56 29.72 -18.16
N CYS B 322 51.53 29.14 -17.55
CA CYS B 322 51.33 29.21 -16.10
C CYS B 322 51.22 30.63 -15.56
N ARG B 323 50.84 31.57 -16.42
CA ARG B 323 50.66 32.96 -16.00
C ARG B 323 49.21 33.37 -16.20
N LEU B 324 48.58 32.87 -17.25
CA LEU B 324 47.22 33.24 -17.58
C LEU B 324 46.25 32.07 -17.44
N LEU B 325 44.96 32.38 -17.43
CA LEU B 325 43.92 31.38 -17.31
C LEU B 325 42.59 31.96 -17.75
N VAL B 326 41.74 31.14 -18.35
CA VAL B 326 40.46 31.62 -18.87
C VAL B 326 39.30 31.02 -18.09
N SER B 327 38.22 31.80 -17.94
CA SER B 327 37.04 31.31 -17.25
C SER B 327 35.76 31.61 -18.02
N CYS B 328 34.79 30.71 -17.90
CA CYS B 328 33.46 30.93 -18.47
C CYS B 328 32.41 30.95 -17.36
N SER B 329 31.32 31.66 -17.57
CA SER B 329 30.30 31.78 -16.54
C SER B 329 28.90 31.91 -17.09
N LYS B 330 27.92 31.87 -16.18
CA LYS B 330 26.53 32.01 -16.55
C LYS B 330 26.24 33.38 -17.15
N ASP B 331 27.09 34.36 -16.85
CA ASP B 331 26.89 35.72 -17.33
C ASP B 331 27.40 35.91 -18.76
N THR B 332 27.44 34.82 -19.52
CA THR B 332 27.71 34.83 -20.96
C THR B 332 29.10 35.31 -21.37
N THR B 333 29.94 35.66 -20.41
CA THR B 333 31.24 36.23 -20.73
C THR B 333 32.42 35.28 -20.48
N LEU B 334 33.50 35.51 -21.21
CA LEU B 334 34.76 34.83 -20.95
C LEU B 334 35.74 35.85 -20.41
N LYS B 335 36.51 35.46 -19.40
CA LYS B 335 37.54 36.34 -18.87
C LYS B 335 38.84 35.59 -18.65
N VAL B 336 39.94 36.17 -19.13
CA VAL B 336 41.25 35.60 -18.88
C VAL B 336 42.04 36.45 -17.88
N TRP B 337 42.47 35.81 -16.80
CA TRP B 337 43.08 36.49 -15.66
C TRP B 337 44.59 36.31 -15.63
N ASP B 338 45.28 37.22 -14.95
CA ASP B 338 46.73 37.13 -14.82
C ASP B 338 47.11 36.86 -13.37
N VAL B 339 47.82 35.76 -13.14
CA VAL B 339 48.17 35.32 -11.79
C VAL B 339 49.24 36.19 -11.13
N ARG B 340 50.12 36.79 -11.93
CA ARG B 340 51.18 37.63 -11.38
C ARG B 340 50.67 39.01 -10.94
N THR B 341 49.79 39.59 -11.73
CA THR B 341 49.23 40.90 -11.39
C THR B 341 48.02 40.71 -10.49
N ARG B 342 47.60 39.45 -10.34
CA ARG B 342 46.47 39.08 -9.51
C ARG B 342 45.19 39.80 -9.87
N LYS B 343 45.04 40.14 -11.16
CA LYS B 343 43.84 40.79 -11.64
C LYS B 343 43.60 40.51 -13.12
N LEU B 344 42.50 41.03 -13.64
CA LEU B 344 42.05 40.76 -15.00
C LEU B 344 43.06 41.16 -16.07
N SER B 345 43.26 40.30 -17.07
CA SER B 345 44.15 40.60 -18.19
C SER B 345 43.39 41.28 -19.32
N VAL B 346 42.52 40.53 -19.98
CA VAL B 346 41.67 41.11 -21.02
C VAL B 346 40.28 40.45 -21.00
N ASP B 347 39.27 41.25 -21.32
CA ASP B 347 37.89 40.76 -21.37
C ASP B 347 37.58 40.35 -22.81
N LEU B 348 36.85 39.26 -22.98
CA LEU B 348 36.67 38.65 -24.29
C LEU B 348 35.26 38.87 -24.82
N PRO B 349 35.08 38.81 -26.15
CA PRO B 349 33.80 39.26 -26.73
C PRO B 349 32.64 38.36 -26.32
N GLY B 350 32.95 37.09 -26.01
CA GLY B 350 31.97 36.17 -25.48
C GLY B 350 30.72 35.91 -26.29
N HIS B 351 29.79 35.22 -25.65
CA HIS B 351 28.58 34.71 -26.30
C HIS B 351 27.35 35.55 -26.00
N LYS B 352 26.19 35.08 -26.47
CA LYS B 352 24.92 35.76 -26.23
C LYS B 352 24.14 35.05 -25.11
N ASP B 353 24.61 33.87 -24.73
CA ASP B 353 23.98 33.11 -23.66
C ASP B 353 25.04 32.41 -22.80
N GLU B 354 24.60 31.52 -21.91
CA GLU B 354 25.50 30.87 -20.97
C GLU B 354 26.60 30.07 -21.67
N VAL B 355 27.82 30.18 -21.16
CA VAL B 355 28.97 29.44 -21.69
C VAL B 355 29.28 28.25 -20.80
N TYR B 356 29.20 27.04 -21.37
CA TYR B 356 29.31 25.82 -20.59
C TYR B 356 30.71 25.23 -20.54
N THR B 357 31.57 25.61 -21.48
CA THR B 357 32.88 24.96 -21.58
C THR B 357 33.97 25.85 -22.17
N VAL B 358 35.20 25.66 -21.68
CA VAL B 358 36.36 26.37 -22.21
C VAL B 358 37.57 25.45 -22.27
N ASP B 359 38.61 25.91 -22.98
CA ASP B 359 39.88 25.19 -23.02
C ASP B 359 40.98 26.05 -23.63
N TRP B 360 42.17 25.97 -23.05
CA TRP B 360 43.36 26.58 -23.61
C TRP B 360 44.06 25.54 -24.47
N SER B 361 44.57 25.95 -25.63
CA SER B 361 45.39 25.07 -26.45
C SER B 361 46.66 24.71 -25.70
N VAL B 362 47.26 23.57 -26.04
CA VAL B 362 48.45 23.09 -25.35
C VAL B 362 49.63 24.02 -25.56
N ASP B 363 49.72 24.62 -26.73
CA ASP B 363 50.82 25.54 -27.02
C ASP B 363 50.53 26.94 -26.50
N GLY B 364 49.30 27.16 -26.04
CA GLY B 364 48.92 28.44 -25.48
C GLY B 364 48.65 29.49 -26.53
N LYS B 365 48.24 29.05 -27.71
CA LYS B 365 47.95 29.95 -28.81
C LYS B 365 46.49 30.33 -28.86
N ARG B 366 45.61 29.33 -28.72
CA ARG B 366 44.19 29.56 -28.89
C ARG B 366 43.36 29.17 -27.68
N VAL B 367 42.17 29.76 -27.59
CA VAL B 367 41.19 29.42 -26.56
C VAL B 367 39.86 29.13 -27.21
N CYS B 368 39.25 28.00 -26.87
CA CYS B 368 37.96 27.66 -27.45
C CYS B 368 36.89 27.68 -26.37
N SER B 369 35.65 27.89 -26.79
CA SER B 369 34.53 27.97 -25.86
C SER B 369 33.22 27.68 -26.56
N GLY B 370 32.20 27.32 -25.79
CA GLY B 370 30.89 27.03 -26.34
C GLY B 370 29.86 26.95 -25.23
N GLY B 371 28.60 27.16 -25.60
CA GLY B 371 27.55 27.16 -24.60
C GLY B 371 26.13 27.12 -25.15
N LYS B 372 25.26 27.91 -24.54
CA LYS B 372 23.83 27.84 -24.80
C LYS B 372 23.40 28.44 -26.12
N ASP B 373 24.25 29.25 -26.75
CA ASP B 373 23.89 29.85 -28.04
C ASP B 373 24.31 29.00 -29.23
N LYS B 374 24.66 27.74 -28.96
CA LYS B 374 25.00 26.78 -30.01
C LYS B 374 26.20 27.21 -30.86
N MET B 375 27.00 28.14 -30.34
CA MET B 375 28.10 28.70 -31.11
C MET B 375 29.48 28.43 -30.51
N VAL B 376 30.39 27.91 -31.32
CA VAL B 376 31.78 27.77 -30.95
C VAL B 376 32.50 29.08 -31.23
N ARG B 377 33.33 29.53 -30.28
CA ARG B 377 34.14 30.73 -30.52
C ARG B 377 35.61 30.46 -30.28
N LEU B 378 36.45 31.04 -31.13
CA LEU B 378 37.89 30.89 -30.99
C LEU B 378 38.54 32.24 -30.75
N TRP B 379 39.39 32.28 -29.74
CA TRP B 379 40.19 33.47 -29.44
C TRP B 379 41.66 33.13 -29.60
N THR B 380 42.43 34.08 -30.13
CA THR B 380 43.86 33.84 -30.36
C THR B 380 44.71 34.85 -29.60
N HIS B 381 45.61 34.32 -28.77
CA HIS B 381 46.49 35.15 -27.95
C HIS B 381 47.54 35.84 -28.79
N ALA C 4 -19.44 -43.39 15.53
CA ALA C 4 -18.96 -42.39 16.47
C ALA C 4 -17.43 -42.30 16.42
N ILE C 5 -16.94 -41.27 15.74
CA ILE C 5 -15.50 -41.07 15.61
C ILE C 5 -15.08 -39.66 16.06
N ALA C 6 -13.99 -39.60 16.81
CA ALA C 6 -13.46 -38.33 17.30
C ALA C 6 -12.51 -37.71 16.29
N GLY C 7 -11.71 -36.75 16.74
CA GLY C 7 -10.74 -36.08 15.90
C GLY C 7 -10.96 -34.58 15.78
N HIS C 8 -11.96 -34.06 16.47
CA HIS C 8 -12.20 -32.62 16.51
C HIS C 8 -12.07 -32.08 17.92
N GLY C 9 -11.28 -31.02 18.08
CA GLY C 9 -10.99 -30.48 19.40
C GLY C 9 -12.05 -29.53 19.93
N SER C 10 -12.96 -29.11 19.06
CA SER C 10 -14.03 -28.21 19.47
C SER C 10 -15.37 -28.64 18.87
N THR C 11 -16.43 -27.93 19.22
CA THR C 11 -17.77 -28.29 18.77
C THR C 11 -17.94 -28.10 17.27
N ILE C 12 -18.60 -29.06 16.64
CA ILE C 12 -18.80 -29.07 15.19
C ILE C 12 -19.95 -28.15 14.78
N LEU C 13 -19.77 -27.43 13.68
CA LEU C 13 -20.72 -26.40 13.28
C LEU C 13 -21.40 -26.69 11.94
N CYS C 14 -20.77 -27.51 11.12
CA CYS C 14 -21.31 -27.79 9.78
C CYS C 14 -20.72 -29.05 9.16
N SER C 15 -21.39 -29.55 8.12
CA SER C 15 -20.95 -30.75 7.43
C SER C 15 -21.58 -30.89 6.05
N ALA C 16 -20.95 -31.67 5.19
CA ALA C 16 -21.44 -31.90 3.83
C ALA C 16 -20.80 -33.14 3.22
N PHE C 17 -21.62 -33.97 2.57
CA PHE C 17 -21.11 -35.12 1.84
C PHE C 17 -20.58 -34.71 0.48
N ALA C 18 -19.75 -35.54 -0.11
CA ALA C 18 -19.25 -35.29 -1.46
C ALA C 18 -20.37 -35.51 -2.47
N PRO C 19 -20.45 -34.65 -3.49
CA PRO C 19 -21.52 -34.75 -4.50
C PRO C 19 -21.36 -35.92 -5.45
N HIS C 20 -20.23 -36.63 -5.37
CA HIS C 20 -19.96 -37.72 -6.31
C HIS C 20 -19.87 -39.08 -5.62
N THR C 21 -19.69 -39.07 -4.30
CA THR C 21 -19.64 -40.31 -3.54
C THR C 21 -20.07 -40.11 -2.09
N SER C 22 -20.60 -41.16 -1.49
CA SER C 22 -21.03 -41.11 -0.09
C SER C 22 -19.92 -41.61 0.83
N SER C 23 -18.72 -41.74 0.29
CA SER C 23 -17.59 -42.23 1.06
C SER C 23 -16.75 -41.08 1.59
N ARG C 24 -16.93 -39.91 1.00
CA ARG C 24 -16.19 -38.72 1.42
C ARG C 24 -17.11 -37.69 2.06
N MET C 25 -16.64 -37.10 3.15
CA MET C 25 -17.41 -36.12 3.88
C MET C 25 -16.48 -35.07 4.49
N VAL C 26 -16.84 -33.79 4.31
CA VAL C 26 -16.11 -32.71 4.96
C VAL C 26 -16.92 -32.20 6.13
N THR C 27 -16.25 -31.52 7.06
CA THR C 27 -16.92 -31.02 8.26
C THR C 27 -16.16 -29.81 8.79
N GLY C 28 -16.84 -28.97 9.56
CA GLY C 28 -16.23 -27.77 10.09
C GLY C 28 -16.57 -27.56 11.55
N ALA C 29 -15.58 -27.13 12.34
CA ALA C 29 -15.79 -26.97 13.78
C ALA C 29 -15.22 -25.66 14.29
N GLY C 30 -15.26 -25.49 15.61
CA GLY C 30 -14.79 -24.27 16.24
C GLY C 30 -13.34 -24.32 16.66
N ASP C 31 -12.62 -25.34 16.18
CA ASP C 31 -11.19 -25.43 16.44
C ASP C 31 -10.43 -24.81 15.28
N ASN C 32 -11.13 -23.96 14.53
CA ASN C 32 -10.60 -23.22 13.40
C ASN C 32 -10.14 -24.12 12.25
N THR C 33 -10.44 -25.40 12.35
CA THR C 33 -10.03 -26.36 11.32
C THR C 33 -11.23 -27.05 10.69
N ALA C 34 -10.98 -27.73 9.57
CA ALA C 34 -11.99 -28.54 8.91
C ALA C 34 -11.40 -29.91 8.64
N ARG C 35 -12.25 -30.93 8.50
CA ARG C 35 -11.75 -32.28 8.30
C ARG C 35 -12.50 -33.06 7.25
N ILE C 36 -11.75 -33.79 6.43
CA ILE C 36 -12.33 -34.71 5.45
C ILE C 36 -12.27 -36.13 6.01
N TRP C 37 -13.31 -36.91 5.76
CA TRP C 37 -13.44 -38.23 6.38
C TRP C 37 -13.60 -39.33 5.34
N ASP C 38 -13.21 -40.54 5.72
CA ASP C 38 -13.52 -41.71 4.92
C ASP C 38 -14.68 -42.42 5.59
N CYS C 39 -15.86 -42.30 5.00
CA CYS C 39 -17.07 -42.84 5.62
C CYS C 39 -17.13 -44.36 5.48
N ASP C 40 -16.25 -44.91 4.65
CA ASP C 40 -16.18 -46.35 4.48
C ASP C 40 -15.45 -46.99 5.65
N THR C 41 -14.49 -46.28 6.22
CA THR C 41 -13.68 -46.80 7.30
C THR C 41 -13.87 -46.03 8.60
N GLN C 42 -14.72 -45.00 8.55
CA GLN C 42 -15.02 -44.17 9.72
C GLN C 42 -13.75 -43.60 10.35
N THR C 43 -12.90 -43.00 9.54
CA THR C 43 -11.62 -42.49 10.00
C THR C 43 -11.26 -41.17 9.32
N PRO C 44 -10.47 -40.34 10.01
CA PRO C 44 -10.05 -39.06 9.41
C PRO C 44 -9.16 -39.27 8.20
N MET C 45 -9.12 -38.28 7.32
CA MET C 45 -8.39 -38.36 6.07
C MET C 45 -7.42 -37.20 5.93
N HIS C 46 -7.94 -35.99 6.10
CA HIS C 46 -7.14 -34.79 6.00
C HIS C 46 -7.60 -33.77 7.02
N THR C 47 -6.70 -32.87 7.42
CA THR C 47 -7.06 -31.78 8.30
C THR C 47 -6.77 -30.45 7.63
N LEU C 48 -7.78 -29.60 7.55
CA LEU C 48 -7.69 -28.36 6.80
C LEU C 48 -7.38 -27.17 7.72
N LYS C 49 -6.20 -26.58 7.53
CA LYS C 49 -5.75 -25.51 8.41
C LYS C 49 -5.45 -24.22 7.66
N GLY C 50 -5.66 -23.09 8.33
CA GLY C 50 -5.42 -21.78 7.74
C GLY C 50 -6.46 -20.75 8.11
N HIS C 51 -7.35 -21.09 9.04
CA HIS C 51 -8.35 -20.16 9.51
C HIS C 51 -8.04 -19.67 10.91
N TYR C 52 -8.25 -18.38 11.15
CA TYR C 52 -7.93 -17.77 12.43
C TYR C 52 -9.10 -17.86 13.41
N ASN C 53 -10.24 -18.34 12.92
CA ASN C 53 -11.43 -18.43 13.74
C ASN C 53 -12.31 -19.60 13.35
N TRP C 54 -13.48 -19.70 13.99
CA TRP C 54 -14.40 -20.82 13.75
C TRP C 54 -14.75 -20.97 12.28
N VAL C 55 -14.82 -22.21 11.82
CA VAL C 55 -15.31 -22.52 10.49
C VAL C 55 -16.83 -22.66 10.52
N LEU C 56 -17.52 -21.70 9.94
CA LEU C 56 -18.97 -21.62 10.08
C LEU C 56 -19.71 -22.46 9.05
N CYS C 57 -19.22 -22.50 7.83
CA CYS C 57 -19.91 -23.24 6.78
C CYS C 57 -18.96 -23.84 5.75
N VAL C 58 -19.23 -25.08 5.36
CA VAL C 58 -18.45 -25.76 4.35
C VAL C 58 -19.36 -26.13 3.18
N SER C 59 -18.82 -26.07 1.98
CA SER C 59 -19.60 -26.34 0.78
C SER C 59 -18.75 -26.92 -0.34
N TRP C 60 -19.08 -28.13 -0.76
CA TRP C 60 -18.39 -28.76 -1.88
C TRP C 60 -18.70 -28.06 -3.18
N SER C 61 -17.86 -28.32 -4.18
CA SER C 61 -18.10 -27.81 -5.52
C SER C 61 -18.87 -28.86 -6.30
N PRO C 62 -19.87 -28.43 -7.10
CA PRO C 62 -20.72 -29.35 -7.87
C PRO C 62 -19.96 -30.19 -8.88
N ASP C 63 -18.67 -29.94 -9.03
CA ASP C 63 -17.82 -30.79 -9.86
C ASP C 63 -17.01 -31.76 -9.01
N GLY C 64 -16.93 -31.47 -7.71
CA GLY C 64 -16.26 -32.36 -6.78
C GLY C 64 -14.77 -32.09 -6.68
N GLU C 65 -14.31 -31.05 -7.37
CA GLU C 65 -12.88 -30.77 -7.48
C GLU C 65 -12.35 -29.88 -6.36
N VAL C 66 -13.21 -29.01 -5.83
CA VAL C 66 -12.79 -28.03 -4.83
C VAL C 66 -13.72 -28.03 -3.61
N ILE C 67 -13.15 -27.82 -2.43
CA ILE C 67 -13.93 -27.61 -1.22
C ILE C 67 -13.79 -26.18 -0.73
N ALA C 68 -14.89 -25.44 -0.72
CA ALA C 68 -14.89 -24.08 -0.19
C ALA C 68 -15.25 -24.08 1.29
N THR C 69 -14.75 -23.09 2.02
CA THR C 69 -15.08 -22.97 3.43
C THR C 69 -15.17 -21.51 3.88
N GLY C 70 -16.18 -21.22 4.70
CA GLY C 70 -16.39 -19.88 5.23
C GLY C 70 -16.12 -19.88 6.72
N SER C 71 -15.75 -18.72 7.26
CA SER C 71 -15.36 -18.68 8.67
C SER C 71 -15.72 -17.39 9.38
N MET C 72 -15.52 -17.41 10.70
CA MET C 72 -15.77 -16.27 11.58
C MET C 72 -14.72 -15.18 11.34
N ASP C 73 -13.63 -15.56 10.68
CA ASP C 73 -12.54 -14.62 10.38
C ASP C 73 -12.77 -13.83 9.10
N ASN C 74 -14.02 -13.79 8.64
CA ASN C 74 -14.42 -12.97 7.50
C ASN C 74 -13.77 -13.38 6.17
N THR C 75 -13.20 -14.57 6.12
CA THR C 75 -12.50 -15.02 4.92
C THR C 75 -13.04 -16.32 4.34
N ILE C 76 -12.63 -16.63 3.11
CA ILE C 76 -13.00 -17.87 2.45
C ILE C 76 -11.76 -18.59 1.94
N ARG C 77 -11.73 -19.91 2.10
CA ARG C 77 -10.60 -20.72 1.61
C ARG C 77 -11.04 -21.88 0.74
N LEU C 78 -10.30 -22.12 -0.33
CA LEU C 78 -10.53 -23.24 -1.22
C LEU C 78 -9.54 -24.35 -0.94
N TRP C 79 -9.98 -25.60 -1.09
CA TRP C 79 -9.15 -26.74 -0.75
C TRP C 79 -9.26 -27.84 -1.79
N ASP C 80 -8.24 -28.69 -1.87
CA ASP C 80 -8.29 -29.85 -2.75
C ASP C 80 -8.61 -31.10 -1.94
N PRO C 81 -9.79 -31.69 -2.17
CA PRO C 81 -10.38 -32.80 -1.42
C PRO C 81 -9.53 -34.07 -1.35
N LYS C 82 -8.56 -34.22 -2.25
CA LYS C 82 -7.72 -35.40 -2.25
C LYS C 82 -6.44 -35.15 -1.45
N SER C 83 -5.85 -33.98 -1.67
CA SER C 83 -4.57 -33.63 -1.06
C SER C 83 -4.73 -33.03 0.34
N GLY C 84 -5.70 -32.12 0.49
CA GLY C 84 -5.95 -31.49 1.78
C GLY C 84 -5.20 -30.19 2.01
N GLN C 85 -4.85 -29.51 0.91
CA GLN C 85 -4.09 -28.27 0.99
C GLN C 85 -4.93 -27.06 0.60
N CYS C 86 -4.67 -25.93 1.25
CA CYS C 86 -5.31 -24.68 0.85
C CYS C 86 -4.72 -24.28 -0.50
N LEU C 87 -5.58 -23.95 -1.46
CA LEU C 87 -5.14 -23.67 -2.82
C LEU C 87 -4.65 -22.25 -2.99
N GLY C 88 -3.88 -21.76 -2.03
CA GLY C 88 -3.35 -20.41 -2.08
C GLY C 88 -3.72 -19.61 -0.85
N ASP C 89 -3.79 -18.29 -0.98
CA ASP C 89 -4.13 -17.44 0.16
C ASP C 89 -5.65 -17.27 0.22
N ALA C 90 -6.14 -16.82 1.36
CA ALA C 90 -7.57 -16.67 1.59
C ALA C 90 -8.20 -15.63 0.67
N LEU C 91 -9.53 -15.70 0.54
CA LEU C 91 -10.27 -14.77 -0.28
C LEU C 91 -10.85 -13.66 0.61
N ARG C 92 -10.17 -12.52 0.64
CA ARG C 92 -10.51 -11.46 1.58
C ARG C 92 -11.38 -10.38 0.92
N GLY C 93 -12.03 -9.58 1.76
CA GLY C 93 -12.93 -8.55 1.28
C GLY C 93 -14.26 -8.51 2.00
N HIS C 94 -14.44 -9.40 2.97
CA HIS C 94 -15.62 -9.34 3.84
C HIS C 94 -15.22 -8.74 5.19
N SER C 95 -16.08 -7.89 5.74
CA SER C 95 -15.76 -7.19 6.98
C SER C 95 -16.33 -7.88 8.23
N LYS C 96 -17.30 -8.76 8.02
CA LYS C 96 -17.84 -9.56 9.12
C LYS C 96 -17.87 -11.04 8.73
N TRP C 97 -18.38 -11.88 9.62
CA TRP C 97 -18.28 -13.33 9.42
C TRP C 97 -19.10 -13.83 8.23
N ILE C 98 -18.64 -14.93 7.63
CA ILE C 98 -19.33 -15.55 6.51
C ILE C 98 -20.53 -16.35 6.99
N THR C 99 -21.65 -16.24 6.29
CA THR C 99 -22.87 -16.91 6.71
C THR C 99 -23.28 -18.06 5.79
N SER C 100 -22.93 -17.96 4.51
CA SER C 100 -23.34 -18.99 3.57
C SER C 100 -22.45 -19.06 2.33
N LEU C 101 -22.39 -20.24 1.73
CA LEU C 101 -21.66 -20.45 0.49
C LEU C 101 -22.56 -21.09 -0.54
N SER C 102 -22.49 -20.60 -1.77
CA SER C 102 -23.28 -21.15 -2.86
C SER C 102 -22.49 -21.15 -4.16
N TRP C 103 -22.33 -22.33 -4.75
CA TRP C 103 -21.57 -22.47 -5.97
C TRP C 103 -22.41 -22.25 -7.22
N GLU C 104 -21.77 -21.73 -8.26
CA GLU C 104 -22.40 -21.60 -9.56
C GLU C 104 -22.66 -22.99 -10.13
N PRO C 105 -23.89 -23.25 -10.58
CA PRO C 105 -24.23 -24.58 -11.09
C PRO C 105 -23.54 -24.85 -12.43
N ILE C 106 -23.16 -26.09 -12.66
CA ILE C 106 -22.38 -26.46 -13.84
C ILE C 106 -23.09 -26.15 -15.15
N HIS C 107 -24.41 -26.30 -15.18
CA HIS C 107 -25.16 -26.13 -16.42
C HIS C 107 -25.11 -24.69 -16.93
N LEU C 108 -24.86 -23.75 -16.02
CA LEU C 108 -24.69 -22.36 -16.42
C LEU C 108 -23.22 -22.00 -16.57
N VAL C 109 -22.36 -23.03 -16.57
CA VAL C 109 -20.94 -22.81 -16.72
C VAL C 109 -20.41 -23.42 -18.02
N LYS C 110 -19.76 -22.60 -18.83
CA LYS C 110 -19.18 -23.07 -20.09
C LYS C 110 -18.08 -24.09 -19.83
N PRO C 111 -17.98 -25.11 -20.70
CA PRO C 111 -16.95 -26.13 -20.55
C PRO C 111 -15.56 -25.53 -20.66
N GLY C 112 -14.59 -26.11 -19.95
CA GLY C 112 -13.23 -25.59 -19.91
C GLY C 112 -13.10 -24.41 -18.97
N SER C 113 -14.23 -23.97 -18.40
CA SER C 113 -14.22 -22.91 -17.40
C SER C 113 -14.73 -23.51 -16.09
N LYS C 114 -14.26 -22.97 -14.97
CA LYS C 114 -14.64 -23.50 -13.67
C LYS C 114 -15.72 -22.64 -13.03
N PRO C 115 -16.63 -23.27 -12.27
CA PRO C 115 -17.75 -22.54 -11.66
C PRO C 115 -17.33 -21.55 -10.59
N ARG C 116 -17.98 -20.40 -10.58
CA ARG C 116 -17.69 -19.34 -9.63
C ARG C 116 -18.19 -19.72 -8.23
N LEU C 117 -18.00 -18.82 -7.28
CA LEU C 117 -18.43 -19.06 -5.92
C LEU C 117 -19.11 -17.82 -5.35
N ALA C 118 -20.24 -18.02 -4.68
CA ALA C 118 -20.93 -16.91 -4.03
C ALA C 118 -20.89 -17.08 -2.52
N SER C 119 -20.64 -15.96 -1.82
CA SER C 119 -20.59 -15.99 -0.37
C SER C 119 -21.33 -14.81 0.23
N SER C 120 -22.08 -15.07 1.29
CA SER C 120 -22.80 -14.01 1.99
C SER C 120 -22.20 -13.83 3.38
N SER C 121 -22.37 -12.64 3.93
CA SER C 121 -21.76 -12.33 5.23
C SER C 121 -22.65 -11.42 6.06
N LYS C 122 -22.21 -11.17 7.29
CA LYS C 122 -22.90 -10.29 8.21
C LYS C 122 -22.74 -8.82 7.81
N ASP C 123 -21.89 -8.58 6.80
CA ASP C 123 -21.62 -7.22 6.34
C ASP C 123 -22.67 -6.73 5.35
N GLY C 124 -23.71 -7.54 5.13
CA GLY C 124 -24.82 -7.15 4.28
C GLY C 124 -24.52 -7.21 2.79
N THR C 125 -23.40 -7.83 2.42
CA THR C 125 -23.02 -7.93 1.02
C THR C 125 -22.89 -9.38 0.54
N ILE C 126 -22.83 -9.55 -0.77
CA ILE C 126 -22.61 -10.87 -1.37
C ILE C 126 -21.57 -10.76 -2.47
N LYS C 127 -20.46 -11.47 -2.31
CA LYS C 127 -19.37 -11.40 -3.26
C LYS C 127 -19.26 -12.65 -4.14
N ILE C 128 -19.15 -12.43 -5.45
CA ILE C 128 -18.93 -13.51 -6.40
C ILE C 128 -17.45 -13.67 -6.68
N TRP C 129 -16.93 -14.88 -6.49
CA TRP C 129 -15.50 -15.11 -6.62
C TRP C 129 -15.14 -15.94 -7.85
N ASP C 130 -13.98 -15.65 -8.42
CA ASP C 130 -13.41 -16.50 -9.45
C ASP C 130 -12.45 -17.49 -8.78
N THR C 131 -12.86 -18.75 -8.71
CA THR C 131 -12.09 -19.74 -7.97
C THR C 131 -10.72 -19.98 -8.60
N VAL C 132 -10.64 -19.86 -9.91
CA VAL C 132 -9.37 -20.05 -10.62
C VAL C 132 -8.43 -18.86 -10.48
N SER C 133 -8.89 -17.71 -10.95
CA SER C 133 -8.07 -16.50 -11.01
C SER C 133 -7.94 -15.85 -9.65
N ARG C 134 -8.74 -16.32 -8.69
CA ARG C 134 -8.70 -15.83 -7.31
C ARG C 134 -8.96 -14.34 -7.20
N VAL C 135 -10.19 -13.93 -7.46
CA VAL C 135 -10.53 -12.51 -7.39
C VAL C 135 -12.03 -12.29 -7.19
N CYS C 136 -12.39 -11.20 -6.52
CA CYS C 136 -13.79 -10.86 -6.31
C CYS C 136 -14.38 -10.21 -7.55
N GLN C 137 -15.09 -11.00 -8.35
CA GLN C 137 -15.65 -10.53 -9.60
C GLN C 137 -16.76 -9.50 -9.39
N TYR C 138 -17.69 -9.80 -8.48
CA TYR C 138 -18.77 -8.86 -8.17
C TYR C 138 -18.93 -8.66 -6.67
N THR C 139 -19.51 -7.52 -6.30
CA THR C 139 -19.86 -7.25 -4.91
C THR C 139 -21.29 -6.73 -4.84
N MET C 140 -22.21 -7.63 -4.56
CA MET C 140 -23.64 -7.32 -4.56
C MET C 140 -24.08 -6.71 -3.24
N SER C 141 -24.46 -5.43 -3.27
CA SER C 141 -24.87 -4.73 -2.06
C SER C 141 -26.29 -4.19 -2.16
N GLY C 142 -26.88 -3.88 -1.01
CA GLY C 142 -28.23 -3.33 -0.96
C GLY C 142 -29.03 -3.74 0.27
N HIS C 143 -28.61 -4.82 0.93
CA HIS C 143 -29.23 -5.19 2.20
C HIS C 143 -28.77 -4.23 3.28
N THR C 144 -29.69 -3.82 4.15
CA THR C 144 -29.35 -2.85 5.19
C THR C 144 -29.07 -3.53 6.53
N ASN C 145 -28.93 -4.84 6.50
CA ASN C 145 -28.48 -5.60 7.67
C ASN C 145 -27.88 -6.93 7.23
N SER C 146 -27.51 -7.76 8.21
CA SER C 146 -26.80 -9.00 7.93
C SER C 146 -27.55 -9.92 6.97
N VAL C 147 -26.83 -10.44 5.98
CA VAL C 147 -27.38 -11.40 5.03
C VAL C 147 -27.25 -12.81 5.57
N SER C 148 -28.38 -13.50 5.70
CA SER C 148 -28.41 -14.79 6.37
C SER C 148 -28.05 -15.95 5.45
N CYS C 149 -28.55 -15.91 4.22
CA CYS C 149 -28.37 -17.03 3.30
C CYS C 149 -28.43 -16.57 1.84
N VAL C 150 -27.57 -17.16 1.01
CA VAL C 150 -27.56 -16.87 -0.42
C VAL C 150 -27.62 -18.17 -1.21
N LYS C 151 -28.36 -18.18 -2.31
CA LYS C 151 -28.47 -19.37 -3.15
C LYS C 151 -28.35 -19.02 -4.63
N TRP C 152 -27.43 -19.68 -5.31
CA TRP C 152 -27.19 -19.47 -6.73
C TRP C 152 -28.19 -20.27 -7.56
N GLY C 153 -29.22 -19.60 -8.07
CA GLY C 153 -30.25 -20.26 -8.85
C GLY C 153 -29.76 -20.78 -10.19
N GLY C 154 -30.46 -21.78 -10.71
CA GLY C 154 -30.11 -22.38 -11.98
C GLY C 154 -30.60 -21.61 -13.18
N GLN C 155 -31.05 -20.39 -12.96
CA GLN C 155 -31.56 -19.54 -14.04
C GLN C 155 -30.83 -18.20 -14.07
N GLY C 156 -29.59 -18.19 -13.59
CA GLY C 156 -28.76 -17.00 -13.61
C GLY C 156 -29.15 -15.97 -12.57
N LEU C 157 -29.95 -16.38 -11.59
CA LEU C 157 -30.35 -15.47 -10.52
C LEU C 157 -29.86 -15.94 -9.15
N LEU C 158 -29.42 -14.99 -8.33
CA LEU C 158 -29.02 -15.28 -6.96
C LEU C 158 -30.02 -14.68 -5.99
N TYR C 159 -30.44 -15.46 -5.01
CA TYR C 159 -31.40 -15.00 -4.01
C TYR C 159 -30.74 -14.91 -2.64
N SER C 160 -30.84 -13.75 -2.01
CA SER C 160 -30.29 -13.56 -0.69
C SER C 160 -31.34 -13.13 0.31
N GLY C 161 -31.29 -13.73 1.49
CA GLY C 161 -32.18 -13.36 2.57
C GLY C 161 -31.37 -12.73 3.66
N SER C 162 -31.96 -11.76 4.38
CA SER C 162 -31.20 -11.02 5.36
C SER C 162 -32.04 -10.62 6.57
N HIS C 163 -31.36 -10.13 7.59
CA HIS C 163 -32.01 -9.69 8.83
C HIS C 163 -32.83 -8.43 8.63
N ASP C 164 -32.81 -7.90 7.40
CA ASP C 164 -33.56 -6.69 7.09
C ASP C 164 -34.94 -7.04 6.56
N ARG C 165 -35.39 -8.26 6.83
CA ARG C 165 -36.73 -8.71 6.48
C ARG C 165 -36.96 -8.68 4.97
N THR C 166 -35.89 -8.81 4.20
CA THR C 166 -35.94 -8.60 2.76
C THR C 166 -35.29 -9.74 1.98
N VAL C 167 -35.92 -10.14 0.88
CA VAL C 167 -35.33 -11.10 -0.04
C VAL C 167 -34.98 -10.41 -1.36
N ARG C 168 -33.69 -10.39 -1.69
CA ARG C 168 -33.23 -9.70 -2.90
C ARG C 168 -32.82 -10.66 -4.01
N VAL C 169 -33.19 -10.31 -5.24
CA VAL C 169 -32.83 -11.09 -6.41
C VAL C 169 -31.71 -10.42 -7.20
N TRP C 170 -30.68 -11.19 -7.54
CA TRP C 170 -29.54 -10.64 -8.26
C TRP C 170 -29.35 -11.30 -9.61
N ASP C 171 -29.04 -10.50 -10.62
CA ASP C 171 -28.81 -11.02 -11.96
C ASP C 171 -27.32 -11.16 -12.23
N ILE C 172 -26.88 -12.40 -12.41
CA ILE C 172 -25.48 -12.68 -12.69
C ILE C 172 -25.20 -12.48 -14.17
N ASN C 173 -26.26 -12.45 -14.96
CA ASN C 173 -26.15 -12.22 -16.40
C ASN C 173 -26.23 -10.74 -16.72
N SER C 174 -26.39 -9.92 -15.68
CA SER C 174 -26.36 -8.48 -15.82
C SER C 174 -25.26 -7.90 -14.94
N GLN C 175 -24.27 -8.74 -14.65
CA GLN C 175 -23.10 -8.36 -13.85
C GLN C 175 -23.46 -7.77 -12.49
N GLY C 176 -24.17 -8.54 -11.68
CA GLY C 176 -24.42 -8.19 -10.29
C GLY C 176 -25.59 -7.26 -10.02
N ARG C 177 -26.35 -6.94 -11.07
CA ARG C 177 -27.50 -6.06 -10.93
C ARG C 177 -28.64 -6.67 -10.12
N CYS C 178 -29.29 -5.85 -9.30
CA CYS C 178 -30.45 -6.26 -8.53
C CYS C 178 -31.74 -5.99 -9.30
N ILE C 179 -32.49 -7.05 -9.59
CA ILE C 179 -33.69 -6.92 -10.42
C ILE C 179 -34.98 -6.88 -9.60
N ASN C 180 -34.92 -7.33 -8.35
CA ASN C 180 -36.12 -7.38 -7.52
C ASN C 180 -35.83 -7.34 -6.02
N ILE C 181 -36.76 -6.77 -5.27
CA ILE C 181 -36.64 -6.66 -3.82
C ILE C 181 -37.93 -7.08 -3.13
N LEU C 182 -37.90 -8.22 -2.46
CA LEU C 182 -39.09 -8.82 -1.86
C LEU C 182 -39.24 -8.45 -0.39
N LYS C 183 -40.37 -7.85 -0.03
CA LYS C 183 -40.54 -7.23 1.28
C LYS C 183 -41.67 -7.84 2.11
N SER C 184 -42.09 -9.06 1.78
CA SER C 184 -43.27 -9.64 2.40
C SER C 184 -43.09 -10.04 3.86
N HIS C 185 -41.88 -10.45 4.23
CA HIS C 185 -41.64 -10.93 5.60
C HIS C 185 -41.67 -9.77 6.60
N ALA C 186 -41.82 -10.12 7.88
CA ALA C 186 -41.97 -9.11 8.93
C ALA C 186 -40.92 -9.24 10.03
N HIS C 187 -39.94 -10.13 9.82
CA HIS C 187 -38.82 -10.29 10.75
C HIS C 187 -37.59 -10.89 10.06
N TRP C 188 -36.58 -11.22 10.86
CA TRP C 188 -35.31 -11.76 10.37
C TRP C 188 -35.50 -12.93 9.42
N VAL C 189 -35.18 -12.76 8.15
CA VAL C 189 -35.16 -13.90 7.24
C VAL C 189 -33.99 -14.79 7.63
N ASN C 190 -34.29 -16.02 8.04
CA ASN C 190 -33.27 -16.90 8.61
C ASN C 190 -32.64 -17.87 7.62
N HIS C 191 -33.42 -18.33 6.65
CA HIS C 191 -32.92 -19.29 5.69
C HIS C 191 -33.70 -19.19 4.39
N LEU C 192 -33.27 -19.94 3.38
CA LEU C 192 -33.81 -19.80 2.04
C LEU C 192 -33.46 -21.04 1.22
N SER C 193 -34.47 -21.63 0.58
CA SER C 193 -34.24 -22.83 -0.21
C SER C 193 -34.97 -22.77 -1.55
N LEU C 194 -34.29 -23.27 -2.58
CA LEU C 194 -34.87 -23.34 -3.92
C LEU C 194 -35.42 -24.74 -4.19
N SER C 195 -36.39 -24.83 -5.08
CA SER C 195 -37.00 -26.10 -5.43
C SER C 195 -36.03 -26.99 -6.21
N THR C 196 -34.93 -26.40 -6.68
CA THR C 196 -34.01 -27.09 -7.58
C THR C 196 -32.62 -27.32 -6.99
N ASP C 197 -32.38 -26.83 -5.78
CA ASP C 197 -31.03 -26.82 -5.22
C ASP C 197 -30.49 -28.20 -4.82
N TYR C 198 -31.18 -29.26 -5.21
CA TYR C 198 -30.59 -30.59 -5.11
C TYR C 198 -29.82 -30.88 -6.39
N ALA C 199 -30.44 -30.55 -7.52
CA ALA C 199 -29.79 -30.68 -8.82
C ALA C 199 -28.58 -29.75 -8.90
N LEU C 200 -28.72 -28.57 -8.31
CA LEU C 200 -27.65 -27.59 -8.29
C LEU C 200 -26.42 -28.11 -7.53
N ARG C 201 -26.66 -28.93 -6.52
CA ARG C 201 -25.58 -29.45 -5.69
C ARG C 201 -24.77 -30.55 -6.38
N ILE C 202 -25.43 -31.37 -7.19
CA ILE C 202 -24.78 -32.54 -7.77
C ILE C 202 -24.32 -32.35 -9.22
N GLY C 203 -24.75 -31.26 -9.85
CA GLY C 203 -24.33 -30.94 -11.20
C GLY C 203 -24.57 -32.03 -12.22
N ALA C 204 -23.50 -32.72 -12.61
CA ALA C 204 -23.57 -33.70 -13.67
C ALA C 204 -23.63 -35.13 -13.13
N PHE C 205 -23.42 -35.28 -11.83
CA PHE C 205 -23.46 -36.60 -11.22
C PHE C 205 -24.91 -37.05 -11.04
N ASP C 206 -25.09 -38.29 -10.59
CA ASP C 206 -26.43 -38.83 -10.37
C ASP C 206 -26.44 -39.74 -9.13
N HIS C 207 -27.50 -40.54 -9.01
CA HIS C 207 -27.70 -41.35 -7.81
C HIS C 207 -26.72 -42.52 -7.73
N THR C 208 -26.09 -42.84 -8.87
CA THR C 208 -25.14 -43.94 -8.91
C THR C 208 -23.70 -43.46 -8.74
N GLY C 209 -23.47 -42.17 -9.00
CA GLY C 209 -22.14 -41.62 -8.86
C GLY C 209 -21.40 -41.62 -10.17
N LYS C 210 -22.11 -41.88 -11.25
CA LYS C 210 -21.51 -41.92 -12.59
C LYS C 210 -20.93 -40.57 -12.97
N LYS C 211 -19.63 -40.57 -13.25
CA LYS C 211 -18.93 -39.34 -13.63
C LYS C 211 -18.96 -39.14 -15.13
N PRO C 212 -18.98 -37.88 -15.58
CA PRO C 212 -18.88 -37.60 -17.01
C PRO C 212 -17.48 -37.94 -17.52
N SER C 213 -17.36 -38.26 -18.80
CA SER C 213 -16.07 -38.66 -19.35
C SER C 213 -15.32 -37.47 -19.94
N THR C 214 -16.04 -36.37 -20.16
CA THR C 214 -15.48 -35.20 -20.83
C THR C 214 -16.28 -33.96 -20.41
N PRO C 215 -15.60 -32.82 -20.18
CA PRO C 215 -16.22 -31.54 -19.87
C PRO C 215 -17.45 -31.17 -20.71
N GLU C 216 -17.56 -31.72 -21.92
CA GLU C 216 -18.75 -31.53 -22.73
C GLU C 216 -19.93 -32.32 -22.17
N GLU C 217 -19.67 -33.56 -21.75
CA GLU C 217 -20.70 -34.39 -21.15
C GLU C 217 -21.19 -33.78 -19.83
N ALA C 218 -20.27 -33.16 -19.11
CA ALA C 218 -20.59 -32.51 -17.85
C ALA C 218 -21.53 -31.33 -18.07
N GLN C 219 -21.41 -30.67 -19.22
CA GLN C 219 -22.30 -29.56 -19.56
C GLN C 219 -23.67 -30.12 -19.95
N LYS C 220 -23.68 -31.34 -20.47
CA LYS C 220 -24.91 -31.97 -20.92
C LYS C 220 -25.76 -32.43 -19.75
N LYS C 221 -25.22 -33.34 -18.95
CA LYS C 221 -25.96 -33.91 -17.83
C LYS C 221 -26.37 -32.85 -16.81
N ALA C 222 -25.60 -31.78 -16.72
CA ALA C 222 -25.93 -30.68 -15.81
C ALA C 222 -27.26 -30.02 -16.19
N LEU C 223 -27.44 -29.77 -17.49
CA LEU C 223 -28.69 -29.21 -17.97
C LEU C 223 -29.75 -30.29 -17.99
N GLU C 224 -29.31 -31.53 -18.17
CA GLU C 224 -30.21 -32.68 -18.18
C GLU C 224 -30.85 -32.87 -16.81
N ASN C 225 -30.02 -32.94 -15.77
CA ASN C 225 -30.50 -33.15 -14.42
C ASN C 225 -31.31 -31.97 -13.88
N TYR C 226 -30.97 -30.76 -14.34
CA TYR C 226 -31.66 -29.57 -13.87
C TYR C 226 -33.03 -29.44 -14.52
N GLU C 227 -33.11 -29.75 -15.81
CA GLU C 227 -34.38 -29.67 -16.52
C GLU C 227 -35.31 -30.82 -16.12
N LYS C 228 -34.70 -31.91 -15.66
CA LYS C 228 -35.47 -33.08 -15.20
C LYS C 228 -36.38 -32.72 -14.04
N ILE C 229 -35.95 -31.75 -13.23
CA ILE C 229 -36.65 -31.43 -12.00
C ILE C 229 -37.44 -30.11 -12.10
N CYS C 230 -36.83 -29.08 -12.67
CA CYS C 230 -37.46 -27.77 -12.74
C CYS C 230 -38.57 -27.69 -13.79
N LYS C 231 -38.65 -28.70 -14.65
CA LYS C 231 -39.71 -28.78 -15.65
C LYS C 231 -40.75 -29.84 -15.33
N LYS C 232 -41.99 -29.40 -15.16
CA LYS C 232 -43.10 -30.30 -14.86
C LYS C 232 -44.33 -29.95 -15.71
N ASN C 233 -44.24 -28.84 -16.44
CA ASN C 233 -45.35 -28.38 -17.26
C ASN C 233 -44.97 -28.19 -18.72
N GLY C 234 -43.66 -28.07 -18.98
CA GLY C 234 -43.17 -27.84 -20.33
C GLY C 234 -42.10 -26.77 -20.40
N ASN C 235 -42.00 -25.97 -19.34
CA ASN C 235 -40.96 -24.95 -19.25
C ASN C 235 -40.32 -24.91 -17.87
N SER C 236 -39.13 -24.32 -17.79
CA SER C 236 -38.36 -24.31 -16.55
C SER C 236 -38.96 -23.37 -15.50
N GLU C 237 -39.29 -23.92 -14.34
CA GLU C 237 -39.84 -23.15 -13.23
C GLU C 237 -39.23 -23.59 -11.91
N GLU C 238 -38.50 -22.68 -11.25
CA GLU C 238 -37.96 -22.98 -9.94
C GLU C 238 -38.62 -22.12 -8.86
N MET C 239 -39.01 -22.76 -7.77
CA MET C 239 -39.71 -22.08 -6.68
C MET C 239 -38.76 -21.78 -5.53
N MET C 240 -39.16 -20.86 -4.65
CA MET C 240 -38.34 -20.51 -3.50
C MET C 240 -39.18 -20.29 -2.24
N VAL C 241 -38.71 -20.86 -1.13
CA VAL C 241 -39.33 -20.62 0.17
C VAL C 241 -38.38 -19.88 1.10
N THR C 242 -38.92 -18.96 1.88
CA THR C 242 -38.13 -18.19 2.82
C THR C 242 -38.62 -18.42 4.24
N ALA C 243 -37.71 -18.39 5.20
CA ALA C 243 -38.09 -18.56 6.60
C ALA C 243 -37.66 -17.36 7.42
N SER C 244 -38.48 -16.98 8.40
CA SER C 244 -38.15 -15.84 9.23
C SER C 244 -38.59 -15.98 10.69
N ASP C 245 -38.28 -14.96 11.49
CA ASP C 245 -38.61 -14.94 12.91
C ASP C 245 -40.04 -14.47 13.17
N ASP C 246 -40.80 -14.25 12.11
CA ASP C 246 -42.20 -13.89 12.26
C ASP C 246 -43.07 -15.13 12.24
N TYR C 247 -42.44 -16.28 12.48
CA TYR C 247 -43.11 -17.58 12.62
C TYR C 247 -43.69 -18.09 11.30
N THR C 248 -43.47 -17.34 10.21
CA THR C 248 -44.09 -17.69 8.94
C THR C 248 -43.10 -17.97 7.83
N MET C 249 -43.62 -18.39 6.68
CA MET C 249 -42.82 -18.62 5.49
C MET C 249 -43.57 -18.14 4.25
N PHE C 250 -42.85 -17.90 3.17
CA PHE C 250 -43.46 -17.47 1.91
C PHE C 250 -42.96 -18.30 0.74
N LEU C 251 -43.88 -18.73 -0.13
CA LEU C 251 -43.51 -19.45 -1.34
C LEU C 251 -43.46 -18.49 -2.52
N TRP C 252 -42.42 -18.59 -3.33
CA TRP C 252 -42.23 -17.65 -4.42
C TRP C 252 -42.00 -18.29 -5.79
N ASN C 253 -42.28 -17.50 -6.82
CA ASN C 253 -41.73 -17.72 -8.15
C ASN C 253 -41.21 -16.36 -8.63
N PRO C 254 -40.07 -15.93 -8.08
CA PRO C 254 -39.54 -14.57 -8.12
C PRO C 254 -39.45 -13.98 -9.53
N LEU C 255 -38.91 -14.73 -10.47
CA LEU C 255 -38.78 -14.27 -11.85
C LEU C 255 -40.17 -14.08 -12.46
N LYS C 256 -41.07 -15.01 -12.16
CA LYS C 256 -42.42 -14.97 -12.71
C LYS C 256 -43.24 -13.87 -12.05
N SER C 257 -43.15 -13.77 -10.73
CA SER C 257 -43.88 -12.75 -10.00
C SER C 257 -43.14 -12.30 -8.75
N THR C 258 -43.27 -11.01 -8.44
CA THR C 258 -42.65 -10.43 -7.26
C THR C 258 -43.57 -10.60 -6.06
N LYS C 259 -44.66 -11.31 -6.25
CA LYS C 259 -45.67 -11.49 -5.22
C LYS C 259 -45.72 -12.95 -4.79
N PRO C 260 -45.84 -13.19 -3.47
CA PRO C 260 -45.81 -14.55 -2.92
C PRO C 260 -46.92 -15.43 -3.45
N ILE C 261 -46.61 -16.69 -3.73
CA ILE C 261 -47.61 -17.66 -4.13
C ILE C 261 -48.49 -18.00 -2.93
N ALA C 262 -47.85 -18.18 -1.77
CA ALA C 262 -48.59 -18.53 -0.56
C ALA C 262 -47.87 -18.08 0.71
N ARG C 263 -48.65 -17.74 1.73
CA ARG C 263 -48.12 -17.46 3.06
C ARG C 263 -48.44 -18.64 3.99
N MET C 264 -47.48 -19.53 4.15
CA MET C 264 -47.68 -20.75 4.95
C MET C 264 -47.39 -20.49 6.42
N THR C 265 -48.42 -20.62 7.25
CA THR C 265 -48.37 -20.24 8.66
C THR C 265 -48.72 -21.42 9.57
N GLY C 266 -48.36 -21.30 10.84
CA GLY C 266 -48.74 -22.31 11.83
C GLY C 266 -47.73 -22.58 12.91
N HIS C 267 -46.46 -22.24 12.67
CA HIS C 267 -45.43 -22.44 13.68
C HIS C 267 -45.67 -21.50 14.87
N GLN C 268 -45.38 -21.97 16.07
CA GLN C 268 -45.62 -21.20 17.27
C GLN C 268 -44.39 -20.39 17.67
N LYS C 269 -43.26 -20.73 17.05
CA LYS C 269 -42.03 -19.99 17.25
C LYS C 269 -41.31 -19.81 15.92
N LEU C 270 -40.10 -19.26 15.95
CA LEU C 270 -39.38 -18.90 14.74
C LEU C 270 -39.06 -20.11 13.87
N VAL C 271 -39.09 -19.91 12.55
CA VAL C 271 -38.69 -20.95 11.62
C VAL C 271 -37.20 -20.80 11.32
N ASN C 272 -36.43 -21.78 11.75
CA ASN C 272 -34.97 -21.69 11.66
C ASN C 272 -34.39 -22.29 10.39
N HIS C 273 -35.08 -23.26 9.82
CA HIS C 273 -34.57 -23.95 8.64
C HIS C 273 -35.69 -24.44 7.73
N VAL C 274 -35.41 -24.48 6.43
CA VAL C 274 -36.39 -24.93 5.46
C VAL C 274 -35.67 -25.69 4.34
N ALA C 275 -36.34 -26.69 3.78
CA ALA C 275 -35.72 -27.50 2.74
C ALA C 275 -36.75 -28.08 1.78
N PHE C 276 -36.60 -27.73 0.50
CA PHE C 276 -37.37 -28.37 -0.56
C PHE C 276 -37.00 -29.82 -0.68
N SER C 277 -37.91 -30.63 -1.21
CA SER C 277 -37.59 -32.00 -1.57
C SER C 277 -36.56 -31.99 -2.70
N PRO C 278 -35.82 -33.09 -2.87
CA PRO C 278 -34.92 -33.23 -4.01
C PRO C 278 -35.65 -33.14 -5.35
N ASP C 279 -36.95 -33.40 -5.35
CA ASP C 279 -37.74 -33.26 -6.56
C ASP C 279 -38.68 -32.06 -6.46
N GLY C 280 -38.54 -31.28 -5.40
CA GLY C 280 -39.33 -30.08 -5.23
C GLY C 280 -40.80 -30.31 -4.95
N ARG C 281 -41.16 -31.56 -4.65
CA ARG C 281 -42.56 -31.91 -4.43
C ARG C 281 -43.02 -31.45 -3.05
N TYR C 282 -42.19 -31.67 -2.03
CA TYR C 282 -42.53 -31.29 -0.66
C TYR C 282 -41.68 -30.14 -0.17
N ILE C 283 -42.18 -29.46 0.86
CA ILE C 283 -41.39 -28.47 1.58
C ILE C 283 -41.42 -28.83 3.07
N VAL C 284 -40.26 -28.79 3.71
CA VAL C 284 -40.17 -29.15 5.12
C VAL C 284 -39.47 -28.04 5.89
N SER C 285 -39.97 -27.73 7.07
CA SER C 285 -39.46 -26.61 7.86
C SER C 285 -39.19 -26.99 9.31
N ALA C 286 -38.03 -26.59 9.81
CA ALA C 286 -37.68 -26.83 11.21
C ALA C 286 -37.80 -25.54 12.01
N SER C 287 -38.41 -25.64 13.18
CA SER C 287 -38.67 -24.46 14.00
C SER C 287 -38.30 -24.67 15.46
N PHE C 288 -38.27 -23.58 16.22
CA PHE C 288 -37.88 -23.63 17.62
C PHE C 288 -39.03 -24.07 18.54
N ASP C 289 -40.18 -24.33 17.94
CA ASP C 289 -41.31 -24.84 18.70
C ASP C 289 -41.33 -26.36 18.71
N ASN C 290 -40.14 -26.94 18.51
CA ASN C 290 -39.91 -28.38 18.58
C ASN C 290 -40.63 -29.16 17.47
N SER C 291 -41.17 -28.44 16.50
CA SER C 291 -41.95 -29.08 15.46
C SER C 291 -41.25 -29.05 14.10
N ILE C 292 -41.67 -29.95 13.22
CA ILE C 292 -41.29 -29.93 11.83
C ILE C 292 -42.55 -30.05 11.01
N LYS C 293 -42.81 -29.10 10.13
CA LYS C 293 -44.04 -29.12 9.37
C LYS C 293 -43.81 -29.46 7.91
N LEU C 294 -44.77 -30.15 7.33
CA LEU C 294 -44.67 -30.62 5.95
C LEU C 294 -45.66 -29.87 5.06
N TRP C 295 -45.15 -29.35 3.95
CA TRP C 295 -45.97 -28.54 3.06
C TRP C 295 -45.83 -29.02 1.62
N ASP C 296 -46.78 -28.64 0.78
CA ASP C 296 -46.73 -28.99 -0.64
C ASP C 296 -45.82 -28.04 -1.40
N GLY C 297 -44.88 -28.61 -2.15
CA GLY C 297 -43.89 -27.82 -2.87
C GLY C 297 -44.47 -27.05 -4.04
N ARG C 298 -45.66 -27.43 -4.48
CA ARG C 298 -46.27 -26.79 -5.64
C ARG C 298 -47.11 -25.57 -5.27
N ASP C 299 -47.99 -25.71 -4.29
CA ASP C 299 -48.91 -24.62 -3.94
C ASP C 299 -48.77 -24.13 -2.50
N GLY C 300 -48.03 -24.89 -1.69
CA GLY C 300 -47.71 -24.46 -0.34
C GLY C 300 -48.75 -24.71 0.73
N LYS C 301 -49.64 -25.67 0.49
CA LYS C 301 -50.65 -26.01 1.48
C LYS C 301 -50.08 -26.89 2.59
N PHE C 302 -50.54 -26.67 3.82
CA PHE C 302 -50.09 -27.46 4.96
C PHE C 302 -50.55 -28.91 4.85
N ILE C 303 -49.66 -29.84 5.15
CA ILE C 303 -49.97 -31.26 5.05
C ILE C 303 -50.00 -31.93 6.43
N SER C 304 -48.86 -31.92 7.10
CA SER C 304 -48.75 -32.59 8.39
C SER C 304 -47.65 -31.99 9.27
N THR C 305 -47.70 -32.30 10.56
CA THR C 305 -46.68 -31.88 11.50
C THR C 305 -45.93 -33.08 12.06
N PHE C 306 -44.61 -32.99 12.08
CA PHE C 306 -43.78 -34.05 12.63
C PHE C 306 -43.43 -33.77 14.07
N ARG C 307 -43.92 -34.62 14.97
CA ARG C 307 -43.75 -34.38 16.40
C ARG C 307 -42.92 -35.46 17.05
N GLY C 308 -42.15 -35.08 18.08
CA GLY C 308 -41.33 -36.01 18.82
C GLY C 308 -40.07 -35.38 19.37
N HIS C 309 -39.67 -34.24 18.82
CA HIS C 309 -38.52 -33.51 19.36
C HIS C 309 -38.95 -32.78 20.62
N VAL C 310 -38.07 -32.75 21.61
CA VAL C 310 -38.41 -32.20 22.91
C VAL C 310 -37.87 -30.78 23.03
N ALA C 311 -36.95 -30.44 22.14
CA ALA C 311 -36.37 -29.10 22.12
C ALA C 311 -36.39 -28.53 20.71
N SER C 312 -35.86 -27.32 20.57
CA SER C 312 -35.86 -26.62 19.29
C SER C 312 -35.16 -27.42 18.20
N VAL C 313 -35.80 -27.52 17.04
CA VAL C 313 -35.21 -28.23 15.90
C VAL C 313 -34.30 -27.27 15.13
N TYR C 314 -33.09 -27.73 14.84
CA TYR C 314 -32.09 -26.85 14.24
C TYR C 314 -31.98 -26.98 12.73
N GLN C 315 -32.09 -28.20 12.22
CA GLN C 315 -31.83 -28.42 10.81
C GLN C 315 -32.45 -29.73 10.30
N VAL C 316 -32.84 -29.72 9.03
CA VAL C 316 -33.39 -30.89 8.37
C VAL C 316 -32.70 -31.17 7.04
N ALA C 317 -32.54 -32.44 6.72
CA ALA C 317 -31.90 -32.83 5.47
C ALA C 317 -32.70 -33.91 4.76
N TRP C 318 -33.00 -33.69 3.49
CA TRP C 318 -33.77 -34.66 2.72
C TRP C 318 -32.90 -35.78 2.18
N SER C 319 -33.43 -36.99 2.19
CA SER C 319 -32.81 -38.11 1.50
C SER C 319 -33.14 -38.01 0.02
N SER C 320 -32.37 -38.70 -0.81
CA SER C 320 -32.54 -38.62 -2.26
C SER C 320 -33.84 -39.25 -2.73
N ASP C 321 -34.40 -40.15 -1.92
CA ASP C 321 -35.58 -40.90 -2.32
C ASP C 321 -36.87 -40.13 -2.07
N CYS C 322 -36.75 -38.92 -1.54
CA CYS C 322 -37.89 -38.02 -1.34
C CYS C 322 -39.00 -38.66 -0.52
N ARG C 323 -38.63 -39.63 0.30
CA ARG C 323 -39.58 -40.29 1.17
C ARG C 323 -39.22 -40.02 2.63
N LEU C 324 -37.93 -40.00 2.90
CA LEU C 324 -37.44 -39.79 4.26
C LEU C 324 -36.64 -38.52 4.40
N LEU C 325 -36.42 -38.11 5.65
CA LEU C 325 -35.65 -36.91 5.96
C LEU C 325 -35.24 -36.99 7.43
N VAL C 326 -34.05 -36.46 7.75
CA VAL C 326 -33.53 -36.53 9.11
C VAL C 326 -33.47 -35.15 9.73
N SER C 327 -33.67 -35.07 11.03
CA SER C 327 -33.60 -33.80 11.73
C SER C 327 -32.74 -33.86 12.99
N CYS C 328 -32.09 -32.74 13.29
CA CYS C 328 -31.34 -32.61 14.53
C CYS C 328 -31.93 -31.49 15.37
N SER C 329 -31.77 -31.59 16.68
CA SER C 329 -32.35 -30.60 17.58
C SER C 329 -31.52 -30.40 18.83
N LYS C 330 -31.93 -29.43 19.64
CA LYS C 330 -31.26 -29.13 20.90
C LYS C 330 -31.31 -30.32 21.85
N ASP C 331 -32.30 -31.19 21.67
CA ASP C 331 -32.49 -32.32 22.56
C ASP C 331 -31.59 -33.50 22.23
N THR C 332 -30.44 -33.21 21.62
CA THR C 332 -29.36 -34.18 21.40
C THR C 332 -29.70 -35.35 20.49
N THR C 333 -30.93 -35.40 19.97
CA THR C 333 -31.36 -36.54 19.19
C THR C 333 -31.45 -36.29 17.70
N LEU C 334 -31.31 -37.37 16.94
CA LEU C 334 -31.56 -37.34 15.51
C LEU C 334 -32.81 -38.16 15.25
N LYS C 335 -33.70 -37.65 14.40
CA LYS C 335 -34.89 -38.39 14.02
C LYS C 335 -35.09 -38.32 12.52
N VAL C 336 -35.32 -39.48 11.91
CA VAL C 336 -35.67 -39.51 10.49
C VAL C 336 -37.14 -39.85 10.32
N TRP C 337 -37.84 -38.99 9.60
CA TRP C 337 -39.29 -39.08 9.47
C TRP C 337 -39.68 -39.64 8.11
N ASP C 338 -40.89 -40.19 8.02
CA ASP C 338 -41.37 -40.71 6.74
C ASP C 338 -42.54 -39.88 6.23
N VAL C 339 -42.38 -39.32 5.04
CA VAL C 339 -43.39 -38.44 4.46
C VAL C 339 -44.61 -39.26 4.02
N ARG C 340 -44.39 -40.55 3.77
CA ARG C 340 -45.46 -41.43 3.30
C ARG C 340 -46.45 -41.74 4.42
N THR C 341 -45.90 -42.05 5.59
CA THR C 341 -46.72 -42.37 6.76
C THR C 341 -47.00 -41.13 7.61
N ARG C 342 -46.34 -40.02 7.29
CA ARG C 342 -46.52 -38.76 8.01
C ARG C 342 -46.21 -38.88 9.50
N LYS C 343 -45.29 -39.77 9.84
CA LYS C 343 -44.89 -39.95 11.23
C LYS C 343 -43.45 -40.46 11.32
N LEU C 344 -42.97 -40.66 12.54
CA LEU C 344 -41.59 -41.04 12.78
C LEU C 344 -41.28 -42.35 12.07
N SER C 345 -40.13 -42.43 11.42
CA SER C 345 -39.71 -43.66 10.77
C SER C 345 -38.88 -44.50 11.73
N VAL C 346 -37.68 -44.01 12.04
CA VAL C 346 -36.85 -44.65 13.05
C VAL C 346 -36.08 -43.58 13.83
N ASP C 347 -35.88 -43.82 15.11
CA ASP C 347 -35.14 -42.91 15.96
C ASP C 347 -33.68 -43.32 16.03
N LEU C 348 -32.78 -42.34 16.03
CA LEU C 348 -31.36 -42.60 15.91
C LEU C 348 -30.72 -42.37 17.27
N PRO C 349 -29.56 -43.02 17.53
CA PRO C 349 -29.07 -43.01 18.92
C PRO C 349 -28.71 -41.61 19.39
N GLY C 350 -27.86 -40.91 18.63
CA GLY C 350 -27.56 -39.52 18.92
C GLY C 350 -26.38 -39.23 19.82
N HIS C 351 -26.28 -37.96 20.18
CA HIS C 351 -25.12 -37.42 20.89
C HIS C 351 -25.43 -37.22 22.36
N LYS C 352 -24.50 -36.62 23.08
CA LYS C 352 -24.69 -36.33 24.50
C LYS C 352 -25.08 -34.87 24.70
N ASP C 353 -24.93 -34.07 23.66
CA ASP C 353 -25.27 -32.65 23.74
C ASP C 353 -25.93 -32.20 22.44
N GLU C 354 -26.10 -30.89 22.28
CA GLU C 354 -26.82 -30.35 21.13
C GLU C 354 -26.19 -30.73 19.80
N VAL C 355 -27.04 -31.10 18.85
CA VAL C 355 -26.60 -31.42 17.49
C VAL C 355 -26.85 -30.23 16.57
N TYR C 356 -25.77 -29.70 16.00
CA TYR C 356 -25.85 -28.46 15.22
C TYR C 356 -25.97 -28.67 13.71
N THR C 357 -25.65 -29.87 13.24
CA THR C 357 -25.61 -30.10 11.80
C THR C 357 -25.90 -31.54 11.37
N VAL C 358 -26.59 -31.69 10.25
CA VAL C 358 -26.87 -32.99 9.66
C VAL C 358 -26.77 -32.93 8.14
N ASP C 359 -26.74 -34.10 7.51
CA ASP C 359 -26.79 -34.20 6.06
C ASP C 359 -27.06 -35.63 5.58
N TRP C 360 -27.87 -35.75 4.54
CA TRP C 360 -28.07 -37.02 3.84
C TRP C 360 -27.11 -37.11 2.68
N SER C 361 -26.54 -38.29 2.46
CA SER C 361 -25.71 -38.51 1.29
C SER C 361 -26.53 -38.39 0.02
N VAL C 362 -25.88 -38.08 -1.09
CA VAL C 362 -26.57 -37.89 -2.35
C VAL C 362 -27.21 -39.18 -2.84
N ASP C 363 -26.53 -40.30 -2.60
CA ASP C 363 -27.06 -41.60 -2.99
C ASP C 363 -28.02 -42.17 -1.95
N GLY C 364 -28.09 -41.52 -0.79
CA GLY C 364 -29.00 -41.94 0.25
C GLY C 364 -28.50 -43.14 1.04
N LYS C 365 -27.19 -43.29 1.14
CA LYS C 365 -26.61 -44.40 1.87
C LYS C 365 -26.33 -44.06 3.33
N ARG C 366 -25.72 -42.90 3.57
CA ARG C 366 -25.28 -42.53 4.90
C ARG C 366 -25.85 -41.20 5.39
N VAL C 367 -25.88 -41.04 6.72
CA VAL C 367 -26.27 -39.80 7.35
C VAL C 367 -25.21 -39.40 8.37
N CYS C 368 -24.76 -38.15 8.30
CA CYS C 368 -23.74 -37.66 9.22
C CYS C 368 -24.29 -36.58 10.14
N SER C 369 -23.64 -36.41 11.29
CA SER C 369 -24.08 -35.44 12.27
C SER C 369 -22.93 -35.04 13.19
N GLY C 370 -23.08 -33.90 13.85
CA GLY C 370 -22.08 -33.40 14.76
C GLY C 370 -22.64 -32.23 15.56
N GLY C 371 -22.06 -31.97 16.72
CA GLY C 371 -22.56 -30.92 17.57
C GLY C 371 -21.67 -30.52 18.73
N LYS C 372 -22.29 -30.29 19.87
CA LYS C 372 -21.63 -29.71 21.03
C LYS C 372 -20.71 -30.70 21.75
N ASP C 373 -20.86 -31.98 21.45
CA ASP C 373 -20.02 -33.00 22.08
C ASP C 373 -18.77 -33.27 21.25
N LYS C 374 -18.49 -32.41 20.28
CA LYS C 374 -17.27 -32.47 19.48
C LYS C 374 -17.08 -33.80 18.75
N MET C 375 -18.16 -34.57 18.62
CA MET C 375 -18.09 -35.92 18.07
C MET C 375 -18.89 -36.09 16.78
N VAL C 376 -18.25 -36.65 15.75
CA VAL C 376 -18.94 -37.00 14.53
C VAL C 376 -19.60 -38.37 14.66
N ARG C 377 -20.84 -38.48 14.20
CA ARG C 377 -21.52 -39.77 14.18
C ARG C 377 -22.05 -40.07 12.78
N LEU C 378 -21.92 -41.33 12.37
CA LEU C 378 -22.40 -41.75 11.06
C LEU C 378 -23.48 -42.81 11.17
N TRP C 379 -24.57 -42.61 10.45
CA TRP C 379 -25.63 -43.60 10.36
C TRP C 379 -25.76 -44.07 8.92
N THR C 380 -26.01 -45.36 8.74
CA THR C 380 -26.13 -45.92 7.41
C THR C 380 -27.49 -46.57 7.21
N HIS C 381 -28.20 -46.12 6.17
CA HIS C 381 -29.55 -46.60 5.89
C HIS C 381 -29.51 -48.04 5.36
N ALA D 4 -6.80 3.18 -25.33
CA ALA D 4 -5.86 4.30 -25.20
C ALA D 4 -4.67 3.91 -24.34
N ILE D 5 -3.55 3.62 -24.99
CA ILE D 5 -2.35 3.22 -24.26
C ILE D 5 -1.15 4.09 -24.64
N ALA D 6 -0.40 4.51 -23.61
CA ALA D 6 0.80 5.32 -23.80
C ALA D 6 2.04 4.46 -23.98
N GLY D 7 3.20 5.07 -23.82
CA GLY D 7 4.46 4.37 -23.96
C GLY D 7 5.32 4.97 -25.05
N HIS D 8 4.83 6.03 -25.68
CA HIS D 8 5.61 6.76 -26.67
C HIS D 8 5.85 8.19 -26.23
N GLY D 9 7.11 8.62 -26.29
CA GLY D 9 7.49 9.93 -25.80
C GLY D 9 7.25 11.05 -26.80
N SER D 10 7.01 10.68 -28.06
CA SER D 10 6.77 11.67 -29.10
C SER D 10 5.60 11.28 -29.99
N THR D 11 5.27 12.14 -30.94
CA THR D 11 4.13 11.93 -31.82
C THR D 11 4.34 10.74 -32.74
N ILE D 12 3.29 9.95 -32.93
CA ILE D 12 3.35 8.72 -33.72
C ILE D 12 3.26 9.02 -35.22
N LEU D 13 4.03 8.29 -36.02
CA LEU D 13 4.15 8.60 -37.44
C LEU D 13 3.64 7.51 -38.38
N CYS D 14 3.57 6.27 -37.89
CA CYS D 14 3.15 5.15 -38.73
C CYS D 14 2.77 3.92 -37.91
N SER D 15 2.07 2.98 -38.54
CA SER D 15 1.65 1.76 -37.86
C SER D 15 1.26 0.65 -38.84
N ALA D 16 1.28 -0.59 -38.37
CA ALA D 16 0.93 -1.75 -39.19
C ALA D 16 0.63 -2.99 -38.35
N PHE D 17 -0.44 -3.69 -38.69
CA PHE D 17 -0.75 -4.96 -38.04
C PHE D 17 0.08 -6.07 -38.64
N ALA D 18 0.21 -7.18 -37.91
CA ALA D 18 0.90 -8.36 -38.41
C ALA D 18 0.03 -9.07 -39.44
N PRO D 19 0.66 -9.59 -40.51
CA PRO D 19 -0.08 -10.28 -41.57
C PRO D 19 -0.62 -11.64 -41.14
N HIS D 20 -0.25 -12.09 -39.94
CA HIS D 20 -0.66 -13.42 -39.48
C HIS D 20 -1.56 -13.38 -38.26
N THR D 21 -1.58 -12.26 -37.55
CA THR D 21 -2.44 -12.12 -36.38
C THR D 21 -2.82 -10.67 -36.11
N SER D 22 -3.97 -10.47 -35.49
CA SER D 22 -4.44 -9.13 -35.14
C SER D 22 -4.05 -8.78 -33.72
N SER D 23 -3.17 -9.58 -33.12
CA SER D 23 -2.75 -9.36 -31.75
C SER D 23 -1.41 -8.63 -31.69
N ARG D 24 -0.69 -8.62 -32.80
CA ARG D 24 0.60 -7.96 -32.86
C ARG D 24 0.56 -6.73 -33.77
N MET D 25 1.19 -5.66 -33.31
CA MET D 25 1.23 -4.42 -34.08
C MET D 25 2.54 -3.69 -33.84
N VAL D 26 3.17 -3.23 -34.91
CA VAL D 26 4.37 -2.40 -34.79
C VAL D 26 3.96 -0.95 -35.04
N THR D 27 4.78 -0.01 -34.57
CA THR D 27 4.46 1.41 -34.71
C THR D 27 5.73 2.25 -34.69
N GLY D 28 5.66 3.46 -35.23
CA GLY D 28 6.81 4.33 -35.29
C GLY D 28 6.47 5.76 -34.90
N ALA D 29 7.35 6.38 -34.12
CA ALA D 29 7.11 7.73 -33.62
C ALA D 29 8.34 8.61 -33.75
N GLY D 30 8.26 9.81 -33.20
CA GLY D 30 9.34 10.77 -33.28
C GLY D 30 10.32 10.73 -32.14
N ASP D 31 10.24 9.69 -31.32
CA ASP D 31 11.21 9.50 -30.24
C ASP D 31 12.33 8.60 -30.71
N ASN D 32 12.48 8.51 -32.04
CA ASN D 32 13.51 7.71 -32.70
C ASN D 32 13.39 6.22 -32.43
N THR D 33 12.28 5.82 -31.80
CA THR D 33 12.07 4.41 -31.48
C THR D 33 10.81 3.85 -32.13
N ALA D 34 10.70 2.53 -32.09
CA ALA D 34 9.52 1.83 -32.56
C ALA D 34 9.05 0.87 -31.48
N ARG D 35 7.77 0.52 -31.49
CA ARG D 35 7.25 -0.36 -30.45
C ARG D 35 6.32 -1.42 -30.99
N ILE D 36 6.49 -2.64 -30.47
CA ILE D 36 5.58 -3.75 -30.77
C ILE D 36 4.58 -3.89 -29.64
N TRP D 37 3.33 -4.18 -29.99
CA TRP D 37 2.25 -4.19 -29.00
C TRP D 37 1.50 -5.51 -28.97
N ASP D 38 0.89 -5.80 -27.82
CA ASP D 38 -0.02 -6.92 -27.72
C ASP D 38 -1.44 -6.37 -27.74
N CYS D 39 -2.13 -6.56 -28.86
CA CYS D 39 -3.45 -5.98 -29.04
C CYS D 39 -4.50 -6.74 -28.21
N ASP D 40 -4.11 -7.89 -27.68
CA ASP D 40 -4.98 -8.68 -26.82
C ASP D 40 -5.02 -8.08 -25.41
N THR D 41 -3.91 -7.47 -25.01
CA THR D 41 -3.81 -6.91 -23.66
C THR D 41 -3.66 -5.39 -23.66
N GLN D 42 -3.62 -4.81 -24.86
CA GLN D 42 -3.49 -3.36 -25.02
C GLN D 42 -2.28 -2.83 -24.25
N THR D 43 -1.13 -3.46 -24.44
CA THR D 43 0.07 -3.12 -23.70
C THR D 43 1.31 -3.26 -24.58
N PRO D 44 2.36 -2.48 -24.28
CA PRO D 44 3.61 -2.61 -25.06
C PRO D 44 4.26 -3.97 -24.88
N MET D 45 5.08 -4.37 -25.85
CA MET D 45 5.69 -5.69 -25.87
C MET D 45 7.20 -5.56 -26.00
N HIS D 46 7.64 -4.81 -27.00
CA HIS D 46 9.05 -4.60 -27.24
C HIS D 46 9.31 -3.16 -27.66
N THR D 47 10.52 -2.69 -27.41
CA THR D 47 10.93 -1.37 -27.87
C THR D 47 12.15 -1.51 -28.78
N LEU D 48 12.03 -0.96 -29.98
CA LEU D 48 13.07 -1.11 -30.99
C LEU D 48 13.97 0.11 -30.98
N LYS D 49 15.23 -0.10 -30.62
CA LYS D 49 16.17 1.01 -30.47
C LYS D 49 17.35 0.87 -31.40
N GLY D 50 17.87 2.00 -31.88
CA GLY D 50 19.00 2.00 -32.79
C GLY D 50 18.90 3.00 -33.92
N HIS D 51 17.89 3.85 -33.88
CA HIS D 51 17.73 4.89 -34.89
C HIS D 51 18.08 6.26 -34.34
N TYR D 52 18.75 7.06 -35.15
CA TYR D 52 19.26 8.35 -34.71
C TYR D 52 18.24 9.46 -34.90
N ASN D 53 17.14 9.13 -35.57
CA ASN D 53 16.10 10.12 -35.86
C ASN D 53 14.72 9.48 -35.96
N TRP D 54 13.73 10.29 -36.36
CA TRP D 54 12.33 9.84 -36.44
C TRP D 54 12.14 8.57 -37.26
N VAL D 55 11.26 7.69 -36.78
CA VAL D 55 10.85 6.53 -37.55
C VAL D 55 9.66 6.91 -38.43
N LEU D 56 9.89 6.99 -39.74
CA LEU D 56 8.88 7.51 -40.65
C LEU D 56 7.90 6.45 -41.17
N CYS D 57 8.40 5.25 -41.45
CA CYS D 57 7.55 4.21 -41.99
C CYS D 57 7.96 2.81 -41.51
N VAL D 58 6.97 2.01 -41.15
CA VAL D 58 7.19 0.63 -40.72
C VAL D 58 6.49 -0.35 -41.63
N SER D 59 7.08 -1.53 -41.82
CA SER D 59 6.51 -2.52 -42.73
C SER D 59 6.82 -3.96 -42.32
N TRP D 60 5.78 -4.73 -42.06
CA TRP D 60 5.94 -6.15 -41.76
C TRP D 60 6.35 -6.91 -43.02
N SER D 61 6.86 -8.11 -42.82
CA SER D 61 7.19 -9.00 -43.94
C SER D 61 6.02 -9.92 -44.26
N PRO D 62 5.76 -10.15 -45.55
CA PRO D 62 4.63 -10.98 -45.99
C PRO D 62 4.71 -12.42 -45.49
N ASP D 63 5.82 -12.78 -44.84
CA ASP D 63 5.92 -14.07 -44.18
C ASP D 63 5.72 -13.88 -42.67
N GLY D 64 5.82 -12.63 -42.23
CA GLY D 64 5.59 -12.28 -40.84
C GLY D 64 6.81 -12.45 -39.97
N GLU D 65 7.94 -12.76 -40.60
CA GLU D 65 9.16 -13.10 -39.86
C GLU D 65 10.05 -11.91 -39.51
N VAL D 66 10.02 -10.87 -40.34
CA VAL D 66 10.90 -9.73 -40.13
C VAL D 66 10.13 -8.41 -40.18
N ILE D 67 10.53 -7.46 -39.33
CA ILE D 67 9.98 -6.11 -39.40
C ILE D 67 11.05 -5.13 -39.86
N ALA D 68 10.80 -4.51 -41.00
CA ALA D 68 11.69 -3.46 -41.51
C ALA D 68 11.20 -2.10 -41.03
N THR D 69 12.12 -1.17 -40.88
CA THR D 69 11.76 0.18 -40.47
C THR D 69 12.65 1.21 -41.15
N GLY D 70 12.03 2.30 -41.60
CA GLY D 70 12.75 3.37 -42.26
C GLY D 70 12.73 4.58 -41.36
N SER D 71 13.73 5.46 -41.50
CA SER D 71 13.86 6.57 -40.59
C SER D 71 14.39 7.84 -41.24
N MET D 72 14.36 8.92 -40.48
CA MET D 72 14.86 10.22 -40.92
C MET D 72 16.38 10.22 -41.00
N ASP D 73 17.00 9.22 -40.38
CA ASP D 73 18.46 9.12 -40.39
C ASP D 73 18.98 8.39 -41.63
N ASN D 74 18.15 8.33 -42.66
CA ASN D 74 18.54 7.78 -43.96
C ASN D 74 18.89 6.29 -43.93
N THR D 75 18.49 5.59 -42.87
CA THR D 75 18.83 4.18 -42.75
C THR D 75 17.60 3.29 -42.60
N ILE D 76 17.81 2.00 -42.79
CA ILE D 76 16.76 1.00 -42.61
C ILE D 76 17.26 -0.09 -41.67
N ARG D 77 16.38 -0.54 -40.77
CA ARG D 77 16.75 -1.59 -39.83
C ARG D 77 15.76 -2.75 -39.85
N LEU D 78 16.28 -3.97 -39.78
CA LEU D 78 15.46 -5.17 -39.71
C LEU D 78 15.40 -5.67 -38.27
N TRP D 79 14.26 -6.22 -37.88
CA TRP D 79 14.05 -6.62 -36.49
C TRP D 79 13.35 -7.97 -36.41
N ASP D 80 13.51 -8.64 -35.27
CA ASP D 80 12.80 -9.87 -35.00
C ASP D 80 11.60 -9.59 -34.12
N PRO D 81 10.39 -9.75 -34.68
CA PRO D 81 9.11 -9.41 -34.05
C PRO D 81 8.86 -10.12 -32.72
N LYS D 82 9.57 -11.21 -32.45
CA LYS D 82 9.39 -11.92 -31.20
C LYS D 82 10.40 -11.49 -30.14
N SER D 83 11.66 -11.34 -30.54
CA SER D 83 12.72 -11.01 -29.60
C SER D 83 12.83 -9.50 -29.41
N GLY D 84 12.76 -8.75 -30.51
CA GLY D 84 12.83 -7.31 -30.45
C GLY D 84 14.25 -6.79 -30.61
N GLN D 85 15.09 -7.58 -31.27
CA GLN D 85 16.48 -7.22 -31.47
C GLN D 85 16.75 -6.87 -32.93
N CYS D 86 17.64 -5.91 -33.15
CA CYS D 86 18.05 -5.55 -34.50
C CYS D 86 18.89 -6.68 -35.09
N LEU D 87 18.58 -7.09 -36.31
CA LEU D 87 19.23 -8.23 -36.94
C LEU D 87 20.56 -7.86 -37.60
N GLY D 88 21.35 -7.04 -36.90
CA GLY D 88 22.64 -6.61 -37.40
C GLY D 88 22.74 -5.10 -37.41
N ASP D 89 23.58 -4.57 -38.30
CA ASP D 89 23.76 -3.12 -38.41
C ASP D 89 22.75 -2.53 -39.39
N ALA D 90 22.58 -1.22 -39.36
CA ALA D 90 21.61 -0.54 -40.22
C ALA D 90 21.98 -0.67 -41.69
N LEU D 91 20.99 -0.44 -42.55
CA LEU D 91 21.19 -0.53 -43.99
C LEU D 91 21.43 0.85 -44.57
N ARG D 92 22.69 1.18 -44.81
CA ARG D 92 23.08 2.53 -45.21
C ARG D 92 23.26 2.62 -46.72
N GLY D 93 23.26 3.84 -47.24
CA GLY D 93 23.39 4.08 -48.67
C GLY D 93 22.38 5.06 -49.21
N HIS D 94 21.51 5.57 -48.35
CA HIS D 94 20.58 6.63 -48.72
C HIS D 94 21.10 7.97 -48.20
N SER D 95 20.97 9.02 -49.00
CA SER D 95 21.53 10.32 -48.63
C SER D 95 20.49 11.23 -48.00
N LYS D 96 19.21 10.90 -48.17
CA LYS D 96 18.13 11.61 -47.49
C LYS D 96 17.19 10.61 -46.83
N TRP D 97 16.12 11.11 -46.21
CA TRP D 97 15.27 10.25 -45.39
C TRP D 97 14.52 9.21 -46.20
N ILE D 98 14.19 8.09 -45.56
CA ILE D 98 13.43 7.02 -46.18
C ILE D 98 11.96 7.42 -46.25
N THR D 99 11.31 7.16 -47.39
CA THR D 99 9.93 7.56 -47.56
C THR D 99 8.94 6.40 -47.59
N SER D 100 9.40 5.23 -48.05
CA SER D 100 8.51 4.08 -48.15
C SER D 100 9.26 2.75 -48.17
N LEU D 101 8.60 1.70 -47.72
CA LEU D 101 9.15 0.36 -47.74
C LEU D 101 8.18 -0.61 -48.42
N SER D 102 8.71 -1.49 -49.26
CA SER D 102 7.90 -2.47 -49.96
C SER D 102 8.62 -3.82 -50.08
N TRP D 103 7.99 -4.86 -49.57
CA TRP D 103 8.57 -6.21 -49.59
C TRP D 103 8.26 -6.96 -50.87
N GLU D 104 9.17 -7.82 -51.29
CA GLU D 104 8.93 -8.73 -52.40
C GLU D 104 7.87 -9.74 -52.02
N PRO D 105 6.86 -9.94 -52.86
CA PRO D 105 5.76 -10.86 -52.52
C PRO D 105 6.22 -12.32 -52.48
N ILE D 106 5.63 -13.10 -51.59
CA ILE D 106 6.06 -14.49 -51.36
C ILE D 106 5.93 -15.38 -52.58
N HIS D 107 4.88 -15.16 -53.39
CA HIS D 107 4.64 -16.02 -54.53
C HIS D 107 5.73 -15.89 -55.59
N LEU D 108 6.43 -14.76 -55.59
CA LEU D 108 7.55 -14.56 -56.51
C LEU D 108 8.88 -14.91 -55.85
N VAL D 109 8.82 -15.55 -54.70
CA VAL D 109 10.03 -15.91 -53.97
C VAL D 109 10.22 -17.43 -53.91
N LYS D 110 11.39 -17.89 -54.34
CA LYS D 110 11.72 -19.31 -54.27
C LYS D 110 11.72 -19.78 -52.83
N PRO D 111 11.27 -21.03 -52.59
CA PRO D 111 11.21 -21.59 -51.24
C PRO D 111 12.60 -21.68 -50.61
N GLY D 112 12.67 -21.52 -49.30
CA GLY D 112 13.95 -21.52 -48.59
C GLY D 112 14.69 -20.21 -48.73
N SER D 113 14.12 -19.29 -49.50
CA SER D 113 14.70 -17.96 -49.68
C SER D 113 13.79 -16.91 -49.08
N LYS D 114 14.38 -15.80 -48.65
CA LYS D 114 13.61 -14.75 -48.00
C LYS D 114 13.31 -13.65 -48.99
N PRO D 115 12.13 -13.01 -48.85
CA PRO D 115 11.75 -11.96 -49.78
C PRO D 115 12.65 -10.74 -49.63
N ARG D 116 13.01 -10.11 -50.75
CA ARG D 116 13.86 -8.94 -50.72
C ARG D 116 13.09 -7.74 -50.17
N LEU D 117 13.75 -6.60 -50.10
CA LEU D 117 13.11 -5.40 -49.58
C LEU D 117 13.39 -4.20 -50.47
N ALA D 118 12.34 -3.42 -50.74
CA ALA D 118 12.48 -2.22 -51.54
C ALA D 118 12.25 -1.00 -50.67
N SER D 119 13.08 0.02 -50.87
CA SER D 119 12.96 1.26 -50.11
C SER D 119 13.09 2.47 -51.00
N SER D 120 12.25 3.47 -50.78
CA SER D 120 12.33 4.71 -51.52
C SER D 120 12.76 5.83 -50.57
N SER D 121 13.37 6.87 -51.12
CA SER D 121 13.88 7.96 -50.30
C SER D 121 13.74 9.30 -50.99
N LYS D 122 14.07 10.36 -50.25
CA LYS D 122 14.04 11.71 -50.79
C LYS D 122 15.21 11.95 -51.74
N ASP D 123 16.11 10.98 -51.80
CA ASP D 123 17.30 11.09 -52.65
C ASP D 123 17.01 10.72 -54.10
N GLY D 124 15.74 10.45 -54.41
CA GLY D 124 15.32 10.17 -55.76
C GLY D 124 15.71 8.78 -56.24
N THR D 125 16.14 7.93 -55.30
CA THR D 125 16.54 6.58 -55.66
C THR D 125 15.69 5.53 -54.94
N ILE D 126 15.80 4.29 -55.41
CA ILE D 126 15.12 3.17 -54.78
C ILE D 126 16.09 2.01 -54.66
N LYS D 127 16.34 1.57 -53.43
CA LYS D 127 17.30 0.49 -53.21
C LYS D 127 16.61 -0.82 -52.86
N ILE D 128 16.99 -1.87 -53.58
CA ILE D 128 16.53 -3.22 -53.29
C ILE D 128 17.54 -3.93 -52.40
N TRP D 129 17.07 -4.42 -51.26
CA TRP D 129 17.97 -5.04 -50.28
C TRP D 129 17.81 -6.54 -50.17
N ASP D 130 18.91 -7.22 -49.88
CA ASP D 130 18.87 -8.62 -49.51
C ASP D 130 18.78 -8.69 -47.99
N THR D 131 17.61 -9.08 -47.49
CA THR D 131 17.35 -9.07 -46.06
C THR D 131 18.25 -10.06 -45.32
N VAL D 132 18.58 -11.16 -45.99
CA VAL D 132 19.46 -12.17 -45.42
C VAL D 132 20.93 -11.77 -45.44
N SER D 133 21.46 -11.56 -46.64
CA SER D 133 22.89 -11.32 -46.83
C SER D 133 23.29 -9.89 -46.48
N ARG D 134 22.31 -9.02 -46.27
CA ARG D 134 22.56 -7.64 -45.87
C ARG D 134 23.43 -6.88 -46.85
N VAL D 135 22.89 -6.58 -48.02
CA VAL D 135 23.64 -5.87 -49.05
C VAL D 135 22.71 -5.18 -50.05
N CYS D 136 23.16 -4.06 -50.61
CA CYS D 136 22.37 -3.34 -51.60
C CYS D 136 22.51 -4.03 -52.94
N GLN D 137 21.53 -4.87 -53.28
CA GLN D 137 21.55 -5.65 -54.50
C GLN D 137 21.42 -4.76 -55.74
N TYR D 138 20.44 -3.85 -55.71
CA TYR D 138 20.27 -2.91 -56.80
C TYR D 138 20.11 -1.49 -56.27
N THR D 139 20.42 -0.53 -57.12
CA THR D 139 20.15 0.87 -56.81
C THR D 139 19.49 1.49 -58.03
N MET D 140 18.16 1.50 -58.01
CA MET D 140 17.39 1.99 -59.14
C MET D 140 17.28 3.50 -59.10
N SER D 141 17.95 4.16 -60.04
CA SER D 141 17.97 5.60 -60.09
C SER D 141 17.44 6.13 -61.41
N GLY D 142 17.06 7.40 -61.43
CA GLY D 142 16.53 8.03 -62.63
C GLY D 142 15.46 9.07 -62.37
N HIS D 143 14.88 9.05 -61.17
CA HIS D 143 13.93 10.08 -60.78
C HIS D 143 14.69 11.38 -60.53
N THR D 144 14.11 12.50 -60.97
CA THR D 144 14.78 13.79 -60.85
C THR D 144 14.28 14.58 -59.65
N ASN D 145 13.53 13.92 -58.78
CA ASN D 145 13.13 14.50 -57.50
C ASN D 145 12.77 13.41 -56.51
N SER D 146 12.31 13.82 -55.32
CA SER D 146 12.05 12.87 -54.23
C SER D 146 11.06 11.79 -54.63
N VAL D 147 11.39 10.54 -54.30
CA VAL D 147 10.49 9.43 -54.56
C VAL D 147 9.52 9.27 -53.38
N SER D 148 8.23 9.35 -53.67
CA SER D 148 7.22 9.38 -52.63
C SER D 148 6.83 7.99 -52.15
N CYS D 149 6.70 7.07 -53.10
CA CYS D 149 6.21 5.73 -52.77
C CYS D 149 6.71 4.68 -53.77
N VAL D 150 7.04 3.51 -53.26
CA VAL D 150 7.45 2.39 -54.10
C VAL D 150 6.62 1.16 -53.72
N LYS D 151 6.22 0.39 -54.72
CA LYS D 151 5.43 -0.81 -54.50
C LYS D 151 5.96 -1.98 -55.31
N TRP D 152 6.24 -3.09 -54.65
CA TRP D 152 6.72 -4.28 -55.33
C TRP D 152 5.54 -5.08 -55.87
N GLY D 153 5.30 -4.95 -57.17
CA GLY D 153 4.20 -5.63 -57.82
C GLY D 153 4.37 -7.14 -57.84
N GLY D 154 3.25 -7.84 -57.94
CA GLY D 154 3.26 -9.30 -57.97
C GLY D 154 3.59 -9.86 -59.34
N GLN D 155 4.08 -9.02 -60.25
CA GLN D 155 4.42 -9.45 -61.60
C GLN D 155 5.85 -9.13 -61.97
N GLY D 156 6.72 -9.04 -60.96
CA GLY D 156 8.13 -8.79 -61.20
C GLY D 156 8.39 -7.35 -61.61
N LEU D 157 7.41 -6.49 -61.40
CA LEU D 157 7.57 -5.07 -61.72
C LEU D 157 7.45 -4.20 -60.48
N LEU D 158 8.29 -3.17 -60.40
CA LEU D 158 8.19 -2.21 -59.31
C LEU D 158 7.72 -0.86 -59.83
N TYR D 159 6.75 -0.27 -59.15
CA TYR D 159 6.24 1.03 -59.55
C TYR D 159 6.57 2.07 -58.50
N SER D 160 7.23 3.15 -58.92
CA SER D 160 7.60 4.21 -58.01
C SER D 160 7.02 5.54 -58.46
N GLY D 161 6.50 6.31 -57.52
CA GLY D 161 5.98 7.63 -57.81
C GLY D 161 6.84 8.67 -57.14
N SER D 162 6.96 9.83 -57.76
CA SER D 162 7.87 10.84 -57.25
C SER D 162 7.36 12.27 -57.46
N HIS D 163 8.05 13.21 -56.82
CA HIS D 163 7.71 14.62 -56.91
C HIS D 163 8.02 15.21 -58.28
N ASP D 164 8.56 14.38 -59.17
CA ASP D 164 8.91 14.83 -60.52
C ASP D 164 7.74 14.60 -61.48
N ARG D 165 6.55 14.45 -60.92
CA ARG D 165 5.32 14.29 -61.69
C ARG D 165 5.37 13.03 -62.56
N THR D 166 6.17 12.06 -62.13
CA THR D 166 6.45 10.88 -62.95
C THR D 166 6.33 9.59 -62.15
N VAL D 167 5.73 8.57 -62.76
CA VAL D 167 5.70 7.24 -62.18
C VAL D 167 6.55 6.28 -63.02
N ARG D 168 7.56 5.70 -62.41
CA ARG D 168 8.48 4.82 -63.12
C ARG D 168 8.24 3.35 -62.82
N VAL D 169 8.33 2.52 -63.86
CA VAL D 169 8.17 1.08 -63.71
C VAL D 169 9.54 0.40 -63.79
N TRP D 170 9.84 -0.46 -62.83
CA TRP D 170 11.13 -1.13 -62.76
C TRP D 170 10.99 -2.64 -62.85
N ASP D 171 11.87 -3.27 -63.63
CA ASP D 171 11.85 -4.72 -63.80
C ASP D 171 12.90 -5.39 -62.93
N ILE D 172 12.45 -6.21 -61.98
CA ILE D 172 13.37 -6.91 -61.10
C ILE D 172 13.89 -8.19 -61.77
N ASN D 173 13.21 -8.60 -62.84
CA ASN D 173 13.63 -9.77 -63.61
C ASN D 173 14.59 -9.38 -64.71
N SER D 174 14.89 -8.09 -64.80
CA SER D 174 15.91 -7.61 -65.71
C SER D 174 16.96 -6.89 -64.88
N GLN D 175 17.00 -7.24 -63.60
CA GLN D 175 17.97 -6.73 -62.65
C GLN D 175 17.99 -5.20 -62.60
N GLY D 176 16.84 -4.62 -62.25
CA GLY D 176 16.74 -3.20 -61.98
C GLY D 176 16.55 -2.30 -63.19
N ARG D 177 16.34 -2.88 -64.35
CA ARG D 177 16.11 -2.09 -65.55
C ARG D 177 14.79 -1.35 -65.46
N CYS D 178 14.77 -0.10 -65.93
CA CYS D 178 13.54 0.67 -66.00
C CYS D 178 12.89 0.46 -67.37
N ILE D 179 11.66 -0.07 -67.37
CA ILE D 179 11.01 -0.42 -68.62
C ILE D 179 10.00 0.62 -69.11
N ASN D 180 9.54 1.48 -68.23
CA ASN D 180 8.53 2.46 -68.61
C ASN D 180 8.51 3.70 -67.73
N ILE D 181 8.11 4.83 -68.33
CA ILE D 181 8.04 6.10 -67.63
C ILE D 181 6.70 6.79 -67.92
N LEU D 182 5.86 6.84 -66.90
CA LEU D 182 4.49 7.34 -67.04
C LEU D 182 4.43 8.83 -66.68
N LYS D 183 3.96 9.65 -67.61
CA LYS D 183 4.09 11.10 -67.49
C LYS D 183 2.78 11.88 -67.46
N SER D 184 1.68 11.20 -67.14
CA SER D 184 0.37 11.84 -67.26
C SER D 184 0.08 12.93 -66.23
N HIS D 185 0.64 12.80 -65.03
CA HIS D 185 0.34 13.76 -63.96
C HIS D 185 1.01 15.11 -64.21
N ALA D 186 0.51 16.14 -63.54
CA ALA D 186 0.99 17.50 -63.77
C ALA D 186 1.51 18.13 -62.49
N HIS D 187 1.59 17.34 -61.42
CA HIS D 187 2.16 17.80 -60.15
C HIS D 187 2.68 16.64 -59.32
N TRP D 188 3.08 16.94 -58.08
CA TRP D 188 3.66 15.95 -57.17
C TRP D 188 2.82 14.68 -57.03
N VAL D 189 3.32 13.55 -57.51
CA VAL D 189 2.68 12.27 -57.22
C VAL D 189 2.91 11.92 -55.75
N ASN D 190 1.83 11.82 -54.99
CA ASN D 190 1.94 11.66 -53.54
C ASN D 190 1.88 10.21 -53.08
N HIS D 191 1.11 9.39 -53.80
CA HIS D 191 0.94 8.01 -53.40
C HIS D 191 0.61 7.14 -54.61
N LEU D 192 0.55 5.83 -54.38
CA LEU D 192 0.44 4.85 -55.44
C LEU D 192 -0.08 3.56 -54.82
N SER D 193 -1.12 2.99 -55.42
CA SER D 193 -1.71 1.76 -54.89
C SER D 193 -2.00 0.76 -56.00
N LEU D 194 -1.70 -0.50 -55.71
CA LEU D 194 -1.98 -1.58 -56.63
C LEU D 194 -3.26 -2.29 -56.23
N SER D 195 -3.92 -2.91 -57.20
CA SER D 195 -5.16 -3.64 -56.94
C SER D 195 -4.90 -4.90 -56.13
N THR D 196 -3.64 -5.30 -56.02
CA THR D 196 -3.30 -6.59 -55.45
C THR D 196 -2.52 -6.54 -54.14
N ASP D 197 -2.16 -5.34 -53.70
CA ASP D 197 -1.25 -5.21 -52.56
C ASP D 197 -1.89 -5.56 -51.21
N TYR D 198 -3.08 -6.15 -51.23
CA TYR D 198 -3.61 -6.78 -50.03
C TYR D 198 -3.12 -8.21 -49.97
N ALA D 199 -3.20 -8.90 -51.11
CA ALA D 199 -2.69 -10.25 -51.22
C ALA D 199 -1.18 -10.27 -51.02
N LEU D 200 -0.52 -9.26 -51.56
CA LEU D 200 0.93 -9.11 -51.43
C LEU D 200 1.36 -8.90 -49.99
N ARG D 201 0.51 -8.25 -49.21
CA ARG D 201 0.82 -7.93 -47.82
C ARG D 201 0.74 -9.15 -46.91
N ILE D 202 -0.20 -10.04 -47.21
CA ILE D 202 -0.46 -11.18 -46.35
C ILE D 202 0.20 -12.45 -46.88
N GLY D 203 0.70 -12.37 -48.11
CA GLY D 203 1.41 -13.48 -48.73
C GLY D 203 0.62 -14.77 -48.77
N ALA D 204 0.98 -15.71 -47.89
CA ALA D 204 0.37 -17.04 -47.89
C ALA D 204 -0.69 -17.18 -46.80
N PHE D 205 -0.77 -16.19 -45.92
CA PHE D 205 -1.75 -16.24 -44.84
C PHE D 205 -3.13 -15.90 -45.38
N ASP D 206 -4.14 -16.03 -44.53
CA ASP D 206 -5.51 -15.71 -44.94
C ASP D 206 -6.28 -15.05 -43.81
N HIS D 207 -7.60 -14.99 -43.97
CA HIS D 207 -8.47 -14.26 -43.05
C HIS D 207 -8.61 -14.98 -41.70
N THR D 208 -8.25 -16.26 -41.67
CA THR D 208 -8.36 -17.05 -40.45
C THR D 208 -7.07 -17.09 -39.65
N GLY D 209 -5.95 -16.81 -40.31
CA GLY D 209 -4.66 -16.80 -39.64
C GLY D 209 -3.94 -18.13 -39.76
N LYS D 210 -4.45 -18.99 -40.64
CA LYS D 210 -3.85 -20.31 -40.88
C LYS D 210 -2.44 -20.16 -41.43
N LYS D 211 -1.46 -20.69 -40.70
CA LYS D 211 -0.07 -20.62 -41.14
C LYS D 211 0.30 -21.82 -41.99
N PRO D 212 1.22 -21.61 -42.96
CA PRO D 212 1.74 -22.75 -43.71
C PRO D 212 2.62 -23.61 -42.80
N SER D 213 2.68 -24.91 -43.08
CA SER D 213 3.48 -25.82 -42.28
C SER D 213 4.86 -26.00 -42.90
N THR D 214 4.99 -25.59 -44.16
CA THR D 214 6.20 -25.83 -44.92
C THR D 214 6.38 -24.78 -46.00
N PRO D 215 7.63 -24.30 -46.19
CA PRO D 215 8.02 -23.35 -47.23
C PRO D 215 7.43 -23.64 -48.63
N GLU D 216 7.14 -24.90 -48.92
CA GLU D 216 6.46 -25.25 -50.17
C GLU D 216 4.99 -24.80 -50.12
N GLU D 217 4.33 -25.05 -48.99
CA GLU D 217 2.95 -24.65 -48.81
C GLU D 217 2.81 -23.14 -48.82
N ALA D 218 3.79 -22.46 -48.24
CA ALA D 218 3.82 -21.00 -48.21
C ALA D 218 3.97 -20.44 -49.63
N GLN D 219 4.64 -21.20 -50.48
CA GLN D 219 4.84 -20.80 -51.87
C GLN D 219 3.55 -20.93 -52.66
N LYS D 220 2.69 -21.86 -52.27
CA LYS D 220 1.44 -22.09 -52.98
C LYS D 220 0.37 -21.04 -52.70
N LYS D 221 -0.05 -20.97 -51.44
CA LYS D 221 -1.15 -20.09 -51.05
C LYS D 221 -0.82 -18.64 -51.41
N ALA D 222 0.46 -18.32 -51.46
CA ALA D 222 0.90 -17.01 -51.90
C ALA D 222 0.47 -16.79 -53.34
N LEU D 223 0.71 -17.78 -54.19
CA LEU D 223 0.29 -17.70 -55.58
C LEU D 223 -1.20 -17.91 -55.73
N GLU D 224 -1.77 -18.73 -54.84
CA GLU D 224 -3.20 -18.99 -54.86
C GLU D 224 -3.98 -17.73 -54.50
N ASN D 225 -3.60 -17.11 -53.38
CA ASN D 225 -4.29 -15.90 -52.93
C ASN D 225 -4.10 -14.74 -53.89
N TYR D 226 -2.96 -14.72 -54.58
CA TYR D 226 -2.67 -13.66 -55.54
C TYR D 226 -3.48 -13.85 -56.82
N GLU D 227 -3.59 -15.10 -57.27
CA GLU D 227 -4.36 -15.39 -58.48
C GLU D 227 -5.85 -15.31 -58.20
N LYS D 228 -6.22 -15.49 -56.93
CA LYS D 228 -7.61 -15.40 -56.52
C LYS D 228 -8.18 -14.02 -56.81
N ILE D 229 -7.33 -13.00 -56.76
CA ILE D 229 -7.77 -11.62 -56.88
C ILE D 229 -7.40 -10.96 -58.21
N CYS D 230 -6.16 -11.16 -58.67
CA CYS D 230 -5.69 -10.50 -59.88
C CYS D 230 -6.29 -11.10 -61.14
N LYS D 231 -6.96 -12.25 -61.00
CA LYS D 231 -7.65 -12.86 -62.13
C LYS D 231 -9.16 -12.72 -61.99
N LYS D 232 -9.76 -12.04 -62.97
CA LYS D 232 -11.20 -11.83 -62.99
C LYS D 232 -11.77 -12.13 -64.38
N ASN D 233 -10.87 -12.34 -65.33
CA ASN D 233 -11.27 -12.61 -66.71
C ASN D 233 -10.68 -13.91 -67.25
N GLY D 234 -9.60 -14.38 -66.62
CA GLY D 234 -8.93 -15.58 -67.08
C GLY D 234 -7.42 -15.45 -67.11
N ASN D 235 -6.93 -14.22 -67.05
CA ASN D 235 -5.49 -13.97 -67.00
C ASN D 235 -5.13 -12.92 -65.95
N SER D 236 -3.87 -12.91 -65.54
CA SER D 236 -3.42 -12.03 -64.47
C SER D 236 -3.37 -10.58 -64.93
N GLU D 237 -4.12 -9.71 -64.25
CA GLU D 237 -4.14 -8.29 -64.54
C GLU D 237 -4.16 -7.48 -63.25
N GLU D 238 -3.11 -6.70 -63.03
CA GLU D 238 -3.07 -5.84 -61.86
C GLU D 238 -3.14 -4.37 -62.27
N MET D 239 -3.98 -3.62 -61.58
CA MET D 239 -4.20 -2.22 -61.90
C MET D 239 -3.44 -1.33 -60.93
N MET D 240 -3.24 -0.07 -61.28
CA MET D 240 -2.52 0.86 -60.43
C MET D 240 -3.19 2.24 -60.43
N VAL D 241 -3.33 2.82 -59.25
CA VAL D 241 -3.83 4.19 -59.11
C VAL D 241 -2.76 5.10 -58.55
N THR D 242 -2.70 6.31 -59.07
CA THR D 242 -1.75 7.30 -58.59
C THR D 242 -2.49 8.52 -58.07
N ALA D 243 -1.95 9.16 -57.04
CA ALA D 243 -2.56 10.38 -56.51
C ALA D 243 -1.53 11.49 -56.57
N SER D 244 -1.99 12.70 -56.87
CA SER D 244 -1.06 13.82 -56.96
C SER D 244 -1.63 15.14 -56.47
N ASP D 245 -0.81 16.18 -56.52
CA ASP D 245 -1.18 17.51 -56.06
C ASP D 245 -1.93 18.28 -57.14
N ASP D 246 -2.21 17.64 -58.26
CA ASP D 246 -2.99 18.28 -59.32
C ASP D 246 -4.47 17.94 -59.18
N TYR D 247 -4.84 17.53 -57.98
CA TYR D 247 -6.23 17.27 -57.57
C TYR D 247 -6.84 16.04 -58.25
N THR D 248 -6.04 15.34 -59.07
CA THR D 248 -6.57 14.24 -59.85
C THR D 248 -5.89 12.90 -59.57
N MET D 249 -6.40 11.85 -60.18
CA MET D 249 -5.81 10.52 -60.10
C MET D 249 -5.86 9.83 -61.46
N PHE D 250 -5.02 8.82 -61.65
CA PHE D 250 -5.00 8.06 -62.87
C PHE D 250 -5.03 6.56 -62.59
N LEU D 251 -5.87 5.84 -63.34
CA LEU D 251 -5.92 4.39 -63.25
C LEU D 251 -5.08 3.78 -64.35
N TRP D 252 -4.30 2.77 -64.02
CA TRP D 252 -3.38 2.20 -65.00
C TRP D 252 -3.51 0.69 -65.14
N ASN D 253 -3.07 0.20 -66.29
CA ASN D 253 -2.70 -1.19 -66.46
C ASN D 253 -1.33 -1.20 -67.10
N PRO D 254 -0.31 -0.88 -66.29
CA PRO D 254 1.04 -0.49 -66.71
C PRO D 254 1.73 -1.48 -67.65
N LEU D 255 1.70 -2.76 -67.31
CA LEU D 255 2.33 -3.78 -68.16
C LEU D 255 1.59 -3.89 -69.49
N LYS D 256 0.27 -3.83 -69.42
CA LYS D 256 -0.58 -3.97 -70.59
C LYS D 256 -0.53 -2.75 -71.50
N SER D 257 -0.60 -1.57 -70.91
CA SER D 257 -0.57 -0.32 -71.68
C SER D 257 0.09 0.81 -70.89
N THR D 258 0.81 1.66 -71.61
CA THR D 258 1.51 2.79 -70.99
C THR D 258 0.62 4.03 -70.89
N LYS D 259 -0.65 3.88 -71.26
CA LYS D 259 -1.58 5.00 -71.27
C LYS D 259 -2.68 4.76 -70.24
N PRO D 260 -3.07 5.82 -69.51
CA PRO D 260 -4.05 5.69 -68.42
C PRO D 260 -5.41 5.15 -68.89
N ILE D 261 -5.99 4.27 -68.08
CA ILE D 261 -7.32 3.74 -68.35
C ILE D 261 -8.34 4.85 -68.17
N ALA D 262 -8.18 5.63 -67.11
CA ALA D 262 -9.12 6.73 -66.82
C ALA D 262 -8.45 7.85 -66.03
N ARG D 263 -8.92 9.07 -66.25
CA ARG D 263 -8.52 10.22 -65.44
C ARG D 263 -9.67 10.59 -64.51
N MET D 264 -9.60 10.10 -63.28
CA MET D 264 -10.67 10.31 -62.31
C MET D 264 -10.49 11.63 -61.57
N THR D 265 -11.43 12.54 -61.78
CA THR D 265 -11.31 13.90 -61.25
C THR D 265 -12.51 14.27 -60.39
N GLY D 266 -12.37 15.33 -59.61
CA GLY D 266 -13.47 15.83 -58.81
C GLY D 266 -13.05 16.39 -57.46
N HIS D 267 -11.88 15.98 -56.98
CA HIS D 267 -11.37 16.53 -55.72
C HIS D 267 -11.00 18.00 -55.92
N GLN D 268 -11.23 18.80 -54.88
CA GLN D 268 -11.01 20.24 -54.96
C GLN D 268 -9.61 20.62 -54.48
N LYS D 269 -8.93 19.68 -53.84
CA LYS D 269 -7.55 19.87 -53.44
C LYS D 269 -6.76 18.59 -53.68
N LEU D 270 -5.51 18.59 -53.24
CA LEU D 270 -4.60 17.48 -53.52
C LEU D 270 -5.08 16.18 -52.90
N VAL D 271 -4.87 15.08 -53.60
CA VAL D 271 -5.16 13.75 -53.05
C VAL D 271 -3.91 13.21 -52.38
N ASN D 272 -3.99 13.04 -51.07
CA ASN D 272 -2.81 12.68 -50.29
C ASN D 272 -2.63 11.17 -50.16
N HIS D 273 -3.73 10.43 -50.25
CA HIS D 273 -3.66 8.99 -50.06
C HIS D 273 -4.72 8.28 -50.90
N VAL D 274 -4.40 7.07 -51.34
CA VAL D 274 -5.31 6.28 -52.17
C VAL D 274 -5.18 4.79 -51.83
N ALA D 275 -6.29 4.07 -51.91
CA ALA D 275 -6.27 2.64 -51.56
C ALA D 275 -7.31 1.82 -52.30
N PHE D 276 -6.84 0.81 -53.03
CA PHE D 276 -7.72 -0.18 -53.63
C PHE D 276 -8.42 -1.01 -52.56
N SER D 277 -9.57 -1.57 -52.89
CA SER D 277 -10.22 -2.55 -52.03
C SER D 277 -9.36 -3.80 -51.94
N PRO D 278 -9.53 -4.59 -50.86
CA PRO D 278 -8.84 -5.89 -50.77
C PRO D 278 -9.20 -6.84 -51.91
N ASP D 279 -10.35 -6.63 -52.55
CA ASP D 279 -10.75 -7.46 -53.68
C ASP D 279 -10.68 -6.69 -55.00
N GLY D 280 -10.13 -5.48 -54.94
CA GLY D 280 -9.92 -4.67 -56.12
C GLY D 280 -11.19 -4.11 -56.76
N ARG D 281 -12.31 -4.19 -56.05
CA ARG D 281 -13.57 -3.70 -56.59
C ARG D 281 -13.70 -2.18 -56.54
N TYR D 282 -13.32 -1.59 -55.42
CA TYR D 282 -13.44 -0.15 -55.26
C TYR D 282 -12.09 0.54 -55.19
N ILE D 283 -12.09 1.84 -55.48
CA ILE D 283 -10.94 2.69 -55.23
C ILE D 283 -11.40 3.84 -54.35
N VAL D 284 -10.61 4.15 -53.33
CA VAL D 284 -10.97 5.19 -52.38
C VAL D 284 -9.84 6.19 -52.26
N SER D 285 -10.19 7.47 -52.17
CA SER D 285 -9.20 8.53 -52.19
C SER D 285 -9.39 9.53 -51.05
N ALA D 286 -8.30 9.84 -50.37
CA ALA D 286 -8.32 10.83 -49.31
C ALA D 286 -7.66 12.10 -49.79
N SER D 287 -8.30 13.23 -49.56
CA SER D 287 -7.79 14.50 -50.04
C SER D 287 -7.84 15.59 -48.98
N PHE D 288 -7.16 16.70 -49.26
CA PHE D 288 -7.09 17.82 -48.34
C PHE D 288 -8.33 18.70 -48.43
N ASP D 289 -9.27 18.33 -49.28
CA ASP D 289 -10.52 19.06 -49.37
C ASP D 289 -11.57 18.47 -48.42
N ASN D 290 -11.07 17.81 -47.39
CA ASN D 290 -11.89 17.25 -46.30
C ASN D 290 -12.82 16.13 -46.73
N SER D 291 -12.66 15.65 -47.96
CA SER D 291 -13.54 14.64 -48.50
C SER D 291 -12.82 13.31 -48.71
N ILE D 292 -13.62 12.26 -48.84
CA ILE D 292 -13.13 10.95 -49.25
C ILE D 292 -14.03 10.47 -50.37
N LYS D 293 -13.45 10.21 -51.53
CA LYS D 293 -14.26 9.81 -52.67
C LYS D 293 -14.10 8.35 -53.00
N LEU D 294 -15.18 7.75 -53.45
CA LEU D 294 -15.22 6.33 -53.76
C LEU D 294 -15.35 6.11 -55.26
N TRP D 295 -14.50 5.28 -55.82
CA TRP D 295 -14.48 5.07 -57.27
C TRP D 295 -14.55 3.59 -57.60
N ASP D 296 -14.92 3.27 -58.85
CA ASP D 296 -14.97 1.88 -59.28
C ASP D 296 -13.57 1.40 -59.66
N GLY D 297 -13.17 0.27 -59.10
CA GLY D 297 -11.82 -0.24 -59.29
C GLY D 297 -11.52 -0.77 -60.68
N ARG D 298 -12.57 -1.03 -61.45
CA ARG D 298 -12.40 -1.64 -62.78
C ARG D 298 -12.21 -0.60 -63.89
N ASP D 299 -13.06 0.43 -63.91
CA ASP D 299 -13.04 1.41 -64.99
C ASP D 299 -12.75 2.83 -64.49
N GLY D 300 -12.80 3.00 -63.19
CA GLY D 300 -12.39 4.26 -62.58
C GLY D 300 -13.45 5.35 -62.56
N LYS D 301 -14.72 4.95 -62.67
CA LYS D 301 -15.82 5.91 -62.61
C LYS D 301 -16.16 6.32 -61.18
N PHE D 302 -16.52 7.59 -61.01
CA PHE D 302 -16.90 8.12 -59.71
C PHE D 302 -18.18 7.46 -59.21
N ILE D 303 -18.21 7.11 -57.92
CA ILE D 303 -19.37 6.46 -57.34
C ILE D 303 -20.06 7.36 -56.32
N SER D 304 -19.35 7.69 -55.25
CA SER D 304 -19.94 8.49 -54.18
C SER D 304 -18.86 9.24 -53.41
N THR D 305 -19.29 10.24 -52.65
CA THR D 305 -18.38 11.00 -51.79
C THR D 305 -18.71 10.83 -50.31
N PHE D 306 -17.69 10.58 -49.50
CA PHE D 306 -17.87 10.44 -48.06
C PHE D 306 -17.58 11.76 -47.36
N ARG D 307 -18.61 12.34 -46.76
CA ARG D 307 -18.50 13.66 -46.16
C ARG D 307 -18.72 13.60 -44.66
N GLY D 308 -18.06 14.50 -43.94
CA GLY D 308 -18.19 14.59 -42.50
C GLY D 308 -16.93 15.09 -41.83
N HIS D 309 -15.80 15.00 -42.53
CA HIS D 309 -14.55 15.53 -42.01
C HIS D 309 -14.54 17.04 -42.15
N VAL D 310 -13.97 17.72 -41.16
CA VAL D 310 -13.98 19.17 -41.13
C VAL D 310 -12.63 19.70 -41.59
N ALA D 311 -11.63 18.82 -41.59
CA ALA D 311 -10.30 19.20 -42.03
C ALA D 311 -9.74 18.20 -43.02
N SER D 312 -8.53 18.44 -43.47
CA SER D 312 -7.87 17.60 -44.48
C SER D 312 -7.75 16.15 -44.04
N VAL D 313 -8.10 15.24 -44.94
CA VAL D 313 -7.96 13.81 -44.68
C VAL D 313 -6.56 13.35 -45.04
N TYR D 314 -5.93 12.61 -44.12
CA TYR D 314 -4.55 12.21 -44.29
C TYR D 314 -4.37 10.80 -44.83
N GLN D 315 -5.23 9.88 -44.41
CA GLN D 315 -5.03 8.47 -44.75
C GLN D 315 -6.30 7.64 -44.61
N VAL D 316 -6.41 6.61 -45.44
CA VAL D 316 -7.54 5.68 -45.40
C VAL D 316 -7.09 4.24 -45.36
N ALA D 317 -7.82 3.40 -44.63
CA ALA D 317 -7.49 1.99 -44.55
C ALA D 317 -8.71 1.11 -44.73
N TRP D 318 -8.61 0.12 -45.61
CA TRP D 318 -9.70 -0.80 -45.89
C TRP D 318 -9.77 -1.95 -44.91
N SER D 319 -10.99 -2.33 -44.54
CA SER D 319 -11.21 -3.58 -43.81
C SER D 319 -11.20 -4.73 -44.81
N SER D 320 -10.96 -5.94 -44.32
CA SER D 320 -10.84 -7.11 -45.19
C SER D 320 -12.16 -7.47 -45.85
N ASP D 321 -13.27 -7.03 -45.27
CA ASP D 321 -14.58 -7.42 -45.75
C ASP D 321 -15.02 -6.55 -46.93
N CYS D 322 -14.16 -5.61 -47.31
CA CYS D 322 -14.38 -4.77 -48.47
C CYS D 322 -15.71 -4.01 -48.40
N ARG D 323 -16.20 -3.80 -47.19
CA ARG D 323 -17.44 -3.05 -47.01
C ARG D 323 -17.16 -1.77 -46.25
N LEU D 324 -16.26 -1.84 -45.28
CA LEU D 324 -15.94 -0.69 -44.46
C LEU D 324 -14.50 -0.24 -44.65
N LEU D 325 -14.22 0.96 -44.16
CA LEU D 325 -12.88 1.53 -44.23
C LEU D 325 -12.77 2.66 -43.23
N VAL D 326 -11.59 2.85 -42.66
CA VAL D 326 -11.41 3.86 -41.63
C VAL D 326 -10.50 4.97 -42.16
N SER D 327 -10.75 6.20 -41.72
CA SER D 327 -9.93 7.33 -42.13
C SER D 327 -9.52 8.20 -40.95
N CYS D 328 -8.33 8.80 -41.07
CA CYS D 328 -7.86 9.76 -40.09
C CYS D 328 -7.67 11.11 -40.76
N SER D 329 -7.81 12.19 -39.99
CA SER D 329 -7.73 13.53 -40.55
C SER D 329 -7.14 14.54 -39.58
N LYS D 330 -6.90 15.75 -40.10
CA LYS D 330 -6.35 16.84 -39.30
C LYS D 330 -7.29 17.24 -38.17
N ASP D 331 -8.58 16.97 -38.33
CA ASP D 331 -9.58 17.35 -37.33
C ASP D 331 -9.66 16.35 -36.18
N THR D 332 -8.56 15.65 -35.93
CA THR D 332 -8.39 14.80 -34.75
C THR D 332 -9.32 13.60 -34.67
N THR D 333 -10.20 13.42 -35.64
CA THR D 333 -11.20 12.35 -35.55
C THR D 333 -10.91 11.19 -36.49
N LEU D 334 -11.41 10.02 -36.10
CA LEU D 334 -11.39 8.85 -36.95
C LEU D 334 -12.82 8.58 -37.39
N LYS D 335 -13.01 8.22 -38.64
CA LYS D 335 -14.34 7.83 -39.11
C LYS D 335 -14.24 6.57 -39.94
N VAL D 336 -15.11 5.60 -39.64
CA VAL D 336 -15.19 4.40 -40.45
C VAL D 336 -16.47 4.43 -41.27
N TRP D 337 -16.31 4.30 -42.58
CA TRP D 337 -17.41 4.49 -43.53
C TRP D 337 -17.93 3.16 -44.06
N ASP D 338 -19.16 3.17 -44.54
CA ASP D 338 -19.77 1.97 -45.10
C ASP D 338 -20.02 2.15 -46.60
N VAL D 339 -19.43 1.28 -47.41
CA VAL D 339 -19.53 1.39 -48.86
C VAL D 339 -20.96 1.03 -49.29
N ARG D 340 -21.65 0.27 -48.45
CA ARG D 340 -22.99 -0.20 -48.76
C ARG D 340 -24.00 0.94 -48.68
N THR D 341 -23.87 1.76 -47.63
CA THR D 341 -24.75 2.88 -47.41
C THR D 341 -24.24 4.16 -48.06
N ARG D 342 -23.00 4.12 -48.53
CA ARG D 342 -22.35 5.26 -49.15
C ARG D 342 -22.35 6.48 -48.23
N LYS D 343 -22.32 6.21 -46.93
CA LYS D 343 -22.27 7.25 -45.91
C LYS D 343 -21.62 6.72 -44.64
N LEU D 344 -21.51 7.57 -43.63
CA LEU D 344 -20.82 7.24 -42.40
C LEU D 344 -21.44 6.03 -41.71
N SER D 345 -20.59 5.14 -41.19
CA SER D 345 -21.08 3.99 -40.45
C SER D 345 -21.17 4.35 -38.96
N VAL D 346 -20.01 4.52 -38.33
CA VAL D 346 -19.98 4.97 -36.94
C VAL D 346 -18.78 5.87 -36.68
N ASP D 347 -18.95 6.86 -35.82
CA ASP D 347 -17.84 7.72 -35.46
C ASP D 347 -17.26 7.17 -34.15
N LEU D 348 -15.94 7.04 -34.10
CA LEU D 348 -15.28 6.38 -32.97
C LEU D 348 -14.44 7.39 -32.19
N PRO D 349 -14.17 7.11 -30.90
CA PRO D 349 -13.56 8.15 -30.08
C PRO D 349 -12.14 8.49 -30.54
N GLY D 350 -12.02 9.68 -31.12
CA GLY D 350 -10.77 10.22 -31.59
C GLY D 350 -9.84 10.76 -30.53
N HIS D 351 -8.81 11.47 -30.99
CA HIS D 351 -7.72 11.94 -30.14
C HIS D 351 -7.93 13.40 -29.77
N LYS D 352 -6.94 13.99 -29.10
CA LYS D 352 -7.03 15.38 -28.71
C LYS D 352 -6.25 16.25 -29.69
N ASP D 353 -5.48 15.61 -30.55
CA ASP D 353 -4.70 16.31 -31.57
C ASP D 353 -4.76 15.54 -32.90
N GLU D 354 -3.96 15.98 -33.87
CA GLU D 354 -3.99 15.40 -35.21
C GLU D 354 -3.67 13.91 -35.23
N VAL D 355 -4.42 13.17 -36.04
CA VAL D 355 -4.17 11.74 -36.22
C VAL D 355 -3.42 11.51 -37.53
N TYR D 356 -2.21 10.97 -37.42
CA TYR D 356 -1.33 10.84 -38.58
C TYR D 356 -1.36 9.46 -39.25
N THR D 357 -1.85 8.45 -38.56
CA THR D 357 -1.78 7.09 -39.09
C THR D 357 -2.90 6.17 -38.60
N VAL D 358 -3.35 5.29 -39.48
CA VAL D 358 -4.36 4.28 -39.14
C VAL D 358 -4.06 2.95 -39.80
N ASP D 359 -4.76 1.90 -39.37
CA ASP D 359 -4.68 0.60 -40.00
C ASP D 359 -5.78 -0.36 -39.53
N TRP D 360 -6.32 -1.12 -40.47
CA TRP D 360 -7.25 -2.21 -40.17
C TRP D 360 -6.45 -3.49 -40.03
N SER D 361 -6.80 -4.32 -39.06
CA SER D 361 -6.18 -5.64 -38.96
C SER D 361 -6.54 -6.45 -40.19
N VAL D 362 -5.72 -7.44 -40.53
CA VAL D 362 -5.92 -8.24 -41.72
C VAL D 362 -7.21 -9.04 -41.65
N ASP D 363 -7.55 -9.51 -40.46
CA ASP D 363 -8.76 -10.30 -40.26
C ASP D 363 -10.00 -9.41 -40.07
N GLY D 364 -9.77 -8.11 -39.92
CA GLY D 364 -10.87 -7.16 -39.77
C GLY D 364 -11.44 -7.13 -38.37
N LYS D 365 -10.60 -7.45 -37.37
CA LYS D 365 -11.02 -7.46 -35.98
C LYS D 365 -10.76 -6.12 -35.30
N ARG D 366 -9.55 -5.59 -35.49
CA ARG D 366 -9.13 -4.38 -34.79
C ARG D 366 -8.70 -3.25 -35.71
N VAL D 367 -8.74 -2.03 -35.19
CA VAL D 367 -8.25 -0.84 -35.87
C VAL D 367 -7.33 -0.07 -34.94
N CYS D 368 -6.14 0.28 -35.42
CA CYS D 368 -5.20 1.03 -34.61
C CYS D 368 -4.97 2.43 -35.18
N SER D 369 -4.57 3.35 -34.31
CA SER D 369 -4.34 4.73 -34.73
C SER D 369 -3.41 5.44 -33.75
N GLY D 370 -2.83 6.54 -34.21
CA GLY D 370 -1.91 7.33 -33.39
C GLY D 370 -1.62 8.65 -34.08
N GLY D 371 -1.20 9.64 -33.30
CA GLY D 371 -0.94 10.95 -33.86
C GLY D 371 -0.17 11.90 -32.97
N LYS D 372 -0.60 13.16 -32.96
CA LYS D 372 0.17 14.23 -32.34
C LYS D 372 0.10 14.22 -30.80
N ASP D 373 -0.86 13.50 -30.24
CA ASP D 373 -0.97 13.43 -28.78
C ASP D 373 -0.16 12.27 -28.19
N LYS D 374 0.71 11.70 -29.01
CA LYS D 374 1.65 10.66 -28.58
C LYS D 374 0.98 9.40 -28.02
N MET D 375 -0.30 9.22 -28.29
CA MET D 375 -1.04 8.11 -27.69
C MET D 375 -1.57 7.12 -28.73
N VAL D 376 -1.32 5.83 -28.51
CA VAL D 376 -1.86 4.77 -29.35
C VAL D 376 -3.29 4.44 -28.94
N ARG D 377 -4.17 4.30 -29.94
CA ARG D 377 -5.54 3.90 -29.65
C ARG D 377 -5.97 2.69 -30.48
N LEU D 378 -6.72 1.78 -29.85
CA LEU D 378 -7.23 0.59 -30.51
C LEU D 378 -8.74 0.56 -30.50
N TRP D 379 -9.34 0.28 -31.65
CA TRP D 379 -10.78 0.09 -31.73
C TRP D 379 -11.09 -1.33 -32.18
N THR D 380 -12.14 -1.91 -31.62
CA THR D 380 -12.51 -3.28 -31.95
C THR D 380 -13.90 -3.34 -32.56
N HIS D 381 -13.99 -3.94 -33.73
CA HIS D 381 -15.23 -4.02 -34.47
C HIS D 381 -16.22 -4.97 -33.79
N ILE E 12 0.98 -2.17 -8.26
CA ILE E 12 1.70 -3.23 -8.95
C ILE E 12 1.59 -4.54 -8.19
N GLU E 13 1.44 -4.45 -6.87
CA GLU E 13 1.27 -5.64 -6.05
C GLU E 13 -0.19 -6.07 -6.03
N GLU E 14 -0.48 -7.18 -5.37
CA GLU E 14 -1.84 -7.71 -5.38
C GLU E 14 -2.30 -8.07 -3.98
N GLY E 15 -3.55 -7.75 -3.66
CA GLY E 15 -4.07 -7.92 -2.33
C GLY E 15 -3.45 -6.88 -1.41
N LYS E 16 -3.30 -5.68 -1.93
CA LYS E 16 -2.58 -4.61 -1.24
C LYS E 16 -3.11 -3.25 -1.69
N LEU E 17 -3.31 -2.36 -0.73
CA LEU E 17 -3.69 -1.00 -1.07
C LEU E 17 -2.59 0.01 -0.78
N VAL E 18 -2.06 0.60 -1.84
CA VAL E 18 -1.09 1.69 -1.73
C VAL E 18 -1.79 3.01 -2.02
N ILE E 19 -1.65 3.97 -1.13
CA ILE E 19 -2.35 5.23 -1.26
C ILE E 19 -1.40 6.43 -1.24
N TRP E 20 -1.44 7.23 -2.30
CA TRP E 20 -0.69 8.47 -2.35
C TRP E 20 -1.58 9.65 -2.01
N ILE E 21 -1.12 10.49 -1.09
CA ILE E 21 -1.86 11.68 -0.70
C ILE E 21 -0.86 12.78 -0.36
N ASN E 22 -1.26 14.03 -0.56
CA ASN E 22 -0.35 15.15 -0.39
C ASN E 22 0.05 15.34 1.08
N GLY E 23 1.28 15.80 1.28
CA GLY E 23 1.84 15.92 2.61
C GLY E 23 1.12 16.89 3.55
N ASP E 24 0.43 17.87 2.98
CA ASP E 24 -0.24 18.87 3.80
C ASP E 24 -1.59 18.38 4.29
N LYS E 25 -2.00 17.21 3.82
CA LYS E 25 -3.26 16.61 4.22
C LYS E 25 -3.07 15.69 5.42
N GLY E 26 -4.18 15.18 5.95
CA GLY E 26 -4.13 14.30 7.11
C GLY E 26 -3.83 12.87 6.73
N TYR E 27 -2.59 12.60 6.35
CA TYR E 27 -2.22 11.26 5.91
C TYR E 27 -2.16 10.31 7.10
N ASN E 28 -1.98 10.86 8.30
CA ASN E 28 -1.98 10.07 9.51
C ASN E 28 -3.41 9.70 9.93
N GLY E 29 -4.35 10.58 9.61
CA GLY E 29 -5.75 10.31 9.90
C GLY E 29 -6.36 9.37 8.88
N LEU E 30 -5.77 9.31 7.70
CA LEU E 30 -6.22 8.38 6.67
C LEU E 30 -5.62 7.00 6.96
N ALA E 31 -4.44 6.99 7.55
CA ALA E 31 -3.76 5.75 7.90
C ALA E 31 -4.54 4.99 8.97
N GLU E 32 -5.25 5.73 9.81
CA GLU E 32 -6.08 5.10 10.84
C GLU E 32 -7.23 4.34 10.22
N VAL E 33 -7.80 4.93 9.16
CA VAL E 33 -8.86 4.27 8.40
C VAL E 33 -8.30 3.02 7.73
N GLY E 34 -7.04 3.09 7.34
CA GLY E 34 -6.37 1.95 6.74
C GLY E 34 -6.13 0.84 7.75
N LYS E 35 -6.02 1.21 9.02
CA LYS E 35 -5.87 0.24 10.09
C LYS E 35 -7.15 -0.54 10.33
N LYS E 36 -8.26 0.17 10.49
CA LYS E 36 -9.56 -0.46 10.69
C LYS E 36 -9.91 -1.37 9.52
N PHE E 37 -9.49 -0.98 8.33
CA PHE E 37 -9.73 -1.77 7.13
C PHE E 37 -9.05 -3.14 7.25
N GLU E 38 -7.77 -3.14 7.59
CA GLU E 38 -7.03 -4.40 7.73
C GLU E 38 -7.55 -5.19 8.93
N LYS E 39 -8.09 -4.48 9.92
CA LYS E 39 -8.65 -5.13 11.10
C LYS E 39 -9.88 -5.95 10.73
N ASP E 40 -10.61 -5.51 9.70
CA ASP E 40 -11.87 -6.14 9.35
C ASP E 40 -11.76 -7.16 8.23
N THR E 41 -10.71 -7.05 7.41
CA THR E 41 -10.59 -7.93 6.25
C THR E 41 -9.19 -8.47 6.02
N GLY E 42 -8.23 -8.00 6.80
CA GLY E 42 -6.87 -8.50 6.71
C GLY E 42 -6.09 -7.94 5.55
N ILE E 43 -6.67 -6.96 4.85
CA ILE E 43 -5.99 -6.30 3.75
C ILE E 43 -5.27 -5.05 4.24
N LYS E 44 -3.93 -5.06 4.13
CA LYS E 44 -3.12 -3.95 4.63
C LYS E 44 -3.18 -2.73 3.73
N VAL E 45 -3.27 -1.56 4.36
CA VAL E 45 -3.25 -0.29 3.63
C VAL E 45 -1.99 0.50 3.95
N THR E 46 -1.24 0.87 2.92
CA THR E 46 -0.02 1.64 3.09
C THR E 46 -0.18 3.03 2.52
N VAL E 47 -0.22 4.02 3.41
CA VAL E 47 -0.38 5.42 2.99
C VAL E 47 0.97 6.09 2.86
N GLU E 48 1.21 6.73 1.73
CA GLU E 48 2.47 7.41 1.48
C GLU E 48 2.22 8.83 0.98
N HIS E 49 3.18 9.72 1.24
CA HIS E 49 3.07 11.09 0.79
C HIS E 49 4.35 11.59 0.12
N PRO E 50 4.62 11.11 -1.11
CA PRO E 50 5.82 11.49 -1.85
C PRO E 50 5.74 12.91 -2.37
N ASP E 51 6.90 13.53 -2.62
CA ASP E 51 6.95 14.90 -3.10
C ASP E 51 6.56 14.97 -4.56
N LYS E 52 5.81 16.00 -4.92
CA LYS E 52 5.37 16.21 -6.29
C LYS E 52 4.63 14.99 -6.85
N LEU E 53 3.67 14.48 -6.09
CA LEU E 53 2.96 13.27 -6.48
C LEU E 53 2.02 13.53 -7.66
N GLU E 54 1.54 14.76 -7.78
CA GLU E 54 0.68 15.12 -8.90
C GLU E 54 1.49 15.15 -10.20
N GLU E 55 2.81 15.17 -10.06
CA GLU E 55 3.70 15.14 -11.22
C GLU E 55 4.35 13.77 -11.33
N LYS E 56 4.56 13.12 -10.19
CA LYS E 56 5.10 11.76 -10.17
C LYS E 56 4.13 10.76 -10.79
N PHE E 57 2.85 10.90 -10.46
CA PHE E 57 1.85 9.92 -10.84
C PHE E 57 1.76 9.69 -12.36
N PRO E 58 1.42 10.72 -13.16
CA PRO E 58 1.22 10.41 -14.58
C PRO E 58 2.51 9.94 -15.25
N GLN E 59 3.65 10.34 -14.69
CA GLN E 59 4.95 9.91 -15.18
C GLN E 59 5.17 8.41 -14.98
N VAL E 60 4.73 7.90 -13.83
CA VAL E 60 4.98 6.50 -13.49
C VAL E 60 3.72 5.63 -13.49
N ALA E 61 2.56 6.23 -13.75
CA ALA E 61 1.34 5.44 -13.84
C ALA E 61 1.26 4.75 -15.20
N ALA E 62 2.14 5.14 -16.10
CA ALA E 62 2.40 4.39 -17.31
C ALA E 62 3.30 3.23 -16.92
N THR E 63 3.33 2.18 -17.74
CA THR E 63 4.03 0.94 -17.42
C THR E 63 3.44 0.26 -16.18
N GLY E 64 2.26 0.73 -15.77
CA GLY E 64 1.49 0.11 -14.71
C GLY E 64 2.12 0.05 -13.33
N ASP E 65 2.72 1.15 -12.91
CA ASP E 65 3.28 1.23 -11.57
C ASP E 65 2.59 2.36 -10.81
N GLY E 66 3.01 2.60 -9.59
CA GLY E 66 2.45 3.67 -8.78
C GLY E 66 1.49 3.12 -7.74
N PRO E 67 0.61 3.99 -7.22
CA PRO E 67 -0.36 3.60 -6.20
C PRO E 67 -1.60 2.93 -6.78
N ASP E 68 -2.44 2.40 -5.89
CA ASP E 68 -3.76 1.92 -6.27
C ASP E 68 -4.69 3.12 -6.27
N ILE E 69 -4.66 3.87 -5.18
CA ILE E 69 -5.48 5.06 -5.02
C ILE E 69 -4.59 6.30 -4.93
N ILE E 70 -5.05 7.40 -5.51
CA ILE E 70 -4.32 8.66 -5.46
C ILE E 70 -5.23 9.83 -5.07
N PHE E 71 -4.82 10.59 -4.05
CA PHE E 71 -5.61 11.72 -3.57
C PHE E 71 -5.08 13.05 -4.07
N TRP E 72 -5.96 13.83 -4.68
CA TRP E 72 -5.63 15.18 -5.12
C TRP E 72 -6.90 15.96 -5.44
N ALA E 73 -6.75 17.26 -5.63
CA ALA E 73 -7.84 18.10 -6.10
C ALA E 73 -8.25 17.65 -7.50
N HIS E 74 -9.50 17.87 -7.85
CA HIS E 74 -10.08 17.30 -9.06
C HIS E 74 -9.48 17.84 -10.37
N ASP E 75 -8.78 18.96 -10.30
CA ASP E 75 -8.30 19.64 -11.50
C ASP E 75 -7.27 18.81 -12.27
N ARG E 76 -6.53 17.98 -11.55
CA ARG E 76 -5.49 17.16 -12.16
C ARG E 76 -6.03 15.89 -12.82
N PHE E 77 -7.19 15.44 -12.36
CA PHE E 77 -7.69 14.11 -12.72
C PHE E 77 -8.11 13.96 -14.19
N GLY E 78 -8.63 15.03 -14.78
CA GLY E 78 -9.01 15.00 -16.17
C GLY E 78 -7.82 14.77 -17.08
N GLY E 79 -6.69 15.33 -16.71
CA GLY E 79 -5.45 15.12 -17.45
C GLY E 79 -5.02 13.67 -17.34
N TYR E 80 -5.22 13.09 -16.17
CA TYR E 80 -4.90 11.67 -15.94
C TYR E 80 -5.82 10.81 -16.78
N ALA E 81 -7.11 11.11 -16.72
CA ALA E 81 -8.12 10.35 -17.44
C ALA E 81 -7.87 10.33 -18.93
N GLN E 82 -7.46 11.47 -19.48
CA GLN E 82 -7.19 11.59 -20.91
C GLN E 82 -6.09 10.65 -21.37
N SER E 83 -5.19 10.32 -20.45
CA SER E 83 -4.11 9.38 -20.75
C SER E 83 -4.53 7.95 -20.41
N GLY E 84 -5.76 7.81 -19.92
CA GLY E 84 -6.29 6.50 -19.58
C GLY E 84 -5.73 5.93 -18.30
N LEU E 85 -5.07 6.78 -17.52
CA LEU E 85 -4.39 6.34 -16.31
C LEU E 85 -5.35 6.18 -15.14
N LEU E 86 -6.61 6.51 -15.34
CA LEU E 86 -7.62 6.37 -14.29
C LEU E 86 -8.74 5.42 -14.72
N ALA E 87 -9.22 4.63 -13.77
CA ALA E 87 -10.32 3.71 -14.00
C ALA E 87 -11.66 4.34 -13.62
N GLU E 88 -12.68 4.11 -14.44
CA GLU E 88 -14.02 4.59 -14.16
C GLU E 88 -14.52 3.96 -12.86
N ILE E 89 -15.15 4.77 -12.01
CA ILE E 89 -15.71 4.25 -10.78
C ILE E 89 -17.18 3.92 -10.98
N THR E 90 -17.63 2.84 -10.36
CA THR E 90 -18.99 2.35 -10.59
C THR E 90 -19.78 2.16 -9.29
N PRO E 91 -20.30 3.25 -8.72
CA PRO E 91 -21.18 3.14 -7.56
C PRO E 91 -22.64 3.12 -7.97
N ALA E 92 -23.51 2.65 -7.07
CA ALA E 92 -24.93 2.65 -7.34
C ALA E 92 -25.55 3.93 -6.80
N ALA E 93 -26.77 4.23 -7.24
CA ALA E 93 -27.46 5.45 -6.83
C ALA E 93 -27.66 5.52 -5.32
N ALA E 94 -27.71 4.36 -4.67
CA ALA E 94 -27.88 4.27 -3.23
C ALA E 94 -26.73 4.95 -2.50
N PHE E 95 -25.51 4.66 -2.95
CA PHE E 95 -24.30 5.26 -2.39
C PHE E 95 -24.13 6.68 -2.91
N GLN E 96 -24.49 6.89 -4.17
CA GLN E 96 -24.34 8.19 -4.83
C GLN E 96 -25.14 9.29 -4.14
N ASP E 97 -26.17 8.90 -3.40
CA ASP E 97 -27.03 9.87 -2.72
C ASP E 97 -26.43 10.36 -1.41
N LYS E 98 -25.44 9.64 -0.91
CA LYS E 98 -24.80 9.99 0.34
C LYS E 98 -23.99 11.28 0.20
N LEU E 99 -23.59 11.59 -1.02
CA LEU E 99 -22.77 12.77 -1.30
C LEU E 99 -23.54 13.80 -2.10
N TYR E 100 -23.13 15.06 -1.98
CA TYR E 100 -23.75 16.17 -2.69
C TYR E 100 -23.53 16.04 -4.19
N PRO E 101 -24.57 16.34 -4.98
CA PRO E 101 -24.53 16.17 -6.44
C PRO E 101 -23.44 16.99 -7.13
N PHE E 102 -23.18 18.20 -6.64
CA PHE E 102 -22.21 19.08 -7.29
C PHE E 102 -20.77 18.60 -7.08
N THR E 103 -20.56 17.78 -6.06
CA THR E 103 -19.24 17.21 -5.82
C THR E 103 -18.99 16.08 -6.80
N TRP E 104 -20.08 15.51 -7.30
CA TRP E 104 -20.00 14.46 -8.30
C TRP E 104 -19.69 15.05 -9.66
N ASP E 105 -20.11 16.29 -9.87
CA ASP E 105 -19.86 16.99 -11.12
C ASP E 105 -18.37 17.27 -11.29
N ALA E 106 -17.70 17.51 -10.18
CA ALA E 106 -16.28 17.86 -10.19
C ALA E 106 -15.40 16.68 -10.62
N VAL E 107 -15.85 15.47 -10.32
CA VAL E 107 -15.06 14.28 -10.61
C VAL E 107 -15.51 13.57 -11.87
N ARG E 108 -16.38 14.23 -12.64
CA ARG E 108 -16.86 13.66 -13.90
C ARG E 108 -16.07 14.20 -15.09
N TYR E 109 -15.68 13.30 -15.99
CA TYR E 109 -14.93 13.68 -17.17
C TYR E 109 -15.37 12.85 -18.37
N ASN E 110 -15.78 13.56 -19.44
CA ASN E 110 -16.37 12.94 -20.62
C ASN E 110 -17.54 12.03 -20.29
N GLY E 111 -18.38 12.48 -19.37
CA GLY E 111 -19.56 11.74 -18.97
C GLY E 111 -19.34 10.70 -17.88
N LYS E 112 -18.18 10.06 -17.88
CA LYS E 112 -17.90 8.99 -16.93
C LYS E 112 -17.18 9.50 -15.68
N LEU E 113 -17.61 9.02 -14.52
CA LEU E 113 -16.95 9.34 -13.26
C LEU E 113 -15.59 8.68 -13.16
N ILE E 114 -14.58 9.45 -12.76
CA ILE E 114 -13.21 8.94 -12.73
C ILE E 114 -12.61 8.94 -11.32
N ALA E 115 -13.32 9.52 -10.36
CA ALA E 115 -12.83 9.55 -8.99
C ALA E 115 -13.94 9.79 -7.97
N TYR E 116 -13.63 9.52 -6.70
CA TYR E 116 -14.55 9.74 -5.60
C TYR E 116 -14.32 11.09 -4.93
N PRO E 117 -15.36 11.94 -4.90
CA PRO E 117 -15.23 13.23 -4.22
C PRO E 117 -15.06 13.06 -2.72
N ILE E 118 -14.14 13.80 -2.12
CA ILE E 118 -13.86 13.65 -0.69
C ILE E 118 -14.23 14.90 0.10
N ALA E 119 -13.60 16.02 -0.23
CA ALA E 119 -13.84 17.26 0.50
C ALA E 119 -13.79 18.47 -0.43
N VAL E 120 -14.39 19.58 0.00
CA VAL E 120 -14.37 20.81 -0.77
C VAL E 120 -13.46 21.85 -0.11
N GLU E 121 -12.37 22.19 -0.79
CA GLU E 121 -11.39 23.14 -0.24
C GLU E 121 -11.56 24.54 -0.82
N ALA E 122 -11.33 25.53 0.02
CA ALA E 122 -11.36 26.93 -0.43
C ALA E 122 -10.50 27.80 0.49
N LEU E 123 -9.66 28.62 -0.13
CA LEU E 123 -8.79 29.51 0.64
C LEU E 123 -9.60 30.54 1.40
N SER E 124 -9.18 30.83 2.62
CA SER E 124 -9.83 31.83 3.44
C SER E 124 -8.78 32.74 4.04
N LEU E 125 -9.21 33.85 4.64
CA LEU E 125 -8.30 34.71 5.35
C LEU E 125 -8.22 34.27 6.80
N ILE E 126 -7.03 33.84 7.22
CA ILE E 126 -6.81 33.44 8.61
C ILE E 126 -6.02 34.54 9.32
N TYR E 127 -6.60 35.10 10.37
CA TYR E 127 -5.98 36.25 11.03
C TYR E 127 -5.79 36.05 12.53
N ASN E 128 -4.73 36.66 13.05
CA ASN E 128 -4.41 36.61 14.47
C ASN E 128 -5.27 37.61 15.24
N LYS E 129 -6.21 37.09 16.03
CA LYS E 129 -7.18 37.94 16.74
C LYS E 129 -6.56 38.86 17.77
N ASP E 130 -5.41 38.49 18.31
CA ASP E 130 -4.71 39.30 19.30
C ASP E 130 -4.01 40.49 18.67
N LEU E 131 -3.31 40.25 17.56
CA LEU E 131 -2.63 41.33 16.85
C LEU E 131 -3.62 42.16 16.06
N LEU E 132 -4.72 41.53 15.66
CA LEU E 132 -5.70 42.16 14.78
C LEU E 132 -7.12 41.72 15.11
N PRO E 133 -7.79 42.45 16.02
CA PRO E 133 -9.14 42.11 16.44
C PRO E 133 -10.14 42.16 15.29
N ASN E 134 -9.97 43.14 14.40
CA ASN E 134 -10.82 43.27 13.23
C ASN E 134 -10.02 43.31 11.94
N PRO E 135 -10.04 42.21 11.17
CA PRO E 135 -9.29 42.08 9.92
C PRO E 135 -9.78 43.04 8.84
N PRO E 136 -8.88 43.46 7.94
CA PRO E 136 -9.24 44.40 6.87
C PRO E 136 -10.24 43.78 5.90
N LYS E 137 -11.18 44.58 5.40
CA LYS E 137 -12.18 44.10 4.46
C LYS E 137 -11.71 44.24 3.01
N THR E 138 -10.77 45.14 2.78
CA THR E 138 -10.26 45.37 1.42
C THR E 138 -8.74 45.21 1.37
N TRP E 139 -8.24 44.80 0.20
CA TRP E 139 -6.81 44.62 -0.01
C TRP E 139 -6.00 45.91 0.13
N GLU E 140 -6.63 47.04 -0.19
CA GLU E 140 -5.93 48.31 -0.20
C GLU E 140 -5.58 48.80 1.20
N GLU E 141 -6.22 48.22 2.22
CA GLU E 141 -5.93 48.59 3.60
C GLU E 141 -4.60 48.02 4.07
N ILE E 142 -4.16 46.94 3.45
CA ILE E 142 -3.02 46.16 3.92
C ILE E 142 -1.69 46.93 3.91
N PRO E 143 -1.40 47.73 2.86
CA PRO E 143 -0.18 48.55 2.98
C PRO E 143 -0.23 49.49 4.18
N ALA E 144 -1.39 50.12 4.40
CA ALA E 144 -1.58 51.01 5.54
C ALA E 144 -1.50 50.22 6.85
N LEU E 145 -2.08 49.02 6.84
CA LEU E 145 -2.13 48.19 8.02
C LEU E 145 -0.76 47.60 8.33
N ASP E 146 0.06 47.45 7.31
CA ASP E 146 1.39 46.88 7.48
C ASP E 146 2.35 47.83 8.21
N LYS E 147 2.23 49.12 7.93
CA LYS E 147 3.06 50.12 8.58
C LYS E 147 2.91 50.04 10.10
N GLU E 148 1.67 49.89 10.55
CA GLU E 148 1.37 49.79 11.98
C GLU E 148 2.06 48.58 12.61
N LEU E 149 2.04 47.45 11.91
CA LEU E 149 2.57 46.20 12.45
C LEU E 149 4.08 46.09 12.32
N LYS E 150 4.64 46.73 11.30
CA LYS E 150 6.10 46.77 11.16
C LYS E 150 6.69 47.56 12.32
N ALA E 151 5.90 48.48 12.86
CA ALA E 151 6.30 49.30 13.99
C ALA E 151 6.33 48.48 15.28
N LYS E 152 5.65 47.34 15.28
CA LYS E 152 5.59 46.49 16.46
C LYS E 152 6.44 45.24 16.28
N GLY E 153 7.27 45.23 15.24
CA GLY E 153 8.16 44.12 14.97
C GLY E 153 7.49 42.98 14.24
N LYS E 154 6.24 43.19 13.82
CA LYS E 154 5.48 42.18 13.11
C LYS E 154 5.37 42.50 11.63
N SER E 155 4.40 41.86 10.98
CA SER E 155 4.07 42.15 9.59
C SER E 155 2.58 41.91 9.40
N ALA E 156 2.02 42.50 8.35
CA ALA E 156 0.58 42.44 8.12
C ALA E 156 0.14 41.09 7.56
N LEU E 157 0.78 40.65 6.47
CA LEU E 157 0.31 39.49 5.74
C LEU E 157 1.45 38.66 5.16
N MET E 158 1.34 37.35 5.30
CA MET E 158 2.31 36.42 4.72
C MET E 158 1.62 35.18 4.19
N PHE E 159 1.81 34.90 2.91
CA PHE E 159 1.28 33.67 2.31
C PHE E 159 2.18 33.17 1.18
N ASN E 160 1.94 31.95 0.74
CA ASN E 160 2.76 31.31 -0.28
C ASN E 160 2.72 32.04 -1.61
N LEU E 161 3.88 32.53 -2.05
CA LEU E 161 3.98 33.22 -3.33
C LEU E 161 4.59 32.33 -4.40
N GLN E 162 4.93 31.10 -4.04
CA GLN E 162 5.60 30.19 -4.96
C GLN E 162 4.61 29.28 -5.66
N GLU E 163 3.38 29.25 -5.15
CA GLU E 163 2.28 28.53 -5.78
C GLU E 163 1.16 29.50 -6.12
N PRO E 164 0.73 29.50 -7.39
CA PRO E 164 -0.28 30.45 -7.88
C PRO E 164 -1.65 30.23 -7.26
N TYR E 165 -1.86 29.08 -6.64
CA TYR E 165 -3.15 28.76 -6.02
C TYR E 165 -3.53 29.78 -4.96
N PHE E 166 -2.53 30.38 -4.32
CA PHE E 166 -2.75 31.29 -3.21
C PHE E 166 -2.89 32.74 -3.67
N THR E 167 -2.23 33.07 -4.77
CA THR E 167 -2.26 34.43 -5.29
C THR E 167 -3.38 34.60 -6.31
N TRP E 168 -3.99 33.48 -6.70
CA TRP E 168 -5.08 33.49 -7.67
C TRP E 168 -6.34 34.26 -7.26
N PRO E 169 -6.76 34.19 -5.98
CA PRO E 169 -7.96 34.96 -5.64
C PRO E 169 -7.87 36.46 -5.90
N LEU E 170 -6.66 37.02 -5.87
CA LEU E 170 -6.47 38.44 -6.14
C LEU E 170 -6.49 38.71 -7.65
N ILE E 171 -5.86 37.82 -8.41
CA ILE E 171 -5.85 37.92 -9.86
C ILE E 171 -7.25 37.81 -10.44
N ALA E 172 -7.99 36.81 -10.00
CA ALA E 172 -9.33 36.55 -10.50
C ALA E 172 -10.35 37.56 -9.99
N ALA E 173 -9.95 38.33 -8.99
CA ALA E 173 -10.85 39.25 -8.30
C ALA E 173 -11.44 40.33 -9.21
N ASP E 174 -10.60 40.96 -10.02
CA ASP E 174 -11.05 42.10 -10.81
C ASP E 174 -11.43 41.73 -12.24
N GLY E 175 -11.36 40.44 -12.58
CA GLY E 175 -11.80 40.01 -13.90
C GLY E 175 -10.96 38.92 -14.55
N GLY E 176 -9.94 38.45 -13.85
CA GLY E 176 -9.11 37.37 -14.37
C GLY E 176 -9.85 36.05 -14.39
N TYR E 177 -9.54 35.22 -15.38
CA TYR E 177 -10.12 33.88 -15.44
C TYR E 177 -9.20 32.93 -16.18
N ALA E 178 -9.38 31.63 -15.95
CA ALA E 178 -8.52 30.62 -16.57
C ALA E 178 -8.90 30.41 -18.03
N PHE E 179 -10.03 29.75 -18.24
CA PHE E 179 -10.54 29.51 -19.58
C PHE E 179 -12.00 29.93 -19.64
N LYS E 180 -12.36 30.69 -20.67
CA LYS E 180 -13.75 31.13 -20.82
C LYS E 180 -14.64 29.93 -21.10
N TYR E 181 -15.69 29.80 -20.30
CA TYR E 181 -16.63 28.71 -20.46
C TYR E 181 -17.77 29.18 -21.34
N GLU E 182 -17.75 28.78 -22.60
CA GLU E 182 -18.78 29.21 -23.52
C GLU E 182 -19.92 28.20 -23.52
N ASN E 183 -20.55 28.07 -22.35
CA ASN E 183 -21.78 27.33 -22.20
C ASN E 183 -21.70 25.89 -22.73
N GLY E 184 -21.23 24.99 -21.87
CA GLY E 184 -21.12 23.59 -22.20
C GLY E 184 -19.72 23.16 -22.58
N LYS E 185 -18.84 24.14 -22.80
CA LYS E 185 -17.48 23.86 -23.25
C LYS E 185 -16.50 24.92 -22.78
N TYR E 186 -15.24 24.51 -22.62
CA TYR E 186 -14.20 25.45 -22.27
C TYR E 186 -13.39 25.78 -23.51
N ASP E 187 -13.41 27.05 -23.90
CA ASP E 187 -12.64 27.50 -25.05
C ASP E 187 -11.22 27.74 -24.60
N ILE E 188 -10.33 26.81 -24.92
CA ILE E 188 -8.97 26.85 -24.41
C ILE E 188 -8.10 27.83 -25.18
N LYS E 189 -8.67 28.40 -26.24
CA LYS E 189 -7.98 29.46 -26.98
C LYS E 189 -8.38 30.82 -26.44
N ASP E 190 -9.40 30.84 -25.60
CA ASP E 190 -9.81 32.08 -24.94
C ASP E 190 -9.33 32.06 -23.49
N VAL E 191 -8.16 32.65 -23.26
CA VAL E 191 -7.56 32.67 -21.93
C VAL E 191 -7.57 34.07 -21.33
N GLY E 192 -8.08 34.19 -20.12
CA GLY E 192 -8.21 35.48 -19.47
C GLY E 192 -7.22 35.70 -18.34
N VAL E 193 -5.96 35.35 -18.60
CA VAL E 193 -4.90 35.51 -17.60
C VAL E 193 -4.23 36.87 -17.81
N ASP E 194 -4.34 37.41 -19.02
CA ASP E 194 -3.64 38.64 -19.36
C ASP E 194 -4.62 39.80 -19.59
N ASN E 195 -5.85 39.68 -19.10
CA ASN E 195 -6.81 40.76 -19.24
C ASN E 195 -6.55 41.85 -18.20
N ALA E 196 -7.29 42.95 -18.31
CA ALA E 196 -7.02 44.13 -17.48
C ALA E 196 -7.28 43.86 -16.00
N GLY E 197 -8.22 42.98 -15.71
CA GLY E 197 -8.54 42.64 -14.33
C GLY E 197 -7.45 41.81 -13.69
N ALA E 198 -6.88 40.90 -14.47
CA ALA E 198 -5.81 40.04 -13.98
C ALA E 198 -4.51 40.81 -13.84
N LYS E 199 -4.29 41.79 -14.72
CA LYS E 199 -3.10 42.62 -14.66
C LYS E 199 -3.18 43.57 -13.47
N ALA E 200 -4.39 44.03 -13.18
CA ALA E 200 -4.63 44.94 -12.07
C ALA E 200 -4.35 44.27 -10.73
N GLY E 201 -4.64 42.97 -10.66
CA GLY E 201 -4.48 42.24 -9.42
C GLY E 201 -3.04 41.87 -9.13
N LEU E 202 -2.35 41.33 -10.13
CA LEU E 202 -0.95 40.93 -9.98
C LEU E 202 -0.06 42.13 -9.72
N THR E 203 -0.43 43.26 -10.29
CA THR E 203 0.32 44.51 -10.11
C THR E 203 0.25 44.98 -8.66
N PHE E 204 -0.92 44.83 -8.05
CA PHE E 204 -1.09 45.22 -6.66
C PHE E 204 -0.22 44.34 -5.76
N LEU E 205 -0.10 43.07 -6.12
CA LEU E 205 0.76 42.16 -5.39
C LEU E 205 2.21 42.63 -5.46
N VAL E 206 2.64 42.99 -6.67
CA VAL E 206 3.99 43.46 -6.92
C VAL E 206 4.27 44.78 -6.21
N ASP E 207 3.27 45.66 -6.17
CA ASP E 207 3.42 46.94 -5.50
C ASP E 207 3.59 46.75 -4.00
N LEU E 208 2.95 45.71 -3.46
CA LEU E 208 3.16 45.35 -2.06
C LEU E 208 4.60 44.92 -1.83
N ILE E 209 5.16 44.21 -2.80
CA ILE E 209 6.52 43.70 -2.69
C ILE E 209 7.57 44.79 -2.89
N LYS E 210 7.37 45.63 -3.90
CA LYS E 210 8.29 46.73 -4.18
C LYS E 210 8.36 47.71 -3.03
N ASN E 211 7.23 47.91 -2.36
CA ASN E 211 7.17 48.86 -1.26
C ASN E 211 7.37 48.20 0.09
N LYS E 212 8.05 47.05 0.07
CA LYS E 212 8.51 46.37 1.28
C LYS E 212 7.38 45.99 2.23
N HIS E 213 6.22 45.66 1.68
CA HIS E 213 5.11 45.19 2.49
C HIS E 213 4.96 43.68 2.41
N MET E 214 5.62 43.07 1.44
CA MET E 214 5.72 41.62 1.37
C MET E 214 7.08 41.21 0.83
N ASN E 215 7.50 39.99 1.15
CA ASN E 215 8.77 39.49 0.68
C ASN E 215 8.52 38.41 -0.38
N ALA E 216 9.18 38.56 -1.54
CA ALA E 216 8.96 37.67 -2.66
C ALA E 216 9.42 36.25 -2.37
N ASP E 217 10.28 36.10 -1.37
CA ASP E 217 10.89 34.82 -1.06
C ASP E 217 9.93 33.89 -0.31
N THR E 218 8.87 34.47 0.23
CA THR E 218 7.92 33.75 1.08
C THR E 218 7.31 32.52 0.43
N ASP E 219 7.51 31.36 1.03
CA ASP E 219 6.88 30.13 0.54
C ASP E 219 5.87 29.62 1.56
N TYR E 220 5.55 28.34 1.46
CA TYR E 220 4.52 27.77 2.33
C TYR E 220 5.04 27.60 3.75
N SER E 221 6.19 26.96 3.88
CA SER E 221 6.76 26.68 5.20
C SER E 221 7.13 27.95 5.96
N ILE E 222 7.71 28.91 5.26
CA ILE E 222 8.10 30.18 5.87
C ILE E 222 6.89 30.93 6.41
N ALA E 223 5.80 30.94 5.64
CA ALA E 223 4.58 31.64 6.02
C ALA E 223 3.87 30.95 7.17
N GLU E 224 3.83 29.62 7.12
CA GLU E 224 3.15 28.84 8.15
C GLU E 224 3.82 29.05 9.50
N ALA E 225 5.15 29.02 9.50
CA ALA E 225 5.92 29.23 10.72
C ALA E 225 5.66 30.60 11.31
N ALA E 226 5.76 31.63 10.46
CA ALA E 226 5.59 33.01 10.89
C ALA E 226 4.26 33.27 11.59
N PHE E 227 3.17 32.74 11.05
CA PHE E 227 1.86 32.99 11.61
C PHE E 227 1.64 32.22 12.91
N ASN E 228 2.16 31.01 12.98
CA ASN E 228 2.00 30.17 14.17
C ASN E 228 2.83 30.68 15.34
N LYS E 229 3.87 31.44 15.02
CA LYS E 229 4.70 32.04 16.06
C LYS E 229 4.21 33.43 16.41
N GLY E 230 3.14 33.86 15.74
CA GLY E 230 2.57 35.17 15.99
C GLY E 230 3.40 36.32 15.46
N GLU E 231 4.23 36.05 14.47
CA GLU E 231 5.10 37.07 13.89
C GLU E 231 4.37 37.91 12.84
N THR E 232 3.31 37.36 12.27
CA THR E 232 2.50 38.08 11.31
C THR E 232 1.03 37.97 11.69
N ALA E 233 0.24 38.97 11.31
CA ALA E 233 -1.14 39.04 11.74
C ALA E 233 -2.08 38.22 10.87
N MET E 234 -1.80 38.17 9.57
CA MET E 234 -2.69 37.49 8.64
C MET E 234 -1.98 36.48 7.74
N THR E 235 -2.76 35.54 7.22
CA THR E 235 -2.25 34.59 6.24
C THR E 235 -3.40 34.07 5.40
N ILE E 236 -3.08 33.50 4.23
CA ILE E 236 -4.09 32.90 3.37
C ILE E 236 -3.76 31.43 3.16
N ASN E 237 -4.63 30.56 3.67
CA ASN E 237 -4.41 29.13 3.62
C ASN E 237 -5.72 28.36 3.71
N GLY E 238 -5.63 27.04 3.56
CA GLY E 238 -6.82 26.19 3.57
C GLY E 238 -7.07 25.51 4.90
N PRO E 239 -8.18 24.75 4.97
CA PRO E 239 -8.64 24.06 6.18
C PRO E 239 -7.59 23.11 6.74
N TRP E 240 -6.77 22.54 5.87
CA TRP E 240 -5.73 21.61 6.26
C TRP E 240 -4.67 22.24 7.17
N ALA E 241 -4.69 23.57 7.28
CA ALA E 241 -3.69 24.28 8.06
C ALA E 241 -4.19 24.61 9.46
N TRP E 242 -5.49 24.47 9.68
CA TRP E 242 -6.10 24.83 10.96
C TRP E 242 -5.54 24.03 12.13
N SER E 243 -5.10 22.81 11.86
CA SER E 243 -4.58 21.93 12.90
C SER E 243 -3.32 22.47 13.55
N ASN E 244 -2.34 22.82 12.73
CA ASN E 244 -1.05 23.30 13.23
C ASN E 244 -1.16 24.63 13.96
N ILE E 245 -2.21 25.39 13.69
CA ILE E 245 -2.41 26.66 14.36
C ILE E 245 -3.05 26.43 15.72
N ASP E 246 -3.83 25.36 15.82
CA ASP E 246 -4.46 24.98 17.09
C ASP E 246 -3.43 24.59 18.13
N THR E 247 -2.37 23.92 17.67
CA THR E 247 -1.31 23.48 18.56
C THR E 247 -0.43 24.64 19.00
N SER E 248 -0.55 25.76 18.29
CA SER E 248 0.22 26.95 18.62
C SER E 248 -0.53 27.85 19.58
N ALA E 249 0.17 28.84 20.11
CA ALA E 249 -0.41 29.77 21.07
C ALA E 249 -1.43 30.70 20.43
N VAL E 250 -1.44 30.74 19.11
CA VAL E 250 -2.20 31.73 18.37
C VAL E 250 -3.72 31.59 18.52
N ASN E 251 -4.36 32.67 18.94
CA ASN E 251 -5.81 32.74 18.92
C ASN E 251 -6.23 33.33 17.57
N TYR E 252 -6.77 32.49 16.71
CA TYR E 252 -6.99 32.87 15.32
C TYR E 252 -8.45 32.84 14.92
N GLY E 253 -8.75 33.47 13.79
CA GLY E 253 -10.09 33.45 13.22
C GLY E 253 -10.03 33.22 11.73
N VAL E 254 -11.03 32.53 11.19
CA VAL E 254 -11.11 32.30 9.75
C VAL E 254 -12.24 33.13 9.17
N THR E 255 -11.91 33.99 8.21
CA THR E 255 -12.91 34.88 7.64
C THR E 255 -12.79 34.99 6.13
N VAL E 256 -13.68 35.78 5.54
CA VAL E 256 -13.72 35.98 4.09
C VAL E 256 -12.47 36.72 3.61
N LEU E 257 -12.04 36.41 2.39
CA LEU E 257 -10.91 37.10 1.78
C LEU E 257 -11.25 38.55 1.49
N PRO E 258 -10.25 39.44 1.59
CA PRO E 258 -10.47 40.87 1.33
C PRO E 258 -10.87 41.13 -0.11
N THR E 259 -11.57 42.23 -0.34
CA THR E 259 -12.00 42.59 -1.68
C THR E 259 -10.95 43.43 -2.39
N PHE E 260 -10.96 43.39 -3.72
CA PHE E 260 -10.04 44.19 -4.51
C PHE E 260 -10.81 45.00 -5.53
N LYS E 261 -10.65 46.32 -5.44
CA LYS E 261 -11.40 47.27 -6.26
C LYS E 261 -12.90 47.01 -6.12
N GLY E 262 -13.33 46.68 -4.91
CA GLY E 262 -14.73 46.48 -4.62
C GLY E 262 -15.25 45.09 -4.91
N GLN E 263 -14.50 44.31 -5.67
CA GLN E 263 -14.92 42.97 -6.04
C GLN E 263 -14.36 41.92 -5.09
N PRO E 264 -15.14 40.87 -4.81
CA PRO E 264 -14.66 39.81 -3.90
C PRO E 264 -13.62 38.92 -4.55
N SER E 265 -12.68 38.42 -3.76
CA SER E 265 -11.69 37.47 -4.26
C SER E 265 -12.39 36.20 -4.71
N LYS E 266 -11.91 35.64 -5.82
CA LYS E 266 -12.54 34.47 -6.42
C LYS E 266 -11.60 33.29 -6.43
N PRO E 267 -11.46 32.62 -5.27
CA PRO E 267 -10.53 31.49 -5.18
C PRO E 267 -10.98 30.33 -6.05
N PHE E 268 -10.05 29.50 -6.49
CA PHE E 268 -10.38 28.31 -7.23
C PHE E 268 -10.76 27.22 -6.25
N VAL E 269 -12.07 26.96 -6.14
CA VAL E 269 -12.57 25.93 -5.24
C VAL E 269 -12.14 24.56 -5.69
N GLY E 270 -11.37 23.88 -4.83
CA GLY E 270 -10.90 22.55 -5.12
C GLY E 270 -11.66 21.46 -4.39
N VAL E 271 -12.07 20.44 -5.14
CA VAL E 271 -12.72 19.29 -4.55
C VAL E 271 -11.71 18.15 -4.43
N LEU E 272 -11.29 17.88 -3.20
CA LEU E 272 -10.36 16.79 -2.93
C LEU E 272 -11.01 15.49 -3.37
N SER E 273 -10.29 14.70 -4.16
CA SER E 273 -10.88 13.51 -4.75
C SER E 273 -9.93 12.32 -4.79
N ALA E 274 -10.49 11.13 -4.64
CA ALA E 274 -9.72 9.90 -4.67
C ALA E 274 -10.00 9.09 -5.93
N GLY E 275 -8.97 8.85 -6.72
CA GLY E 275 -9.10 8.10 -7.95
C GLY E 275 -8.41 6.75 -7.87
N ILE E 276 -8.85 5.81 -8.70
CA ILE E 276 -8.29 4.47 -8.70
C ILE E 276 -7.46 4.23 -9.96
N ASN E 277 -6.21 3.81 -9.76
CA ASN E 277 -5.29 3.53 -10.84
C ASN E 277 -5.85 2.49 -11.81
N ALA E 278 -5.84 2.82 -13.10
CA ALA E 278 -6.40 1.94 -14.12
C ALA E 278 -5.58 0.67 -14.29
N ALA E 279 -4.36 0.68 -13.79
CA ALA E 279 -3.47 -0.48 -13.90
C ALA E 279 -3.35 -1.23 -12.58
N SER E 280 -4.39 -1.13 -11.76
CA SER E 280 -4.39 -1.79 -10.46
C SER E 280 -5.33 -2.99 -10.43
N PRO E 281 -4.84 -4.13 -9.91
CA PRO E 281 -5.66 -5.34 -9.76
C PRO E 281 -6.57 -5.27 -8.54
N ASN E 282 -6.41 -4.22 -7.74
CA ASN E 282 -7.14 -4.10 -6.49
C ASN E 282 -8.25 -3.08 -6.57
N LYS E 283 -8.88 -2.99 -7.74
CA LYS E 283 -9.95 -2.02 -7.96
C LYS E 283 -11.14 -2.26 -7.05
N GLU E 284 -11.46 -3.53 -6.82
CA GLU E 284 -12.61 -3.86 -5.97
C GLU E 284 -12.34 -3.53 -4.51
N LEU E 285 -11.12 -3.79 -4.06
CA LEU E 285 -10.74 -3.50 -2.69
C LEU E 285 -10.68 -2.00 -2.46
N ALA E 286 -10.19 -1.27 -3.46
CA ALA E 286 -10.13 0.18 -3.42
C ALA E 286 -11.54 0.76 -3.38
N LYS E 287 -12.40 0.27 -4.27
CA LYS E 287 -13.80 0.69 -4.31
C LYS E 287 -14.49 0.36 -2.98
N GLU E 288 -14.08 -0.74 -2.36
CA GLU E 288 -14.63 -1.15 -1.08
C GLU E 288 -14.12 -0.25 0.04
N PHE E 289 -12.81 -0.01 0.05
CA PHE E 289 -12.17 0.82 1.07
C PHE E 289 -12.76 2.23 1.11
N LEU E 290 -12.86 2.86 -0.06
CA LEU E 290 -13.31 4.25 -0.15
C LEU E 290 -14.78 4.43 0.22
N GLU E 291 -15.64 3.56 -0.31
CA GLU E 291 -17.08 3.71 -0.11
C GLU E 291 -17.55 3.26 1.27
N ASN E 292 -16.89 2.25 1.83
CA ASN E 292 -17.37 1.64 3.06
C ASN E 292 -16.60 2.06 4.32
N TYR E 293 -15.40 2.60 4.15
CA TYR E 293 -14.59 2.97 5.31
C TYR E 293 -14.22 4.44 5.35
N LEU E 294 -13.84 5.02 4.22
CA LEU E 294 -13.43 6.41 4.20
C LEU E 294 -14.62 7.34 4.11
N LEU E 295 -15.51 7.08 3.16
CA LEU E 295 -16.69 7.92 2.97
C LEU E 295 -17.80 7.56 3.96
N THR E 296 -17.43 7.51 5.23
CA THR E 296 -18.37 7.29 6.32
C THR E 296 -18.14 8.38 7.36
N ASP E 297 -19.08 8.53 8.28
CA ASP E 297 -18.95 9.54 9.33
C ASP E 297 -17.72 9.28 10.20
N GLU E 298 -17.35 8.02 10.35
CA GLU E 298 -16.20 7.66 11.18
C GLU E 298 -14.88 7.94 10.46
N GLY E 299 -14.79 7.50 9.21
CA GLY E 299 -13.56 7.59 8.44
C GLY E 299 -13.16 9.02 8.13
N LEU E 300 -14.12 9.86 7.76
CA LEU E 300 -13.84 11.25 7.46
C LEU E 300 -13.41 11.99 8.72
N GLU E 301 -14.12 11.75 9.81
CA GLU E 301 -13.78 12.37 11.10
C GLU E 301 -12.38 11.97 11.54
N ALA E 302 -12.00 10.73 11.22
CA ALA E 302 -10.67 10.24 11.56
C ALA E 302 -9.59 11.06 10.88
N VAL E 303 -9.84 11.42 9.62
CA VAL E 303 -8.91 12.23 8.85
C VAL E 303 -9.02 13.69 9.25
N ASN E 304 -10.25 14.18 9.34
CA ASN E 304 -10.50 15.58 9.65
C ASN E 304 -9.91 16.01 11.00
N LYS E 305 -9.86 15.09 11.95
CA LYS E 305 -9.29 15.38 13.26
C LYS E 305 -7.77 15.53 13.19
N ASP E 306 -7.17 14.86 12.21
CA ASP E 306 -5.73 15.01 11.99
C ASP E 306 -5.47 16.36 11.36
N LYS E 307 -5.91 16.50 10.12
CA LYS E 307 -5.87 17.79 9.42
C LYS E 307 -7.23 18.01 8.76
N PRO E 308 -7.94 19.07 9.18
CA PRO E 308 -9.30 19.37 8.72
C PRO E 308 -9.46 19.32 7.21
N LEU E 309 -10.48 18.60 6.75
CA LEU E 309 -10.74 18.47 5.31
C LEU E 309 -11.50 19.67 4.79
N GLY E 310 -12.19 20.36 5.68
CA GLY E 310 -13.01 21.49 5.30
C GLY E 310 -14.46 21.05 5.17
N ALA E 311 -15.10 21.43 4.08
CA ALA E 311 -16.47 21.01 3.82
C ALA E 311 -16.45 19.71 3.04
N VAL E 312 -16.76 18.61 3.72
CA VAL E 312 -16.69 17.29 3.11
C VAL E 312 -17.79 17.09 2.08
N ALA E 313 -17.71 15.98 1.36
CA ALA E 313 -18.69 15.66 0.32
C ALA E 313 -19.85 14.85 0.88
N LEU E 314 -19.57 14.07 1.92
CA LEU E 314 -20.58 13.24 2.57
C LEU E 314 -21.62 14.08 3.29
N LYS E 315 -22.86 14.02 2.82
CA LYS E 315 -23.96 14.83 3.36
C LYS E 315 -24.11 14.70 4.88
N SER E 316 -24.18 13.45 5.36
CA SER E 316 -24.46 13.17 6.77
C SER E 316 -23.46 13.81 7.72
N TYR E 317 -22.19 13.81 7.33
CA TYR E 317 -21.13 14.38 8.16
C TYR E 317 -21.07 15.89 8.00
N GLU E 318 -21.25 16.36 6.78
CA GLU E 318 -21.15 17.79 6.47
C GLU E 318 -22.17 18.61 7.24
N GLU E 319 -23.29 17.98 7.58
CA GLU E 319 -24.36 18.67 8.29
C GLU E 319 -23.97 19.09 9.70
N GLU E 320 -23.01 18.36 10.28
CA GLU E 320 -22.50 18.72 11.60
C GLU E 320 -21.29 19.64 11.50
N LEU E 321 -20.47 19.44 10.48
CA LEU E 321 -19.29 20.26 10.26
C LEU E 321 -19.67 21.69 9.88
N ALA E 322 -20.84 21.84 9.28
CA ALA E 322 -21.29 23.15 8.79
C ALA E 322 -21.53 24.14 9.92
N LYS E 323 -21.61 23.64 11.15
CA LYS E 323 -21.85 24.48 12.31
C LYS E 323 -20.58 25.22 12.70
N ASP E 324 -19.44 24.69 12.30
CA ASP E 324 -18.16 25.33 12.54
C ASP E 324 -18.13 26.67 11.80
N PRO E 325 -17.96 27.76 12.55
CA PRO E 325 -17.89 29.10 11.95
C PRO E 325 -16.77 29.22 10.93
N ARG E 326 -15.69 28.47 11.14
CA ARG E 326 -14.60 28.42 10.18
C ARG E 326 -15.04 27.79 8.88
N ILE E 327 -15.85 26.74 8.97
CA ILE E 327 -16.38 26.07 7.79
C ILE E 327 -17.37 26.97 7.09
N ALA E 328 -18.17 27.68 7.88
CA ALA E 328 -19.14 28.62 7.34
C ALA E 328 -18.43 29.70 6.54
N ALA E 329 -17.24 30.07 7.00
CA ALA E 329 -16.41 31.05 6.30
C ALA E 329 -15.81 30.47 5.03
N THR E 330 -15.39 29.21 5.10
CA THR E 330 -14.83 28.51 3.94
C THR E 330 -15.82 28.45 2.79
N MET E 331 -17.08 28.16 3.12
CA MET E 331 -18.13 28.07 2.11
C MET E 331 -18.46 29.43 1.52
N GLU E 332 -18.28 30.48 2.32
CA GLU E 332 -18.53 31.84 1.86
C GLU E 332 -17.54 32.22 0.77
N ASN E 333 -16.28 31.86 0.98
CA ASN E 333 -15.24 32.08 -0.01
C ASN E 333 -15.46 31.21 -1.25
N ALA E 334 -15.84 29.96 -1.02
CA ALA E 334 -16.12 29.04 -2.10
C ALA E 334 -17.30 29.53 -2.93
N GLN E 335 -18.24 30.20 -2.25
CA GLN E 335 -19.42 30.76 -2.92
C GLN E 335 -19.02 31.85 -3.92
N LYS E 336 -18.11 32.71 -3.50
CA LYS E 336 -17.70 33.85 -4.31
C LYS E 336 -16.65 33.48 -5.35
N GLY E 337 -16.16 32.25 -5.27
CA GLY E 337 -15.13 31.79 -6.19
C GLY E 337 -15.69 31.00 -7.35
N GLU E 338 -14.85 30.13 -7.92
CA GLU E 338 -15.26 29.26 -9.02
C GLU E 338 -14.73 27.85 -8.81
N ILE E 339 -15.48 26.86 -9.28
CA ILE E 339 -15.03 25.49 -9.23
C ILE E 339 -13.97 25.31 -10.32
N MET E 340 -12.92 24.56 -10.01
CA MET E 340 -11.83 24.39 -10.96
C MET E 340 -12.26 23.52 -12.14
N PRO E 341 -11.86 23.91 -13.35
CA PRO E 341 -11.99 23.02 -14.51
C PRO E 341 -11.18 21.76 -14.27
N ASN E 342 -11.52 20.67 -14.95
CA ASN E 342 -10.76 19.44 -14.81
C ASN E 342 -10.12 19.02 -16.12
N ILE E 343 -10.29 19.84 -17.15
CA ILE E 343 -9.74 19.57 -18.46
C ILE E 343 -8.22 19.41 -18.39
N PRO E 344 -7.64 18.64 -19.33
CA PRO E 344 -6.20 18.34 -19.31
C PRO E 344 -5.32 19.58 -19.44
N GLN E 345 -5.91 20.70 -19.86
CA GLN E 345 -5.15 21.92 -20.07
C GLN E 345 -4.79 22.60 -18.75
N MET E 346 -5.44 22.19 -17.66
CA MET E 346 -5.23 22.80 -16.35
C MET E 346 -3.78 22.67 -15.88
N SER E 347 -3.14 21.57 -16.27
CA SER E 347 -1.73 21.34 -15.94
C SER E 347 -0.86 22.47 -16.50
N ALA E 348 -0.95 22.70 -17.80
CA ALA E 348 -0.18 23.74 -18.47
C ALA E 348 -0.58 25.13 -17.98
N PHE E 349 -1.84 25.27 -17.58
CA PHE E 349 -2.34 26.54 -17.06
C PHE E 349 -1.62 26.93 -15.77
N TRP E 350 -1.54 25.98 -14.83
CA TRP E 350 -0.90 26.24 -13.54
C TRP E 350 0.59 26.51 -13.69
N TYR E 351 1.25 25.77 -14.57
CA TYR E 351 2.67 25.99 -14.84
C TYR E 351 2.88 27.39 -15.39
N ALA E 352 1.96 27.83 -16.23
CA ALA E 352 2.06 29.13 -16.86
C ALA E 352 1.94 30.26 -15.84
N VAL E 353 0.93 30.16 -14.98
CA VAL E 353 0.66 31.18 -13.99
C VAL E 353 1.72 31.18 -12.89
N ARG E 354 2.23 30.01 -12.55
CA ARG E 354 3.26 29.92 -11.53
C ARG E 354 4.51 30.68 -11.95
N THR E 355 4.89 30.51 -13.21
CA THR E 355 6.06 31.18 -13.78
C THR E 355 5.87 32.69 -13.79
N ALA E 356 4.67 33.12 -14.17
CA ALA E 356 4.37 34.54 -14.29
C ALA E 356 4.39 35.21 -12.93
N VAL E 357 3.70 34.60 -11.97
CA VAL E 357 3.62 35.15 -10.62
C VAL E 357 4.98 35.20 -9.96
N ILE E 358 5.80 34.17 -10.18
CA ILE E 358 7.13 34.11 -9.61
C ILE E 358 8.08 35.12 -10.27
N ASN E 359 8.04 35.17 -11.60
CA ASN E 359 8.88 36.12 -12.34
C ASN E 359 8.52 37.57 -12.07
N ALA E 360 7.23 37.86 -11.99
CA ALA E 360 6.78 39.23 -11.74
C ALA E 360 7.19 39.69 -10.35
N ALA E 361 7.00 38.80 -9.38
CA ALA E 361 7.30 39.12 -7.98
C ALA E 361 8.80 39.31 -7.75
N SER E 362 9.61 38.49 -8.40
CA SER E 362 11.05 38.54 -8.24
C SER E 362 11.68 39.67 -9.04
N GLY E 363 10.88 40.33 -9.85
CA GLY E 363 11.35 41.44 -10.67
C GLY E 363 12.03 40.97 -11.95
N ARG E 364 12.08 39.65 -12.14
CA ARG E 364 12.67 39.06 -13.31
C ARG E 364 11.94 39.48 -14.59
N GLN E 365 10.63 39.69 -14.46
CA GLN E 365 9.83 40.16 -15.59
C GLN E 365 8.86 41.26 -15.15
N THR E 366 8.33 41.99 -16.13
CA THR E 366 7.30 42.97 -15.87
C THR E 366 5.97 42.22 -15.79
N VAL E 367 5.05 42.72 -14.96
CA VAL E 367 3.72 42.13 -14.82
C VAL E 367 3.08 41.95 -16.20
N ASP E 368 3.20 42.96 -17.04
CA ASP E 368 2.66 42.90 -18.39
C ASP E 368 3.36 41.85 -19.24
N ALA E 369 4.70 41.82 -19.15
CA ALA E 369 5.48 40.89 -19.94
C ALA E 369 5.33 39.45 -19.46
N ALA E 370 5.16 39.30 -18.15
CA ALA E 370 5.03 37.97 -17.55
C ALA E 370 3.69 37.33 -17.87
N LEU E 371 2.62 38.11 -17.75
CA LEU E 371 1.27 37.62 -17.99
C LEU E 371 1.00 37.40 -19.46
N ALA E 372 1.64 38.18 -20.32
CA ALA E 372 1.51 38.01 -21.75
C ALA E 372 2.07 36.65 -22.16
N ALA E 373 3.17 36.27 -21.54
CA ALA E 373 3.79 34.97 -21.77
C ALA E 373 2.92 33.86 -21.18
N ALA E 374 2.20 34.19 -20.11
CA ALA E 374 1.35 33.23 -19.41
C ALA E 374 0.12 32.88 -20.25
N GLN E 375 -0.47 33.90 -20.87
CA GLN E 375 -1.62 33.69 -21.75
C GLN E 375 -1.25 32.77 -22.90
N THR E 376 -0.08 32.99 -23.48
CA THR E 376 0.40 32.21 -24.61
C THR E 376 0.59 30.74 -24.28
N ASN E 377 1.23 30.47 -23.14
CA ASN E 377 1.61 29.10 -22.79
C ASN E 377 0.53 28.33 -22.04
N ALA E 378 -0.49 29.02 -21.56
CA ALA E 378 -1.66 28.36 -20.99
C ALA E 378 -2.39 27.63 -22.10
N ALA E 379 -2.51 28.31 -23.24
CA ALA E 379 -3.14 27.75 -24.42
C ALA E 379 -2.33 26.59 -25.00
N ALA E 380 -1.02 26.62 -24.77
CA ALA E 380 -0.15 25.54 -25.18
C ALA E 380 -0.56 24.21 -24.53
N GLU F 13 -14.38 13.56 23.32
CA GLU F 13 -14.33 14.93 22.81
C GLU F 13 -13.76 15.88 23.87
N GLU F 14 -13.63 17.15 23.51
CA GLU F 14 -13.03 18.15 24.37
C GLU F 14 -13.89 19.39 24.48
N GLY F 15 -13.99 19.94 25.69
CA GLY F 15 -14.89 21.05 25.96
C GLY F 15 -16.31 20.54 25.92
N LYS F 16 -16.49 19.33 26.43
CA LYS F 16 -17.77 18.63 26.36
C LYS F 16 -17.89 17.67 27.52
N LEU F 17 -19.04 17.65 28.18
CA LEU F 17 -19.28 16.67 29.22
C LEU F 17 -20.35 15.67 28.81
N VAL F 18 -19.93 14.43 28.62
CA VAL F 18 -20.85 13.34 28.34
C VAL F 18 -21.02 12.51 29.61
N ILE F 19 -22.26 12.29 30.02
CA ILE F 19 -22.54 11.63 31.29
C ILE F 19 -23.40 10.40 31.11
N TRP F 20 -22.90 9.27 31.59
CA TRP F 20 -23.68 8.03 31.61
C TRP F 20 -24.27 7.80 33.00
N ILE F 21 -25.57 7.54 33.03
CA ILE F 21 -26.28 7.24 34.27
C ILE F 21 -27.36 6.23 33.97
N ASN F 22 -27.69 5.38 34.94
CA ASN F 22 -28.63 4.29 34.68
C ASN F 22 -30.04 4.78 34.41
N GLY F 23 -30.77 4.05 33.58
CA GLY F 23 -32.09 4.44 33.12
C GLY F 23 -33.14 4.56 34.21
N ASP F 24 -32.95 3.85 35.31
CA ASP F 24 -33.93 3.85 36.40
C ASP F 24 -33.73 5.06 37.29
N LYS F 25 -32.67 5.82 37.04
CA LYS F 25 -32.40 7.03 37.80
C LYS F 25 -33.01 8.24 37.13
N GLY F 26 -32.93 9.39 37.80
CA GLY F 26 -33.48 10.63 37.29
C GLY F 26 -32.58 11.34 36.30
N TYR F 27 -32.50 10.80 35.09
CA TYR F 27 -31.62 11.37 34.07
C TYR F 27 -32.15 12.68 33.49
N ASN F 28 -33.45 12.92 33.62
CA ASN F 28 -34.03 14.18 33.18
C ASN F 28 -33.75 15.32 34.16
N GLY F 29 -33.65 14.97 35.44
CA GLY F 29 -33.32 15.96 36.47
C GLY F 29 -31.85 16.31 36.49
N LEU F 30 -31.02 15.42 35.96
CA LEU F 30 -29.58 15.66 35.88
C LEU F 30 -29.28 16.55 34.69
N ALA F 31 -30.09 16.42 33.64
CA ALA F 31 -29.93 17.23 32.44
C ALA F 31 -30.21 18.70 32.72
N GLU F 32 -31.07 18.96 33.69
CA GLU F 32 -31.40 20.33 34.07
C GLU F 32 -30.21 21.02 34.72
N VAL F 33 -29.48 20.27 35.54
CA VAL F 33 -28.26 20.79 36.15
C VAL F 33 -27.23 21.04 35.05
N GLY F 34 -27.27 20.21 34.01
CA GLY F 34 -26.39 20.38 32.88
C GLY F 34 -26.77 21.59 32.05
N LYS F 35 -28.04 21.96 32.12
CA LYS F 35 -28.52 23.16 31.45
C LYS F 35 -27.96 24.37 32.18
N LYS F 36 -28.15 24.37 33.50
CA LYS F 36 -27.65 25.45 34.36
C LYS F 36 -26.13 25.59 34.21
N PHE F 37 -25.45 24.47 34.02
CA PHE F 37 -24.01 24.48 33.81
C PHE F 37 -23.65 25.24 32.55
N GLU F 38 -24.32 24.90 31.45
CA GLU F 38 -24.06 25.55 30.17
C GLU F 38 -24.47 27.02 30.19
N LYS F 39 -25.46 27.34 31.01
CA LYS F 39 -25.95 28.70 31.15
C LYS F 39 -24.87 29.60 31.76
N ASP F 40 -24.04 29.02 32.61
CA ASP F 40 -23.05 29.80 33.36
C ASP F 40 -21.65 29.80 32.75
N THR F 41 -21.34 28.81 31.92
CA THR F 41 -19.99 28.69 31.38
C THR F 41 -19.94 28.34 29.89
N GLY F 42 -21.09 28.06 29.31
CA GLY F 42 -21.16 27.79 27.89
C GLY F 42 -20.70 26.39 27.50
N ILE F 43 -20.44 25.56 28.50
CA ILE F 43 -20.06 24.17 28.27
C ILE F 43 -21.28 23.26 28.31
N LYS F 44 -21.58 22.63 27.18
CA LYS F 44 -22.77 21.77 27.08
C LYS F 44 -22.60 20.43 27.78
N VAL F 45 -23.65 20.00 28.48
CA VAL F 45 -23.66 18.71 29.13
C VAL F 45 -24.69 17.79 28.48
N THR F 46 -24.22 16.62 28.05
CA THR F 46 -25.11 15.64 27.42
C THR F 46 -25.25 14.39 28.30
N VAL F 47 -26.43 14.21 28.87
CA VAL F 47 -26.69 13.07 29.75
C VAL F 47 -27.34 11.92 28.97
N GLU F 48 -26.78 10.73 29.10
CA GLU F 48 -27.27 9.56 28.39
C GLU F 48 -27.50 8.38 29.34
N HIS F 49 -28.42 7.49 28.97
CA HIS F 49 -28.69 6.30 29.79
C HIS F 49 -28.71 5.02 28.95
N PRO F 50 -27.53 4.57 28.50
CA PRO F 50 -27.45 3.36 27.68
C PRO F 50 -27.68 2.09 28.51
N ASP F 51 -28.12 1.02 27.87
CA ASP F 51 -28.38 -0.24 28.53
C ASP F 51 -27.08 -0.95 28.89
N LYS F 52 -27.04 -1.55 30.07
CA LYS F 52 -25.86 -2.26 30.55
C LYS F 52 -24.61 -1.39 30.52
N LEU F 53 -24.73 -0.17 31.05
CA LEU F 53 -23.61 0.76 30.99
C LEU F 53 -22.51 0.33 31.94
N GLU F 54 -22.87 -0.37 33.00
CA GLU F 54 -21.86 -0.87 33.94
C GLU F 54 -21.04 -1.98 33.29
N GLU F 55 -21.54 -2.50 32.18
CA GLU F 55 -20.83 -3.50 31.40
C GLU F 55 -20.26 -2.87 30.13
N LYS F 56 -20.98 -1.89 29.60
CA LYS F 56 -20.52 -1.16 28.43
C LYS F 56 -19.28 -0.33 28.73
N PHE F 57 -19.28 0.33 29.89
CA PHE F 57 -18.23 1.27 30.23
C PHE F 57 -16.83 0.64 30.19
N PRO F 58 -16.55 -0.38 31.05
CA PRO F 58 -15.17 -0.86 31.06
C PRO F 58 -14.78 -1.49 29.73
N GLN F 59 -15.78 -1.96 28.99
CA GLN F 59 -15.58 -2.52 27.66
C GLN F 59 -15.09 -1.45 26.69
N VAL F 60 -15.65 -0.25 26.83
CA VAL F 60 -15.31 0.84 25.91
C VAL F 60 -14.48 1.94 26.58
N ALA F 61 -14.22 1.80 27.88
CA ALA F 61 -13.33 2.73 28.56
C ALA F 61 -11.89 2.35 28.24
N ALA F 62 -11.75 1.17 27.65
CA ALA F 62 -10.50 0.77 27.01
C ALA F 62 -10.44 1.50 25.68
N THR F 63 -9.24 1.64 25.12
CA THR F 63 -9.01 2.44 23.91
C THR F 63 -9.39 3.91 24.14
N GLY F 64 -9.59 4.28 25.39
CA GLY F 64 -9.81 5.67 25.78
C GLY F 64 -11.02 6.35 25.16
N ASP F 65 -12.16 5.67 25.18
CA ASP F 65 -13.39 6.26 24.69
C ASP F 65 -14.42 6.34 25.83
N GLY F 66 -15.70 6.45 25.47
CA GLY F 66 -16.78 6.49 26.44
C GLY F 66 -17.12 7.90 26.91
N PRO F 67 -17.80 7.99 28.07
CA PRO F 67 -18.22 9.26 28.66
C PRO F 67 -17.10 9.93 29.46
N ASP F 68 -17.35 11.17 29.91
CA ASP F 68 -16.44 11.85 30.81
C ASP F 68 -16.72 11.43 32.25
N ILE F 69 -17.99 11.50 32.64
CA ILE F 69 -18.42 11.12 33.98
C ILE F 69 -19.34 9.90 33.90
N ILE F 70 -19.25 9.00 34.88
CA ILE F 70 -20.11 7.83 34.91
C ILE F 70 -20.76 7.63 36.28
N PHE F 71 -22.08 7.49 36.27
CA PHE F 71 -22.85 7.30 37.50
C PHE F 71 -23.25 5.85 37.72
N TRP F 72 -22.90 5.31 38.89
CA TRP F 72 -23.31 3.97 39.28
C TRP F 72 -23.09 3.77 40.77
N ALA F 73 -23.62 2.68 41.30
CA ALA F 73 -23.33 2.29 42.66
C ALA F 73 -21.85 1.98 42.80
N HIS F 74 -21.31 2.19 44.00
CA HIS F 74 -19.87 2.16 44.23
C HIS F 74 -19.22 0.79 44.05
N ASP F 75 -20.00 -0.28 44.04
CA ASP F 75 -19.46 -1.63 44.01
C ASP F 75 -18.69 -1.91 42.72
N ARG F 76 -19.09 -1.24 41.64
CA ARG F 76 -18.45 -1.44 40.34
C ARG F 76 -17.14 -0.66 40.18
N PHE F 77 -16.99 0.43 40.93
CA PHE F 77 -15.92 1.38 40.69
C PHE F 77 -14.52 0.85 41.03
N GLY F 78 -14.43 0.01 42.06
CA GLY F 78 -13.17 -0.58 42.43
C GLY F 78 -12.63 -1.47 41.33
N GLY F 79 -13.53 -2.16 40.64
CA GLY F 79 -13.16 -2.98 39.51
C GLY F 79 -12.61 -2.12 38.39
N TYR F 80 -13.22 -0.94 38.22
CA TYR F 80 -12.76 0.03 37.23
C TYR F 80 -11.38 0.56 37.60
N ALA F 81 -11.22 0.95 38.86
CA ALA F 81 -9.97 1.53 39.34
C ALA F 81 -8.80 0.58 39.16
N GLN F 82 -9.02 -0.71 39.44
CA GLN F 82 -7.98 -1.71 39.30
C GLN F 82 -7.53 -1.80 37.84
N SER F 83 -8.43 -1.47 36.93
CA SER F 83 -8.11 -1.45 35.51
C SER F 83 -7.59 -0.07 35.11
N GLY F 84 -7.53 0.84 36.08
CA GLY F 84 -7.02 2.17 35.85
C GLY F 84 -7.97 3.07 35.08
N LEU F 85 -9.22 2.64 34.96
CA LEU F 85 -10.19 3.34 34.12
C LEU F 85 -10.80 4.57 34.78
N LEU F 86 -10.43 4.83 36.03
CA LEU F 86 -10.95 6.00 36.74
C LEU F 86 -9.84 6.94 37.15
N ALA F 87 -10.13 8.24 37.09
CA ALA F 87 -9.17 9.24 37.51
C ALA F 87 -9.39 9.59 38.98
N GLU F 88 -8.30 9.73 39.71
CA GLU F 88 -8.37 10.11 41.11
C GLU F 88 -8.98 11.49 41.24
N ILE F 89 -9.89 11.66 42.17
CA ILE F 89 -10.49 12.96 42.40
C ILE F 89 -9.74 13.69 43.50
N THR F 90 -9.61 15.00 43.36
CA THR F 90 -8.80 15.79 44.29
C THR F 90 -9.60 16.95 44.88
N PRO F 91 -10.44 16.65 45.88
CA PRO F 91 -11.15 17.72 46.58
C PRO F 91 -10.40 18.13 47.83
N ALA F 92 -10.68 19.33 48.34
CA ALA F 92 -10.06 19.80 49.57
C ALA F 92 -10.94 19.43 50.75
N ALA F 93 -10.39 19.48 51.95
CA ALA F 93 -11.13 19.16 53.16
C ALA F 93 -12.33 20.08 53.32
N ALA F 94 -12.23 21.28 52.74
CA ALA F 94 -13.31 22.25 52.79
C ALA F 94 -14.56 21.71 52.11
N PHE F 95 -14.36 21.13 50.93
CA PHE F 95 -15.46 20.51 50.19
C PHE F 95 -15.79 19.14 50.76
N GLN F 96 -14.75 18.43 51.20
CA GLN F 96 -14.88 17.09 51.74
C GLN F 96 -15.77 17.05 52.98
N ASP F 97 -15.91 18.18 53.65
CA ASP F 97 -16.69 18.27 54.87
C ASP F 97 -18.19 18.39 54.60
N LYS F 98 -18.55 18.73 53.37
CA LYS F 98 -19.96 18.86 53.01
C LYS F 98 -20.70 17.54 53.02
N LEU F 99 -19.95 16.46 52.85
CA LEU F 99 -20.55 15.14 52.75
C LEU F 99 -20.21 14.28 53.97
N TYR F 100 -21.06 13.30 54.24
CA TYR F 100 -20.86 12.40 55.37
C TYR F 100 -19.60 11.57 55.13
N PRO F 101 -18.78 11.40 56.18
CA PRO F 101 -17.49 10.72 56.08
C PRO F 101 -17.62 9.27 55.60
N PHE F 102 -18.69 8.60 56.01
CA PHE F 102 -18.89 7.19 55.67
C PHE F 102 -19.19 6.98 54.19
N THR F 103 -19.65 8.03 53.51
CA THR F 103 -19.90 7.93 52.08
C THR F 103 -18.59 8.04 51.29
N TRP F 104 -17.60 8.68 51.90
CA TRP F 104 -16.29 8.81 51.28
C TRP F 104 -15.53 7.49 51.37
N ASP F 105 -15.83 6.71 52.40
CA ASP F 105 -15.20 5.41 52.60
C ASP F 105 -15.61 4.46 51.48
N ALA F 106 -16.82 4.62 50.98
CA ALA F 106 -17.36 3.75 49.95
C ALA F 106 -16.65 3.95 48.62
N VAL F 107 -16.17 5.17 48.38
CA VAL F 107 -15.54 5.51 47.12
C VAL F 107 -14.01 5.52 47.24
N ARG F 108 -13.50 5.02 48.36
CA ARG F 108 -12.06 4.93 48.55
C ARG F 108 -11.55 3.55 48.19
N TYR F 109 -10.48 3.48 47.40
CA TYR F 109 -9.91 2.21 46.97
C TYR F 109 -8.40 2.28 46.90
N ASN F 110 -7.73 1.38 47.61
CA ASN F 110 -6.27 1.41 47.74
C ASN F 110 -5.77 2.78 48.22
N GLY F 111 -6.49 3.35 49.18
CA GLY F 111 -6.11 4.62 49.76
C GLY F 111 -6.63 5.84 49.01
N LYS F 112 -6.74 5.73 47.69
CA LYS F 112 -7.13 6.87 46.88
C LYS F 112 -8.63 6.92 46.59
N LEU F 113 -9.22 8.10 46.72
CA LEU F 113 -10.62 8.31 46.37
C LEU F 113 -10.78 8.26 44.86
N ILE F 114 -11.78 7.53 44.39
CA ILE F 114 -11.93 7.32 42.95
C ILE F 114 -13.22 7.89 42.37
N ALA F 115 -14.12 8.34 43.23
CA ALA F 115 -15.38 8.92 42.76
C ALA F 115 -16.05 9.80 43.80
N TYR F 116 -17.02 10.60 43.37
CA TYR F 116 -17.79 11.45 44.27
C TYR F 116 -19.08 10.75 44.69
N PRO F 117 -19.26 10.54 45.99
CA PRO F 117 -20.49 9.94 46.50
C PRO F 117 -21.68 10.88 46.31
N ILE F 118 -22.81 10.35 45.85
CA ILE F 118 -23.98 11.17 45.56
C ILE F 118 -25.13 10.86 46.51
N ALA F 119 -25.59 9.61 46.51
CA ALA F 119 -26.72 9.24 47.36
C ALA F 119 -26.57 7.83 47.92
N VAL F 120 -27.30 7.56 48.99
CA VAL F 120 -27.29 6.25 49.63
C VAL F 120 -28.61 5.51 49.36
N GLU F 121 -28.52 4.41 48.64
CA GLU F 121 -29.69 3.63 48.27
C GLU F 121 -29.87 2.41 49.16
N ALA F 122 -31.12 2.08 49.45
CA ALA F 122 -31.43 0.88 50.23
C ALA F 122 -32.83 0.39 49.92
N LEU F 123 -32.96 -0.91 49.64
CA LEU F 123 -34.26 -1.49 49.33
C LEU F 123 -35.16 -1.45 50.55
N SER F 124 -36.44 -1.15 50.32
CA SER F 124 -37.42 -1.14 51.38
C SER F 124 -38.67 -1.89 50.95
N LEU F 125 -39.56 -2.13 51.89
CA LEU F 125 -40.84 -2.74 51.57
C LEU F 125 -41.86 -1.64 51.26
N ILE F 126 -42.36 -1.64 50.03
CA ILE F 126 -43.36 -0.68 49.62
C ILE F 126 -44.70 -1.39 49.55
N TYR F 127 -45.66 -0.93 50.34
CA TYR F 127 -46.93 -1.64 50.45
C TYR F 127 -48.14 -0.76 50.12
N ASN F 128 -49.15 -1.39 49.55
CA ASN F 128 -50.39 -0.70 49.20
C ASN F 128 -51.29 -0.56 50.44
N LYS F 129 -51.41 0.67 50.93
CA LYS F 129 -52.16 0.93 52.15
C LYS F 129 -53.65 0.63 51.99
N ASP F 130 -54.15 0.69 50.77
CA ASP F 130 -55.55 0.39 50.50
C ASP F 130 -55.82 -1.11 50.54
N LEU F 131 -54.96 -1.88 49.88
CA LEU F 131 -55.09 -3.33 49.86
C LEU F 131 -54.61 -3.96 51.16
N LEU F 132 -53.67 -3.29 51.82
CA LEU F 132 -53.01 -3.85 52.99
C LEU F 132 -52.68 -2.76 54.01
N PRO F 133 -53.61 -2.49 54.93
CA PRO F 133 -53.46 -1.44 55.94
C PRO F 133 -52.27 -1.67 56.86
N ASN F 134 -52.02 -2.91 57.22
CA ASN F 134 -50.88 -3.25 58.06
C ASN F 134 -50.00 -4.32 57.42
N PRO F 135 -48.84 -3.90 56.90
CA PRO F 135 -47.92 -4.81 56.23
C PRO F 135 -47.34 -5.87 57.18
N PRO F 136 -47.03 -7.06 56.67
CA PRO F 136 -46.49 -8.15 57.48
C PRO F 136 -45.11 -7.82 58.02
N LYS F 137 -44.83 -8.25 59.24
CA LYS F 137 -43.53 -7.99 59.86
C LYS F 137 -42.54 -9.12 59.56
N THR F 138 -43.05 -10.30 59.25
CA THR F 138 -42.19 -11.43 58.94
C THR F 138 -42.52 -12.04 57.58
N TRP F 139 -41.51 -12.64 56.96
CA TRP F 139 -41.65 -13.26 55.64
C TRP F 139 -42.62 -14.44 55.63
N GLU F 140 -42.74 -15.13 56.75
CA GLU F 140 -43.55 -16.34 56.83
C GLU F 140 -45.05 -16.06 56.77
N GLU F 141 -45.41 -14.80 57.00
CA GLU F 141 -46.81 -14.37 56.93
C GLU F 141 -47.30 -14.29 55.50
N ILE F 142 -46.36 -14.12 54.57
CA ILE F 142 -46.69 -13.82 53.17
C ILE F 142 -47.44 -14.94 52.42
N PRO F 143 -47.06 -16.21 52.60
CA PRO F 143 -47.88 -17.25 51.96
C PRO F 143 -49.34 -17.22 52.41
N ALA F 144 -49.56 -17.05 53.70
CA ALA F 144 -50.91 -16.96 54.25
C ALA F 144 -51.63 -15.73 53.73
N LEU F 145 -50.89 -14.64 53.63
CA LEU F 145 -51.43 -13.36 53.19
C LEU F 145 -51.76 -13.38 51.72
N ASP F 146 -51.06 -14.23 50.96
CA ASP F 146 -51.29 -14.33 49.53
C ASP F 146 -52.62 -15.00 49.23
N LYS F 147 -52.98 -16.00 50.03
CA LYS F 147 -54.25 -16.69 49.88
C LYS F 147 -55.40 -15.71 49.93
N GLU F 148 -55.34 -14.79 50.89
CA GLU F 148 -56.37 -13.77 51.06
C GLU F 148 -56.49 -12.87 49.84
N LEU F 149 -55.36 -12.47 49.27
CA LEU F 149 -55.35 -11.52 48.17
C LEU F 149 -55.61 -12.16 46.81
N LYS F 150 -55.22 -13.42 46.64
CA LYS F 150 -55.53 -14.14 45.40
C LYS F 150 -57.03 -14.37 45.30
N ALA F 151 -57.68 -14.43 46.46
CA ALA F 151 -59.13 -14.60 46.51
C ALA F 151 -59.84 -13.35 46.03
N LYS F 152 -59.12 -12.23 46.02
CA LYS F 152 -59.69 -10.96 45.61
C LYS F 152 -59.15 -10.56 44.24
N GLY F 153 -58.50 -11.50 43.57
CA GLY F 153 -57.96 -11.27 42.24
C GLY F 153 -56.61 -10.57 42.22
N LYS F 154 -56.05 -10.36 43.42
CA LYS F 154 -54.76 -9.70 43.55
C LYS F 154 -53.66 -10.69 43.88
N SER F 155 -52.55 -10.16 44.40
CA SER F 155 -51.45 -10.99 44.88
C SER F 155 -50.73 -10.28 46.02
N ALA F 156 -50.00 -11.05 46.82
CA ALA F 156 -49.36 -10.49 48.01
C ALA F 156 -48.12 -9.68 47.66
N LEU F 157 -47.19 -10.28 46.93
CA LEU F 157 -45.89 -9.66 46.70
C LEU F 157 -45.33 -9.96 45.31
N MET F 158 -44.79 -8.93 44.66
CA MET F 158 -44.13 -9.07 43.38
C MET F 158 -42.92 -8.15 43.31
N PHE F 159 -41.75 -8.72 43.05
CA PHE F 159 -40.55 -7.92 42.88
C PHE F 159 -39.59 -8.58 41.90
N ASN F 160 -38.58 -7.83 41.48
CA ASN F 160 -37.63 -8.32 40.48
C ASN F 160 -36.87 -9.56 40.96
N LEU F 161 -37.05 -10.66 40.24
CA LEU F 161 -36.37 -11.91 40.57
C LEU F 161 -35.22 -12.19 39.60
N GLN F 162 -35.01 -11.28 38.65
CA GLN F 162 -34.00 -11.48 37.62
C GLN F 162 -32.68 -10.81 37.99
N GLU F 163 -32.73 -9.96 39.00
CA GLU F 163 -31.54 -9.31 39.55
C GLU F 163 -31.40 -9.67 41.02
N PRO F 164 -30.23 -10.21 41.40
CA PRO F 164 -29.96 -10.71 42.76
C PRO F 164 -29.97 -9.61 43.81
N TYR F 165 -29.88 -8.36 43.39
CA TYR F 165 -29.90 -7.23 44.30
C TYR F 165 -31.17 -7.19 45.14
N PHE F 166 -32.26 -7.73 44.59
CA PHE F 166 -33.56 -7.66 45.25
C PHE F 166 -33.83 -8.84 46.18
N THR F 167 -33.27 -10.00 45.85
CA THR F 167 -33.49 -11.19 46.65
C THR F 167 -32.42 -11.37 47.71
N TRP F 168 -31.37 -10.56 47.63
CA TRP F 168 -30.28 -10.64 48.61
C TRP F 168 -30.68 -10.32 50.05
N PRO F 169 -31.58 -9.33 50.28
CA PRO F 169 -31.97 -9.07 51.67
C PRO F 169 -32.56 -10.28 52.38
N LEU F 170 -33.15 -11.19 51.62
CA LEU F 170 -33.71 -12.42 52.19
C LEU F 170 -32.62 -13.45 52.45
N ILE F 171 -31.70 -13.58 51.50
CA ILE F 171 -30.59 -14.52 51.65
C ILE F 171 -29.69 -14.19 52.84
N ALA F 172 -29.31 -12.93 52.94
CA ALA F 172 -28.37 -12.48 53.98
C ALA F 172 -28.98 -12.43 55.37
N ALA F 173 -30.29 -12.54 55.45
CA ALA F 173 -31.01 -12.34 56.70
C ALA F 173 -30.59 -13.32 57.80
N ASP F 174 -30.51 -14.59 57.47
CA ASP F 174 -30.26 -15.61 58.49
C ASP F 174 -28.79 -16.01 58.56
N GLY F 175 -27.93 -15.35 57.79
CA GLY F 175 -26.51 -15.62 57.88
C GLY F 175 -25.72 -15.59 56.58
N GLY F 176 -26.39 -15.27 55.47
CA GLY F 176 -25.68 -15.17 54.21
C GLY F 176 -24.81 -13.93 54.16
N TYR F 177 -23.67 -14.04 53.49
CA TYR F 177 -22.79 -12.89 53.28
C TYR F 177 -21.95 -13.06 52.02
N ALA F 178 -21.45 -11.95 51.49
CA ALA F 178 -20.68 -11.99 50.25
C ALA F 178 -19.26 -12.47 50.49
N PHE F 179 -18.45 -11.60 51.08
CA PHE F 179 -17.07 -11.92 51.41
C PHE F 179 -16.81 -11.59 52.87
N LYS F 180 -16.18 -12.49 53.60
CA LYS F 180 -15.91 -12.24 55.00
C LYS F 180 -14.93 -11.08 55.14
N TYR F 181 -15.31 -10.11 55.95
CA TYR F 181 -14.52 -8.91 56.17
C TYR F 181 -13.64 -9.07 57.40
N GLU F 182 -12.36 -9.32 57.19
CA GLU F 182 -11.45 -9.51 58.30
C GLU F 182 -10.85 -8.17 58.69
N ASN F 183 -11.71 -7.23 59.08
CA ASN F 183 -11.28 -5.97 59.66
C ASN F 183 -10.26 -5.25 58.78
N GLY F 184 -10.75 -4.49 57.82
CA GLY F 184 -9.90 -3.73 56.92
C GLY F 184 -9.68 -4.39 55.59
N LYS F 185 -10.05 -5.67 55.48
CA LYS F 185 -9.83 -6.42 54.26
C LYS F 185 -10.88 -7.52 54.10
N TYR F 186 -11.19 -7.83 52.85
CA TYR F 186 -12.15 -8.87 52.53
C TYR F 186 -11.43 -10.14 52.10
N ASP F 187 -11.62 -11.22 52.83
CA ASP F 187 -11.01 -12.49 52.45
C ASP F 187 -11.86 -13.14 51.37
N ILE F 188 -11.41 -13.05 50.13
CA ILE F 188 -12.21 -13.47 48.99
C ILE F 188 -12.21 -14.98 48.81
N LYS F 189 -11.42 -15.67 49.63
CA LYS F 189 -11.42 -17.13 49.63
C LYS F 189 -12.45 -17.63 50.64
N ASP F 190 -12.93 -16.71 51.48
CA ASP F 190 -13.99 -17.02 52.42
C ASP F 190 -15.31 -16.43 51.93
N VAL F 191 -16.11 -17.24 51.26
CA VAL F 191 -17.39 -16.79 50.71
C VAL F 191 -18.54 -17.43 51.46
N GLY F 192 -19.49 -16.62 51.93
CA GLY F 192 -20.60 -17.11 52.71
C GLY F 192 -21.92 -17.12 51.96
N VAL F 193 -21.88 -17.60 50.73
CA VAL F 193 -23.07 -17.67 49.89
C VAL F 193 -23.73 -19.05 50.02
N ASP F 194 -22.94 -20.04 50.42
CA ASP F 194 -23.41 -21.41 50.46
C ASP F 194 -23.55 -21.94 51.89
N ASN F 195 -23.62 -21.03 52.87
CA ASN F 195 -23.82 -21.46 54.25
C ASN F 195 -25.29 -21.78 54.50
N ALA F 196 -25.58 -22.31 55.67
CA ALA F 196 -26.92 -22.81 55.98
C ALA F 196 -27.95 -21.68 56.04
N GLY F 197 -27.51 -20.50 56.46
CA GLY F 197 -28.39 -19.35 56.57
C GLY F 197 -28.77 -18.81 55.20
N ALA F 198 -27.80 -18.82 54.29
CA ALA F 198 -28.03 -18.36 52.93
C ALA F 198 -28.88 -19.37 52.17
N LYS F 199 -28.68 -20.64 52.51
CA LYS F 199 -29.46 -21.73 51.91
C LYS F 199 -30.89 -21.70 52.43
N ALA F 200 -31.03 -21.32 53.70
CA ALA F 200 -32.34 -21.24 54.34
C ALA F 200 -33.20 -20.16 53.69
N GLY F 201 -32.57 -19.08 53.26
CA GLY F 201 -33.28 -17.95 52.70
C GLY F 201 -33.74 -18.16 51.27
N LEU F 202 -32.83 -18.66 50.43
CA LEU F 202 -33.14 -18.91 49.03
C LEU F 202 -34.17 -20.02 48.88
N THR F 203 -34.12 -20.98 49.81
CA THR F 203 -35.07 -22.10 49.80
C THR F 203 -36.49 -21.61 50.05
N PHE F 204 -36.62 -20.64 50.94
CA PHE F 204 -37.93 -20.06 51.25
C PHE F 204 -38.51 -19.35 50.03
N LEU F 205 -37.64 -18.71 49.25
CA LEU F 205 -38.06 -18.05 48.03
C LEU F 205 -38.60 -19.08 47.04
N VAL F 206 -37.88 -20.19 46.92
CA VAL F 206 -38.26 -21.28 46.02
C VAL F 206 -39.60 -21.91 46.42
N ASP F 207 -39.82 -22.06 47.73
CA ASP F 207 -41.06 -22.63 48.21
C ASP F 207 -42.26 -21.73 47.91
N LEU F 208 -42.02 -20.42 47.91
CA LEU F 208 -43.04 -19.45 47.52
C LEU F 208 -43.42 -19.68 46.06
N ILE F 209 -42.43 -19.99 45.24
CA ILE F 209 -42.64 -20.20 43.82
C ILE F 209 -43.29 -21.56 43.56
N LYS F 210 -42.81 -22.59 44.25
CA LYS F 210 -43.36 -23.94 44.10
C LYS F 210 -44.82 -24.00 44.50
N ASN F 211 -45.19 -23.23 45.52
CA ASN F 211 -46.56 -23.23 46.01
C ASN F 211 -47.38 -22.09 45.43
N LYS F 212 -46.96 -21.61 44.26
CA LYS F 212 -47.73 -20.66 43.46
C LYS F 212 -48.03 -19.35 44.16
N HIS F 213 -47.11 -18.88 45.00
CA HIS F 213 -47.28 -17.59 45.64
C HIS F 213 -46.42 -16.54 44.94
N MET F 214 -45.49 -17.01 44.11
CA MET F 214 -44.71 -16.13 43.26
C MET F 214 -44.42 -16.78 41.91
N ASN F 215 -44.18 -15.95 40.91
CA ASN F 215 -43.83 -16.42 39.59
C ASN F 215 -42.36 -16.09 39.32
N ALA F 216 -41.60 -17.09 38.88
CA ALA F 216 -40.17 -16.93 38.68
C ALA F 216 -39.83 -15.94 37.55
N ASP F 217 -40.81 -15.69 36.69
CA ASP F 217 -40.60 -14.85 35.51
C ASP F 217 -40.56 -13.36 35.83
N THR F 218 -41.07 -13.00 37.01
CA THR F 218 -41.22 -11.60 37.40
C THR F 218 -39.90 -10.83 37.35
N ASP F 219 -39.87 -9.77 36.56
CA ASP F 219 -38.72 -8.89 36.49
C ASP F 219 -39.08 -7.51 37.02
N TYR F 220 -38.28 -6.50 36.65
CA TYR F 220 -38.50 -5.17 37.17
C TYR F 220 -39.74 -4.53 36.56
N SER F 221 -39.82 -4.54 35.23
CA SER F 221 -40.93 -3.92 34.53
C SER F 221 -42.27 -4.58 34.84
N ILE F 222 -42.29 -5.91 34.86
CA ILE F 222 -43.51 -6.65 35.19
C ILE F 222 -43.99 -6.35 36.60
N ALA F 223 -43.06 -6.31 37.54
CA ALA F 223 -43.39 -6.07 38.95
C ALA F 223 -43.82 -4.63 39.19
N GLU F 224 -43.11 -3.69 38.56
CA GLU F 224 -43.40 -2.28 38.75
C GLU F 224 -44.80 -1.96 38.26
N ALA F 225 -45.14 -2.52 37.10
CA ALA F 225 -46.46 -2.35 36.52
C ALA F 225 -47.53 -2.89 37.45
N ALA F 226 -47.33 -4.11 37.93
CA ALA F 226 -48.30 -4.78 38.78
C ALA F 226 -48.69 -3.97 40.01
N PHE F 227 -47.70 -3.37 40.67
CA PHE F 227 -47.97 -2.62 41.90
C PHE F 227 -48.68 -1.29 41.61
N ASN F 228 -48.28 -0.65 40.51
CA ASN F 228 -48.83 0.64 40.13
C ASN F 228 -50.26 0.52 39.59
N LYS F 229 -50.62 -0.67 39.13
CA LYS F 229 -51.97 -0.91 38.63
C LYS F 229 -52.88 -1.38 39.76
N GLY F 230 -52.31 -1.50 40.95
CA GLY F 230 -53.04 -1.94 42.12
C GLY F 230 -53.36 -3.42 42.06
N GLU F 231 -52.55 -4.16 41.29
CA GLU F 231 -52.76 -5.59 41.12
C GLU F 231 -52.10 -6.42 42.22
N THR F 232 -51.10 -5.85 42.87
CA THR F 232 -50.44 -6.52 44.00
C THR F 232 -50.30 -5.57 45.18
N ALA F 233 -50.25 -6.13 46.38
CA ALA F 233 -50.27 -5.33 47.60
C ALA F 233 -48.89 -4.82 47.98
N MET F 234 -47.85 -5.62 47.74
CA MET F 234 -46.51 -5.26 48.17
C MET F 234 -45.49 -5.36 47.04
N THR F 235 -44.37 -4.67 47.21
CA THR F 235 -43.24 -4.76 46.30
C THR F 235 -41.96 -4.38 47.02
N ILE F 236 -40.82 -4.74 46.44
CA ILE F 236 -39.53 -4.39 47.00
C ILE F 236 -38.73 -3.58 45.99
N ASN F 237 -38.46 -2.32 46.34
CA ASN F 237 -37.77 -1.43 45.41
C ASN F 237 -37.05 -0.29 46.12
N GLY F 238 -36.31 0.49 45.34
CA GLY F 238 -35.55 1.61 45.87
C GLY F 238 -36.25 2.94 45.68
N PRO F 239 -35.64 4.02 46.20
CA PRO F 239 -36.20 5.37 46.15
C PRO F 239 -36.53 5.85 44.74
N TRP F 240 -35.76 5.41 43.75
CA TRP F 240 -35.96 5.84 42.38
C TRP F 240 -37.31 5.42 41.82
N ALA F 241 -38.02 4.55 42.54
CA ALA F 241 -39.30 4.04 42.07
C ALA F 241 -40.45 4.82 42.68
N TRP F 242 -40.16 5.63 43.69
CA TRP F 242 -41.19 6.38 44.41
C TRP F 242 -41.93 7.33 43.48
N SER F 243 -41.24 7.81 42.45
CA SER F 243 -41.83 8.76 41.51
C SER F 243 -42.99 8.17 40.72
N ASN F 244 -42.76 7.02 40.11
CA ASN F 244 -43.78 6.38 39.26
C ASN F 244 -45.01 5.94 40.05
N ILE F 245 -44.85 5.75 41.35
CA ILE F 245 -45.98 5.36 42.18
C ILE F 245 -46.80 6.59 42.56
N ASP F 246 -46.12 7.73 42.67
CA ASP F 246 -46.79 8.99 42.96
C ASP F 246 -47.71 9.38 41.81
N THR F 247 -47.26 9.10 40.59
CA THR F 247 -48.02 9.44 39.40
C THR F 247 -49.21 8.48 39.22
N SER F 248 -49.17 7.36 39.92
CA SER F 248 -50.26 6.40 39.85
C SER F 248 -51.28 6.69 40.94
N ALA F 249 -52.43 6.03 40.85
CA ALA F 249 -53.52 6.25 41.81
C ALA F 249 -53.18 5.69 43.19
N VAL F 250 -52.14 4.87 43.25
CA VAL F 250 -51.84 4.09 44.44
C VAL F 250 -51.41 4.93 45.64
N ASN F 251 -52.10 4.73 46.75
CA ASN F 251 -51.69 5.30 48.03
C ASN F 251 -50.78 4.31 48.75
N TYR F 252 -49.48 4.61 48.80
CA TYR F 252 -48.50 3.64 49.25
C TYR F 252 -47.76 4.08 50.50
N GLY F 253 -47.07 3.13 51.12
CA GLY F 253 -46.22 3.42 52.28
C GLY F 253 -44.89 2.70 52.18
N VAL F 254 -43.84 3.33 52.71
CA VAL F 254 -42.52 2.72 52.71
C VAL F 254 -42.14 2.32 54.13
N THR F 255 -41.87 1.03 54.33
CA THR F 255 -41.57 0.52 55.66
C THR F 255 -40.40 -0.46 55.65
N VAL F 256 -40.08 -0.98 56.83
CA VAL F 256 -38.97 -1.92 57.00
C VAL F 256 -39.27 -3.23 56.28
N LEU F 257 -38.21 -3.87 55.77
CA LEU F 257 -38.34 -5.17 55.14
C LEU F 257 -38.71 -6.23 56.18
N PRO F 258 -39.48 -7.24 55.77
CA PRO F 258 -39.90 -8.29 56.70
C PRO F 258 -38.71 -9.11 57.19
N THR F 259 -38.84 -9.71 58.37
CA THR F 259 -37.80 -10.52 58.94
C THR F 259 -37.90 -11.98 58.51
N PHE F 260 -36.77 -12.68 58.54
CA PHE F 260 -36.74 -14.09 58.18
C PHE F 260 -36.07 -14.88 59.30
N LYS F 261 -36.81 -15.85 59.86
CA LYS F 261 -36.37 -16.64 61.00
C LYS F 261 -35.96 -15.75 62.16
N GLY F 262 -36.70 -14.66 62.36
CA GLY F 262 -36.48 -13.75 63.47
C GLY F 262 -35.42 -12.69 63.19
N GLN F 263 -34.63 -12.90 62.15
CA GLN F 263 -33.57 -11.95 61.81
C GLN F 263 -34.04 -10.97 60.75
N PRO F 264 -33.59 -9.72 60.84
CA PRO F 264 -34.01 -8.70 59.87
C PRO F 264 -33.34 -8.87 58.51
N SER F 265 -34.03 -8.49 57.44
CA SER F 265 -33.45 -8.53 56.11
C SER F 265 -32.27 -7.58 56.04
N LYS F 266 -31.22 -8.01 55.35
CA LYS F 266 -29.99 -7.24 55.26
C LYS F 266 -29.68 -6.84 53.83
N PRO F 267 -30.32 -5.78 53.34
CA PRO F 267 -30.09 -5.34 51.96
C PRO F 267 -28.68 -4.82 51.76
N PHE F 268 -28.18 -4.91 50.54
CA PHE F 268 -26.89 -4.36 50.20
C PHE F 268 -27.00 -2.87 49.93
N VAL F 269 -26.54 -2.07 50.87
CA VAL F 269 -26.58 -0.62 50.75
C VAL F 269 -25.69 -0.12 49.63
N GLY F 270 -26.30 0.52 48.64
CA GLY F 270 -25.56 1.07 47.51
C GLY F 270 -25.37 2.57 47.59
N VAL F 271 -24.14 3.02 47.38
CA VAL F 271 -23.84 4.44 47.32
C VAL F 271 -23.69 4.88 45.87
N LEU F 272 -24.68 5.59 45.36
CA LEU F 272 -24.61 6.14 44.02
C LEU F 272 -23.41 7.07 43.94
N SER F 273 -22.55 6.87 42.95
CA SER F 273 -21.31 7.63 42.88
C SER F 273 -20.99 8.01 41.44
N ALA F 274 -20.36 9.17 41.27
CA ALA F 274 -19.96 9.66 39.97
C ALA F 274 -18.45 9.58 39.82
N GLY F 275 -17.98 8.82 38.84
CA GLY F 275 -16.56 8.67 38.61
C GLY F 275 -16.16 9.37 37.34
N ILE F 276 -14.90 9.76 37.27
CA ILE F 276 -14.38 10.49 36.11
C ILE F 276 -13.46 9.61 35.28
N ASN F 277 -13.77 9.51 33.99
CA ASN F 277 -12.99 8.70 33.07
C ASN F 277 -11.53 9.13 33.05
N ALA F 278 -10.63 8.16 33.23
CA ALA F 278 -9.21 8.45 33.32
C ALA F 278 -8.63 8.91 31.98
N ALA F 279 -9.36 8.67 30.90
CA ALA F 279 -8.91 9.05 29.58
C ALA F 279 -9.68 10.27 29.06
N SER F 280 -10.17 11.09 29.98
CA SER F 280 -10.94 12.27 29.60
C SER F 280 -10.16 13.56 29.81
N PRO F 281 -10.16 14.45 28.80
CA PRO F 281 -9.49 15.75 28.88
C PRO F 281 -10.27 16.78 29.69
N ASN F 282 -11.48 16.42 30.10
CA ASN F 282 -12.36 17.36 30.78
C ASN F 282 -12.45 17.08 32.28
N LYS F 283 -11.34 16.65 32.86
CA LYS F 283 -11.31 16.29 34.27
C LYS F 283 -11.63 17.50 35.15
N GLU F 284 -11.13 18.66 34.78
CA GLU F 284 -11.35 19.86 35.56
C GLU F 284 -12.80 20.32 35.45
N LEU F 285 -13.36 20.21 34.26
CA LEU F 285 -14.75 20.59 34.02
C LEU F 285 -15.67 19.63 34.76
N ALA F 286 -15.31 18.35 34.74
CA ALA F 286 -16.06 17.33 35.45
C ALA F 286 -16.01 17.58 36.95
N LYS F 287 -14.80 17.80 37.45
CA LYS F 287 -14.60 18.09 38.86
C LYS F 287 -15.35 19.34 39.27
N GLU F 288 -15.45 20.30 38.36
CA GLU F 288 -16.17 21.53 38.65
C GLU F 288 -17.67 21.29 38.64
N PHE F 289 -18.16 20.60 37.61
CA PHE F 289 -19.59 20.31 37.48
C PHE F 289 -20.11 19.55 38.70
N LEU F 290 -19.40 18.50 39.09
CA LEU F 290 -19.84 17.64 40.18
C LEU F 290 -19.80 18.33 41.53
N GLU F 291 -18.70 19.02 41.83
CA GLU F 291 -18.53 19.64 43.13
C GLU F 291 -19.32 20.93 43.27
N ASN F 292 -19.47 21.66 42.17
CA ASN F 292 -20.03 23.00 42.22
C ASN F 292 -21.47 23.13 41.73
N TYR F 293 -21.94 22.16 40.95
CA TYR F 293 -23.29 22.25 40.40
C TYR F 293 -24.19 21.10 40.84
N LEU F 294 -23.65 19.89 40.85
CA LEU F 294 -24.45 18.72 41.21
C LEU F 294 -24.51 18.54 42.72
N LEU F 295 -23.35 18.57 43.37
CA LEU F 295 -23.29 18.37 44.81
C LEU F 295 -23.65 19.64 45.58
N THR F 296 -24.78 20.22 45.21
CA THR F 296 -25.33 21.38 45.90
C THR F 296 -26.78 21.11 46.24
N ASP F 297 -27.36 21.92 47.11
CA ASP F 297 -28.76 21.77 47.47
C ASP F 297 -29.63 21.96 46.23
N GLU F 298 -29.16 22.78 45.31
CA GLU F 298 -29.89 23.08 44.09
C GLU F 298 -29.78 21.93 43.09
N GLY F 299 -28.56 21.44 42.90
CA GLY F 299 -28.29 20.40 41.92
C GLY F 299 -28.94 19.07 42.27
N LEU F 300 -28.87 18.70 43.54
CA LEU F 300 -29.48 17.46 44.01
C LEU F 300 -31.00 17.49 43.94
N GLU F 301 -31.59 18.59 44.37
CA GLU F 301 -33.04 18.75 44.34
C GLU F 301 -33.59 18.63 42.92
N ALA F 302 -32.81 19.09 41.94
CA ALA F 302 -33.21 19.02 40.54
C ALA F 302 -33.39 17.57 40.10
N VAL F 303 -32.48 16.71 40.55
CA VAL F 303 -32.55 15.28 40.23
C VAL F 303 -33.58 14.57 41.09
N ASN F 304 -33.55 14.84 42.39
CA ASN F 304 -34.44 14.18 43.35
C ASN F 304 -35.92 14.40 43.04
N LYS F 305 -36.25 15.55 42.47
CA LYS F 305 -37.63 15.87 42.13
C LYS F 305 -38.11 15.03 40.95
N ASP F 306 -37.17 14.63 40.09
CA ASP F 306 -37.48 13.73 38.98
C ASP F 306 -37.63 12.32 39.50
N LYS F 307 -36.53 11.75 39.95
CA LYS F 307 -36.53 10.44 40.61
C LYS F 307 -35.69 10.50 41.87
N PRO F 308 -36.32 10.27 43.04
CA PRO F 308 -35.71 10.36 44.36
C PRO F 308 -34.38 9.63 44.46
N LEU F 309 -33.37 10.31 44.99
CA LEU F 309 -32.05 9.72 45.15
C LEU F 309 -31.99 8.89 46.41
N GLY F 310 -32.87 9.17 47.35
CA GLY F 310 -32.86 8.50 48.63
C GLY F 310 -32.18 9.37 49.66
N ALA F 311 -31.25 8.77 50.41
CA ALA F 311 -30.47 9.54 51.38
C ALA F 311 -29.20 10.06 50.71
N VAL F 312 -29.18 11.36 50.43
CA VAL F 312 -28.05 11.95 49.71
C VAL F 312 -26.80 12.00 50.58
N ALA F 313 -25.67 12.34 49.97
CA ALA F 313 -24.40 12.40 50.68
C ALA F 313 -24.16 13.78 51.25
N LEU F 314 -24.69 14.79 50.58
CA LEU F 314 -24.55 16.18 51.03
C LEU F 314 -25.31 16.41 52.32
N LYS F 315 -24.57 16.69 53.40
CA LYS F 315 -25.17 16.88 54.72
C LYS F 315 -26.29 17.91 54.74
N SER F 316 -26.03 19.08 54.15
CA SER F 316 -26.97 20.20 54.19
C SER F 316 -28.34 19.83 53.62
N TYR F 317 -28.35 19.02 52.58
CA TYR F 317 -29.60 18.63 51.93
C TYR F 317 -30.23 17.45 52.68
N GLU F 318 -29.39 16.52 53.13
CA GLU F 318 -29.86 15.32 53.81
C GLU F 318 -30.60 15.65 55.11
N GLU F 319 -30.24 16.77 55.73
CA GLU F 319 -30.85 17.19 56.98
C GLU F 319 -32.32 17.52 56.78
N GLU F 320 -32.68 17.88 55.55
CA GLU F 320 -34.08 18.16 55.21
C GLU F 320 -34.79 16.91 54.69
N LEU F 321 -34.06 16.07 53.96
CA LEU F 321 -34.63 14.84 53.42
C LEU F 321 -34.95 13.82 54.52
N ALA F 322 -34.23 13.91 55.64
CA ALA F 322 -34.39 12.95 56.72
C ALA F 322 -35.76 13.04 57.38
N LYS F 323 -36.48 14.13 57.10
CA LYS F 323 -37.81 14.34 57.66
C LYS F 323 -38.85 13.50 56.94
N ASP F 324 -38.55 13.14 55.70
CA ASP F 324 -39.42 12.27 54.91
C ASP F 324 -39.52 10.91 55.58
N PRO F 325 -40.75 10.49 55.92
CA PRO F 325 -40.96 9.18 56.55
C PRO F 325 -40.46 8.04 55.67
N ARG F 326 -40.52 8.22 54.35
CA ARG F 326 -39.99 7.23 53.43
C ARG F 326 -38.47 7.12 53.51
N ILE F 327 -37.80 8.25 53.66
CA ILE F 327 -36.35 8.27 53.80
C ILE F 327 -35.96 7.64 55.13
N ALA F 328 -36.72 7.95 56.17
CA ALA F 328 -36.48 7.38 57.48
C ALA F 328 -36.58 5.87 57.44
N ALA F 329 -37.48 5.37 56.60
CA ALA F 329 -37.63 3.93 56.39
C ALA F 329 -36.45 3.38 55.60
N THR F 330 -36.00 4.15 54.61
CA THR F 330 -34.85 3.78 53.79
C THR F 330 -33.60 3.63 54.66
N MET F 331 -33.41 4.57 55.58
CA MET F 331 -32.25 4.55 56.46
C MET F 331 -32.32 3.43 57.48
N GLU F 332 -33.53 3.06 57.88
CA GLU F 332 -33.71 1.98 58.85
C GLU F 332 -33.26 0.65 58.26
N ASN F 333 -33.61 0.42 56.99
CA ASN F 333 -33.17 -0.78 56.29
C ASN F 333 -31.67 -0.78 56.02
N ALA F 334 -31.15 0.38 55.63
CA ALA F 334 -29.71 0.53 55.37
C ALA F 334 -28.93 0.27 56.65
N GLN F 335 -29.53 0.66 57.77
CA GLN F 335 -28.92 0.46 59.09
C GLN F 335 -28.78 -1.03 59.37
N LYS F 336 -29.82 -1.79 59.06
CA LYS F 336 -29.85 -3.22 59.33
C LYS F 336 -29.12 -4.04 58.27
N GLY F 337 -28.71 -3.38 57.19
CA GLY F 337 -28.05 -4.05 56.10
C GLY F 337 -26.54 -3.93 56.18
N GLU F 338 -25.88 -4.05 55.03
CA GLU F 338 -24.43 -3.91 54.94
C GLU F 338 -24.06 -3.06 53.73
N ILE F 339 -22.99 -2.29 53.86
CA ILE F 339 -22.50 -1.51 52.74
C ILE F 339 -21.76 -2.44 51.77
N MET F 340 -21.96 -2.22 50.47
CA MET F 340 -21.35 -3.11 49.48
C MET F 340 -19.85 -2.93 49.38
N PRO F 341 -19.11 -4.05 49.27
CA PRO F 341 -17.69 -4.01 48.94
C PRO F 341 -17.48 -3.36 47.58
N ASN F 342 -16.30 -2.83 47.33
CA ASN F 342 -16.00 -2.23 46.03
C ASN F 342 -14.88 -2.97 45.31
N ILE F 343 -14.36 -4.01 45.94
CA ILE F 343 -13.27 -4.80 45.36
C ILE F 343 -13.66 -5.35 43.99
N PRO F 344 -12.67 -5.59 43.12
CA PRO F 344 -12.94 -6.05 41.75
C PRO F 344 -13.67 -7.39 41.69
N GLN F 345 -13.70 -8.11 42.81
CA GLN F 345 -14.32 -9.43 42.86
C GLN F 345 -15.85 -9.34 42.86
N MET F 346 -16.37 -8.16 43.17
CA MET F 346 -17.81 -7.95 43.27
C MET F 346 -18.49 -8.24 41.93
N SER F 347 -17.78 -7.99 40.84
CA SER F 347 -18.31 -8.31 39.51
C SER F 347 -18.66 -9.77 39.41
N ALA F 348 -17.68 -10.63 39.68
CA ALA F 348 -17.88 -12.07 39.60
C ALA F 348 -18.88 -12.56 40.65
N PHE F 349 -18.95 -11.85 41.77
CA PHE F 349 -19.88 -12.21 42.83
C PHE F 349 -21.33 -12.08 42.36
N TRP F 350 -21.66 -10.95 41.76
CA TRP F 350 -23.03 -10.72 41.29
C TRP F 350 -23.40 -11.68 40.18
N TYR F 351 -22.45 -11.95 39.28
CA TYR F 351 -22.68 -12.91 38.22
C TYR F 351 -22.98 -14.29 38.81
N ALA F 352 -22.27 -14.62 39.88
CA ALA F 352 -22.43 -15.91 40.53
C ALA F 352 -23.80 -16.08 41.16
N VAL F 353 -24.22 -15.08 41.92
CA VAL F 353 -25.50 -15.15 42.62
C VAL F 353 -26.70 -15.01 41.68
N ARG F 354 -26.56 -14.17 40.66
CA ARG F 354 -27.64 -13.98 39.69
C ARG F 354 -27.93 -15.28 38.96
N THR F 355 -26.88 -16.00 38.59
CA THR F 355 -27.02 -17.30 37.93
C THR F 355 -27.69 -18.29 38.89
N ALA F 356 -27.27 -18.26 40.14
CA ALA F 356 -27.76 -19.20 41.15
C ALA F 356 -29.24 -18.99 41.48
N VAL F 357 -29.63 -17.75 41.73
CA VAL F 357 -31.00 -17.42 42.08
C VAL F 357 -31.94 -17.75 40.93
N ILE F 358 -31.49 -17.50 39.71
CA ILE F 358 -32.29 -17.77 38.52
C ILE F 358 -32.47 -19.27 38.31
N ASN F 359 -31.38 -20.02 38.46
CA ASN F 359 -31.43 -21.48 38.31
C ASN F 359 -32.29 -22.15 39.37
N ALA F 360 -32.18 -21.66 40.60
CA ALA F 360 -32.94 -22.22 41.71
C ALA F 360 -34.43 -21.95 41.58
N ALA F 361 -34.77 -20.72 41.19
CA ALA F 361 -36.16 -20.30 41.06
C ALA F 361 -36.87 -21.03 39.91
N SER F 362 -36.17 -21.20 38.80
CA SER F 362 -36.73 -21.83 37.62
C SER F 362 -36.76 -23.35 37.72
N GLY F 363 -36.12 -23.89 38.77
CA GLY F 363 -36.07 -25.32 38.97
C GLY F 363 -35.00 -26.02 38.17
N ARG F 364 -34.24 -25.25 37.38
CA ARG F 364 -33.16 -25.80 36.58
C ARG F 364 -32.08 -26.44 37.46
N GLN F 365 -31.91 -25.90 38.65
CA GLN F 365 -30.97 -26.45 39.62
C GLN F 365 -31.58 -26.50 41.02
N THR F 366 -30.99 -27.33 41.88
CA THR F 366 -31.39 -27.37 43.28
C THR F 366 -30.73 -26.21 44.01
N VAL F 367 -31.43 -25.67 45.02
CA VAL F 367 -30.88 -24.59 45.84
C VAL F 367 -29.50 -24.96 46.36
N ASP F 368 -29.36 -26.21 46.81
CA ASP F 368 -28.10 -26.69 47.35
C ASP F 368 -27.02 -26.72 46.28
N ALA F 369 -27.39 -27.22 45.10
CA ALA F 369 -26.45 -27.32 43.99
C ALA F 369 -26.14 -25.96 43.36
N ALA F 370 -27.13 -25.09 43.36
CA ALA F 370 -26.99 -23.77 42.74
C ALA F 370 -26.08 -22.87 43.57
N LEU F 371 -26.29 -22.87 44.89
CA LEU F 371 -25.51 -22.02 45.77
C LEU F 371 -24.09 -22.55 45.90
N ALA F 372 -23.93 -23.86 45.80
CA ALA F 372 -22.61 -24.48 45.83
C ALA F 372 -21.80 -23.99 44.64
N ALA F 373 -22.47 -23.91 43.48
CA ALA F 373 -21.83 -23.40 42.28
C ALA F 373 -21.57 -21.91 42.42
N ALA F 374 -22.42 -21.24 43.18
CA ALA F 374 -22.30 -19.80 43.37
C ALA F 374 -21.10 -19.46 44.24
N GLN F 375 -20.90 -20.23 45.31
CA GLN F 375 -19.73 -20.04 46.17
C GLN F 375 -18.45 -20.23 45.39
N THR F 376 -18.42 -21.28 44.57
CA THR F 376 -17.24 -21.65 43.80
C THR F 376 -16.80 -20.58 42.82
N ASN F 377 -17.75 -20.03 42.07
CA ASN F 377 -17.43 -19.09 40.99
C ASN F 377 -17.35 -17.64 41.48
N ALA F 378 -17.82 -17.38 42.70
CA ALA F 378 -17.65 -16.07 43.30
C ALA F 378 -16.16 -15.84 43.61
N ALA F 379 -15.52 -16.88 44.13
CA ALA F 379 -14.10 -16.82 44.45
C ALA F 379 -13.25 -16.72 43.17
N ALA F 380 -13.78 -17.25 42.07
CA ALA F 380 -13.12 -17.13 40.77
C ALA F 380 -12.94 -15.68 40.37
N ILE G 12 32.32 29.77 -52.90
CA ILE G 12 33.04 28.50 -52.83
C ILE G 12 34.10 28.43 -53.92
N GLU G 13 33.86 29.12 -55.03
CA GLU G 13 34.81 29.14 -56.13
C GLU G 13 35.90 30.19 -55.92
N GLU G 14 36.86 30.23 -56.84
CA GLU G 14 37.99 31.14 -56.73
C GLU G 14 38.20 31.87 -58.06
N GLY G 15 38.48 33.16 -57.97
CA GLY G 15 38.57 33.99 -59.15
C GLY G 15 37.17 34.20 -59.70
N LYS G 16 36.21 34.32 -58.80
CA LYS G 16 34.80 34.39 -59.15
C LYS G 16 34.02 35.14 -58.08
N LEU G 17 33.16 36.06 -58.51
CA LEU G 17 32.28 36.75 -57.57
C LEU G 17 30.83 36.34 -57.80
N VAL G 18 30.26 35.66 -56.80
CA VAL G 18 28.85 35.33 -56.81
C VAL G 18 28.11 36.26 -55.87
N ILE G 19 27.05 36.89 -56.36
CA ILE G 19 26.35 37.90 -55.60
C ILE G 19 24.86 37.61 -55.44
N TRP G 20 24.42 37.55 -54.20
CA TRP G 20 23.00 37.40 -53.89
C TRP G 20 22.36 38.74 -53.54
N ILE G 21 21.24 39.04 -54.20
CA ILE G 21 20.48 40.25 -53.94
C ILE G 21 19.00 39.94 -54.13
N ASN G 22 18.12 40.62 -53.41
CA ASN G 22 16.70 40.30 -53.44
C ASN G 22 16.09 40.62 -54.80
N GLY G 23 15.08 39.85 -55.19
CA GLY G 23 14.47 39.96 -56.51
C GLY G 23 13.80 41.27 -56.83
N ASP G 24 13.37 41.99 -55.81
CA ASP G 24 12.66 43.25 -56.03
C ASP G 24 13.63 44.41 -56.26
N LYS G 25 14.92 44.13 -56.12
CA LYS G 25 15.95 45.14 -56.33
C LYS G 25 16.45 45.13 -57.77
N GLY G 26 17.29 46.09 -58.12
CA GLY G 26 17.83 46.18 -59.47
C GLY G 26 19.02 45.29 -59.70
N TYR G 27 18.80 43.98 -59.78
CA TYR G 27 19.89 43.04 -59.97
C TYR G 27 20.44 43.05 -61.39
N ASN G 28 19.64 43.49 -62.35
CA ASN G 28 20.12 43.62 -63.73
C ASN G 28 21.01 44.83 -63.88
N GLY G 29 20.75 45.86 -63.08
CA GLY G 29 21.56 47.05 -63.07
C GLY G 29 22.85 46.78 -62.31
N LEU G 30 22.81 45.78 -61.45
CA LEU G 30 23.98 45.38 -60.68
C LEU G 30 24.88 44.48 -61.54
N ALA G 31 24.26 43.71 -62.43
CA ALA G 31 24.99 42.84 -63.32
C ALA G 31 25.83 43.64 -64.31
N GLU G 32 25.34 44.81 -64.67
CA GLU G 32 26.06 45.69 -65.58
C GLU G 32 27.34 46.20 -64.93
N VAL G 33 27.28 46.49 -63.64
CA VAL G 33 28.46 46.88 -62.89
C VAL G 33 29.44 45.71 -62.88
N GLY G 34 28.88 44.50 -62.86
CA GLY G 34 29.68 43.29 -62.93
C GLY G 34 30.28 43.10 -64.31
N LYS G 35 29.61 43.65 -65.32
CA LYS G 35 30.11 43.59 -66.69
C LYS G 35 31.35 44.46 -66.83
N LYS G 36 31.23 45.72 -66.40
CA LYS G 36 32.35 46.65 -66.44
C LYS G 36 33.51 46.13 -65.60
N PHE G 37 33.19 45.44 -64.51
CA PHE G 37 34.19 44.86 -63.64
C PHE G 37 35.03 43.82 -64.36
N GLU G 38 34.38 42.88 -65.02
CA GLU G 38 35.08 41.81 -65.74
C GLU G 38 35.84 42.40 -66.93
N LYS G 39 35.34 43.51 -67.46
CA LYS G 39 35.96 44.18 -68.59
C LYS G 39 37.33 44.74 -68.21
N ASP G 40 37.49 45.11 -66.95
CA ASP G 40 38.72 45.75 -66.49
C ASP G 40 39.71 44.80 -65.80
N THR G 41 39.22 43.67 -65.30
CA THR G 41 40.09 42.78 -64.53
C THR G 41 39.92 41.30 -64.88
N GLY G 42 38.95 40.99 -65.73
CA GLY G 42 38.77 39.62 -66.20
C GLY G 42 38.09 38.70 -65.20
N ILE G 43 37.63 39.27 -64.09
CA ILE G 43 36.89 38.49 -63.10
C ILE G 43 35.39 38.58 -63.36
N LYS G 44 34.78 37.44 -63.67
CA LYS G 44 33.37 37.40 -64.02
C LYS G 44 32.51 37.55 -62.78
N VAL G 45 31.45 38.34 -62.88
CA VAL G 45 30.51 38.51 -61.78
C VAL G 45 29.13 37.96 -62.13
N THR G 46 28.64 37.05 -61.30
CA THR G 46 27.34 36.44 -61.51
C THR G 46 26.34 36.85 -60.43
N VAL G 47 25.35 37.65 -60.81
CA VAL G 47 24.34 38.14 -59.88
C VAL G 47 23.08 37.27 -59.89
N GLU G 48 22.65 36.83 -58.71
CA GLU G 48 21.47 35.98 -58.59
C GLU G 48 20.48 36.49 -57.55
N HIS G 49 19.22 36.11 -57.71
CA HIS G 49 18.18 36.50 -56.76
C HIS G 49 17.33 35.32 -56.33
N PRO G 50 17.89 34.43 -55.49
CA PRO G 50 17.14 33.26 -55.05
C PRO G 50 16.05 33.63 -54.05
N ASP G 51 15.02 32.81 -53.95
CA ASP G 51 13.91 33.09 -53.04
C ASP G 51 14.35 32.84 -51.61
N LYS G 52 13.92 33.72 -50.71
CA LYS G 52 14.24 33.60 -49.29
C LYS G 52 15.75 33.48 -49.06
N LEU G 53 16.51 34.37 -49.69
CA LEU G 53 17.97 34.31 -49.61
C LEU G 53 18.46 34.72 -48.24
N GLU G 54 17.70 35.56 -47.54
CA GLU G 54 18.06 35.99 -46.20
C GLU G 54 17.93 34.84 -45.21
N GLU G 55 17.24 33.78 -45.62
CA GLU G 55 17.10 32.60 -44.80
C GLU G 55 17.97 31.48 -45.36
N LYS G 56 18.14 31.48 -46.69
CA LYS G 56 18.99 30.50 -47.35
C LYS G 56 20.45 30.70 -46.96
N PHE G 57 20.87 31.96 -46.93
CA PHE G 57 22.27 32.31 -46.73
C PHE G 57 22.86 31.71 -45.44
N PRO G 58 22.34 32.09 -44.26
CA PRO G 58 23.01 31.58 -43.05
C PRO G 58 22.94 30.06 -42.95
N GLN G 59 21.91 29.49 -43.59
CA GLN G 59 21.74 28.05 -43.65
C GLN G 59 22.88 27.43 -44.44
N VAL G 60 23.28 28.09 -45.52
CA VAL G 60 24.31 27.56 -46.41
C VAL G 60 25.62 28.35 -46.36
N ALA G 61 25.65 29.43 -45.59
CA ALA G 61 26.91 30.16 -45.43
C ALA G 61 27.78 29.44 -44.44
N ALA G 62 27.19 28.47 -43.75
CA ALA G 62 27.99 27.51 -43.00
C ALA G 62 28.51 26.52 -44.02
N THR G 63 29.62 25.87 -43.69
CA THR G 63 30.34 24.98 -44.62
C THR G 63 30.79 25.71 -45.89
N GLY G 64 30.61 27.03 -45.92
CA GLY G 64 31.15 27.87 -46.96
C GLY G 64 30.81 27.58 -48.42
N ASP G 65 29.55 27.27 -48.72
CA ASP G 65 29.18 27.05 -50.12
C ASP G 65 28.12 28.04 -50.61
N GLY G 66 28.13 29.24 -50.02
CA GLY G 66 27.22 30.29 -50.42
C GLY G 66 27.87 31.26 -51.39
N PRO G 67 27.33 32.47 -51.49
CA PRO G 67 27.85 33.50 -52.39
C PRO G 67 29.05 34.21 -51.77
N ASP G 68 29.71 35.06 -52.54
CA ASP G 68 30.78 35.90 -52.00
C ASP G 68 30.21 37.14 -51.33
N ILE G 69 29.35 37.85 -52.04
CA ILE G 69 28.71 39.04 -51.51
C ILE G 69 27.20 38.81 -51.40
N ILE G 70 26.60 39.35 -50.36
CA ILE G 70 25.16 39.23 -50.16
C ILE G 70 24.54 40.59 -49.85
N PHE G 71 23.51 40.95 -50.60
CA PHE G 71 22.84 42.23 -50.43
C PHE G 71 21.54 42.08 -49.66
N TRP G 72 21.39 42.83 -48.58
CA TRP G 72 20.16 42.84 -47.80
C TRP G 72 20.16 44.05 -46.87
N ALA G 73 19.02 44.34 -46.27
CA ALA G 73 18.94 45.37 -45.23
C ALA G 73 19.80 44.97 -44.04
N HIS G 74 20.31 45.95 -43.31
CA HIS G 74 21.31 45.73 -42.28
C HIS G 74 20.82 44.94 -41.07
N ASP G 75 19.50 44.83 -40.92
CA ASP G 75 18.92 44.23 -39.72
C ASP G 75 19.29 42.76 -39.57
N ARG G 76 19.52 42.08 -40.69
CA ARG G 76 19.85 40.66 -40.67
C ARG G 76 21.33 40.39 -40.39
N PHE G 77 22.18 41.38 -40.67
CA PHE G 77 23.63 41.17 -40.70
C PHE G 77 24.27 40.89 -39.35
N GLY G 78 23.73 41.48 -38.29
CA GLY G 78 24.25 41.23 -36.95
C GLY G 78 24.06 39.77 -36.57
N GLY G 79 22.96 39.18 -37.01
CA GLY G 79 22.72 37.77 -36.78
C GLY G 79 23.73 36.92 -37.53
N TYR G 80 24.09 37.35 -38.73
CA TYR G 80 25.09 36.66 -39.51
C TYR G 80 26.45 36.74 -38.85
N ALA G 81 26.82 37.95 -38.42
CA ALA G 81 28.11 38.21 -37.79
C ALA G 81 28.29 37.39 -36.52
N GLN G 82 27.23 37.29 -35.72
CA GLN G 82 27.27 36.51 -34.49
C GLN G 82 27.54 35.04 -34.78
N SER G 83 27.15 34.62 -35.98
CA SER G 83 27.41 33.26 -36.43
C SER G 83 28.76 33.19 -37.14
N GLY G 84 29.43 34.34 -37.25
CA GLY G 84 30.74 34.41 -37.86
C GLY G 84 30.71 34.27 -39.37
N LEU G 85 29.52 34.39 -39.94
CA LEU G 85 29.32 34.17 -41.37
C LEU G 85 29.73 35.36 -42.21
N LEU G 86 30.16 36.44 -41.55
CA LEU G 86 30.58 37.64 -42.25
C LEU G 86 32.03 37.97 -42.00
N ALA G 87 32.71 38.44 -43.04
CA ALA G 87 34.09 38.87 -42.91
C ALA G 87 34.13 40.35 -42.63
N GLU G 88 34.99 40.76 -41.70
CA GLU G 88 35.14 42.18 -41.40
C GLU G 88 35.66 42.90 -42.63
N ILE G 89 35.08 44.05 -42.93
CA ILE G 89 35.53 44.84 -44.06
C ILE G 89 36.56 45.87 -43.57
N THR G 90 37.56 46.13 -44.39
CA THR G 90 38.66 46.99 -43.98
C THR G 90 38.89 48.13 -44.97
N PRO G 91 38.06 49.19 -44.89
CA PRO G 91 38.27 50.37 -45.72
C PRO G 91 39.06 51.43 -44.96
N ALA G 92 39.65 52.37 -45.69
CA ALA G 92 40.39 53.45 -45.08
C ALA G 92 39.51 54.67 -44.88
N ALA G 93 39.95 55.61 -44.05
CA ALA G 93 39.19 56.81 -43.77
C ALA G 93 38.95 57.62 -45.04
N ALA G 94 39.84 57.45 -46.01
CA ALA G 94 39.73 58.13 -47.30
C ALA G 94 38.44 57.70 -48.01
N PHE G 95 38.20 56.40 -48.02
CA PHE G 95 37.00 55.85 -48.63
C PHE G 95 35.80 56.01 -47.70
N GLN G 96 36.05 55.88 -46.40
CA GLN G 96 35.02 55.96 -45.37
C GLN G 96 34.29 57.31 -45.33
N ASP G 97 34.95 58.36 -45.81
CA ASP G 97 34.36 59.70 -45.78
C ASP G 97 33.42 59.94 -46.94
N LYS G 98 33.51 59.09 -47.96
CA LYS G 98 32.68 59.21 -49.15
C LYS G 98 31.22 58.91 -48.82
N LEU G 99 31.01 58.16 -47.74
CA LEU G 99 29.66 57.76 -47.34
C LEU G 99 29.26 58.45 -46.05
N TYR G 100 27.96 58.60 -45.83
CA TYR G 100 27.45 59.25 -44.63
C TYR G 100 27.78 58.42 -43.39
N PRO G 101 28.19 59.09 -42.31
CA PRO G 101 28.62 58.44 -41.07
C PRO G 101 27.53 57.58 -40.44
N PHE G 102 26.28 58.02 -40.53
CA PHE G 102 25.17 57.32 -39.88
C PHE G 102 24.87 56.00 -40.58
N THR G 103 25.30 55.87 -41.82
CA THR G 103 25.11 54.62 -42.56
C THR G 103 26.15 53.60 -42.13
N TRP G 104 27.27 54.09 -41.60
CA TRP G 104 28.33 53.21 -41.13
C TRP G 104 27.95 52.62 -39.78
N ASP G 105 27.17 53.36 -39.00
CA ASP G 105 26.70 52.90 -37.71
C ASP G 105 25.72 51.75 -37.84
N ALA G 106 24.97 51.74 -38.93
CA ALA G 106 23.95 50.73 -39.15
C ALA G 106 24.61 49.37 -39.42
N VAL G 107 25.80 49.40 -39.99
CA VAL G 107 26.50 48.16 -40.35
C VAL G 107 27.60 47.80 -39.36
N ARG G 108 27.63 48.48 -38.22
CA ARG G 108 28.63 48.18 -37.20
C ARG G 108 28.07 47.24 -36.14
N TYR G 109 28.83 46.21 -35.80
CA TYR G 109 28.40 45.22 -34.83
C TYR G 109 29.59 44.78 -33.97
N ASN G 110 29.45 44.92 -32.66
CA ASN G 110 30.54 44.69 -31.72
C ASN G 110 31.78 45.51 -32.05
N GLY G 111 31.57 46.75 -32.45
CA GLY G 111 32.68 47.65 -32.77
C GLY G 111 33.19 47.54 -34.19
N LYS G 112 33.14 46.33 -34.74
CA LYS G 112 33.70 46.06 -36.05
C LYS G 112 32.67 46.20 -37.17
N LEU G 113 33.06 46.85 -38.25
CA LEU G 113 32.21 46.98 -39.43
C LEU G 113 32.06 45.63 -40.13
N ILE G 114 30.84 45.27 -40.49
CA ILE G 114 30.58 43.96 -41.06
C ILE G 114 30.05 44.00 -42.49
N ALA G 115 29.70 45.20 -42.97
CA ALA G 115 29.19 45.33 -44.33
C ALA G 115 29.33 46.75 -44.86
N TYR G 116 29.19 46.91 -46.17
CA TYR G 116 29.22 48.21 -46.82
C TYR G 116 27.82 48.76 -47.01
N PRO G 117 27.52 49.92 -46.43
CA PRO G 117 26.21 50.55 -46.64
C PRO G 117 26.03 51.01 -48.09
N ILE G 118 24.85 50.75 -48.65
CA ILE G 118 24.59 51.08 -50.06
C ILE G 118 23.54 52.17 -50.21
N ALA G 119 22.34 51.90 -49.70
CA ALA G 119 21.23 52.86 -49.84
C ALA G 119 20.35 52.86 -48.60
N VAL G 120 19.58 53.93 -48.44
CA VAL G 120 18.67 54.05 -47.31
C VAL G 120 17.22 53.89 -47.76
N GLU G 121 16.58 52.84 -47.27
CA GLU G 121 15.19 52.54 -47.65
C GLU G 121 14.19 52.99 -46.59
N ALA G 122 13.05 53.50 -47.02
CA ALA G 122 11.97 53.86 -46.12
C ALA G 122 10.64 53.84 -46.85
N LEU G 123 9.65 53.16 -46.26
CA LEU G 123 8.33 53.08 -46.87
C LEU G 123 7.63 54.44 -46.90
N SER G 124 6.94 54.70 -48.00
CA SER G 124 6.17 55.92 -48.15
C SER G 124 4.77 55.60 -48.69
N LEU G 125 3.90 56.60 -48.68
CA LEU G 125 2.58 56.45 -49.27
C LEU G 125 2.60 56.82 -50.74
N ILE G 126 2.28 55.85 -51.60
CA ILE G 126 2.22 56.08 -53.03
C ILE G 126 0.77 56.15 -53.47
N TYR G 127 0.37 57.27 -54.04
CA TYR G 127 -1.03 57.50 -54.39
C TYR G 127 -1.24 57.84 -55.86
N ASN G 128 -2.38 57.42 -56.39
CA ASN G 128 -2.74 57.68 -57.77
C ASN G 128 -3.30 59.09 -57.92
N LYS G 129 -2.53 59.97 -58.56
CA LYS G 129 -2.90 61.37 -58.69
C LYS G 129 -4.19 61.59 -59.48
N ASP G 130 -4.50 60.66 -60.37
CA ASP G 130 -5.70 60.75 -61.18
C ASP G 130 -6.94 60.39 -60.37
N LEU G 131 -6.87 59.28 -59.63
CA LEU G 131 -7.97 58.83 -58.80
C LEU G 131 -8.07 59.65 -57.52
N LEU G 132 -6.93 60.18 -57.07
CA LEU G 132 -6.85 60.84 -55.78
C LEU G 132 -5.87 62.00 -55.82
N PRO G 133 -6.37 63.20 -56.18
CA PRO G 133 -5.56 64.42 -56.30
C PRO G 133 -4.93 64.84 -54.98
N ASN G 134 -5.65 64.65 -53.89
CA ASN G 134 -5.14 64.98 -52.57
C ASN G 134 -5.18 63.78 -51.63
N PRO G 135 -4.01 63.21 -51.33
CA PRO G 135 -3.93 62.02 -50.48
C PRO G 135 -4.38 62.32 -49.06
N PRO G 136 -4.94 61.32 -48.36
CA PRO G 136 -5.43 61.48 -47.00
C PRO G 136 -4.28 61.75 -46.03
N LYS G 137 -4.52 62.61 -45.04
CA LYS G 137 -3.49 62.96 -44.07
C LYS G 137 -3.54 62.01 -42.87
N THR G 138 -4.70 61.41 -42.63
CA THR G 138 -4.85 60.50 -41.50
C THR G 138 -5.40 59.14 -41.92
N TRP G 139 -5.04 58.11 -41.17
CA TRP G 139 -5.51 56.75 -41.43
C TRP G 139 -7.03 56.66 -41.30
N GLU G 140 -7.59 57.50 -40.46
CA GLU G 140 -9.01 57.44 -40.14
C GLU G 140 -9.90 57.90 -41.29
N GLU G 141 -9.31 58.60 -42.27
CA GLU G 141 -10.06 59.02 -43.46
C GLU G 141 -10.27 57.85 -44.42
N ILE G 142 -9.39 56.86 -44.32
CA ILE G 142 -9.34 55.79 -45.31
C ILE G 142 -10.60 54.90 -45.37
N PRO G 143 -11.18 54.54 -44.20
CA PRO G 143 -12.45 53.82 -44.32
C PRO G 143 -13.50 54.63 -45.07
N ALA G 144 -13.60 55.93 -44.76
CA ALA G 144 -14.53 56.82 -45.43
C ALA G 144 -14.18 56.97 -46.91
N LEU G 145 -12.89 57.06 -47.19
CA LEU G 145 -12.41 57.26 -48.56
C LEU G 145 -12.60 56.02 -49.42
N ASP G 146 -12.63 54.85 -48.81
CA ASP G 146 -12.78 53.61 -49.55
C ASP G 146 -14.18 53.47 -50.12
N LYS G 147 -15.17 53.94 -49.37
CA LYS G 147 -16.57 53.93 -49.80
C LYS G 147 -16.73 54.65 -51.14
N GLU G 148 -16.09 55.81 -51.26
CA GLU G 148 -16.13 56.60 -52.47
C GLU G 148 -15.55 55.87 -53.67
N LEU G 149 -14.43 55.19 -53.45
CA LEU G 149 -13.72 54.54 -54.54
C LEU G 149 -14.33 53.20 -54.92
N LYS G 150 -14.93 52.52 -53.95
CA LYS G 150 -15.64 51.27 -54.23
C LYS G 150 -16.86 51.55 -55.10
N ALA G 151 -17.38 52.76 -54.98
CA ALA G 151 -18.53 53.19 -55.78
C ALA G 151 -18.14 53.37 -57.24
N LYS G 152 -16.84 53.50 -57.49
CA LYS G 152 -16.33 53.69 -58.84
C LYS G 152 -15.64 52.42 -59.33
N GLY G 153 -15.82 51.34 -58.60
CA GLY G 153 -15.23 50.06 -58.95
C GLY G 153 -13.78 49.93 -58.50
N LYS G 154 -13.31 50.89 -57.72
CA LYS G 154 -11.93 50.88 -57.24
C LYS G 154 -11.85 50.49 -55.77
N SER G 155 -10.71 50.82 -55.16
CA SER G 155 -10.50 50.65 -53.73
C SER G 155 -9.54 51.71 -53.23
N ALA G 156 -9.53 51.97 -51.93
CA ALA G 156 -8.72 53.04 -51.38
C ALA G 156 -7.24 52.67 -51.28
N LEU G 157 -6.94 51.55 -50.65
CA LEU G 157 -5.55 51.22 -50.32
C LEU G 157 -5.28 49.72 -50.41
N MET G 158 -4.15 49.37 -51.02
CA MET G 158 -3.70 47.99 -51.10
C MET G 158 -2.20 47.90 -50.94
N PHE G 159 -1.75 47.14 -49.95
CA PHE G 159 -0.33 46.91 -49.76
C PHE G 159 -0.12 45.53 -49.15
N ASN G 160 1.12 45.09 -49.13
CA ASN G 160 1.47 43.76 -48.64
C ASN G 160 1.11 43.58 -47.17
N LEU G 161 0.21 42.65 -46.89
CA LEU G 161 -0.17 42.35 -45.51
C LEU G 161 0.49 41.07 -45.03
N GLN G 162 1.29 40.48 -45.90
CA GLN G 162 1.93 39.20 -45.62
C GLN G 162 3.33 39.39 -45.06
N GLU G 163 3.83 40.61 -45.17
CA GLU G 163 5.12 40.98 -44.58
C GLU G 163 4.91 42.11 -43.59
N PRO G 164 5.37 41.92 -42.35
CA PRO G 164 5.15 42.87 -41.26
C PRO G 164 5.85 44.20 -41.49
N TYR G 165 6.81 44.20 -42.40
CA TYR G 165 7.57 45.40 -42.74
C TYR G 165 6.66 46.52 -43.22
N PHE G 166 5.52 46.14 -43.81
CA PHE G 166 4.61 47.11 -44.41
C PHE G 166 3.56 47.61 -43.41
N THR G 167 3.16 46.75 -42.47
CA THR G 167 2.13 47.13 -41.51
C THR G 167 2.76 47.71 -40.25
N TRP G 168 4.08 47.57 -40.12
CA TRP G 168 4.78 48.08 -38.95
C TRP G 168 4.70 49.61 -38.77
N PRO G 169 4.77 50.40 -39.85
CA PRO G 169 4.68 51.85 -39.63
C PRO G 169 3.39 52.28 -38.92
N LEU G 170 2.33 51.51 -39.08
CA LEU G 170 1.07 51.79 -38.42
C LEU G 170 1.10 51.31 -36.97
N ILE G 171 1.67 50.14 -36.74
CA ILE G 171 1.80 49.59 -35.40
C ILE G 171 2.63 50.50 -34.50
N ALA G 172 3.78 50.93 -35.01
CA ALA G 172 4.71 51.74 -34.24
C ALA G 172 4.22 53.19 -34.08
N ALA G 173 3.19 53.55 -34.84
CA ALA G 173 2.73 54.94 -34.89
C ALA G 173 2.28 55.49 -33.55
N ASP G 174 1.49 54.72 -32.80
CA ASP G 174 0.93 55.22 -31.56
C ASP G 174 1.71 54.78 -30.33
N GLY G 175 2.83 54.09 -30.53
CA GLY G 175 3.67 53.71 -29.41
C GLY G 175 4.33 52.35 -29.48
N GLY G 176 4.13 51.63 -30.58
CA GLY G 176 4.77 50.34 -30.73
C GLY G 176 6.26 50.49 -30.99
N TYR G 177 7.04 49.53 -30.47
CA TYR G 177 8.47 49.49 -30.74
C TYR G 177 9.01 48.06 -30.63
N ALA G 178 10.15 47.81 -31.25
CA ALA G 178 10.73 46.48 -31.26
C ALA G 178 11.40 46.17 -29.93
N PHE G 179 12.55 46.80 -29.69
CA PHE G 179 13.28 46.60 -28.46
C PHE G 179 13.60 47.97 -27.87
N LYS G 180 13.36 48.14 -26.57
CA LYS G 180 13.65 49.42 -25.93
C LYS G 180 15.16 49.65 -25.97
N TYR G 181 15.56 50.79 -26.52
CA TYR G 181 16.96 51.13 -26.65
C TYR G 181 17.37 52.01 -25.48
N GLU G 182 18.06 51.44 -24.50
CA GLU G 182 18.46 52.23 -23.35
C GLU G 182 19.84 52.81 -23.61
N ASN G 183 19.92 53.64 -24.65
CA ASN G 183 21.09 54.45 -24.91
C ASN G 183 22.39 53.64 -24.98
N GLY G 184 22.67 53.13 -26.17
CA GLY G 184 23.88 52.37 -26.44
C GLY G 184 23.70 50.86 -26.51
N LYS G 185 22.56 50.37 -26.04
CA LYS G 185 22.32 48.93 -26.03
C LYS G 185 20.82 48.62 -26.12
N TYR G 186 20.50 47.47 -26.67
CA TYR G 186 19.10 47.04 -26.81
C TYR G 186 18.72 46.03 -25.74
N ASP G 187 17.74 46.38 -24.92
CA ASP G 187 17.23 45.47 -23.90
C ASP G 187 16.22 44.50 -24.50
N ILE G 188 16.66 43.28 -24.74
CA ILE G 188 15.84 42.31 -25.47
C ILE G 188 14.76 41.68 -24.59
N LYS G 189 14.77 42.01 -23.31
CA LYS G 189 13.72 41.59 -22.40
C LYS G 189 12.63 42.64 -22.35
N ASP G 190 12.91 43.82 -22.91
CA ASP G 190 11.92 44.88 -23.01
C ASP G 190 11.40 44.97 -24.44
N VAL G 191 10.28 44.30 -24.70
CA VAL G 191 9.68 44.29 -26.03
C VAL G 191 8.37 45.08 -26.02
N GLY G 192 8.25 46.03 -26.94
CA GLY G 192 7.08 46.89 -26.99
C GLY G 192 6.15 46.55 -28.14
N VAL G 193 5.90 45.27 -28.32
CA VAL G 193 5.03 44.80 -29.39
C VAL G 193 3.60 44.67 -28.89
N ASP G 194 3.45 44.48 -27.58
CA ASP G 194 2.13 44.21 -27.00
C ASP G 194 1.64 45.37 -26.12
N ASN G 195 2.22 46.55 -26.28
CA ASN G 195 1.75 47.69 -25.51
C ASN G 195 0.48 48.26 -26.14
N ALA G 196 -0.14 49.22 -25.46
CA ALA G 196 -1.44 49.72 -25.87
C ALA G 196 -1.38 50.43 -27.22
N GLY G 197 -0.24 51.06 -27.52
CA GLY G 197 -0.08 51.77 -28.76
C GLY G 197 0.05 50.85 -29.94
N ALA G 198 0.75 49.74 -29.76
CA ALA G 198 0.91 48.74 -30.81
C ALA G 198 -0.38 47.98 -31.03
N LYS G 199 -1.12 47.77 -29.95
CA LYS G 199 -2.41 47.09 -30.00
C LYS G 199 -3.46 47.98 -30.66
N ALA G 200 -3.35 49.28 -30.43
CA ALA G 200 -4.28 50.24 -31.01
C ALA G 200 -4.16 50.29 -32.52
N GLY G 201 -2.94 50.12 -33.01
CA GLY G 201 -2.66 50.22 -34.44
C GLY G 201 -3.05 48.98 -35.22
N LEU G 202 -2.69 47.81 -34.73
CA LEU G 202 -3.00 46.56 -35.40
C LEU G 202 -4.49 46.29 -35.42
N THR G 203 -5.19 46.77 -34.39
CA THR G 203 -6.64 46.62 -34.32
C THR G 203 -7.31 47.41 -35.43
N PHE G 204 -6.76 48.59 -35.72
CA PHE G 204 -7.28 49.43 -36.80
C PHE G 204 -7.11 48.73 -38.14
N LEU G 205 -6.00 48.02 -38.30
CA LEU G 205 -5.75 47.25 -39.51
C LEU G 205 -6.81 46.16 -39.68
N VAL G 206 -7.09 45.45 -38.59
CA VAL G 206 -8.08 44.38 -38.58
C VAL G 206 -9.47 44.96 -38.83
N ASP G 207 -9.73 46.13 -38.28
CA ASP G 207 -11.02 46.79 -38.47
C ASP G 207 -11.22 47.19 -39.94
N LEU G 208 -10.13 47.53 -40.61
CA LEU G 208 -10.16 47.79 -42.04
C LEU G 208 -10.55 46.54 -42.80
N ILE G 209 -10.03 45.41 -42.33
CA ILE G 209 -10.28 44.12 -42.97
C ILE G 209 -11.67 43.60 -42.66
N LYS G 210 -12.09 43.73 -41.40
CA LYS G 210 -13.40 43.27 -40.98
C LYS G 210 -14.53 44.01 -41.70
N ASN G 211 -14.31 45.29 -41.95
CA ASN G 211 -15.33 46.11 -42.59
C ASN G 211 -15.14 46.22 -44.10
N LYS G 212 -14.44 45.24 -44.67
CA LYS G 212 -14.33 45.08 -46.12
C LYS G 212 -13.72 46.28 -46.84
N HIS G 213 -12.76 46.95 -46.19
CA HIS G 213 -12.05 48.04 -46.84
C HIS G 213 -10.68 47.54 -47.29
N MET G 214 -10.30 46.39 -46.77
CA MET G 214 -9.09 45.70 -47.21
C MET G 214 -9.27 44.19 -47.19
N ASN G 215 -8.47 43.49 -47.99
CA ASN G 215 -8.52 42.05 -48.03
C ASN G 215 -7.31 41.46 -47.35
N ALA G 216 -7.52 40.53 -46.42
CA ALA G 216 -6.44 39.97 -45.64
C ALA G 216 -5.47 39.15 -46.49
N ASP G 217 -5.93 38.74 -47.66
CA ASP G 217 -5.17 37.88 -48.55
C ASP G 217 -4.10 38.63 -49.34
N THR G 218 -4.23 39.94 -49.39
CA THR G 218 -3.38 40.79 -50.22
C THR G 218 -1.89 40.63 -49.92
N ASP G 219 -1.12 40.28 -50.95
CA ASP G 219 0.33 40.18 -50.83
C ASP G 219 0.99 41.26 -51.68
N TYR G 220 2.27 41.06 -52.01
CA TYR G 220 3.03 42.08 -52.71
C TYR G 220 2.63 42.17 -54.18
N SER G 221 2.62 41.04 -54.86
CA SER G 221 2.29 40.99 -56.29
C SER G 221 0.86 41.43 -56.58
N ILE G 222 -0.09 40.98 -55.77
CA ILE G 222 -1.49 41.35 -55.95
C ILE G 222 -1.69 42.85 -55.82
N ALA G 223 -1.03 43.44 -54.84
CA ALA G 223 -1.16 44.87 -54.59
C ALA G 223 -0.46 45.70 -55.65
N GLU G 224 0.73 45.27 -56.05
CA GLU G 224 1.50 45.99 -57.05
C GLU G 224 0.76 46.01 -58.39
N ALA G 225 0.22 44.86 -58.76
CA ALA G 225 -0.54 44.74 -59.99
C ALA G 225 -1.74 45.67 -59.97
N ALA G 226 -2.52 45.60 -58.89
CA ALA G 226 -3.73 46.40 -58.73
C ALA G 226 -3.46 47.90 -58.88
N PHE G 227 -2.39 48.37 -58.27
CA PHE G 227 -2.07 49.79 -58.30
C PHE G 227 -1.56 50.22 -59.66
N ASN G 228 -0.77 49.35 -60.29
CA ASN G 228 -0.19 49.66 -61.58
C ASN G 228 -1.25 49.63 -62.67
N LYS G 229 -2.34 48.89 -62.43
CA LYS G 229 -3.44 48.84 -63.38
C LYS G 229 -4.47 49.92 -63.07
N GLY G 230 -4.21 50.70 -62.03
CA GLY G 230 -5.12 51.75 -61.62
C GLY G 230 -6.39 51.24 -60.97
N GLU G 231 -6.32 50.05 -60.39
CA GLU G 231 -7.48 49.44 -59.75
C GLU G 231 -7.66 49.93 -58.32
N THR G 232 -6.58 50.42 -57.71
CA THR G 232 -6.64 50.99 -56.37
C THR G 232 -5.93 52.33 -56.35
N ALA G 233 -6.34 53.22 -55.45
CA ALA G 233 -5.84 54.58 -55.45
C ALA G 233 -4.51 54.72 -54.73
N MET G 234 -4.32 53.96 -53.66
CA MET G 234 -3.11 54.10 -52.85
C MET G 234 -2.40 52.77 -52.61
N THR G 235 -1.12 52.86 -52.26
CA THR G 235 -0.35 51.70 -51.87
C THR G 235 0.82 52.13 -50.98
N ILE G 236 1.40 51.18 -50.25
CA ILE G 236 2.54 51.46 -49.41
C ILE G 236 3.71 50.59 -49.85
N ASN G 237 4.76 51.25 -50.36
CA ASN G 237 5.91 50.53 -50.88
C ASN G 237 7.17 51.39 -50.86
N GLY G 238 8.29 50.78 -51.23
CA GLY G 238 9.57 51.47 -51.23
C GLY G 238 9.99 51.94 -52.61
N PRO G 239 11.15 52.63 -52.68
CA PRO G 239 11.68 53.21 -53.91
C PRO G 239 11.89 52.19 -55.02
N TRP G 240 12.17 50.94 -54.65
CA TRP G 240 12.42 49.88 -55.61
C TRP G 240 11.21 49.56 -56.50
N ALA G 241 10.05 50.09 -56.13
CA ALA G 241 8.82 49.81 -56.85
C ALA G 241 8.49 50.91 -57.85
N TRP G 242 9.17 52.04 -57.73
CA TRP G 242 8.91 53.21 -58.57
C TRP G 242 9.11 52.95 -60.06
N SER G 243 10.01 52.03 -60.39
CA SER G 243 10.32 51.72 -61.78
C SER G 243 9.09 51.13 -62.48
N ASN G 244 8.49 50.12 -61.87
CA ASN G 244 7.36 49.42 -62.46
C ASN G 244 6.14 50.31 -62.62
N ILE G 245 6.08 51.39 -61.82
CA ILE G 245 4.99 52.33 -61.92
C ILE G 245 5.25 53.32 -63.04
N ASP G 246 6.52 53.60 -63.29
CA ASP G 246 6.91 54.51 -64.36
C ASP G 246 6.55 53.94 -65.72
N THR G 247 6.72 52.64 -65.88
CA THR G 247 6.43 51.95 -67.13
C THR G 247 4.93 51.76 -67.34
N SER G 248 4.15 51.92 -66.27
CA SER G 248 2.71 51.78 -66.36
C SER G 248 2.07 53.12 -66.68
N ALA G 249 0.78 53.10 -67.00
CA ALA G 249 0.06 54.31 -67.38
C ALA G 249 -0.14 55.26 -66.20
N VAL G 250 0.08 54.74 -64.99
CA VAL G 250 -0.27 55.44 -63.76
C VAL G 250 0.55 56.72 -63.52
N ASN G 251 -0.16 57.83 -63.33
CA ASN G 251 0.45 59.07 -62.87
C ASN G 251 0.42 59.11 -61.35
N TYR G 252 1.58 58.95 -60.72
CA TYR G 252 1.62 58.74 -59.28
C TYR G 252 2.38 59.83 -58.54
N GLY G 253 2.20 59.86 -57.22
CA GLY G 253 2.95 60.74 -56.36
C GLY G 253 3.40 59.98 -55.13
N VAL G 254 4.57 60.32 -54.62
CA VAL G 254 5.08 59.68 -53.41
C VAL G 254 5.08 60.69 -52.26
N THR G 255 4.35 60.37 -51.19
CA THR G 255 4.22 61.30 -50.08
C THR G 255 4.33 60.62 -48.72
N VAL G 256 4.20 61.43 -47.67
CA VAL G 256 4.29 60.96 -46.30
C VAL G 256 3.15 60.01 -45.94
N LEU G 257 3.43 59.04 -45.08
CA LEU G 257 2.43 58.11 -44.61
C LEU G 257 1.38 58.82 -43.75
N PRO G 258 0.14 58.32 -43.79
CA PRO G 258 -0.94 58.95 -43.00
C PRO G 258 -0.65 58.86 -41.51
N THR G 259 -1.22 59.77 -40.74
CA THR G 259 -1.01 59.77 -39.30
C THR G 259 -2.03 58.88 -38.61
N PHE G 260 -1.67 58.38 -37.44
CA PHE G 260 -2.57 57.54 -36.67
C PHE G 260 -2.72 58.07 -35.25
N LYS G 261 -3.95 58.42 -34.89
CA LYS G 261 -4.27 59.03 -33.60
C LYS G 261 -3.42 60.26 -33.33
N GLY G 262 -3.19 61.03 -34.39
CA GLY G 262 -2.45 62.28 -34.31
C GLY G 262 -0.95 62.11 -34.43
N GLN G 263 -0.48 60.88 -34.27
CA GLN G 263 0.94 60.58 -34.36
C GLN G 263 1.32 60.09 -35.75
N PRO G 264 2.52 60.44 -36.21
CA PRO G 264 2.98 60.02 -37.54
C PRO G 264 3.38 58.56 -37.57
N SER G 265 3.19 57.90 -38.72
CA SER G 265 3.63 56.52 -38.88
C SER G 265 5.14 56.46 -38.75
N LYS G 266 5.63 55.41 -38.09
CA LYS G 266 7.06 55.29 -37.83
C LYS G 266 7.65 54.05 -38.47
N PRO G 267 7.93 54.11 -39.77
CA PRO G 267 8.47 52.98 -40.52
C PRO G 267 9.87 52.60 -40.08
N PHE G 268 10.23 51.34 -40.31
CA PHE G 268 11.57 50.86 -40.01
C PHE G 268 12.53 51.20 -41.14
N VAL G 269 13.39 52.19 -40.91
CA VAL G 269 14.37 52.58 -41.91
C VAL G 269 15.40 51.49 -42.17
N GLY G 270 15.43 50.99 -43.40
CA GLY G 270 16.38 49.96 -43.78
C GLY G 270 17.53 50.50 -44.60
N VAL G 271 18.75 50.13 -44.19
CA VAL G 271 19.93 50.49 -44.96
C VAL G 271 20.43 49.29 -45.76
N LEU G 272 20.21 49.33 -47.07
CA LEU G 272 20.68 48.29 -47.97
C LEU G 272 22.18 48.17 -47.85
N SER G 273 22.68 46.95 -47.63
CA SER G 273 24.10 46.77 -47.35
C SER G 273 24.68 45.51 -48.00
N ALA G 274 25.95 45.59 -48.38
CA ALA G 274 26.65 44.46 -48.98
C ALA G 274 27.70 43.88 -48.03
N GLY G 275 27.54 42.60 -47.72
CA GLY G 275 28.47 41.93 -46.83
C GLY G 275 29.27 40.87 -47.55
N ILE G 276 30.45 40.55 -47.02
CA ILE G 276 31.33 39.56 -47.64
C ILE G 276 31.37 38.27 -46.83
N ASN G 277 31.07 37.16 -47.49
CA ASN G 277 31.07 35.85 -46.85
C ASN G 277 32.44 35.54 -46.24
N ALA G 278 32.43 35.17 -44.96
CA ALA G 278 33.67 34.93 -44.23
C ALA G 278 34.40 33.67 -44.72
N ALA G 279 33.69 32.82 -45.45
CA ALA G 279 34.28 31.60 -45.97
C ALA G 279 34.57 31.73 -47.46
N SER G 280 34.77 32.96 -47.90
CA SER G 280 35.06 33.22 -49.30
C SER G 280 36.53 33.62 -49.49
N PRO G 281 37.20 33.00 -50.48
CA PRO G 281 38.59 33.30 -50.81
C PRO G 281 38.76 34.58 -51.62
N ASN G 282 37.65 35.17 -52.03
CA ASN G 282 37.69 36.34 -52.91
C ASN G 282 37.37 37.64 -52.16
N LYS G 283 37.83 37.72 -50.92
CA LYS G 283 37.55 38.87 -50.07
C LYS G 283 38.13 40.16 -50.65
N GLU G 284 39.33 40.07 -51.23
CA GLU G 284 40.00 41.23 -51.79
C GLU G 284 39.33 41.72 -53.06
N LEU G 285 38.89 40.78 -53.89
CA LEU G 285 38.23 41.12 -55.15
C LEU G 285 36.88 41.75 -54.88
N ALA G 286 36.17 41.23 -53.88
CA ALA G 286 34.89 41.77 -53.47
C ALA G 286 35.07 43.19 -52.95
N LYS G 287 36.05 43.37 -52.07
CA LYS G 287 36.36 44.67 -51.50
C LYS G 287 36.71 45.67 -52.60
N GLU G 288 37.35 45.20 -53.66
CA GLU G 288 37.69 46.07 -54.77
C GLU G 288 36.44 46.39 -55.59
N PHE G 289 35.64 45.37 -55.86
CA PHE G 289 34.40 45.55 -56.61
C PHE G 289 33.48 46.57 -55.97
N LEU G 290 33.25 46.42 -54.68
CA LEU G 290 32.31 47.27 -53.95
C LEU G 290 32.81 48.72 -53.81
N GLU G 291 34.07 48.88 -53.44
CA GLU G 291 34.62 50.20 -53.17
C GLU G 291 34.93 51.00 -54.44
N ASN G 292 35.36 50.31 -55.49
CA ASN G 292 35.87 50.99 -56.67
C ASN G 292 34.90 51.03 -57.85
N TYR G 293 33.92 50.14 -57.86
CA TYR G 293 33.02 50.06 -59.01
C TYR G 293 31.56 50.30 -58.66
N LEU G 294 31.10 49.72 -57.54
CA LEU G 294 29.70 49.85 -57.15
C LEU G 294 29.45 51.15 -56.39
N LEU G 295 30.26 51.41 -55.37
CA LEU G 295 30.09 52.62 -54.57
C LEU G 295 30.73 53.83 -55.24
N THR G 296 30.37 54.02 -56.51
CA THR G 296 30.80 55.17 -57.30
C THR G 296 29.58 55.79 -57.95
N ASP G 297 29.72 56.99 -58.50
CA ASP G 297 28.61 57.65 -59.17
C ASP G 297 28.09 56.84 -60.35
N GLU G 298 28.96 56.09 -61.01
CA GLU G 298 28.53 55.29 -62.16
C GLU G 298 27.79 54.03 -61.73
N GLY G 299 28.36 53.31 -60.77
CA GLY G 299 27.83 52.03 -60.34
C GLY G 299 26.46 52.10 -59.68
N LEU G 300 26.27 53.09 -58.82
CA LEU G 300 24.99 53.27 -58.15
C LEU G 300 23.92 53.66 -59.15
N GLU G 301 24.24 54.60 -60.03
CA GLU G 301 23.32 55.04 -61.06
C GLU G 301 22.94 53.89 -61.99
N ALA G 302 23.90 52.98 -62.21
CA ALA G 302 23.67 51.83 -63.07
C ALA G 302 22.55 50.94 -62.50
N VAL G 303 22.56 50.78 -61.18
CA VAL G 303 21.53 50.02 -60.49
C VAL G 303 20.25 50.83 -60.37
N ASN G 304 20.40 52.10 -59.98
CA ASN G 304 19.27 52.99 -59.76
C ASN G 304 18.37 53.16 -60.98
N LYS G 305 18.95 53.10 -62.17
CA LYS G 305 18.16 53.22 -63.39
C LYS G 305 17.31 51.98 -63.63
N ASP G 306 17.77 50.85 -63.11
CA ASP G 306 16.99 49.63 -63.20
C ASP G 306 15.83 49.67 -62.22
N LYS G 307 16.17 49.61 -60.93
CA LYS G 307 15.19 49.81 -59.87
C LYS G 307 15.77 50.73 -58.80
N PRO G 308 15.14 51.89 -58.60
CA PRO G 308 15.62 52.94 -57.68
C PRO G 308 16.00 52.43 -56.30
N LEU G 309 17.20 52.80 -55.85
CA LEU G 309 17.71 52.38 -54.55
C LEU G 309 17.20 53.28 -53.44
N GLY G 310 16.79 54.49 -53.80
CA GLY G 310 16.35 55.46 -52.81
C GLY G 310 17.45 56.45 -52.48
N ALA G 311 17.66 56.69 -51.20
CA ALA G 311 18.73 57.58 -50.76
C ALA G 311 20.01 56.79 -50.53
N VAL G 312 20.96 56.93 -51.46
CA VAL G 312 22.19 56.16 -51.40
C VAL G 312 23.07 56.63 -50.24
N ALA G 313 24.13 55.87 -49.98
CA ALA G 313 25.05 56.20 -48.90
C ALA G 313 26.18 57.11 -49.39
N LEU G 314 26.52 56.97 -50.66
CA LEU G 314 27.57 57.79 -51.26
C LEU G 314 27.17 59.24 -51.35
N LYS G 315 27.86 60.10 -50.61
CA LYS G 315 27.57 61.52 -50.54
C LYS G 315 27.47 62.18 -51.92
N SER G 316 28.47 61.93 -52.75
CA SER G 316 28.58 62.58 -54.06
C SER G 316 27.36 62.33 -54.95
N TYR G 317 26.82 61.13 -54.90
CA TYR G 317 25.67 60.78 -55.73
C TYR G 317 24.37 61.25 -55.10
N GLU G 318 24.29 61.14 -53.77
CA GLU G 318 23.08 61.48 -53.03
C GLU G 318 22.69 62.95 -53.21
N GLU G 319 23.69 63.80 -53.45
CA GLU G 319 23.44 65.23 -53.60
C GLU G 319 22.60 65.54 -54.84
N GLU G 320 22.67 64.67 -55.84
CA GLU G 320 21.87 64.84 -57.05
C GLU G 320 20.52 64.15 -56.93
N LEU G 321 20.50 63.00 -56.26
CA LEU G 321 19.28 62.26 -56.05
C LEU G 321 18.33 62.99 -55.11
N ALA G 322 18.90 63.81 -54.23
CA ALA G 322 18.11 64.52 -53.23
C ALA G 322 17.15 65.52 -53.85
N LYS G 323 17.35 65.83 -55.12
CA LYS G 323 16.48 66.76 -55.83
C LYS G 323 15.16 66.11 -56.22
N ASP G 324 15.17 64.79 -56.34
CA ASP G 324 13.95 64.04 -56.61
C ASP G 324 12.98 64.22 -55.45
N PRO G 325 11.79 64.77 -55.72
CA PRO G 325 10.76 64.97 -54.71
C PRO G 325 10.35 63.67 -54.03
N ARG G 326 10.44 62.57 -54.78
CA ARG G 326 10.13 61.25 -54.24
C ARG G 326 11.12 60.86 -53.16
N ILE G 327 12.39 61.19 -53.37
CA ILE G 327 13.43 60.88 -52.39
C ILE G 327 13.26 61.75 -51.14
N ALA G 328 12.91 63.01 -51.35
CA ALA G 328 12.69 63.94 -50.24
C ALA G 328 11.55 63.45 -49.35
N ALA G 329 10.56 62.81 -49.97
CA ALA G 329 9.45 62.22 -49.23
C ALA G 329 9.90 60.97 -48.49
N THR G 330 10.73 60.19 -49.15
CA THR G 330 11.29 58.97 -48.55
C THR G 330 12.07 59.32 -47.29
N MET G 331 12.85 60.39 -47.36
CA MET G 331 13.66 60.84 -46.24
C MET G 331 12.79 61.40 -45.12
N GLU G 332 11.64 61.98 -45.48
CA GLU G 332 10.73 62.54 -44.50
C GLU G 332 10.13 61.45 -43.62
N ASN G 333 9.75 60.35 -44.25
CA ASN G 333 9.24 59.19 -43.51
C ASN G 333 10.34 58.54 -42.70
N ALA G 334 11.54 58.45 -43.28
CA ALA G 334 12.68 57.88 -42.59
C ALA G 334 13.01 58.72 -41.35
N GLN G 335 12.80 60.02 -41.46
CA GLN G 335 13.02 60.95 -40.36
C GLN G 335 12.07 60.66 -39.20
N LYS G 336 10.81 60.43 -39.54
CA LYS G 336 9.77 60.23 -38.52
C LYS G 336 9.76 58.79 -38.01
N GLY G 337 10.56 57.94 -38.64
CA GLY G 337 10.62 56.53 -38.26
C GLY G 337 11.78 56.24 -37.34
N GLU G 338 12.24 54.99 -37.34
CA GLU G 338 13.39 54.58 -36.54
C GLU G 338 14.30 53.69 -37.36
N ILE G 339 15.60 53.77 -37.11
CA ILE G 339 16.54 52.90 -37.78
C ILE G 339 16.43 51.49 -37.17
N MET G 340 16.52 50.47 -38.00
CA MET G 340 16.35 49.10 -37.52
C MET G 340 17.53 48.66 -36.68
N PRO G 341 17.25 47.94 -35.58
CA PRO G 341 18.32 47.27 -34.83
C PRO G 341 19.03 46.27 -35.74
N ASN G 342 20.26 45.92 -35.42
CA ASN G 342 20.98 44.93 -36.20
C ASN G 342 21.29 43.70 -35.37
N ILE G 343 20.87 43.73 -34.11
CA ILE G 343 21.10 42.63 -33.18
C ILE G 343 20.52 41.33 -33.72
N PRO G 344 21.09 40.19 -33.32
CA PRO G 344 20.67 38.88 -33.80
C PRO G 344 19.22 38.53 -33.46
N GLN G 345 18.63 39.29 -32.54
CA GLN G 345 17.28 39.02 -32.09
C GLN G 345 16.25 39.44 -33.14
N MET G 346 16.69 40.28 -34.08
CA MET G 346 15.80 40.83 -35.10
C MET G 346 15.15 39.74 -35.94
N SER G 347 15.87 38.64 -36.14
CA SER G 347 15.32 37.50 -36.86
C SER G 347 14.05 36.99 -36.19
N ALA G 348 14.17 36.68 -34.90
CA ALA G 348 13.04 36.18 -34.11
C ALA G 348 11.94 37.22 -33.97
N PHE G 349 12.32 38.49 -33.99
CA PHE G 349 11.34 39.57 -33.90
C PHE G 349 10.38 39.57 -35.07
N TRP G 350 10.93 39.50 -36.28
CA TRP G 350 10.12 39.53 -37.49
C TRP G 350 9.24 38.31 -37.61
N TYR G 351 9.76 37.15 -37.23
CA TYR G 351 8.97 35.92 -37.26
C TYR G 351 7.78 36.02 -36.31
N ALA G 352 8.01 36.62 -35.15
CA ALA G 352 6.98 36.77 -34.13
C ALA G 352 5.86 37.69 -34.57
N VAL G 353 6.24 38.85 -35.09
CA VAL G 353 5.28 39.86 -35.53
C VAL G 353 4.57 39.47 -36.82
N ARG G 354 5.29 38.80 -37.72
CA ARG G 354 4.71 38.36 -38.98
C ARG G 354 3.58 37.38 -38.69
N THR G 355 3.83 36.48 -37.75
CA THR G 355 2.84 35.49 -37.35
C THR G 355 1.63 36.17 -36.71
N ALA G 356 1.89 37.16 -35.87
CA ALA G 356 0.83 37.85 -35.15
C ALA G 356 -0.06 38.64 -36.09
N VAL G 357 0.56 39.41 -36.99
CA VAL G 357 -0.18 40.23 -37.95
C VAL G 357 -1.01 39.37 -38.90
N ILE G 358 -0.44 38.24 -39.34
CA ILE G 358 -1.15 37.34 -40.24
C ILE G 358 -2.31 36.65 -39.52
N ASN G 359 -2.04 36.15 -38.31
CA ASN G 359 -3.09 35.50 -37.52
C ASN G 359 -4.20 36.49 -37.14
N ALA G 360 -3.81 37.72 -36.83
CA ALA G 360 -4.77 38.75 -36.48
C ALA G 360 -5.62 39.13 -37.68
N ALA G 361 -4.98 39.25 -38.83
CA ALA G 361 -5.69 39.64 -40.06
C ALA G 361 -6.66 38.57 -40.53
N SER G 362 -6.26 37.31 -40.41
CA SER G 362 -7.09 36.20 -40.86
C SER G 362 -8.17 35.84 -39.83
N GLY G 363 -8.09 36.43 -38.65
CA GLY G 363 -9.06 36.14 -37.61
C GLY G 363 -8.73 34.87 -36.84
N ARG G 364 -7.62 34.23 -37.19
CA ARG G 364 -7.18 33.01 -36.52
C ARG G 364 -6.93 33.27 -35.04
N GLN G 365 -6.49 34.48 -34.73
CA GLN G 365 -6.28 34.88 -33.35
C GLN G 365 -6.84 36.28 -33.12
N THR G 366 -7.04 36.62 -31.85
CA THR G 366 -7.44 37.96 -31.49
C THR G 366 -6.20 38.84 -31.51
N VAL G 367 -6.37 40.11 -31.87
CA VAL G 367 -5.27 41.07 -31.88
C VAL G 367 -4.52 41.03 -30.55
N ASP G 368 -5.27 41.01 -29.46
CA ASP G 368 -4.70 40.96 -28.12
C ASP G 368 -3.95 39.66 -27.87
N ALA G 369 -4.54 38.56 -28.31
CA ALA G 369 -3.95 37.24 -28.11
C ALA G 369 -2.73 37.05 -29.02
N ALA G 370 -2.78 37.65 -30.20
CA ALA G 370 -1.71 37.52 -31.17
C ALA G 370 -0.48 38.33 -30.74
N LEU G 371 -0.70 39.55 -30.28
CA LEU G 371 0.39 40.43 -29.91
C LEU G 371 1.02 39.99 -28.59
N ALA G 372 0.23 39.37 -27.73
CA ALA G 372 0.75 38.83 -26.48
C ALA G 372 1.74 37.73 -26.76
N ALA G 373 1.42 36.89 -27.74
CA ALA G 373 2.30 35.81 -28.16
C ALA G 373 3.54 36.33 -28.90
N ALA G 374 3.39 37.44 -29.59
CA ALA G 374 4.48 38.02 -30.36
C ALA G 374 5.56 38.60 -29.46
N GLN G 375 5.12 39.29 -28.41
CA GLN G 375 6.05 39.83 -27.42
C GLN G 375 6.86 38.71 -26.77
N THR G 376 6.17 37.62 -26.44
CA THR G 376 6.78 36.48 -25.79
C THR G 376 7.86 35.83 -26.65
N ASN G 377 7.55 35.62 -27.92
CA ASN G 377 8.44 34.88 -28.81
C ASN G 377 9.48 35.78 -29.48
N ALA G 378 9.29 37.08 -29.40
CA ALA G 378 10.32 38.03 -29.86
C ALA G 378 11.53 37.94 -28.95
N ALA G 379 11.27 37.87 -27.65
CA ALA G 379 12.34 37.75 -26.66
C ALA G 379 13.02 36.39 -26.76
N ALA G 380 12.26 35.40 -27.23
CA ALA G 380 12.81 34.06 -27.48
C ALA G 380 13.94 34.10 -28.50
N ILE H 12 0.32 -50.80 17.64
CA ILE H 12 0.70 -50.34 16.32
C ILE H 12 1.31 -51.49 15.51
N GLU H 13 1.93 -52.43 16.20
CA GLU H 13 2.54 -53.59 15.54
C GLU H 13 1.53 -54.68 15.25
N GLU H 14 1.98 -55.72 14.56
CA GLU H 14 1.12 -56.84 14.17
C GLU H 14 1.80 -58.15 14.52
N GLY H 15 1.01 -59.10 15.02
CA GLY H 15 1.56 -60.35 15.52
C GLY H 15 2.30 -60.07 16.80
N LYS H 16 1.74 -59.17 17.61
CA LYS H 16 2.42 -58.72 18.80
C LYS H 16 1.37 -58.28 19.81
N LEU H 17 1.54 -58.70 21.05
CA LEU H 17 0.64 -58.26 22.11
C LEU H 17 1.38 -57.33 23.06
N VAL H 18 0.96 -56.07 23.05
CA VAL H 18 1.48 -55.09 23.99
C VAL H 18 0.45 -54.88 25.08
N ILE H 19 0.89 -55.02 26.32
CA ILE H 19 -0.02 -54.98 27.46
C ILE H 19 0.36 -53.93 28.48
N TRP H 20 -0.55 -53.00 28.74
CA TRP H 20 -0.36 -52.03 29.81
C TRP H 20 -1.14 -52.43 31.05
N ILE H 21 -0.46 -52.44 32.18
CA ILE H 21 -1.08 -52.76 33.46
C ILE H 21 -0.40 -51.93 34.55
N ASN H 22 -1.13 -51.57 35.59
CA ASN H 22 -0.61 -50.67 36.61
C ASN H 22 0.51 -51.30 37.44
N GLY H 23 1.44 -50.46 37.87
CA GLY H 23 2.64 -50.92 38.55
C GLY H 23 2.42 -51.61 39.87
N ASP H 24 1.31 -51.31 40.54
CA ASP H 24 1.03 -51.90 41.84
C ASP H 24 0.46 -53.29 41.71
N LYS H 25 0.20 -53.71 40.47
CA LYS H 25 -0.34 -55.03 40.21
C LYS H 25 0.77 -56.04 39.93
N GLY H 26 0.39 -57.30 39.78
CA GLY H 26 1.36 -58.36 39.51
C GLY H 26 1.71 -58.48 38.05
N TYR H 27 2.48 -57.53 37.54
CA TYR H 27 2.85 -57.51 36.13
C TYR H 27 3.90 -58.58 35.79
N ASN H 28 4.66 -58.99 36.80
CA ASN H 28 5.67 -60.04 36.60
C ASN H 28 5.02 -61.42 36.54
N GLY H 29 3.91 -61.59 37.25
CA GLY H 29 3.18 -62.84 37.23
C GLY H 29 2.37 -62.96 35.95
N LEU H 30 2.10 -61.81 35.34
CA LEU H 30 1.39 -61.77 34.06
C LEU H 30 2.33 -62.09 32.92
N ALA H 31 3.59 -61.70 33.09
CA ALA H 31 4.62 -61.96 32.09
C ALA H 31 4.89 -63.45 31.93
N GLU H 32 4.71 -64.21 33.00
CA GLU H 32 4.91 -65.65 32.96
C GLU H 32 3.87 -66.34 32.08
N VAL H 33 2.63 -65.86 32.16
CA VAL H 33 1.57 -66.36 31.29
C VAL H 33 1.90 -65.99 29.85
N GLY H 34 2.54 -64.84 29.67
CA GLY H 34 2.96 -64.39 28.36
C GLY H 34 4.10 -65.25 27.82
N LYS H 35 4.87 -65.84 28.73
CA LYS H 35 5.93 -66.76 28.35
C LYS H 35 5.34 -68.06 27.82
N LYS H 36 4.44 -68.65 28.60
CA LYS H 36 3.77 -69.89 28.19
C LYS H 36 3.02 -69.72 26.88
N PHE H 37 2.46 -68.53 26.69
CA PHE H 37 1.75 -68.21 25.45
C PHE H 37 2.67 -68.31 24.24
N GLU H 38 3.83 -67.66 24.32
CA GLU H 38 4.79 -67.69 23.22
C GLU H 38 5.36 -69.09 23.06
N LYS H 39 5.42 -69.83 24.15
CA LYS H 39 5.91 -71.20 24.11
C LYS H 39 4.99 -72.10 23.30
N ASP H 40 3.71 -71.77 23.30
CA ASP H 40 2.70 -72.63 22.67
C ASP H 40 2.34 -72.20 21.26
N THR H 41 2.57 -70.95 20.91
CA THR H 41 2.16 -70.46 19.60
C THR H 41 3.18 -69.56 18.92
N GLY H 42 4.26 -69.23 19.61
CA GLY H 42 5.32 -68.45 19.01
C GLY H 42 5.02 -66.96 18.91
N ILE H 43 3.92 -66.53 19.53
CA ILE H 43 3.56 -65.12 19.55
C ILE H 43 4.11 -64.41 20.78
N LYS H 44 4.99 -63.43 20.57
CA LYS H 44 5.64 -62.73 21.67
C LYS H 44 4.70 -61.76 22.37
N VAL H 45 4.73 -61.79 23.71
CA VAL H 45 3.94 -60.88 24.52
C VAL H 45 4.82 -59.95 25.37
N THR H 46 4.59 -58.65 25.25
CA THR H 46 5.36 -57.68 26.02
C THR H 46 4.52 -56.95 27.06
N VAL H 47 4.80 -57.22 28.33
CA VAL H 47 4.08 -56.60 29.43
C VAL H 47 4.81 -55.35 29.93
N GLU H 48 4.09 -54.25 30.03
CA GLU H 48 4.68 -52.97 30.45
C GLU H 48 3.87 -52.34 31.58
N HIS H 49 4.52 -51.55 32.43
CA HIS H 49 3.81 -50.84 33.50
C HIS H 49 4.22 -49.37 33.58
N PRO H 50 3.75 -48.56 32.63
CA PRO H 50 4.06 -47.13 32.56
C PRO H 50 3.33 -46.29 33.60
N ASP H 51 3.86 -45.13 33.94
CA ASP H 51 3.25 -44.25 34.92
C ASP H 51 2.04 -43.54 34.30
N LYS H 52 0.95 -43.44 35.08
CA LYS H 52 -0.27 -42.77 34.63
C LYS H 52 -0.80 -43.32 33.32
N LEU H 53 -0.90 -44.64 33.21
CA LEU H 53 -1.31 -45.28 31.97
C LEU H 53 -2.80 -45.04 31.70
N GLU H 54 -3.59 -44.89 32.76
CA GLU H 54 -5.02 -44.63 32.59
C GLU H 54 -5.25 -43.23 32.03
N GLU H 55 -4.22 -42.40 32.07
CA GLU H 55 -4.28 -41.06 31.50
C GLU H 55 -3.53 -41.02 30.18
N LYS H 56 -2.48 -41.83 30.10
CA LYS H 56 -1.69 -41.94 28.88
C LYS H 56 -2.50 -42.58 27.76
N PHE H 57 -3.25 -43.62 28.11
CA PHE H 57 -3.95 -44.44 27.13
C PHE H 57 -4.88 -43.62 26.21
N PRO H 58 -5.92 -42.95 26.76
CA PRO H 58 -6.86 -42.31 25.85
C PRO H 58 -6.21 -41.19 25.02
N GLN H 59 -5.15 -40.60 25.55
CA GLN H 59 -4.41 -39.57 24.83
C GLN H 59 -3.72 -40.13 23.59
N VAL H 60 -3.18 -41.34 23.72
CA VAL H 60 -2.42 -41.97 22.65
C VAL H 60 -3.16 -43.14 22.01
N ALA H 61 -4.36 -43.44 22.51
CA ALA H 61 -5.18 -44.48 21.89
C ALA H 61 -5.82 -43.90 20.65
N ALA H 62 -5.71 -42.57 20.50
CA ALA H 62 -6.00 -41.94 19.23
C ALA H 62 -4.78 -42.16 18.33
N THR H 63 -5.00 -42.11 17.03
CA THR H 63 -3.97 -42.42 16.02
C THR H 63 -3.43 -43.85 16.16
N GLY H 64 -4.06 -44.65 17.02
CA GLY H 64 -3.76 -46.06 17.14
C GLY H 64 -2.32 -46.45 17.47
N ASP H 65 -1.70 -45.75 18.41
CA ASP H 65 -0.35 -46.09 18.83
C ASP H 65 -0.26 -46.48 20.30
N GLY H 66 -1.28 -47.18 20.78
CA GLY H 66 -1.31 -47.64 22.15
C GLY H 66 -0.98 -49.11 22.25
N PRO H 67 -1.38 -49.75 23.37
CA PRO H 67 -1.15 -51.18 23.59
C PRO H 67 -2.20 -52.01 22.86
N ASP H 68 -2.03 -53.33 22.88
CA ASP H 68 -3.05 -54.21 22.33
C ASP H 68 -4.13 -54.41 23.38
N ILE H 69 -3.69 -54.79 24.58
CA ILE H 69 -4.59 -54.99 25.71
C ILE H 69 -4.23 -53.98 26.81
N ILE H 70 -5.24 -53.50 27.53
CA ILE H 70 -5.00 -52.57 28.63
C ILE H 70 -5.73 -52.98 29.91
N PHE H 71 -5.00 -53.07 31.01
CA PHE H 71 -5.55 -53.46 32.29
C PHE H 71 -5.80 -52.26 33.20
N TRP H 72 -7.04 -52.12 33.67
CA TRP H 72 -7.40 -51.09 34.63
C TRP H 72 -8.76 -51.40 35.25
N ALA H 73 -9.11 -50.66 36.30
CA ALA H 73 -10.44 -50.75 36.87
C ALA H 73 -11.50 -50.33 35.85
N HIS H 74 -12.70 -50.89 35.98
CA HIS H 74 -13.73 -50.74 34.95
C HIS H 74 -14.27 -49.33 34.79
N ASP H 75 -14.05 -48.47 35.77
CA ASP H 75 -14.65 -47.13 35.77
C ASP H 75 -14.13 -46.26 34.62
N ARG H 76 -12.90 -46.51 34.19
CA ARG H 76 -12.30 -45.74 33.11
C ARG H 76 -12.75 -46.19 31.72
N PHE H 77 -13.18 -47.44 31.62
CA PHE H 77 -13.40 -48.06 30.32
C PHE H 77 -14.58 -47.49 29.55
N GLY H 78 -15.63 -47.09 30.26
CA GLY H 78 -16.79 -46.49 29.63
C GLY H 78 -16.48 -45.18 28.94
N GLY H 79 -15.58 -44.41 29.54
CA GLY H 79 -15.13 -43.17 28.95
C GLY H 79 -14.35 -43.44 27.67
N TYR H 80 -13.59 -44.52 27.69
CA TYR H 80 -12.83 -44.95 26.52
C TYR H 80 -13.77 -45.37 25.40
N ALA H 81 -14.75 -46.20 25.75
CA ALA H 81 -15.72 -46.73 24.79
C ALA H 81 -16.49 -45.61 24.10
N GLN H 82 -16.86 -44.58 24.86
CA GLN H 82 -17.59 -43.45 24.32
C GLN H 82 -16.76 -42.75 23.24
N SER H 83 -15.43 -42.85 23.36
CA SER H 83 -14.54 -42.29 22.36
C SER H 83 -14.22 -43.32 21.29
N GLY H 84 -14.80 -44.51 21.44
CA GLY H 84 -14.63 -45.58 20.47
C GLY H 84 -13.26 -46.24 20.52
N LEU H 85 -12.51 -45.99 21.59
CA LEU H 85 -11.14 -46.47 21.69
C LEU H 85 -11.07 -47.94 22.08
N LEU H 86 -12.23 -48.56 22.32
CA LEU H 86 -12.28 -49.96 22.67
C LEU H 86 -13.09 -50.76 21.66
N ALA H 87 -12.63 -51.97 21.36
CA ALA H 87 -13.34 -52.87 20.47
C ALA H 87 -14.23 -53.81 21.26
N GLU H 88 -15.44 -54.05 20.75
CA GLU H 88 -16.36 -54.96 21.40
C GLU H 88 -15.75 -56.37 21.44
N ILE H 89 -15.89 -57.04 22.58
CA ILE H 89 -15.40 -58.40 22.73
C ILE H 89 -16.52 -59.39 22.43
N THR H 90 -16.15 -60.52 21.82
CA THR H 90 -17.15 -61.48 21.35
C THR H 90 -16.90 -62.88 21.91
N PRO H 91 -17.30 -63.13 23.16
CA PRO H 91 -17.22 -64.47 23.73
C PRO H 91 -18.55 -65.21 23.59
N ALA H 92 -18.50 -66.54 23.69
CA ALA H 92 -19.71 -67.34 23.65
C ALA H 92 -20.22 -67.59 25.06
N ALA H 93 -21.47 -68.01 25.18
CA ALA H 93 -22.07 -68.28 26.49
C ALA H 93 -21.31 -69.39 27.23
N ALA H 94 -20.65 -70.26 26.46
CA ALA H 94 -19.86 -71.35 27.04
C ALA H 94 -18.72 -70.81 27.90
N PHE H 95 -18.02 -69.81 27.38
CA PHE H 95 -16.95 -69.16 28.13
C PHE H 95 -17.52 -68.19 29.15
N GLN H 96 -18.60 -67.52 28.77
CA GLN H 96 -19.25 -66.52 29.63
C GLN H 96 -19.71 -67.12 30.95
N ASP H 97 -19.92 -68.44 30.97
CA ASP H 97 -20.39 -69.12 32.16
C ASP H 97 -19.25 -69.42 33.13
N LYS H 98 -18.01 -69.33 32.65
CA LYS H 98 -16.85 -69.59 33.50
C LYS H 98 -16.68 -68.49 34.54
N LEU H 99 -17.23 -67.32 34.25
CA LEU H 99 -17.09 -66.15 35.12
C LEU H 99 -18.42 -65.79 35.77
N TYR H 100 -18.36 -65.13 36.92
CA TYR H 100 -19.56 -64.68 37.62
C TYR H 100 -20.29 -63.63 36.79
N PRO H 101 -21.63 -63.73 36.74
CA PRO H 101 -22.48 -62.84 35.94
C PRO H 101 -22.36 -61.37 36.31
N PHE H 102 -22.19 -61.06 37.59
CA PHE H 102 -22.16 -59.68 38.04
C PHE H 102 -20.88 -58.98 37.60
N THR H 103 -19.85 -59.76 37.27
CA THR H 103 -18.60 -59.19 36.77
C THR H 103 -18.72 -58.81 35.31
N TRP H 104 -19.64 -59.44 34.59
CA TRP H 104 -19.87 -59.12 33.20
C TRP H 104 -20.67 -57.82 33.08
N ASP H 105 -21.48 -57.55 34.09
CA ASP H 105 -22.28 -56.33 34.13
C ASP H 105 -21.39 -55.11 34.27
N ALA H 106 -20.26 -55.28 34.96
CA ALA H 106 -19.34 -54.19 35.22
C ALA H 106 -18.61 -53.73 33.96
N VAL H 107 -18.41 -54.65 33.03
CA VAL H 107 -17.67 -54.35 31.81
C VAL H 107 -18.59 -54.09 30.64
N ARG H 108 -19.88 -53.95 30.92
CA ARG H 108 -20.86 -53.69 29.88
C ARG H 108 -21.20 -52.20 29.79
N TYR H 109 -21.19 -51.68 28.55
CA TYR H 109 -21.47 -50.28 28.29
C TYR H 109 -22.26 -50.15 27.00
N ASN H 110 -23.40 -49.46 27.07
CA ASN H 110 -24.35 -49.36 25.95
C ASN H 110 -24.74 -50.74 25.42
N GLY H 111 -24.94 -51.68 26.33
CA GLY H 111 -25.37 -53.02 25.96
C GLY H 111 -24.24 -53.96 25.58
N LYS H 112 -23.20 -53.41 24.98
CA LYS H 112 -22.11 -54.22 24.45
C LYS H 112 -20.96 -54.37 25.45
N LEU H 113 -20.45 -55.59 25.57
CA LEU H 113 -19.29 -55.84 26.42
C LEU H 113 -18.04 -55.24 25.78
N ILE H 114 -17.26 -54.52 26.57
CA ILE H 114 -16.10 -53.79 26.04
C ILE H 114 -14.77 -54.25 26.64
N ALA H 115 -14.83 -55.12 27.64
CA ALA H 115 -13.60 -55.64 28.25
C ALA H 115 -13.84 -56.95 28.98
N TYR H 116 -12.75 -57.65 29.29
CA TYR H 116 -12.82 -58.91 30.04
C TYR H 116 -12.58 -58.69 31.53
N PRO H 117 -13.56 -59.06 32.36
CA PRO H 117 -13.42 -58.96 33.82
C PRO H 117 -12.37 -59.94 34.35
N ILE H 118 -11.51 -59.47 35.25
CA ILE H 118 -10.44 -60.31 35.78
C ILE H 118 -10.58 -60.61 37.27
N ALA H 119 -10.58 -59.56 38.08
CA ALA H 119 -10.67 -59.73 39.52
C ALA H 119 -11.49 -58.62 40.19
N VAL H 120 -11.94 -58.89 41.42
CA VAL H 120 -12.70 -57.92 42.19
C VAL H 120 -11.86 -57.33 43.32
N GLU H 121 -11.61 -56.03 43.24
CA GLU H 121 -10.80 -55.35 44.24
C GLU H 121 -11.67 -54.61 45.24
N ALA H 122 -11.24 -54.59 46.50
CA ALA H 122 -11.93 -53.86 47.54
C ALA H 122 -10.98 -53.50 48.66
N LEU H 123 -10.98 -52.23 49.06
CA LEU H 123 -10.11 -51.79 50.13
C LEU H 123 -10.50 -52.43 51.44
N SER H 124 -9.51 -52.82 52.23
CA SER H 124 -9.76 -53.40 53.54
C SER H 124 -8.89 -52.73 54.59
N LEU H 125 -9.18 -53.00 55.85
CA LEU H 125 -8.32 -52.52 56.92
C LEU H 125 -7.25 -53.55 57.21
N ILE H 126 -6.00 -53.17 56.99
CA ILE H 126 -4.87 -54.07 57.26
C ILE H 126 -4.16 -53.59 58.52
N TYR H 127 -4.10 -54.46 59.53
CA TYR H 127 -3.58 -54.05 60.83
C TYR H 127 -2.44 -54.94 61.31
N ASN H 128 -1.52 -54.33 62.06
CA ASN H 128 -0.39 -55.05 62.65
C ASN H 128 -0.79 -55.80 63.91
N LYS H 129 -0.81 -57.13 63.82
CA LYS H 129 -1.26 -57.95 64.94
C LYS H 129 -0.34 -57.84 66.16
N ASP H 130 0.93 -57.50 65.93
CA ASP H 130 1.87 -57.35 67.04
C ASP H 130 1.61 -56.05 67.79
N LEU H 131 1.43 -54.97 67.05
CA LEU H 131 1.15 -53.67 67.64
C LEU H 131 -0.29 -53.53 68.11
N LEU H 132 -1.20 -54.25 67.46
CA LEU H 132 -2.63 -54.09 67.71
C LEU H 132 -3.38 -55.40 67.55
N PRO H 133 -3.51 -56.16 68.64
CA PRO H 133 -4.18 -57.47 68.65
C PRO H 133 -5.65 -57.37 68.25
N ASN H 134 -6.32 -56.30 68.68
CA ASN H 134 -7.71 -56.08 68.33
C ASN H 134 -7.89 -54.73 67.64
N PRO H 135 -8.11 -54.76 66.31
CA PRO H 135 -8.28 -53.53 65.53
C PRO H 135 -9.57 -52.80 65.92
N PRO H 136 -9.57 -51.46 65.80
CA PRO H 136 -10.73 -50.64 66.16
C PRO H 136 -11.92 -50.92 65.25
N LYS H 137 -13.12 -50.90 65.83
CA LYS H 137 -14.35 -51.14 65.07
C LYS H 137 -14.93 -49.86 64.51
N THR H 138 -14.59 -48.73 65.12
CA THR H 138 -15.10 -47.45 64.67
C THR H 138 -13.98 -46.45 64.38
N TRP H 139 -14.24 -45.52 63.46
CA TRP H 139 -13.27 -44.49 63.10
C TRP H 139 -12.94 -43.59 64.28
N GLU H 140 -13.89 -43.44 65.19
CA GLU H 140 -13.75 -42.50 66.30
C GLU H 140 -12.75 -42.97 67.35
N GLU H 141 -12.41 -44.26 67.31
CA GLU H 141 -11.41 -44.81 68.24
C GLU H 141 -9.99 -44.39 67.86
N ILE H 142 -9.79 -44.10 66.60
CA ILE H 142 -8.44 -43.89 66.05
C ILE H 142 -7.68 -42.70 66.64
N PRO H 143 -8.35 -41.55 66.86
CA PRO H 143 -7.59 -40.49 67.56
C PRO H 143 -7.13 -40.93 68.94
N ALA H 144 -8.01 -41.62 69.67
CA ALA H 144 -7.67 -42.16 70.98
C ALA H 144 -6.59 -43.22 70.89
N LEU H 145 -6.68 -44.07 69.87
CA LEU H 145 -5.75 -45.17 69.70
C LEU H 145 -4.38 -44.68 69.24
N ASP H 146 -4.35 -43.51 68.60
CA ASP H 146 -3.11 -42.95 68.10
C ASP H 146 -2.22 -42.47 69.24
N LYS H 147 -2.84 -41.92 70.28
CA LYS H 147 -2.15 -41.45 71.47
C LYS H 147 -1.32 -42.57 72.09
N GLU H 148 -1.91 -43.76 72.17
CA GLU H 148 -1.25 -44.92 72.73
C GLU H 148 0.00 -45.29 71.93
N LEU H 149 -0.13 -45.26 70.60
CA LEU H 149 0.94 -45.69 69.72
C LEU H 149 2.01 -44.61 69.52
N LYS H 150 1.61 -43.33 69.59
CA LYS H 150 2.59 -42.25 69.52
C LYS H 150 3.49 -42.28 70.73
N ALA H 151 2.98 -42.82 71.82
CA ALA H 151 3.74 -42.96 73.04
C ALA H 151 4.81 -44.04 72.91
N LYS H 152 4.64 -44.90 71.91
CA LYS H 152 5.56 -46.00 71.67
C LYS H 152 6.43 -45.75 70.44
N GLY H 153 6.38 -44.53 69.92
CA GLY H 153 7.16 -44.17 68.75
C GLY H 153 6.49 -44.60 67.46
N LYS H 154 5.27 -45.09 67.56
CA LYS H 154 4.52 -45.56 66.40
C LYS H 154 3.44 -44.57 65.99
N SER H 155 2.48 -45.06 65.21
CA SER H 155 1.32 -44.27 64.81
C SER H 155 0.13 -45.20 64.59
N ALA H 156 -1.08 -44.65 64.62
CA ALA H 156 -2.28 -45.46 64.51
C ALA H 156 -2.59 -45.91 63.09
N LEU H 157 -2.66 -44.96 62.16
CA LEU H 157 -3.14 -45.25 60.82
C LEU H 157 -2.43 -44.43 59.76
N MET H 158 -2.04 -45.09 58.66
CA MET H 158 -1.42 -44.40 57.54
C MET H 158 -1.90 -44.98 56.21
N PHE H 159 -2.47 -44.13 55.37
CA PHE H 159 -2.89 -44.54 54.04
C PHE H 159 -2.79 -43.39 53.05
N ASN H 160 -2.90 -43.71 51.77
CA ASN H 160 -2.75 -42.72 50.71
C ASN H 160 -3.81 -41.62 50.78
N LEU H 161 -3.36 -40.40 50.98
CA LEU H 161 -4.26 -39.25 51.03
C LEU H 161 -4.21 -38.47 49.72
N GLN H 162 -3.40 -38.94 48.78
CA GLN H 162 -3.22 -38.23 47.52
C GLN H 162 -4.12 -38.80 46.44
N GLU H 163 -4.70 -39.96 46.72
CA GLU H 163 -5.69 -40.56 45.83
C GLU H 163 -7.01 -40.75 46.58
N PRO H 164 -8.09 -40.20 46.03
CA PRO H 164 -9.40 -40.19 46.68
C PRO H 164 -10.00 -41.58 46.84
N TYR H 165 -9.47 -42.55 46.10
CA TYR H 165 -9.96 -43.93 46.18
C TYR H 165 -9.86 -44.47 47.59
N PHE H 166 -8.89 -43.99 48.35
CA PHE H 166 -8.64 -44.48 49.70
C PHE H 166 -9.43 -43.75 50.76
N THR H 167 -9.72 -42.47 50.51
CA THR H 167 -10.44 -41.67 51.48
C THR H 167 -11.94 -41.70 51.21
N TRP H 168 -12.33 -42.26 50.07
CA TRP H 168 -13.74 -42.36 49.71
C TRP H 168 -14.61 -43.25 50.62
N PRO H 169 -14.09 -44.40 51.10
CA PRO H 169 -14.93 -45.22 51.96
C PRO H 169 -15.43 -44.50 53.22
N LEU H 170 -14.66 -43.52 53.69
CA LEU H 170 -15.06 -42.73 54.84
C LEU H 170 -16.07 -41.66 54.45
N ILE H 171 -15.84 -41.03 53.30
CA ILE H 171 -16.74 -40.01 52.78
C ILE H 171 -18.12 -40.58 52.49
N ALA H 172 -18.16 -41.72 51.80
CA ALA H 172 -19.43 -42.33 51.41
C ALA H 172 -20.13 -43.00 52.59
N ALA H 173 -19.40 -43.15 53.69
CA ALA H 173 -19.88 -43.89 54.85
C ALA H 173 -21.14 -43.30 55.46
N ASP H 174 -21.18 -41.98 55.60
CA ASP H 174 -22.28 -41.32 56.28
C ASP H 174 -23.34 -40.77 55.33
N GLY H 175 -23.17 -41.02 54.03
CA GLY H 175 -24.18 -40.61 53.07
C GLY H 175 -23.67 -40.07 51.74
N GLY H 176 -22.35 -40.06 51.57
CA GLY H 176 -21.78 -39.62 50.31
C GLY H 176 -22.01 -40.60 49.18
N TYR H 177 -22.19 -40.07 47.98
CA TYR H 177 -22.30 -40.90 46.78
C TYR H 177 -21.83 -40.14 45.55
N ALA H 178 -21.46 -40.88 44.51
CA ALA H 178 -20.91 -40.26 43.31
C ALA H 178 -22.04 -39.63 42.49
N PHE H 179 -22.82 -40.48 41.84
CA PHE H 179 -23.96 -40.01 41.06
C PHE H 179 -25.20 -40.79 41.47
N LYS H 180 -26.29 -40.08 41.72
CA LYS H 180 -27.52 -40.74 42.11
C LYS H 180 -28.04 -41.59 40.94
N TYR H 181 -28.27 -42.86 41.22
CA TYR H 181 -28.75 -43.77 40.19
C TYR H 181 -30.25 -43.78 40.30
N GLU H 182 -30.93 -43.06 39.41
CA GLU H 182 -32.37 -42.99 39.48
C GLU H 182 -32.96 -44.09 38.62
N ASN H 183 -32.67 -45.32 39.02
CA ASN H 183 -33.32 -46.50 38.47
C ASN H 183 -33.20 -46.62 36.94
N GLY H 184 -32.12 -47.25 36.50
CA GLY H 184 -31.87 -47.51 35.09
C GLY H 184 -30.89 -46.56 34.42
N LYS H 185 -30.60 -45.45 35.10
CA LYS H 185 -29.72 -44.43 34.55
C LYS H 185 -29.04 -43.64 35.67
N TYR H 186 -27.88 -43.08 35.37
CA TYR H 186 -27.18 -42.25 36.33
C TYR H 186 -27.45 -40.79 36.00
N ASP H 187 -28.07 -40.09 36.95
CA ASP H 187 -28.35 -38.67 36.78
C ASP H 187 -27.11 -37.86 37.13
N ILE H 188 -26.43 -37.36 36.09
CA ILE H 188 -25.14 -36.72 36.28
C ILE H 188 -25.25 -35.30 36.79
N LYS H 189 -26.49 -34.80 36.89
CA LYS H 189 -26.72 -33.49 37.47
C LYS H 189 -27.01 -33.58 38.95
N ASP H 190 -27.23 -34.80 39.42
CA ASP H 190 -27.45 -35.05 40.84
C ASP H 190 -26.19 -35.64 41.46
N VAL H 191 -25.37 -34.79 42.05
CA VAL H 191 -24.12 -35.23 42.66
C VAL H 191 -24.20 -35.14 44.18
N GLY H 192 -23.85 -36.24 44.84
CA GLY H 192 -23.92 -36.32 46.29
C GLY H 192 -22.55 -36.28 46.95
N VAL H 193 -21.71 -35.36 46.48
CA VAL H 193 -20.37 -35.21 47.02
C VAL H 193 -20.38 -34.13 48.10
N ASP H 194 -21.35 -33.24 48.04
CA ASP H 194 -21.41 -32.10 48.95
C ASP H 194 -22.60 -32.19 49.91
N ASN H 195 -23.16 -33.38 50.07
CA ASN H 195 -24.26 -33.55 51.01
C ASN H 195 -23.71 -33.63 52.43
N ALA H 196 -24.61 -33.66 53.41
CA ALA H 196 -24.21 -33.57 54.81
C ALA H 196 -23.37 -34.75 55.26
N GLY H 197 -23.61 -35.92 54.69
CA GLY H 197 -22.88 -37.10 55.06
C GLY H 197 -21.44 -37.08 54.59
N ALA H 198 -21.23 -36.56 53.38
CA ALA H 198 -19.90 -36.48 52.82
C ALA H 198 -19.09 -35.39 53.51
N LYS H 199 -19.78 -34.33 53.92
CA LYS H 199 -19.14 -33.24 54.64
C LYS H 199 -18.77 -33.69 56.04
N ALA H 200 -19.61 -34.56 56.61
CA ALA H 200 -19.37 -35.10 57.94
C ALA H 200 -18.13 -35.98 57.95
N GLY H 201 -17.90 -36.69 56.85
CA GLY H 201 -16.80 -37.63 56.75
C GLY H 201 -15.44 -37.00 56.48
N LEU H 202 -15.39 -36.08 55.52
CA LEU H 202 -14.15 -35.42 55.16
C LEU H 202 -13.63 -34.54 56.28
N THR H 203 -14.55 -33.97 57.06
CA THR H 203 -14.17 -33.12 58.18
C THR H 203 -13.43 -33.93 59.23
N PHE H 204 -13.88 -35.17 59.43
CA PHE H 204 -13.22 -36.06 60.38
C PHE H 204 -11.80 -36.39 59.95
N LEU H 205 -11.61 -36.53 58.64
CA LEU H 205 -10.28 -36.78 58.08
C LEU H 205 -9.38 -35.59 58.38
N VAL H 206 -9.92 -34.39 58.14
CA VAL H 206 -9.19 -33.16 58.40
C VAL H 206 -8.92 -32.98 59.89
N ASP H 207 -9.89 -33.38 60.71
CA ASP H 207 -9.75 -33.26 62.16
C ASP H 207 -8.64 -34.16 62.69
N LEU H 208 -8.45 -35.31 62.04
CA LEU H 208 -7.34 -36.19 62.38
C LEU H 208 -6.00 -35.51 62.10
N ILE H 209 -5.95 -34.75 61.01
CA ILE H 209 -4.73 -34.07 60.60
C ILE H 209 -4.44 -32.84 61.44
N LYS H 210 -5.48 -32.05 61.74
CA LYS H 210 -5.31 -30.85 62.54
C LYS H 210 -4.78 -31.17 63.93
N ASN H 211 -5.22 -32.29 64.48
CA ASN H 211 -4.79 -32.71 65.80
C ASN H 211 -3.65 -33.71 65.75
N LYS H 212 -2.91 -33.68 64.64
CA LYS H 212 -1.66 -34.42 64.49
C LYS H 212 -1.80 -35.93 64.67
N HIS H 213 -2.94 -36.49 64.22
CA HIS H 213 -3.12 -37.93 64.28
C HIS H 213 -2.90 -38.57 62.92
N MET H 214 -2.85 -37.74 61.88
CA MET H 214 -2.43 -38.17 60.55
C MET H 214 -1.68 -37.04 59.85
N ASN H 215 -0.84 -37.40 58.89
CA ASN H 215 -0.08 -36.40 58.15
C ASN H 215 -0.59 -36.26 56.72
N ALA H 216 -0.86 -35.02 56.31
CA ALA H 216 -1.44 -34.73 55.01
C ALA H 216 -0.52 -35.10 53.85
N ASP H 217 0.78 -35.21 54.12
CA ASP H 217 1.76 -35.47 53.07
C ASP H 217 1.78 -36.93 52.64
N THR H 218 1.20 -37.79 53.48
CA THR H 218 1.25 -39.23 53.27
C THR H 218 0.69 -39.64 51.92
N ASP H 219 1.52 -40.30 51.12
CA ASP H 219 1.10 -40.83 49.84
C ASP H 219 1.16 -42.35 49.89
N TYR H 220 1.23 -43.00 48.72
CA TYR H 220 1.18 -44.45 48.69
C TYR H 220 2.47 -45.08 49.19
N SER H 221 3.61 -44.64 48.65
CA SER H 221 4.90 -45.19 49.00
C SER H 221 5.25 -44.95 50.46
N ILE H 222 4.96 -43.75 50.96
CA ILE H 222 5.23 -43.41 52.35
C ILE H 222 4.44 -44.29 53.31
N ALA H 223 3.17 -44.53 52.99
CA ALA H 223 2.32 -45.32 53.87
C ALA H 223 2.68 -46.81 53.86
N GLU H 224 2.94 -47.35 52.68
CA GLU H 224 3.26 -48.78 52.55
C GLU H 224 4.55 -49.14 53.29
N ALA H 225 5.56 -48.30 53.13
CA ALA H 225 6.84 -48.52 53.78
C ALA H 225 6.67 -48.55 55.30
N ALA H 226 6.00 -47.53 55.81
CA ALA H 226 5.78 -47.39 57.26
C ALA H 226 5.15 -48.63 57.86
N PHE H 227 4.14 -49.18 57.18
CA PHE H 227 3.42 -50.33 57.71
C PHE H 227 4.29 -51.58 57.61
N ASN H 228 5.07 -51.67 56.54
CA ASN H 228 5.92 -52.82 56.32
C ASN H 228 7.10 -52.82 57.29
N LYS H 229 7.45 -51.63 57.79
CA LYS H 229 8.52 -51.50 58.76
C LYS H 229 7.98 -51.58 60.19
N GLY H 230 6.67 -51.72 60.30
CA GLY H 230 6.03 -51.80 61.62
C GLY H 230 6.02 -50.46 62.31
N GLU H 231 6.10 -49.39 61.53
CA GLU H 231 6.12 -48.03 62.09
C GLU H 231 4.70 -47.54 62.36
N THR H 232 3.73 -48.15 61.68
CA THR H 232 2.33 -47.85 61.94
C THR H 232 1.56 -49.14 62.09
N ALA H 233 0.48 -49.11 62.86
CA ALA H 233 -0.24 -50.32 63.21
C ALA H 233 -1.23 -50.73 62.13
N MET H 234 -1.85 -49.73 61.50
CA MET H 234 -2.89 -50.00 60.53
C MET H 234 -2.65 -49.30 59.21
N THR H 235 -3.31 -49.80 58.16
CA THR H 235 -3.28 -49.16 56.86
C THR H 235 -4.52 -49.54 56.06
N ILE H 236 -4.81 -48.77 55.03
CA ILE H 236 -5.94 -49.07 54.15
C ILE H 236 -5.45 -49.27 52.73
N ASN H 237 -5.57 -50.50 52.23
CA ASN H 237 -5.07 -50.84 50.91
C ASN H 237 -5.77 -52.06 50.33
N GLY H 238 -5.42 -52.39 49.08
CA GLY H 238 -6.03 -53.52 48.40
C GLY H 238 -5.16 -54.76 48.45
N PRO H 239 -5.67 -55.87 47.89
CA PRO H 239 -5.01 -57.18 47.88
C PRO H 239 -3.62 -57.16 47.24
N TRP H 240 -3.42 -56.29 46.27
CA TRP H 240 -2.14 -56.22 45.58
C TRP H 240 -0.98 -55.81 46.49
N ALA H 241 -1.31 -55.37 47.70
CA ALA H 241 -0.30 -54.92 48.65
C ALA H 241 0.06 -56.02 49.63
N TRP H 242 -0.75 -57.08 49.66
CA TRP H 242 -0.56 -58.17 50.59
C TRP H 242 0.81 -58.84 50.41
N SER H 243 1.31 -58.81 49.18
CA SER H 243 2.59 -59.45 48.85
C SER H 243 3.77 -58.80 49.56
N ASN H 244 3.88 -57.48 49.45
CA ASN H 244 5.00 -56.75 50.01
C ASN H 244 5.04 -56.81 51.53
N ILE H 245 3.90 -57.09 52.15
CA ILE H 245 3.82 -57.20 53.60
C ILE H 245 4.28 -58.58 54.05
N ASP H 246 4.08 -59.57 53.18
CA ASP H 246 4.50 -60.94 53.46
C ASP H 246 6.03 -61.04 53.55
N THR H 247 6.71 -60.28 52.70
CA THR H 247 8.17 -60.32 52.66
C THR H 247 8.78 -59.59 53.85
N SER H 248 7.98 -58.76 54.51
CA SER H 248 8.44 -58.02 55.68
C SER H 248 8.15 -58.83 56.95
N ALA H 249 8.70 -58.37 58.07
CA ALA H 249 8.56 -59.06 59.34
C ALA H 249 7.14 -58.98 59.91
N VAL H 250 6.32 -58.11 59.33
CA VAL H 250 5.03 -57.77 59.91
C VAL H 250 4.03 -58.93 59.92
N ASN H 251 3.52 -59.24 61.10
CA ASN H 251 2.42 -60.19 61.25
C ASN H 251 1.10 -59.42 61.19
N TYR H 252 0.39 -59.58 60.07
CA TYR H 252 -0.77 -58.74 59.80
C TYR H 252 -2.08 -59.52 59.66
N GLY H 253 -3.19 -58.79 59.71
CA GLY H 253 -4.50 -59.35 59.49
C GLY H 253 -5.33 -58.41 58.63
N VAL H 254 -6.19 -58.99 57.79
CA VAL H 254 -7.07 -58.19 56.94
C VAL H 254 -8.51 -58.31 57.42
N THR H 255 -9.11 -57.18 57.78
CA THR H 255 -10.46 -57.18 58.32
C THR H 255 -11.34 -56.07 57.76
N VAL H 256 -12.57 -56.01 58.23
CA VAL H 256 -13.55 -55.04 57.77
C VAL H 256 -13.16 -53.61 58.14
N LEU H 257 -13.53 -52.66 57.29
CA LEU H 257 -13.29 -51.24 57.53
C LEU H 257 -14.12 -50.72 58.70
N PRO H 258 -13.58 -49.74 59.45
CA PRO H 258 -14.24 -49.17 60.62
C PRO H 258 -15.54 -48.46 60.27
N THR H 259 -16.46 -48.37 61.23
CA THR H 259 -17.72 -47.69 61.01
C THR H 259 -17.58 -46.21 61.32
N PHE H 260 -18.42 -45.39 60.69
CA PHE H 260 -18.41 -43.96 60.93
C PHE H 260 -19.82 -43.51 61.27
N LYS H 261 -20.01 -42.94 62.46
CA LYS H 261 -21.32 -42.56 62.97
C LYS H 261 -22.30 -43.72 62.93
N GLY H 262 -21.81 -44.91 63.22
CA GLY H 262 -22.64 -46.10 63.27
C GLY H 262 -22.80 -46.77 61.92
N GLN H 263 -22.45 -46.04 60.86
CA GLN H 263 -22.59 -46.56 59.50
C GLN H 263 -21.29 -47.19 59.02
N PRO H 264 -21.38 -48.27 58.24
CA PRO H 264 -20.18 -48.94 57.73
C PRO H 264 -19.54 -48.15 56.59
N SER H 265 -18.22 -48.23 56.49
CA SER H 265 -17.53 -47.59 55.38
C SER H 265 -17.97 -48.23 54.07
N LYS H 266 -18.15 -47.41 53.04
CA LYS H 266 -18.66 -47.89 51.76
C LYS H 266 -17.66 -47.68 50.63
N PRO H 267 -16.66 -48.55 50.53
CA PRO H 267 -15.62 -48.41 49.50
C PRO H 267 -16.17 -48.63 48.10
N PHE H 268 -15.51 -48.04 47.11
CA PHE H 268 -15.86 -48.23 45.71
C PHE H 268 -15.23 -49.51 45.17
N VAL H 269 -16.04 -50.53 44.99
CA VAL H 269 -15.55 -51.81 44.46
C VAL H 269 -15.10 -51.68 43.01
N GLY H 270 -13.82 -51.96 42.78
CA GLY H 270 -13.27 -51.92 41.44
C GLY H 270 -13.05 -53.31 40.87
N VAL H 271 -13.53 -53.51 39.65
CA VAL H 271 -13.31 -54.77 38.94
C VAL H 271 -12.19 -54.60 37.91
N LEU H 272 -11.03 -55.17 38.20
CA LEU H 272 -9.91 -55.14 37.28
C LEU H 272 -10.33 -55.81 35.97
N SER H 273 -10.12 -55.13 34.85
CA SER H 273 -10.61 -55.62 33.57
C SER H 273 -9.64 -55.37 32.44
N ALA H 274 -9.61 -56.28 31.47
CA ALA H 274 -8.74 -56.15 30.31
C ALA H 274 -9.54 -55.82 29.05
N GLY H 275 -9.20 -54.68 28.45
CA GLY H 275 -9.88 -54.24 27.25
C GLY H 275 -8.96 -54.31 26.04
N ILE H 276 -9.54 -54.42 24.86
CA ILE H 276 -8.77 -54.54 23.63
C ILE H 276 -8.82 -53.26 22.81
N ASN H 277 -7.65 -52.73 22.48
CA ASN H 277 -7.55 -51.52 21.67
C ASN H 277 -8.26 -51.70 20.34
N ALA H 278 -9.13 -50.75 20.01
CA ALA H 278 -9.93 -50.82 18.79
C ALA H 278 -9.07 -50.66 17.55
N ALA H 279 -7.85 -50.17 17.74
CA ALA H 279 -6.92 -49.93 16.64
C ALA H 279 -5.84 -51.01 16.57
N SER H 280 -6.17 -52.20 17.06
CA SER H 280 -5.22 -53.30 17.04
C SER H 280 -5.58 -54.37 16.00
N PRO H 281 -4.60 -54.80 15.21
CA PRO H 281 -4.80 -55.85 14.21
C PRO H 281 -4.80 -57.23 14.85
N ASN H 282 -4.49 -57.28 16.14
CA ASN H 282 -4.35 -58.55 16.85
C ASN H 282 -5.52 -58.84 17.78
N LYS H 283 -6.72 -58.48 17.36
CA LYS H 283 -7.91 -58.66 18.18
C LYS H 283 -8.15 -60.14 18.47
N GLU H 284 -7.90 -60.99 17.48
CA GLU H 284 -8.09 -62.43 17.63
C GLU H 284 -7.03 -63.02 18.56
N LEU H 285 -5.80 -62.52 18.44
CA LEU H 285 -4.70 -62.99 19.26
C LEU H 285 -4.90 -62.59 20.71
N ALA H 286 -5.40 -61.37 20.90
CA ALA H 286 -5.70 -60.87 22.24
C ALA H 286 -6.83 -61.69 22.86
N LYS H 287 -7.90 -61.89 22.10
CA LYS H 287 -9.03 -62.67 22.56
C LYS H 287 -8.64 -64.10 22.94
N GLU H 288 -7.65 -64.63 22.23
CA GLU H 288 -7.16 -65.99 22.51
C GLU H 288 -6.34 -66.03 23.79
N PHE H 289 -5.41 -65.08 23.93
CA PHE H 289 -4.57 -64.99 25.12
C PHE H 289 -5.39 -64.87 26.39
N LEU H 290 -6.34 -63.95 26.39
CA LEU H 290 -7.12 -63.64 27.57
C LEU H 290 -8.03 -64.80 27.97
N GLU H 291 -8.74 -65.36 27.00
CA GLU H 291 -9.70 -66.42 27.27
C GLU H 291 -9.09 -67.80 27.50
N ASN H 292 -7.97 -68.08 26.84
CA ASN H 292 -7.43 -69.44 26.84
C ASN H 292 -6.24 -69.64 27.76
N TYR H 293 -5.55 -68.55 28.10
CA TYR H 293 -4.35 -68.65 28.91
C TYR H 293 -4.43 -67.86 30.22
N LEU H 294 -4.98 -66.66 30.15
CA LEU H 294 -5.04 -65.81 31.33
C LEU H 294 -6.22 -66.14 32.24
N LEU H 295 -7.42 -66.19 31.67
CA LEU H 295 -8.62 -66.49 32.45
C LEU H 295 -8.78 -67.98 32.72
N THR H 296 -7.71 -68.60 33.21
CA THR H 296 -7.71 -70.00 33.60
C THR H 296 -7.16 -70.15 35.01
N ASP H 297 -7.34 -71.32 35.61
CA ASP H 297 -6.82 -71.59 36.94
C ASP H 297 -5.31 -71.45 37.00
N GLU H 298 -4.64 -71.78 35.90
CA GLU H 298 -3.19 -71.71 35.82
C GLU H 298 -2.73 -70.26 35.66
N GLY H 299 -3.35 -69.54 34.74
CA GLY H 299 -2.94 -68.18 34.41
C GLY H 299 -3.16 -67.20 35.54
N LEU H 300 -4.31 -67.31 36.21
CA LEU H 300 -4.63 -66.42 37.31
C LEU H 300 -3.72 -66.62 38.51
N GLU H 301 -3.48 -67.89 38.87
CA GLU H 301 -2.60 -68.19 39.98
C GLU H 301 -1.20 -67.66 39.71
N ALA H 302 -0.79 -67.67 38.44
CA ALA H 302 0.52 -67.16 38.05
C ALA H 302 0.64 -65.67 38.39
N VAL H 303 -0.42 -64.93 38.15
CA VAL H 303 -0.46 -63.51 38.48
C VAL H 303 -0.68 -63.30 39.97
N ASN H 304 -1.65 -64.03 40.52
CA ASN H 304 -2.02 -63.90 41.93
C ASN H 304 -0.85 -64.15 42.88
N LYS H 305 0.08 -65.02 42.47
CA LYS H 305 1.24 -65.33 43.30
C LYS H 305 2.22 -64.18 43.35
N ASP H 306 2.25 -63.36 42.30
CA ASP H 306 3.10 -62.18 42.28
C ASP H 306 2.52 -61.09 43.18
N LYS H 307 1.39 -60.55 42.77
CA LYS H 307 0.63 -59.60 43.58
C LYS H 307 -0.83 -60.02 43.55
N PRO H 308 -1.39 -60.38 44.72
CA PRO H 308 -2.75 -60.91 44.84
C PRO H 308 -3.78 -60.06 44.10
N LEU H 309 -4.60 -60.70 43.28
CA LEU H 309 -5.61 -60.01 42.50
C LEU H 309 -6.87 -59.75 43.33
N GLY H 310 -7.04 -60.53 44.38
CA GLY H 310 -8.23 -60.42 45.21
C GLY H 310 -9.24 -61.48 44.85
N ALA H 311 -10.49 -61.07 44.69
CA ALA H 311 -11.54 -61.98 44.27
C ALA H 311 -11.63 -62.02 42.75
N VAL H 312 -11.12 -63.09 42.15
CA VAL H 312 -11.09 -63.19 40.70
C VAL H 312 -12.48 -63.38 40.12
N ALA H 313 -12.59 -63.32 38.80
CA ALA H 313 -13.88 -63.45 38.13
C ALA H 313 -14.18 -64.90 37.79
N LEU H 314 -13.12 -65.67 37.55
CA LEU H 314 -13.25 -67.08 37.22
C LEU H 314 -13.78 -67.90 38.39
N LYS H 315 -14.98 -68.46 38.22
CA LYS H 315 -15.62 -69.24 39.27
C LYS H 315 -14.74 -70.35 39.84
N SER H 316 -14.16 -71.14 38.94
CA SER H 316 -13.38 -72.32 39.33
C SER H 316 -12.23 -71.99 40.29
N TYR H 317 -11.56 -70.86 40.04
CA TYR H 317 -10.43 -70.46 40.88
C TYR H 317 -10.92 -69.74 42.15
N GLU H 318 -11.93 -68.89 41.99
CA GLU H 318 -12.42 -68.07 43.10
C GLU H 318 -12.97 -68.95 44.22
N GLU H 319 -13.44 -70.14 43.85
CA GLU H 319 -14.02 -71.07 44.81
C GLU H 319 -12.99 -71.59 45.80
N GLU H 320 -11.73 -71.60 45.39
CA GLU H 320 -10.65 -72.02 46.28
C GLU H 320 -10.05 -70.81 47.01
N LEU H 321 -10.03 -69.67 46.33
CA LEU H 321 -9.50 -68.45 46.92
C LEU H 321 -10.40 -67.96 48.06
N ALA H 322 -11.67 -68.34 47.99
CA ALA H 322 -12.66 -67.88 48.97
C ALA H 322 -12.37 -68.43 50.37
N LYS H 323 -11.51 -69.44 50.46
CA LYS H 323 -11.16 -70.04 51.73
C LYS H 323 -10.18 -69.14 52.48
N ASP H 324 -9.46 -68.31 51.73
CA ASP H 324 -8.54 -67.34 52.30
C ASP H 324 -9.32 -66.35 53.16
N PRO H 325 -8.99 -66.28 54.46
CA PRO H 325 -9.65 -65.35 55.40
C PRO H 325 -9.51 -63.90 54.97
N ARG H 326 -8.41 -63.57 54.31
CA ARG H 326 -8.18 -62.23 53.80
C ARG H 326 -9.17 -61.88 52.69
N ILE H 327 -9.45 -62.86 51.83
CA ILE H 327 -10.40 -62.67 50.74
C ILE H 327 -11.81 -62.51 51.30
N ALA H 328 -12.14 -63.29 52.32
CA ALA H 328 -13.44 -63.21 52.97
C ALA H 328 -13.65 -61.81 53.53
N ALA H 329 -12.58 -61.19 54.00
CA ALA H 329 -12.63 -59.82 54.49
C ALA H 329 -12.81 -58.85 53.35
N THR H 330 -12.15 -59.12 52.22
CA THR H 330 -12.27 -58.30 51.03
C THR H 330 -13.71 -58.29 50.53
N MET H 331 -14.34 -59.46 50.54
CA MET H 331 -15.72 -59.58 50.08
C MET H 331 -16.70 -58.94 51.06
N GLU H 332 -16.36 -58.97 52.35
CA GLU H 332 -17.24 -58.36 53.36
C GLU H 332 -17.29 -56.85 53.15
N ASN H 333 -16.14 -56.26 52.85
CA ASN H 333 -16.07 -54.84 52.55
C ASN H 333 -16.75 -54.52 51.22
N ALA H 334 -16.54 -55.38 50.24
CA ALA H 334 -17.15 -55.21 48.92
C ALA H 334 -18.67 -55.29 48.99
N GLN H 335 -19.17 -56.13 49.90
CA GLN H 335 -20.61 -56.28 50.10
C GLN H 335 -21.24 -54.99 50.62
N LYS H 336 -20.55 -54.36 51.56
CA LYS H 336 -21.07 -53.16 52.22
C LYS H 336 -20.85 -51.90 51.40
N GLY H 337 -20.12 -52.03 50.30
CA GLY H 337 -19.82 -50.88 49.45
C GLY H 337 -20.74 -50.77 48.25
N GLU H 338 -20.24 -50.13 47.20
CA GLU H 338 -20.99 -49.98 45.96
C GLU H 338 -20.09 -50.24 44.76
N ILE H 339 -20.65 -50.81 43.70
CA ILE H 339 -19.90 -51.03 42.47
C ILE H 339 -19.75 -49.69 41.73
N MET H 340 -18.57 -49.45 41.17
CA MET H 340 -18.31 -48.18 40.50
C MET H 340 -19.08 -48.05 39.19
N PRO H 341 -19.62 -46.84 38.94
CA PRO H 341 -20.15 -46.49 37.62
C PRO H 341 -19.07 -46.59 36.56
N ASN H 342 -19.47 -46.76 35.31
CA ASN H 342 -18.50 -46.80 34.21
C ASN H 342 -18.72 -45.66 33.23
N ILE H 343 -19.71 -44.82 33.52
CA ILE H 343 -20.04 -43.68 32.67
C ILE H 343 -18.83 -42.77 32.48
N PRO H 344 -18.77 -42.04 31.36
CA PRO H 344 -17.62 -41.17 31.04
C PRO H 344 -17.39 -40.05 32.05
N GLN H 345 -18.38 -39.78 32.89
CA GLN H 345 -18.28 -38.68 33.85
C GLN H 345 -17.35 -39.03 35.02
N MET H 346 -17.08 -40.32 35.19
CA MET H 346 -16.26 -40.81 36.30
C MET H 346 -14.86 -40.22 36.28
N SER H 347 -14.33 -39.97 35.09
CA SER H 347 -13.03 -39.34 34.95
C SER H 347 -13.04 -37.99 35.65
N ALA H 348 -13.99 -37.14 35.28
CA ALA H 348 -14.11 -35.81 35.85
C ALA H 348 -14.45 -35.87 37.34
N PHE H 349 -15.12 -36.94 37.75
CA PHE H 349 -15.48 -37.15 39.15
C PHE H 349 -14.26 -37.31 40.04
N TRP H 350 -13.35 -38.20 39.66
CA TRP H 350 -12.17 -38.48 40.47
C TRP H 350 -11.25 -37.27 40.57
N TYR H 351 -11.09 -36.54 39.47
CA TYR H 351 -10.28 -35.33 39.48
C TYR H 351 -10.83 -34.29 40.45
N ALA H 352 -12.15 -34.20 40.50
CA ALA H 352 -12.82 -33.23 41.36
C ALA H 352 -12.60 -33.55 42.84
N VAL H 353 -12.78 -34.82 43.19
CA VAL H 353 -12.66 -35.25 44.58
C VAL H 353 -11.21 -35.22 45.04
N ARG H 354 -10.29 -35.54 44.12
CA ARG H 354 -8.87 -35.52 44.45
C ARG H 354 -8.44 -34.11 44.86
N THR H 355 -8.92 -33.12 44.13
CA THR H 355 -8.62 -31.73 44.43
C THR H 355 -9.18 -31.33 45.78
N ALA H 356 -10.42 -31.73 46.05
CA ALA H 356 -11.10 -31.35 47.29
C ALA H 356 -10.44 -31.98 48.51
N VAL H 357 -10.20 -33.29 48.44
CA VAL H 357 -9.58 -34.01 49.54
C VAL H 357 -8.17 -33.48 49.80
N ILE H 358 -7.44 -33.17 48.73
CA ILE H 358 -6.08 -32.64 48.87
C ILE H 358 -6.11 -31.22 49.42
N ASN H 359 -6.99 -30.38 48.87
CA ASN H 359 -7.11 -29.02 49.36
C ASN H 359 -7.63 -28.92 50.79
N ALA H 360 -8.59 -29.76 51.14
CA ALA H 360 -9.16 -29.73 52.48
C ALA H 360 -8.14 -30.20 53.51
N ALA H 361 -7.42 -31.25 53.18
CA ALA H 361 -6.43 -31.82 54.09
C ALA H 361 -5.24 -30.89 54.29
N SER H 362 -4.82 -30.24 53.21
CA SER H 362 -3.66 -29.36 53.25
C SER H 362 -4.02 -27.99 53.82
N GLY H 363 -5.30 -27.75 54.03
CA GLY H 363 -5.76 -26.48 54.57
C GLY H 363 -5.86 -25.39 53.52
N ARG H 364 -5.53 -25.73 52.28
CA ARG H 364 -5.61 -24.77 51.18
C ARG H 364 -7.05 -24.28 51.01
N GLN H 365 -8.01 -25.17 51.30
CA GLN H 365 -9.42 -24.83 51.28
C GLN H 365 -10.18 -25.39 52.48
N THR H 366 -11.37 -24.84 52.72
CA THR H 366 -12.25 -25.35 53.77
C THR H 366 -13.01 -26.57 53.25
N VAL H 367 -13.29 -27.53 54.14
CA VAL H 367 -14.06 -28.72 53.78
C VAL H 367 -15.37 -28.37 53.08
N ASP H 368 -16.08 -27.38 53.62
CA ASP H 368 -17.33 -26.94 53.03
C ASP H 368 -17.09 -26.32 51.66
N ALA H 369 -16.05 -25.51 51.58
CA ALA H 369 -15.70 -24.82 50.33
C ALA H 369 -15.12 -25.79 49.30
N ALA H 370 -14.40 -26.80 49.77
CA ALA H 370 -13.76 -27.76 48.88
C ALA H 370 -14.77 -28.68 48.22
N LEU H 371 -15.71 -29.19 49.02
CA LEU H 371 -16.71 -30.12 48.52
C LEU H 371 -17.75 -29.42 47.64
N ALA H 372 -18.02 -28.15 47.95
CA ALA H 372 -18.94 -27.36 47.14
C ALA H 372 -18.36 -27.16 45.74
N ALA H 373 -17.06 -26.89 45.67
CA ALA H 373 -16.38 -26.75 44.39
C ALA H 373 -16.29 -28.07 43.66
N ALA H 374 -16.19 -29.15 44.44
CA ALA H 374 -16.07 -30.49 43.88
C ALA H 374 -17.37 -30.95 43.23
N GLN H 375 -18.48 -30.66 43.90
CA GLN H 375 -19.80 -30.98 43.37
C GLN H 375 -20.05 -30.31 42.03
N THR H 376 -19.66 -29.04 41.93
CA THR H 376 -19.87 -28.24 40.73
C THR H 376 -19.14 -28.81 39.51
N ASN H 377 -17.88 -29.18 39.69
CA ASN H 377 -17.05 -29.60 38.58
C ASN H 377 -17.19 -31.08 38.24
N ALA H 378 -17.84 -31.83 39.12
CA ALA H 378 -18.17 -33.22 38.84
C ALA H 378 -19.20 -33.29 37.71
N ALA H 379 -20.20 -32.41 37.79
CA ALA H 379 -21.23 -32.33 36.76
C ALA H 379 -20.68 -31.80 35.44
N ALA H 380 -19.63 -30.98 35.53
CA ALA H 380 -18.93 -30.47 34.35
C ALA H 380 -18.36 -31.60 33.51
N ASP I 6 -17.26 -21.96 23.19
CA ASP I 6 -18.53 -21.41 22.74
C ASP I 6 -18.90 -22.04 21.40
N ALA I 7 -18.46 -21.39 20.32
CA ALA I 7 -18.63 -21.91 18.96
C ALA I 7 -20.09 -22.18 18.58
N LEU I 8 -20.85 -21.12 18.32
CA LEU I 8 -22.21 -21.29 17.82
C LEU I 8 -22.24 -21.27 16.29
N PRO I 9 -23.20 -22.01 15.71
CA PRO I 9 -23.41 -22.07 14.26
C PRO I 9 -23.92 -20.76 13.67
N THR I 10 -24.02 -20.71 12.33
CA THR I 10 -24.44 -19.52 11.61
C THR I 10 -25.77 -18.96 12.09
N TYR I 11 -26.72 -19.86 12.34
CA TYR I 11 -28.08 -19.46 12.70
C TYR I 11 -28.22 -19.03 14.15
N LEU I 12 -27.27 -19.41 15.01
CA LEU I 12 -27.36 -19.08 16.42
C LEU I 12 -26.60 -17.82 16.84
N LEU I 13 -25.85 -17.22 15.95
CA LEU I 13 -25.18 -15.96 16.27
C LEU I 13 -26.20 -14.84 16.39
N ASP I 14 -25.94 -13.91 17.31
CA ASP I 14 -26.87 -12.85 17.66
C ASP I 14 -28.19 -13.42 18.19
N ARG I 15 -28.07 -14.44 19.03
CA ARG I 15 -29.22 -15.04 19.69
C ARG I 15 -28.83 -15.34 21.13
N GLU I 16 -29.78 -15.12 22.06
CA GLU I 16 -29.64 -15.33 23.50
C GLU I 16 -30.68 -14.52 24.26
N ASP J 6 8.72 18.49 -33.60
CA ASP J 6 7.45 18.51 -34.32
C ASP J 6 7.10 17.12 -34.85
N ALA J 7 8.03 16.49 -35.54
CA ALA J 7 7.87 15.13 -36.06
C ALA J 7 6.64 15.01 -36.96
N LEU J 8 6.76 15.52 -38.18
CA LEU J 8 5.70 15.40 -39.16
C LEU J 8 5.90 14.12 -39.97
N PRO J 9 4.80 13.51 -40.45
CA PRO J 9 4.87 12.30 -41.26
C PRO J 9 5.51 12.52 -42.63
N THR J 10 5.72 11.43 -43.36
CA THR J 10 6.36 11.47 -44.66
C THR J 10 5.68 12.42 -45.63
N TYR J 11 4.35 12.40 -45.62
CA TYR J 11 3.59 13.19 -46.60
C TYR J 11 3.51 14.66 -46.21
N LEU J 12 3.77 14.96 -44.95
CA LEU J 12 3.65 16.34 -44.47
C LEU J 12 4.98 17.07 -44.48
N LEU J 13 6.06 16.35 -44.77
CA LEU J 13 7.35 16.98 -44.96
C LEU J 13 7.33 17.76 -46.26
N ASP J 14 8.09 18.85 -46.32
CA ASP J 14 8.08 19.79 -47.45
C ASP J 14 6.68 20.38 -47.63
N ARG J 15 6.05 20.77 -46.53
CA ARG J 15 4.73 21.37 -46.58
C ARG J 15 4.60 22.55 -45.62
N GLU J 16 3.82 23.55 -46.03
CA GLU J 16 3.58 24.76 -45.26
C GLU J 16 4.88 25.53 -45.06
N ASP K 6 -5.34 -22.02 28.99
CA ASP K 6 -4.48 -21.72 30.13
C ASP K 6 -3.52 -20.60 29.78
N ALA K 7 -2.81 -20.75 28.66
CA ALA K 7 -1.88 -19.75 28.15
C ALA K 7 -0.80 -19.42 29.17
N LEU K 8 0.11 -20.37 29.38
CA LEU K 8 1.27 -20.18 30.25
C LEU K 8 2.50 -19.71 29.46
N PRO K 9 3.39 -18.94 30.12
CA PRO K 9 4.63 -18.47 29.51
C PRO K 9 5.61 -19.60 29.20
N THR K 10 6.71 -19.26 28.56
CA THR K 10 7.71 -20.25 28.14
C THR K 10 8.21 -21.11 29.30
N TYR K 11 8.47 -20.47 30.44
CA TYR K 11 9.07 -21.18 31.57
C TYR K 11 8.05 -22.00 32.35
N LEU K 12 6.76 -21.67 32.19
CA LEU K 12 5.72 -22.35 32.95
C LEU K 12 5.07 -23.50 32.19
N LEU K 13 5.43 -23.67 30.93
CA LEU K 13 4.97 -24.84 30.19
C LEU K 13 5.72 -26.05 30.74
N ASP K 14 5.04 -27.19 30.77
CA ASP K 14 5.57 -28.40 31.38
C ASP K 14 5.87 -28.19 32.86
N ARG K 15 4.94 -27.52 33.54
CA ARG K 15 5.02 -27.29 34.99
C ARG K 15 3.62 -27.48 35.55
N GLU K 16 3.52 -28.05 36.74
CA GLU K 16 2.22 -28.30 37.35
C GLU K 16 2.04 -27.59 38.69
N GLN K 17 0.78 -27.51 39.13
CA GLN K 17 0.44 -26.86 40.38
C GLN K 17 0.81 -27.73 41.58
N ASP L 6 16.64 22.43 -22.19
CA ASP L 6 17.31 21.20 -21.78
C ASP L 6 18.78 21.21 -22.14
N ALA L 7 19.37 20.02 -22.24
CA ALA L 7 20.77 19.83 -22.62
C ALA L 7 21.70 20.59 -21.67
N LEU L 8 21.80 20.09 -20.45
CA LEU L 8 22.72 20.63 -19.45
C LEU L 8 24.03 19.88 -19.42
N PRO L 9 25.12 20.56 -19.03
CA PRO L 9 26.43 19.91 -18.89
C PRO L 9 26.43 18.92 -17.73
N THR L 10 27.51 18.17 -17.58
CA THR L 10 27.61 17.15 -16.54
C THR L 10 27.37 17.67 -15.14
N TYR L 11 27.92 18.84 -14.84
CA TYR L 11 27.86 19.40 -13.49
C TYR L 11 26.50 20.07 -13.18
N LEU L 12 25.73 20.39 -14.21
CA LEU L 12 24.45 21.05 -13.98
C LEU L 12 23.32 20.04 -13.94
N LEU L 13 23.64 18.80 -14.23
CA LEU L 13 22.68 17.72 -14.07
C LEU L 13 22.49 17.48 -12.57
N ASP L 14 21.29 17.06 -12.18
CA ASP L 14 20.92 16.89 -10.78
C ASP L 14 20.98 18.22 -10.02
N ARG L 15 20.49 19.28 -10.63
CA ARG L 15 20.49 20.59 -9.98
C ARG L 15 19.19 21.33 -10.26
N GLU L 16 18.74 22.11 -9.28
CA GLU L 16 17.50 22.90 -9.31
C GLU L 16 17.11 23.32 -7.90
C1 GLC M . -3.26 22.31 -1.74
C2 GLC M . -4.60 22.26 -2.47
C3 GLC M . -4.41 22.16 -3.99
C4 GLC M . -3.35 23.13 -4.50
C5 GLC M . -2.11 23.11 -3.61
C6 GLC M . -1.10 24.17 -4.04
O1 GLC M . -2.60 21.08 -1.90
O2 GLC M . -5.30 21.13 -2.03
O3 GLC M . -5.64 22.43 -4.60
O4 GLC M . -2.99 22.77 -5.81
O5 GLC M . -2.47 23.35 -2.28
O6 GLC M . 0.02 24.07 -3.19
C1 GLC M . -3.67 23.37 -6.88
C2 GLC M . -3.93 22.33 -7.96
C3 GLC M . -2.62 21.83 -8.54
C4 GLC M . -1.78 23.01 -9.01
C5 GLC M . -1.64 24.04 -7.90
C6 GLC M . -0.89 25.28 -8.40
O2 GLC M . -4.62 21.23 -7.42
O3 GLC M . -2.88 20.98 -9.63
O4 GLC M . -0.50 22.54 -9.39
O5 GLC M . -2.90 24.44 -7.41
O6 GLC M . -0.84 26.25 -7.38
C1 GLC N . -30.34 0.04 41.18
C2 GLC N . -29.23 0.25 42.21
C3 GLC N . -28.02 -0.62 41.93
C4 GLC N . -28.43 -2.06 41.63
C5 GLC N . -29.54 -2.08 40.60
C6 GLC N . -29.99 -3.51 40.30
O1 GLC N . -29.91 0.55 39.94
O2 GLC N . -28.84 1.61 42.20
O3 GLC N . -27.16 -0.59 43.05
O4 GLC N . -27.32 -2.78 41.14
O5 GLC N . -30.63 -1.33 41.06
O6 GLC N . -30.67 -3.52 39.07
C1 GLC N . -26.59 -3.55 42.07
C2 GLC N . -25.10 -3.30 41.88
C3 GLC N . -24.61 -3.85 40.55
C4 GLC N . -25.03 -5.30 40.41
C5 GLC N . -26.53 -5.45 40.64
C6 GLC N . -26.93 -6.91 40.56
O2 GLC N . -24.85 -1.91 41.93
O3 GLC N . -23.21 -3.76 40.48
O4 GLC N . -24.71 -5.77 39.12
O5 GLC N . -26.88 -4.92 41.91
O6 GLC N . -28.31 -7.05 40.79
C1 GLC O . 12.15 44.94 -48.93
C2 GLC O . 13.09 45.72 -48.01
C3 GLC O . 13.49 44.89 -46.79
C4 GLC O . 12.27 44.23 -46.15
C5 GLC O . 11.47 43.50 -47.22
C6 GLC O . 10.25 42.81 -46.62
O1 GLC O . 12.85 43.89 -49.55
O2 GLC O . 14.26 46.05 -48.72
O3 GLC O . 14.11 45.74 -45.84
O4 GLC O . 12.70 43.32 -45.18
O5 GLC O . 11.06 44.40 -48.21
O6 GLC O . 9.73 41.90 -47.55
C1 GLC O . 12.58 43.71 -43.83
C2 GLC O . 13.83 43.29 -43.07
C3 GLC O . 13.97 41.77 -43.08
C4 GLC O . 12.70 41.14 -42.55
C5 GLC O . 11.47 41.68 -43.29
C6 GLC O . 10.20 41.16 -42.64
O2 GLC O . 14.98 43.85 -43.66
O3 GLC O . 15.05 41.41 -42.26
O4 GLC O . 12.76 39.74 -42.73
O5 GLC O . 11.46 43.10 -43.25
O6 GLC O . 9.08 41.86 -43.13
C1 GLC P . -5.76 -49.13 42.64
C2 GLC P . -7.19 -49.54 42.27
C3 GLC P . -7.82 -48.54 41.32
C4 GLC P . -7.69 -47.14 41.90
C5 GLC P . -6.23 -46.85 42.21
C6 GLC P . -6.05 -45.46 42.79
O1 GLC P . -4.94 -49.22 41.50
O2 GLC P . -7.18 -50.82 41.67
O3 GLC P . -9.18 -48.87 41.11
O4 GLC P . -8.18 -46.18 40.98
O5 GLC P . -5.74 -47.81 43.13
O6 GLC P . -4.72 -45.04 42.59
C1 GLC P . -9.48 -45.71 41.19
C2 GLC P . -10.19 -45.60 39.86
C3 GLC P . -9.51 -44.56 38.98
C4 GLC P . -9.39 -43.25 39.73
C5 GLC P . -8.75 -43.46 41.10
C6 GLC P . -8.78 -42.16 41.89
O2 GLC P . -10.16 -46.85 39.22
O3 GLC P . -10.26 -44.37 37.81
O4 GLC P . -8.61 -42.35 38.98
O5 GLC P . -9.46 -44.45 41.82
O6 GLC P . -8.34 -42.40 43.20
S SO4 Q . 15.42 -33.34 35.44
O1 SO4 Q . 15.75 -32.22 36.32
O2 SO4 Q . 14.10 -33.12 34.85
O3 SO4 Q . 15.41 -34.58 36.20
O4 SO4 Q . 16.42 -33.42 34.38
S SO4 R . 28.03 -1.03 45.46
O1 SO4 R . 28.42 0.16 44.71
O2 SO4 R . 26.78 -1.57 44.94
O3 SO4 R . 27.82 -0.65 46.86
O4 SO4 R . 29.07 -2.06 45.39
S SO4 S . 21.18 -11.97 53.44
O1 SO4 S . 21.63 -11.57 52.12
O2 SO4 S . 20.41 -10.89 54.03
O3 SO4 S . 20.34 -13.16 53.32
O4 SO4 S . 22.34 -12.27 54.27
S SO4 T . 24.76 15.86 0.21
O1 SO4 T . 25.33 16.97 -0.57
O2 SO4 T . 23.96 16.40 1.31
O3 SO4 T . 23.90 15.06 -0.66
O4 SO4 T . 25.84 15.04 0.74
S SO4 U . 41.16 39.66 -1.93
O1 SO4 U . 41.21 39.40 -3.36
O2 SO4 U . 40.38 40.88 -1.69
O3 SO4 U . 40.50 38.55 -1.25
O4 SO4 U . 42.51 39.83 -1.40
S SO4 V . -36.54 -7.43 13.09
O1 SO4 V . -36.17 -7.10 11.71
O2 SO4 V . -37.44 -6.40 13.60
O3 SO4 V . -37.22 -8.72 13.12
O4 SO4 V . -35.35 -7.49 13.92
S SO4 W . -51.24 -32.38 12.66
O1 SO4 W . -50.15 -32.19 11.71
O2 SO4 W . -51.78 -31.08 13.06
O3 SO4 W . -52.30 -33.16 12.02
O4 SO4 W . -50.74 -33.08 13.84
S SO4 X . 5.34 20.66 -58.83
O1 SO4 X . 5.41 19.80 -60.01
O2 SO4 X . 4.91 22.00 -59.22
O3 SO4 X . 4.40 20.11 -57.87
O4 SO4 X . 6.67 20.74 -58.23
S SO4 Y . -21.74 -1.27 -55.42
O1 SO4 Y . -20.79 -1.40 -56.52
O2 SO4 Y . -22.76 -0.28 -55.79
O3 SO4 Y . -22.37 -2.56 -55.16
O4 SO4 Y . -21.05 -0.83 -54.22
S SO4 Z . -22.41 12.71 -54.09
O1 SO4 Z . -22.61 13.15 -55.46
O2 SO4 Z . -22.25 13.88 -53.22
O3 SO4 Z . -23.56 11.94 -53.64
O4 SO4 Z . -21.22 11.88 -53.99
#